data_2LCK
#
_entry.id   2LCK
#
_entity_poly.entity_id   1
_entity_poly.type   'polypeptide(L)'
_entity_poly.pdbx_seq_one_letter_code
;MTVKFLGAGTAACIADLITFPLDTAKVRLQIQGESQGLVRTAASAQYRGVLGTILTMVRTEGPRSLYNGLVAGLQRQMSF
ASVRIGLYDSVKQFYTKGSEHAGIGSRLLAGSTTGALAVAVAQPTDVVKVRFQAQARAGGGRRYQSTVEAYKTIAREEGI
RGLWKGTSPNVARNAIVNCAELVTYDLIKDTLLKANLMTDDLPCHFTSAFGAGFCTTVIASPVDVVKTRYMNSALGQYHS
AGHCALTMLRKEGPRAFYKGFMPSFLRLGSWNVVMFVTYEQLKRALMAAYQSREAPFHHHHHH
;
_entity_poly.pdbx_strand_id   A
#
# COMPACT_ATOMS: atom_id res chain seq x y z
N MET A 1 -5.96 -12.58 -25.98
CA MET A 1 -4.58 -12.08 -26.17
C MET A 1 -4.17 -11.24 -24.98
N THR A 2 -2.92 -11.40 -24.53
CA THR A 2 -2.42 -10.66 -23.39
C THR A 2 -1.94 -9.26 -23.82
N VAL A 3 -1.69 -8.41 -22.84
CA VAL A 3 -1.24 -7.05 -23.11
C VAL A 3 -0.72 -6.41 -21.82
N LYS A 4 -0.30 -5.16 -21.92
CA LYS A 4 0.22 -4.45 -20.75
C LYS A 4 -0.87 -4.26 -19.70
N PHE A 5 -2.07 -3.92 -20.16
CA PHE A 5 -3.18 -3.72 -19.24
C PHE A 5 -3.56 -5.01 -18.51
N LEU A 6 -3.56 -6.10 -19.25
CA LEU A 6 -3.93 -7.41 -18.71
C LEU A 6 -2.77 -8.04 -17.95
N GLY A 7 -1.55 -7.65 -18.31
CA GLY A 7 -0.36 -8.13 -17.61
C GLY A 7 -0.40 -7.58 -16.20
N ALA A 8 -0.80 -6.31 -16.15
CA ALA A 8 -1.00 -5.54 -14.93
C ALA A 8 -2.25 -6.10 -14.25
N GLY A 9 -3.09 -6.52 -15.19
CA GLY A 9 -4.37 -7.09 -14.79
C GLY A 9 -4.11 -8.37 -14.00
N THR A 10 -3.16 -9.17 -14.48
CA THR A 10 -2.78 -10.40 -13.77
C THR A 10 -2.05 -10.05 -12.48
N ALA A 11 -1.40 -8.89 -12.52
CA ALA A 11 -0.62 -8.41 -11.38
C ALA A 11 -1.49 -8.11 -10.16
N ALA A 12 -2.56 -7.36 -10.35
CA ALA A 12 -3.38 -7.01 -9.20
C ALA A 12 -4.00 -8.25 -8.54
N CYS A 13 -4.36 -9.26 -9.32
CA CYS A 13 -5.01 -10.46 -8.78
C CYS A 13 -4.11 -11.22 -7.79
N ILE A 14 -2.90 -11.58 -8.22
CA ILE A 14 -2.02 -12.38 -7.35
C ILE A 14 -1.54 -11.66 -6.08
N ALA A 15 -1.25 -10.37 -6.18
CA ALA A 15 -0.65 -9.68 -5.04
C ALA A 15 -1.56 -9.64 -3.81
N ASP A 16 -2.86 -9.39 -3.94
CA ASP A 16 -3.65 -9.27 -2.71
C ASP A 16 -3.93 -10.66 -2.14
N LEU A 17 -3.98 -11.70 -2.95
CA LEU A 17 -4.29 -13.02 -2.39
C LEU A 17 -3.28 -13.44 -1.31
N ILE A 18 -1.98 -13.46 -1.65
CA ILE A 18 -0.96 -13.85 -0.68
C ILE A 18 -0.66 -12.75 0.35
N THR A 19 -1.33 -11.61 0.15
CA THR A 19 -1.12 -10.47 1.07
C THR A 19 -2.36 -10.26 1.93
N PHE A 20 -3.53 -10.80 1.59
CA PHE A 20 -4.66 -10.50 2.47
C PHE A 20 -4.50 -11.19 3.83
N PRO A 21 -4.09 -12.44 3.89
CA PRO A 21 -3.90 -13.14 5.21
C PRO A 21 -2.86 -12.43 6.11
N LEU A 22 -2.08 -11.55 5.49
CA LEU A 22 -1.03 -10.85 6.24
C LEU A 22 -1.52 -9.88 7.30
N ASP A 23 -2.63 -9.22 7.02
CA ASP A 23 -3.16 -8.22 7.94
C ASP A 23 -3.58 -8.80 9.26
N THR A 24 -4.21 -9.96 9.22
CA THR A 24 -4.67 -10.61 10.44
C THR A 24 -3.52 -10.87 11.41
N ALA A 25 -2.33 -11.19 10.90
CA ALA A 25 -1.20 -11.43 11.80
C ALA A 25 -0.74 -10.16 12.51
N LYS A 26 -0.75 -9.03 11.80
CA LYS A 26 -0.24 -7.80 12.42
C LYS A 26 -1.08 -7.41 13.63
N VAL A 27 -2.40 -7.39 13.48
CA VAL A 27 -3.26 -6.95 14.58
C VAL A 27 -3.18 -7.88 15.78
N ARG A 28 -3.13 -9.19 15.55
CA ARG A 28 -3.04 -10.11 16.68
C ARG A 28 -1.75 -9.86 17.46
N LEU A 29 -0.67 -9.63 16.72
CA LEU A 29 0.63 -9.36 17.32
C LEU A 29 0.63 -8.07 18.14
N GLN A 30 -0.45 -7.81 18.87
CA GLN A 30 -0.56 -6.59 19.68
C GLN A 30 -0.88 -6.91 21.13
N ILE A 31 -0.46 -6.03 22.03
CA ILE A 31 -0.70 -6.21 23.46
C ILE A 31 -2.21 -6.20 23.72
N GLN A 32 -2.99 -6.05 22.66
CA GLN A 32 -4.45 -6.01 22.77
C GLN A 32 -4.90 -4.81 23.58
N GLY A 33 -4.90 -3.64 22.95
CA GLY A 33 -5.32 -2.41 23.62
C GLY A 33 -6.73 -2.53 24.14
N GLU A 34 -7.39 -3.64 23.82
CA GLU A 34 -8.76 -3.87 24.26
C GLU A 34 -8.83 -3.78 25.78
N SER A 35 -7.85 -4.38 26.44
CA SER A 35 -7.78 -4.37 27.91
C SER A 35 -9.17 -4.50 28.54
N GLN A 36 -10.07 -5.19 27.85
CA GLN A 36 -11.42 -5.37 28.39
C GLN A 36 -11.37 -6.04 29.75
N GLY A 37 -10.15 -6.39 30.18
CA GLY A 37 -9.96 -7.08 31.46
C GLY A 37 -10.09 -8.59 31.23
N LEU A 38 -10.50 -8.94 30.01
CA LEU A 38 -10.64 -10.32 29.59
C LEU A 38 -9.25 -10.97 29.52
N VAL A 39 -8.28 -10.19 29.09
CA VAL A 39 -6.91 -10.67 28.94
C VAL A 39 -6.33 -11.15 30.28
N ARG A 40 -6.52 -10.40 31.36
CA ARG A 40 -5.93 -10.80 32.64
C ARG A 40 -6.50 -12.12 33.17
N THR A 41 -7.78 -12.40 32.94
CA THR A 41 -8.33 -13.69 33.39
C THR A 41 -7.72 -14.80 32.54
N ALA A 42 -7.55 -14.49 31.26
CA ALA A 42 -6.96 -15.42 30.29
C ALA A 42 -6.02 -14.64 29.39
N ALA A 43 -4.73 -14.69 29.70
CA ALA A 43 -3.73 -13.94 28.95
C ALA A 43 -3.30 -14.62 27.66
N SER A 44 -3.99 -15.69 27.24
CA SER A 44 -3.66 -16.39 26.00
C SER A 44 -4.90 -16.48 25.13
N ALA A 45 -5.06 -17.64 24.46
CA ALA A 45 -6.23 -17.89 23.61
C ALA A 45 -5.92 -17.63 22.13
N GLN A 46 -4.65 -17.47 21.80
CA GLN A 46 -4.24 -17.23 20.41
C GLN A 46 -2.73 -17.13 20.32
N TYR A 47 -2.06 -18.27 20.20
CA TYR A 47 -0.60 -18.28 20.09
C TYR A 47 -0.18 -17.59 18.80
N ARG A 48 1.10 -17.21 18.73
CA ARG A 48 1.60 -16.54 17.53
C ARG A 48 1.20 -17.34 16.30
N GLY A 49 1.22 -18.66 16.44
CA GLY A 49 0.87 -19.59 15.36
C GLY A 49 -0.12 -18.98 14.36
N VAL A 50 0.41 -18.56 13.22
CA VAL A 50 -0.42 -18.04 12.13
C VAL A 50 -1.29 -19.15 11.57
N LEU A 51 -0.84 -20.40 11.49
CA LEU A 51 -1.74 -21.41 10.94
C LEU A 51 -3.00 -21.50 11.80
N GLY A 52 -2.81 -21.25 13.09
CA GLY A 52 -3.88 -21.36 14.08
C GLY A 52 -5.03 -20.36 13.89
N THR A 53 -4.65 -19.09 13.74
CA THR A 53 -5.64 -18.02 13.58
C THR A 53 -6.49 -18.21 12.33
N ILE A 54 -5.88 -18.51 11.19
CA ILE A 54 -6.65 -18.67 9.97
C ILE A 54 -7.64 -19.81 10.19
N LEU A 55 -7.30 -20.86 10.93
CA LEU A 55 -8.26 -21.94 11.14
C LEU A 55 -9.48 -21.46 11.94
N THR A 56 -9.22 -20.56 12.87
CA THR A 56 -10.19 -20.03 13.81
C THR A 56 -11.29 -19.28 13.10
N MET A 57 -10.96 -18.49 12.08
CA MET A 57 -11.93 -17.65 11.40
C MET A 57 -13.08 -18.42 10.74
N VAL A 58 -12.81 -19.57 10.12
CA VAL A 58 -13.88 -20.31 9.43
C VAL A 58 -14.92 -20.90 10.40
N ARG A 59 -14.45 -21.44 11.52
CA ARG A 59 -15.35 -22.07 12.48
C ARG A 59 -16.10 -21.04 13.33
N THR A 60 -15.61 -19.82 13.25
CA THR A 60 -16.22 -18.70 13.98
C THR A 60 -17.66 -18.46 13.53
N GLU A 61 -17.85 -18.27 12.21
CA GLU A 61 -19.17 -18.06 11.64
C GLU A 61 -19.60 -19.32 10.86
N GLY A 62 -18.81 -19.73 9.88
CA GLY A 62 -19.13 -20.91 9.08
C GLY A 62 -18.39 -20.88 7.75
N PRO A 63 -18.33 -21.97 7.03
CA PRO A 63 -17.60 -22.00 5.72
C PRO A 63 -18.14 -20.96 4.75
N ARG A 64 -19.45 -20.73 4.81
CA ARG A 64 -20.11 -19.70 4.02
C ARG A 64 -19.57 -18.32 4.38
N SER A 65 -18.82 -18.30 5.47
CA SER A 65 -18.26 -17.03 5.94
C SER A 65 -17.04 -16.63 5.10
N LEU A 66 -16.28 -17.58 4.61
CA LEU A 66 -15.11 -17.26 3.79
C LEU A 66 -15.54 -16.84 2.39
N TYR A 67 -16.62 -17.45 1.92
CA TYR A 67 -17.15 -17.19 0.58
C TYR A 67 -18.21 -16.09 0.54
N ASN A 68 -18.51 -15.65 1.76
CA ASN A 68 -19.43 -14.52 1.94
C ASN A 68 -18.57 -13.26 2.08
N GLY A 69 -18.70 -12.34 1.13
CA GLY A 69 -17.88 -11.11 1.13
C GLY A 69 -16.78 -11.26 0.08
N LEU A 70 -16.66 -12.48 -0.41
CA LEU A 70 -15.64 -12.76 -1.42
C LEU A 70 -15.86 -11.88 -2.65
N VAL A 71 -17.13 -11.63 -2.94
CA VAL A 71 -17.48 -10.80 -4.07
C VAL A 71 -17.11 -9.35 -3.77
N ALA A 72 -17.10 -9.01 -2.48
CA ALA A 72 -16.74 -7.65 -2.08
C ALA A 72 -15.24 -7.39 -2.20
N GLY A 73 -14.40 -8.40 -1.99
CA GLY A 73 -12.95 -8.15 -2.06
C GLY A 73 -12.52 -7.81 -3.48
N LEU A 74 -13.10 -8.53 -4.42
CA LEU A 74 -12.73 -8.35 -5.83
C LEU A 74 -13.02 -6.94 -6.34
N GLN A 75 -14.17 -6.45 -5.89
CA GLN A 75 -14.59 -5.11 -6.30
C GLN A 75 -13.54 -4.08 -5.83
N ARG A 76 -12.86 -4.44 -4.74
CA ARG A 76 -11.73 -3.61 -4.27
C ARG A 76 -10.74 -3.54 -5.43
N GLN A 77 -10.40 -4.75 -5.88
CA GLN A 77 -9.43 -4.90 -6.98
C GLN A 77 -9.95 -4.35 -8.31
N MET A 78 -11.26 -4.42 -8.46
CA MET A 78 -11.92 -3.95 -9.68
C MET A 78 -11.70 -2.46 -9.91
N SER A 79 -11.75 -1.65 -8.87
CA SER A 79 -11.61 -0.20 -9.07
C SER A 79 -10.18 0.19 -9.38
N PHE A 80 -9.15 -0.47 -8.82
CA PHE A 80 -7.78 -0.05 -9.05
C PHE A 80 -7.41 -0.04 -10.52
N ALA A 81 -7.80 -1.07 -11.24
CA ALA A 81 -7.47 -1.13 -12.65
C ALA A 81 -8.29 -0.15 -13.46
N SER A 82 -9.53 0.07 -13.03
CA SER A 82 -10.41 1.02 -13.70
C SER A 82 -9.93 2.47 -13.67
N VAL A 83 -9.43 2.88 -12.49
CA VAL A 83 -8.90 4.24 -12.34
C VAL A 83 -7.62 4.40 -13.16
N ARG A 84 -6.88 3.31 -13.37
CA ARG A 84 -5.61 3.39 -14.08
C ARG A 84 -5.92 3.49 -15.57
N ILE A 85 -7.18 3.71 -15.88
CA ILE A 85 -7.60 3.88 -17.26
C ILE A 85 -7.44 5.36 -17.60
N GLY A 86 -7.29 6.16 -16.53
CA GLY A 86 -7.16 7.62 -16.64
C GLY A 86 -6.14 8.24 -15.69
N LEU A 87 -6.14 7.90 -14.40
CA LEU A 87 -5.19 8.53 -13.46
C LEU A 87 -3.73 8.08 -13.67
N TYR A 88 -3.58 7.02 -14.45
CA TYR A 88 -2.23 6.51 -14.75
C TYR A 88 -1.58 7.31 -15.87
N ASP A 89 -2.32 7.43 -16.94
CA ASP A 89 -1.81 8.16 -18.10
C ASP A 89 -1.70 9.68 -17.83
N SER A 90 -2.67 10.06 -17.01
CA SER A 90 -2.77 11.47 -16.61
C SER A 90 -1.65 12.02 -15.68
N VAL A 91 -1.33 11.41 -14.53
CA VAL A 91 -0.20 11.93 -13.71
C VAL A 91 1.16 11.58 -14.36
N LYS A 92 1.07 10.49 -15.09
CA LYS A 92 2.27 9.98 -15.78
C LYS A 92 2.72 10.89 -16.94
N GLN A 93 1.77 11.39 -17.72
CA GLN A 93 2.07 12.28 -18.84
C GLN A 93 2.36 13.68 -18.36
N PHE A 94 1.98 13.87 -17.09
CA PHE A 94 2.19 15.16 -16.42
C PHE A 94 3.64 15.30 -15.93
N TYR A 95 4.35 14.19 -15.72
CA TYR A 95 5.71 14.22 -15.16
C TYR A 95 6.78 13.87 -16.21
N THR A 96 6.43 13.02 -17.17
CA THR A 96 7.45 12.65 -18.19
C THR A 96 7.32 13.46 -19.48
N LYS A 97 6.47 14.48 -19.50
CA LYS A 97 6.26 15.31 -20.70
C LYS A 97 7.57 15.88 -21.29
N GLY A 98 7.88 15.57 -22.55
CA GLY A 98 9.09 16.06 -23.23
C GLY A 98 9.64 17.37 -22.61
N SER A 99 9.00 18.50 -22.95
CA SER A 99 9.36 19.82 -22.41
C SER A 99 10.39 20.60 -23.25
N GLU A 100 11.71 20.43 -23.06
CA GLU A 100 12.68 21.18 -23.91
C GLU A 100 14.14 21.03 -23.46
N HIS A 101 14.36 20.94 -22.14
CA HIS A 101 15.70 20.82 -21.59
C HIS A 101 15.71 21.29 -20.14
N ALA A 102 14.68 20.90 -19.41
CA ALA A 102 14.54 21.23 -18.00
C ALA A 102 13.08 21.04 -17.60
N GLY A 103 12.73 21.65 -16.47
CA GLY A 103 11.36 21.58 -15.98
C GLY A 103 11.25 20.59 -14.85
N ILE A 104 12.38 20.20 -14.30
CA ILE A 104 12.37 19.25 -13.22
C ILE A 104 11.58 19.84 -12.07
N GLY A 105 11.77 21.14 -11.82
CA GLY A 105 11.00 21.88 -10.83
C GLY A 105 9.52 21.97 -11.20
N SER A 106 9.29 22.20 -12.51
CA SER A 106 7.94 22.25 -13.07
C SER A 106 7.29 20.91 -12.75
N ARG A 107 8.00 19.82 -12.93
CA ARG A 107 7.41 18.52 -12.69
C ARG A 107 7.01 18.36 -11.22
N LEU A 108 7.82 18.90 -10.32
CA LEU A 108 7.51 18.84 -8.89
C LEU A 108 6.23 19.62 -8.63
N LEU A 109 6.15 20.81 -9.22
CA LEU A 109 4.95 21.60 -9.05
C LEU A 109 3.77 20.91 -9.72
N ALA A 110 3.90 20.40 -10.94
CA ALA A 110 2.79 19.71 -11.59
C ALA A 110 2.40 18.45 -10.83
N GLY A 111 3.41 17.67 -10.42
CA GLY A 111 3.14 16.45 -9.69
C GLY A 111 2.53 16.74 -8.33
N SER A 112 3.09 17.71 -7.64
CA SER A 112 2.59 18.07 -6.33
C SER A 112 1.17 18.62 -6.40
N THR A 113 0.92 19.48 -7.39
CA THR A 113 -0.43 20.02 -7.55
C THR A 113 -1.41 18.95 -8.04
N THR A 114 -1.08 18.16 -9.07
CA THR A 114 -2.04 17.23 -9.63
C THR A 114 -2.47 16.09 -8.70
N GLY A 115 -1.48 15.54 -8.00
CA GLY A 115 -1.68 14.42 -7.10
C GLY A 115 -2.59 14.76 -5.91
N ALA A 116 -2.28 15.93 -5.38
CA ALA A 116 -3.07 16.46 -4.27
C ALA A 116 -4.49 16.63 -4.78
N LEU A 117 -4.59 17.12 -6.01
CA LEU A 117 -5.89 17.31 -6.65
C LEU A 117 -6.61 15.95 -6.84
N ALA A 118 -5.86 14.93 -7.27
CA ALA A 118 -6.45 13.61 -7.53
C ALA A 118 -7.06 12.95 -6.29
N VAL A 119 -6.41 13.07 -5.14
CA VAL A 119 -6.95 12.48 -3.90
C VAL A 119 -8.30 13.10 -3.59
N ALA A 120 -8.43 14.32 -4.10
CA ALA A 120 -9.64 15.11 -3.91
C ALA A 120 -10.89 14.39 -4.45
N VAL A 121 -10.76 13.80 -5.64
CA VAL A 121 -11.89 13.11 -6.27
C VAL A 121 -12.11 11.73 -5.68
N ALA A 122 -11.04 10.94 -5.58
CA ALA A 122 -11.13 9.58 -5.04
C ALA A 122 -10.41 9.47 -3.71
N GLN A 123 -11.08 8.88 -2.72
CA GLN A 123 -10.48 8.72 -1.38
C GLN A 123 -11.39 7.92 -0.45
N PRO A 124 -12.69 8.16 -0.45
CA PRO A 124 -13.62 7.45 0.48
C PRO A 124 -13.50 5.93 0.40
N THR A 125 -13.22 5.39 -0.76
CA THR A 125 -13.09 3.93 -0.84
C THR A 125 -11.85 3.50 -0.05
N ASP A 126 -10.76 4.25 -0.19
CA ASP A 126 -9.55 3.81 0.51
C ASP A 126 -9.69 3.89 2.04
N VAL A 127 -10.29 4.97 2.55
CA VAL A 127 -10.45 5.11 4.01
C VAL A 127 -11.38 4.05 4.62
N VAL A 128 -12.51 3.78 3.97
CA VAL A 128 -13.49 2.81 4.48
C VAL A 128 -12.96 1.37 4.52
N LYS A 129 -12.18 0.96 3.52
CA LYS A 129 -11.72 -0.44 3.45
C LYS A 129 -10.86 -0.83 4.67
N VAL A 130 -9.97 0.04 5.13
CA VAL A 130 -9.17 -0.31 6.30
C VAL A 130 -10.07 -0.35 7.53
N ARG A 131 -10.91 0.67 7.64
CA ARG A 131 -11.86 0.78 8.73
C ARG A 131 -12.89 -0.36 8.69
N PHE A 132 -13.25 -0.76 7.49
CA PHE A 132 -14.24 -1.82 7.31
C PHE A 132 -13.70 -3.14 7.84
N GLN A 133 -12.43 -3.43 7.61
CA GLN A 133 -11.87 -4.66 8.13
C GLN A 133 -11.89 -4.59 9.65
N ALA A 134 -11.61 -3.42 10.20
CA ALA A 134 -11.55 -3.24 11.65
C ALA A 134 -12.89 -3.45 12.37
N GLN A 135 -13.98 -3.05 11.73
CA GLN A 135 -15.30 -3.27 12.34
C GLN A 135 -15.43 -4.78 12.54
N ALA A 136 -15.42 -5.20 13.80
CA ALA A 136 -15.35 -6.64 14.13
C ALA A 136 -16.63 -7.31 14.67
N ARG A 137 -16.37 -8.56 15.04
CA ARG A 137 -17.39 -9.45 15.60
C ARG A 137 -18.54 -9.64 14.61
N ALA A 138 -18.23 -10.19 13.44
CA ALA A 138 -19.26 -10.43 12.43
C ALA A 138 -20.14 -9.20 12.25
N GLY A 139 -21.42 -9.33 12.60
CA GLY A 139 -22.36 -8.23 12.46
C GLY A 139 -23.79 -8.69 12.70
N GLY A 140 -24.39 -8.20 13.79
CA GLY A 140 -25.77 -8.56 14.13
C GLY A 140 -26.74 -7.48 13.70
N GLY A 141 -27.91 -7.45 14.34
CA GLY A 141 -28.92 -6.45 14.02
C GLY A 141 -29.73 -6.87 12.80
N ARG A 142 -30.34 -8.05 12.87
CA ARG A 142 -31.15 -8.57 11.77
C ARG A 142 -30.47 -8.29 10.43
N ARG A 143 -30.80 -7.15 9.83
CA ARG A 143 -30.22 -6.79 8.54
C ARG A 143 -28.70 -6.59 8.68
N TYR A 144 -27.94 -7.25 7.82
CA TYR A 144 -26.50 -7.14 7.85
C TYR A 144 -26.05 -5.75 7.38
N GLN A 145 -25.17 -5.13 8.14
CA GLN A 145 -24.67 -3.81 7.80
C GLN A 145 -24.11 -3.79 6.38
N SER A 146 -23.69 -2.61 5.91
CA SER A 146 -23.14 -2.48 4.57
C SER A 146 -22.25 -1.24 4.48
N THR A 147 -21.72 -1.00 3.29
CA THR A 147 -20.83 0.14 3.10
C THR A 147 -21.54 1.47 3.33
N VAL A 148 -22.72 1.63 2.75
CA VAL A 148 -23.43 2.89 2.95
C VAL A 148 -23.80 3.05 4.42
N GLU A 149 -24.32 1.98 5.01
CA GLU A 149 -24.70 1.99 6.43
C GLU A 149 -23.48 2.13 7.33
N ALA A 150 -22.39 1.47 6.94
CA ALA A 150 -21.17 1.46 7.73
C ALA A 150 -20.56 2.86 7.94
N TYR A 151 -20.50 3.66 6.88
CA TYR A 151 -19.89 5.00 6.98
C TYR A 151 -20.64 5.91 7.98
N LYS A 152 -21.94 5.93 7.84
CA LYS A 152 -22.79 6.87 8.59
C LYS A 152 -22.90 6.67 10.13
N THR A 153 -23.09 5.47 10.65
CA THR A 153 -23.30 5.28 12.11
C THR A 153 -22.12 5.66 13.05
N ILE A 154 -20.90 5.25 12.69
CA ILE A 154 -19.71 5.63 13.47
C ILE A 154 -19.51 7.14 13.39
N ALA A 155 -19.81 7.67 12.22
CA ALA A 155 -19.76 9.11 11.97
C ALA A 155 -20.72 9.77 12.95
N ARG A 156 -21.87 9.23 13.31
CA ARG A 156 -22.78 9.96 14.20
C ARG A 156 -22.12 10.22 15.56
N GLU A 157 -21.57 9.17 16.17
CA GLU A 157 -20.87 9.27 17.44
C GLU A 157 -19.50 9.91 17.23
N GLU A 158 -18.71 9.41 16.28
CA GLU A 158 -17.34 9.89 16.13
C GLU A 158 -17.17 11.24 15.40
N GLY A 159 -17.99 11.53 14.39
CA GLY A 159 -17.92 12.82 13.69
C GLY A 159 -17.03 12.76 12.45
N ILE A 160 -16.72 13.94 11.90
CA ILE A 160 -15.88 14.05 10.71
C ILE A 160 -14.43 13.75 11.03
N ARG A 161 -14.02 14.29 12.18
CA ARG A 161 -12.64 14.16 12.61
C ARG A 161 -12.26 12.70 12.74
N GLY A 162 -13.20 11.87 13.12
CA GLY A 162 -12.89 10.46 13.26
C GLY A 162 -12.42 9.89 11.92
N LEU A 163 -13.13 10.37 10.90
CA LEU A 163 -12.94 9.95 9.51
C LEU A 163 -11.64 10.39 8.82
N TRP A 164 -11.24 11.58 9.26
CA TRP A 164 -10.04 12.22 8.72
C TRP A 164 -8.80 11.59 9.35
N LYS A 165 -9.02 10.74 10.33
CA LYS A 165 -7.93 10.13 11.07
C LYS A 165 -6.80 9.66 10.16
N GLY A 166 -7.14 8.95 9.07
CA GLY A 166 -6.19 8.43 8.10
C GLY A 166 -6.03 9.38 6.90
N THR A 167 -7.12 10.00 6.49
CA THR A 167 -7.09 10.91 5.34
C THR A 167 -5.89 11.89 5.36
N SER A 168 -5.69 12.60 6.48
CA SER A 168 -4.61 13.60 6.56
C SER A 168 -3.20 13.02 6.38
N PRO A 169 -2.83 11.99 7.12
CA PRO A 169 -1.49 11.35 6.95
C PRO A 169 -1.34 10.70 5.57
N ASN A 170 -2.44 10.25 4.97
CA ASN A 170 -2.38 9.62 3.67
C ASN A 170 -1.88 10.62 2.63
N VAL A 171 -2.33 11.86 2.74
CA VAL A 171 -1.89 12.90 1.81
C VAL A 171 -0.39 13.12 1.99
N ALA A 172 0.03 13.14 3.25
CA ALA A 172 1.43 13.34 3.59
C ALA A 172 2.27 12.20 3.02
N ARG A 173 1.73 10.98 3.08
CA ARG A 173 2.44 9.82 2.57
C ARG A 173 2.73 9.99 1.07
N ASN A 174 1.74 10.51 0.34
CA ASN A 174 1.89 10.73 -1.09
C ASN A 174 3.02 11.72 -1.40
N ALA A 175 3.09 12.80 -0.63
CA ALA A 175 4.11 13.83 -0.86
C ALA A 175 5.54 13.32 -0.64
N ILE A 176 5.77 12.57 0.43
CA ILE A 176 7.11 12.07 0.72
C ILE A 176 7.62 11.12 -0.36
N VAL A 177 6.79 10.18 -0.80
CA VAL A 177 7.22 9.24 -1.83
C VAL A 177 7.62 9.99 -3.10
N ASN A 178 6.79 10.94 -3.52
CA ASN A 178 7.07 11.74 -4.71
C ASN A 178 8.35 12.55 -4.51
N CYS A 179 8.47 13.10 -3.31
CA CYS A 179 9.63 13.88 -2.93
C CYS A 179 10.87 12.99 -2.98
N ALA A 180 10.69 11.81 -2.41
CA ALA A 180 11.68 10.74 -2.39
C ALA A 180 11.93 10.29 -3.84
N GLU A 181 10.84 10.23 -4.59
CA GLU A 181 10.87 9.78 -5.98
C GLU A 181 11.75 10.67 -6.86
N LEU A 182 11.63 11.99 -6.76
CA LEU A 182 12.41 12.85 -7.67
C LEU A 182 13.91 12.68 -7.39
N VAL A 183 14.29 12.57 -6.12
CA VAL A 183 15.71 12.38 -5.87
C VAL A 183 16.11 11.03 -6.46
N THR A 184 15.33 9.99 -6.20
CA THR A 184 15.59 8.64 -6.65
C THR A 184 15.58 8.50 -8.19
N TYR A 185 14.54 9.08 -8.80
CA TYR A 185 14.26 9.03 -10.24
C TYR A 185 15.44 9.52 -11.09
N ASP A 186 16.14 10.54 -10.63
CA ASP A 186 17.27 11.06 -11.38
C ASP A 186 18.29 9.93 -11.65
N LEU A 187 18.53 9.13 -10.62
CA LEU A 187 19.52 8.04 -10.69
C LEU A 187 19.19 6.98 -11.76
N ILE A 188 17.92 6.61 -11.92
CA ILE A 188 17.55 5.59 -12.93
C ILE A 188 17.87 6.07 -14.36
N LYS A 189 17.60 7.34 -14.69
CA LYS A 189 17.85 7.97 -16.01
C LYS A 189 19.31 7.89 -16.44
N ASP A 190 20.23 8.04 -15.52
CA ASP A 190 21.64 8.05 -15.89
C ASP A 190 22.06 6.71 -16.46
N THR A 191 21.55 5.60 -15.92
CA THR A 191 21.94 4.27 -16.41
C THR A 191 20.87 3.68 -17.34
N LEU A 192 21.36 3.26 -18.52
CA LEU A 192 20.56 2.65 -19.56
C LEU A 192 19.56 3.63 -20.17
N LEU A 193 19.61 4.90 -19.75
CA LEU A 193 18.68 5.90 -20.24
C LEU A 193 19.42 7.12 -20.81
N LYS A 194 20.64 6.86 -21.27
CA LYS A 194 21.46 7.92 -21.85
C LYS A 194 20.93 8.27 -23.23
N ALA A 195 20.19 7.31 -23.80
CA ALA A 195 19.58 7.48 -25.11
C ALA A 195 18.50 6.42 -25.29
N ASN A 196 17.86 6.06 -24.17
CA ASN A 196 16.76 5.09 -24.13
C ASN A 196 16.97 3.88 -25.02
N LEU A 197 17.02 2.69 -24.38
CA LEU A 197 17.21 1.41 -25.08
C LEU A 197 17.93 1.61 -26.40
N MET A 198 19.23 1.27 -26.42
CA MET A 198 20.02 1.36 -27.65
C MET A 198 21.07 0.25 -27.66
N THR A 199 20.62 -0.99 -27.45
CA THR A 199 21.52 -2.13 -27.44
C THR A 199 20.74 -3.42 -27.71
N ASP A 200 21.35 -4.34 -28.46
CA ASP A 200 20.70 -5.60 -28.79
C ASP A 200 20.88 -6.63 -27.67
N ASP A 201 21.80 -6.35 -26.76
CA ASP A 201 22.06 -7.26 -25.64
C ASP A 201 21.06 -7.02 -24.50
N LEU A 202 19.82 -7.45 -24.72
CA LEU A 202 18.78 -7.28 -23.72
C LEU A 202 19.08 -7.99 -22.39
N PRO A 203 19.56 -9.23 -22.38
CA PRO A 203 19.83 -9.94 -21.08
C PRO A 203 20.88 -9.23 -20.23
N CYS A 204 21.80 -8.60 -20.95
CA CYS A 204 22.91 -7.91 -20.28
C CYS A 204 22.42 -6.74 -19.42
N HIS A 205 21.47 -5.98 -19.95
CA HIS A 205 20.97 -4.83 -19.20
C HIS A 205 20.20 -5.25 -17.95
N PHE A 206 19.46 -6.35 -18.07
CA PHE A 206 18.63 -6.86 -16.98
C PHE A 206 19.50 -7.28 -15.80
N THR A 207 20.58 -8.02 -16.03
CA THR A 207 21.46 -8.45 -14.95
C THR A 207 22.05 -7.25 -14.22
N SER A 208 22.36 -6.20 -14.96
CA SER A 208 22.89 -5.00 -14.33
C SER A 208 21.84 -4.48 -13.34
N ALA A 209 20.57 -4.52 -13.75
CA ALA A 209 19.51 -3.99 -12.90
C ALA A 209 19.36 -4.76 -11.59
N PHE A 210 19.44 -6.08 -11.63
CA PHE A 210 19.22 -6.86 -10.41
C PHE A 210 20.22 -6.55 -9.30
N GLY A 211 21.48 -6.50 -9.72
CA GLY A 211 22.54 -6.15 -8.77
C GLY A 211 22.24 -4.74 -8.25
N ALA A 212 21.83 -3.91 -9.20
CA ALA A 212 21.41 -2.53 -8.94
C ALA A 212 20.17 -2.55 -8.06
N GLY A 213 19.33 -3.55 -8.32
CA GLY A 213 18.05 -3.73 -7.65
C GLY A 213 18.22 -3.93 -6.15
N PHE A 214 19.19 -4.70 -5.74
CA PHE A 214 19.39 -4.92 -4.31
C PHE A 214 19.81 -3.60 -3.62
N CYS A 215 20.66 -2.81 -4.29
CA CYS A 215 21.11 -1.54 -3.69
C CYS A 215 19.95 -0.55 -3.47
N THR A 216 19.05 -0.45 -4.45
CA THR A 216 17.89 0.45 -4.37
C THR A 216 16.96 0.07 -3.22
N THR A 217 16.77 -1.23 -3.01
CA THR A 217 15.86 -1.68 -1.96
C THR A 217 16.31 -1.13 -0.61
N VAL A 218 17.61 -1.08 -0.36
CA VAL A 218 18.06 -0.53 0.91
C VAL A 218 17.58 0.92 1.03
N ILE A 219 17.66 1.65 -0.07
CA ILE A 219 17.16 3.03 -0.12
C ILE A 219 15.64 3.05 0.18
N ALA A 220 14.96 2.05 -0.38
CA ALA A 220 13.50 1.84 -0.26
C ALA A 220 13.00 1.61 1.18
N SER A 221 13.80 0.89 1.96
CA SER A 221 13.46 0.44 3.34
C SER A 221 13.07 1.54 4.34
N PRO A 222 13.69 2.69 4.34
CA PRO A 222 13.43 3.75 5.36
C PRO A 222 11.97 4.21 5.42
N VAL A 223 11.26 4.35 4.30
CA VAL A 223 9.87 4.78 4.47
C VAL A 223 9.11 3.72 5.27
N ASP A 224 9.44 2.45 5.02
CA ASP A 224 8.83 1.33 5.73
C ASP A 224 9.15 1.29 7.23
N VAL A 225 10.42 1.59 7.58
CA VAL A 225 10.88 1.50 8.98
C VAL A 225 10.21 2.50 9.93
N VAL A 226 10.06 3.74 9.52
CA VAL A 226 9.48 4.74 10.39
C VAL A 226 8.03 4.41 10.76
N LYS A 227 7.29 3.84 9.82
CA LYS A 227 5.88 3.51 10.06
C LYS A 227 5.66 2.53 11.23
N THR A 228 6.46 1.47 11.32
CA THR A 228 6.27 0.48 12.38
C THR A 228 6.43 1.08 13.79
N ARG A 229 7.43 1.93 13.97
CA ARG A 229 7.69 2.55 15.26
C ARG A 229 6.39 3.04 15.91
N TYR A 230 5.59 3.72 15.10
CA TYR A 230 4.31 4.27 15.56
C TYR A 230 3.63 3.31 16.55
N MET A 231 3.37 2.07 16.13
CA MET A 231 2.73 1.06 16.98
C MET A 231 2.94 1.32 18.48
N ASN A 232 4.12 1.86 18.84
CA ASN A 232 4.44 2.16 20.24
C ASN A 232 3.22 2.76 20.95
N SER A 233 2.29 3.29 20.16
CA SER A 233 1.11 3.92 20.73
C SER A 233 0.03 4.19 19.69
N ALA A 234 -1.09 4.72 20.18
CA ALA A 234 -2.22 5.05 19.32
C ALA A 234 -3.12 6.07 20.02
N LEU A 235 -3.35 7.21 19.36
CA LEU A 235 -4.20 8.26 19.92
C LEU A 235 -3.59 8.83 21.21
N GLY A 236 -3.86 10.10 21.48
CA GLY A 236 -3.33 10.76 22.67
C GLY A 236 -3.44 12.27 22.55
N GLN A 237 -2.28 12.95 22.54
CA GLN A 237 -2.23 14.41 22.43
C GLN A 237 -1.27 14.82 21.30
N TYR A 238 -1.53 14.28 20.12
CA TYR A 238 -0.71 14.55 18.94
C TYR A 238 -1.44 15.47 17.97
N HIS A 239 -1.15 16.76 18.03
CA HIS A 239 -1.86 17.68 17.16
C HIS A 239 -1.56 17.49 15.67
N SER A 240 -0.26 17.46 15.29
CA SER A 240 0.17 17.31 13.90
C SER A 240 1.50 16.54 13.86
N ALA A 241 2.13 16.40 12.69
CA ALA A 241 3.39 15.65 12.59
C ALA A 241 4.44 16.32 13.49
N GLY A 242 4.54 17.63 13.48
CA GLY A 242 5.58 18.41 14.15
C GLY A 242 5.66 18.09 15.64
N HIS A 243 4.53 17.82 16.30
CA HIS A 243 4.63 17.51 17.72
C HIS A 243 5.56 16.35 17.96
N CYS A 244 5.61 15.36 17.05
CA CYS A 244 6.52 14.21 17.21
C CYS A 244 7.97 14.66 17.28
N ALA A 245 8.38 15.55 16.39
CA ALA A 245 9.78 15.98 16.34
C ALA A 245 10.24 16.62 17.65
N LEU A 246 9.44 17.51 18.22
CA LEU A 246 9.83 18.16 19.47
C LEU A 246 9.86 17.12 20.60
N THR A 247 8.84 16.27 20.64
CA THR A 247 8.72 15.23 21.65
C THR A 247 9.87 14.22 21.56
N MET A 248 10.18 13.78 20.36
CA MET A 248 11.20 12.76 20.14
C MET A 248 12.57 13.19 20.65
N LEU A 249 12.98 14.42 20.38
CA LEU A 249 14.27 14.92 20.81
C LEU A 249 14.37 14.92 22.33
N ARG A 250 13.33 15.42 22.99
CA ARG A 250 13.34 15.50 24.45
C ARG A 250 13.33 14.11 25.09
N LYS A 251 12.37 13.24 24.73
CA LYS A 251 12.31 11.90 25.30
C LYS A 251 12.54 10.82 24.23
N GLU A 252 12.84 9.61 24.68
CA GLU A 252 13.09 8.48 23.79
C GLU A 252 14.22 8.79 22.79
N GLY A 253 15.47 8.57 23.20
CA GLY A 253 16.61 8.84 22.31
C GLY A 253 16.31 8.32 20.90
N PRO A 254 17.25 8.54 19.98
CA PRO A 254 17.12 8.05 18.58
C PRO A 254 17.21 6.51 18.53
N ARG A 255 17.57 5.90 19.65
CA ARG A 255 17.72 4.45 19.76
C ARG A 255 16.37 3.73 19.68
N ALA A 256 15.32 4.43 20.07
CA ALA A 256 14.01 3.82 20.04
C ALA A 256 13.69 3.38 18.61
N PHE A 257 14.20 4.13 17.65
CA PHE A 257 14.02 3.81 16.23
C PHE A 257 14.64 2.46 15.89
N TYR A 258 15.83 2.22 16.44
CA TYR A 258 16.55 0.99 16.18
C TYR A 258 15.81 -0.22 16.73
N LYS A 259 15.20 -0.05 17.90
CA LYS A 259 14.42 -1.12 18.52
C LYS A 259 13.03 -1.13 17.89
N GLY A 260 12.22 -2.13 18.19
CA GLY A 260 10.88 -2.22 17.63
C GLY A 260 10.92 -2.01 16.12
N PHE A 261 10.88 -3.10 15.37
CA PHE A 261 10.91 -3.02 13.92
C PHE A 261 10.64 -4.37 13.28
N MET A 262 10.19 -5.31 14.11
CA MET A 262 9.88 -6.64 13.63
C MET A 262 8.73 -6.63 12.61
N PRO A 263 7.69 -5.85 12.79
CA PRO A 263 6.52 -5.87 11.86
C PRO A 263 6.93 -5.43 10.44
N SER A 264 7.67 -4.34 10.38
CA SER A 264 8.13 -3.82 9.09
C SER A 264 8.99 -4.85 8.36
N PHE A 265 9.84 -5.54 9.10
CA PHE A 265 10.72 -6.53 8.52
C PHE A 265 9.93 -7.68 7.86
N LEU A 266 8.91 -8.07 8.62
CA LEU A 266 7.95 -9.07 8.13
C LEU A 266 7.25 -8.50 6.91
N ARG A 267 6.95 -7.20 6.94
CA ARG A 267 6.30 -6.53 5.81
C ARG A 267 7.20 -6.57 4.58
N LEU A 268 8.50 -6.39 4.82
CA LEU A 268 9.51 -6.34 3.77
C LEU A 268 9.59 -7.65 2.98
N GLY A 269 9.43 -8.78 3.65
CA GLY A 269 9.53 -10.04 2.92
C GLY A 269 8.34 -10.16 1.97
N SER A 270 7.13 -9.97 2.50
CA SER A 270 5.89 -10.03 1.73
C SER A 270 5.87 -8.92 0.69
N TRP A 271 6.26 -7.72 1.10
CA TRP A 271 6.28 -6.56 0.21
C TRP A 271 7.21 -6.83 -0.98
N ASN A 272 8.31 -7.49 -0.72
CA ASN A 272 9.28 -7.80 -1.76
C ASN A 272 8.66 -8.68 -2.86
N VAL A 273 7.81 -9.62 -2.48
CA VAL A 273 7.20 -10.50 -3.48
C VAL A 273 6.36 -9.72 -4.50
N VAL A 274 5.65 -8.67 -4.07
CA VAL A 274 4.81 -7.92 -5.02
C VAL A 274 5.63 -7.29 -6.15
N MET A 275 6.80 -6.73 -5.85
CA MET A 275 7.61 -6.15 -6.91
C MET A 275 8.03 -7.24 -7.91
N PHE A 276 8.32 -8.42 -7.38
CA PHE A 276 8.76 -9.58 -8.16
C PHE A 276 7.75 -9.98 -9.25
N VAL A 277 6.46 -9.96 -8.95
CA VAL A 277 5.47 -10.38 -9.95
C VAL A 277 5.55 -9.50 -11.20
N THR A 278 5.76 -8.20 -11.03
CA THR A 278 5.89 -7.33 -12.21
C THR A 278 7.11 -7.78 -13.02
N TYR A 279 8.18 -8.12 -12.30
CA TYR A 279 9.40 -8.62 -12.93
C TYR A 279 9.03 -9.90 -13.68
N GLU A 280 8.15 -10.73 -13.11
CA GLU A 280 7.86 -11.98 -13.79
C GLU A 280 7.32 -11.69 -15.21
N GLN A 281 6.47 -10.68 -15.34
CA GLN A 281 5.92 -10.37 -16.65
C GLN A 281 7.03 -10.00 -17.64
N LEU A 282 7.95 -9.21 -17.13
CA LEU A 282 9.09 -8.79 -17.94
C LEU A 282 9.87 -10.04 -18.37
N LYS A 283 10.01 -10.98 -17.45
CA LYS A 283 10.71 -12.24 -17.74
C LYS A 283 9.96 -13.02 -18.82
N ARG A 284 8.63 -13.11 -18.65
CA ARG A 284 7.76 -13.82 -19.59
C ARG A 284 6.69 -12.86 -20.11
N ALA A 285 6.71 -12.60 -21.42
CA ALA A 285 5.75 -11.66 -22.02
C ALA A 285 4.91 -12.34 -23.12
N LEU A 286 4.26 -11.50 -23.93
CA LEU A 286 3.49 -12.04 -25.05
C LEU A 286 4.48 -12.70 -26.01
N MET A 287 4.00 -13.15 -27.17
CA MET A 287 4.92 -13.81 -28.11
C MET A 287 4.30 -14.02 -29.48
N ALA A 288 4.02 -12.94 -30.21
CA ALA A 288 3.40 -13.04 -31.52
C ALA A 288 3.29 -11.67 -32.16
N ALA A 289 4.23 -11.42 -33.08
CA ALA A 289 4.33 -10.13 -33.75
C ALA A 289 3.12 -9.79 -34.61
N TYR A 290 2.68 -10.74 -35.40
CA TYR A 290 1.55 -10.48 -36.29
C TYR A 290 0.33 -10.06 -35.46
N GLN A 291 0.15 -10.71 -34.32
CA GLN A 291 -0.98 -10.41 -33.44
C GLN A 291 -0.82 -9.00 -32.88
N SER A 292 0.38 -8.68 -32.40
CA SER A 292 0.66 -7.36 -31.84
C SER A 292 0.58 -6.29 -32.92
N ARG A 293 1.05 -6.62 -34.11
CA ARG A 293 1.07 -5.68 -35.24
C ARG A 293 -0.35 -5.25 -35.64
N GLU A 294 -1.27 -6.20 -35.69
CA GLU A 294 -2.66 -5.94 -36.11
C GLU A 294 -3.44 -5.00 -35.17
N ALA A 295 -3.22 -5.09 -33.86
CA ALA A 295 -3.98 -4.26 -32.91
C ALA A 295 -3.79 -2.74 -33.15
N PRO A 296 -2.58 -2.25 -33.19
CA PRO A 296 -2.33 -0.80 -33.43
C PRO A 296 -2.55 -0.40 -34.88
N PHE A 297 -2.93 -1.38 -35.71
CA PHE A 297 -3.17 -1.11 -37.12
C PHE A 297 -3.88 -2.30 -37.77
N MET A 1 -4.45 -7.87 -27.52
CA MET A 1 -3.65 -9.09 -27.23
C MET A 1 -2.23 -8.69 -26.82
N THR A 2 -1.78 -9.20 -25.67
CA THR A 2 -0.45 -8.88 -25.18
C THR A 2 -0.19 -7.38 -25.29
N VAL A 3 -0.47 -6.65 -24.20
CA VAL A 3 -0.27 -5.20 -24.19
C VAL A 3 0.10 -4.72 -22.79
N LYS A 4 0.47 -3.45 -22.69
CA LYS A 4 0.87 -2.86 -21.42
C LYS A 4 -0.28 -2.82 -20.42
N PHE A 5 -1.47 -2.48 -20.89
CA PHE A 5 -2.63 -2.39 -20.00
C PHE A 5 -3.01 -3.72 -19.36
N LEU A 6 -2.96 -4.78 -20.15
CA LEU A 6 -3.31 -6.12 -19.66
C LEU A 6 -2.18 -6.76 -18.88
N GLY A 7 -0.95 -6.34 -19.19
CA GLY A 7 0.23 -6.83 -18.48
C GLY A 7 0.13 -6.32 -17.04
N ALA A 8 -0.29 -5.07 -16.97
CA ALA A 8 -0.54 -4.34 -15.73
C ALA A 8 -1.81 -4.92 -15.11
N GLY A 9 -2.61 -5.32 -16.09
CA GLY A 9 -3.90 -5.91 -15.76
C GLY A 9 -3.65 -7.21 -14.99
N THR A 10 -2.68 -7.99 -15.45
CA THR A 10 -2.33 -9.23 -14.76
C THR A 10 -1.64 -8.90 -13.44
N ALA A 11 -1.00 -7.73 -13.43
CA ALA A 11 -0.28 -7.26 -12.24
C ALA A 11 -1.22 -6.96 -11.08
N ALA A 12 -2.27 -6.19 -11.32
CA ALA A 12 -3.15 -5.84 -10.22
C ALA A 12 -3.79 -7.07 -9.61
N CYS A 13 -4.11 -8.07 -10.43
CA CYS A 13 -4.75 -9.28 -9.94
C CYS A 13 -3.84 -10.04 -8.97
N ILE A 14 -2.63 -10.33 -9.41
CA ILE A 14 -1.70 -11.11 -8.59
C ILE A 14 -1.26 -10.40 -7.30
N ALA A 15 -1.00 -9.10 -7.36
CA ALA A 15 -0.44 -8.42 -6.20
C ALA A 15 -1.39 -8.42 -5.00
N ASP A 16 -2.68 -8.20 -5.17
CA ASP A 16 -3.54 -8.14 -3.98
C ASP A 16 -3.82 -9.56 -3.51
N LEU A 17 -3.82 -10.57 -4.36
CA LEU A 17 -4.12 -11.90 -3.86
C LEU A 17 -3.12 -12.35 -2.79
N ILE A 18 -1.81 -12.35 -3.09
CA ILE A 18 -0.83 -12.77 -2.09
C ILE A 18 -0.58 -11.68 -1.03
N THR A 19 -1.21 -10.52 -1.25
CA THR A 19 -1.03 -9.40 -0.29
C THR A 19 -2.33 -9.18 0.46
N PHE A 20 -3.50 -9.64 0.02
CA PHE A 20 -4.68 -9.32 0.83
C PHE A 20 -4.63 -10.04 2.18
N PRO A 21 -4.26 -11.30 2.23
CA PRO A 21 -4.14 -12.02 3.54
C PRO A 21 -3.12 -11.32 4.46
N LEU A 22 -2.33 -10.43 3.86
CA LEU A 22 -1.29 -9.72 4.61
C LEU A 22 -1.81 -8.75 5.67
N ASP A 23 -2.93 -8.11 5.38
CA ASP A 23 -3.51 -7.10 6.28
C ASP A 23 -3.96 -7.68 7.63
N THR A 24 -4.58 -8.84 7.61
CA THR A 24 -5.06 -9.44 8.85
C THR A 24 -3.94 -9.66 9.88
N ALA A 25 -2.72 -9.98 9.43
CA ALA A 25 -1.63 -10.20 10.36
C ALA A 25 -1.21 -8.93 11.14
N LYS A 26 -1.19 -7.77 10.48
CA LYS A 26 -0.72 -6.56 11.18
C LYS A 26 -1.60 -6.22 12.39
N VAL A 27 -2.91 -6.23 12.22
CA VAL A 27 -3.82 -5.84 13.29
C VAL A 27 -3.71 -6.75 14.51
N ARG A 28 -3.54 -8.05 14.32
CA ARG A 28 -3.46 -8.94 15.47
C ARG A 28 -2.29 -8.53 16.36
N LEU A 29 -1.17 -8.17 15.74
CA LEU A 29 0.02 -7.72 16.48
C LEU A 29 -0.28 -6.44 17.27
N GLN A 30 -1.48 -6.33 17.86
CA GLN A 30 -1.84 -5.12 18.62
C GLN A 30 -1.57 -5.31 20.10
N ILE A 31 -0.95 -6.44 20.46
CA ILE A 31 -0.65 -6.71 21.86
C ILE A 31 -1.95 -6.75 22.66
N GLN A 32 -1.97 -7.58 23.70
CA GLN A 32 -3.17 -7.69 24.53
C GLN A 32 -3.61 -6.32 25.02
N GLY A 33 -4.68 -5.81 24.43
CA GLY A 33 -5.20 -4.49 24.81
C GLY A 33 -6.65 -4.33 24.38
N GLU A 34 -7.49 -5.31 24.73
CA GLU A 34 -8.90 -5.26 24.37
C GLU A 34 -9.64 -4.22 25.21
N SER A 35 -8.95 -3.68 26.21
CA SER A 35 -9.55 -2.68 27.09
C SER A 35 -10.77 -3.26 27.81
N GLN A 36 -11.63 -2.37 28.30
CA GLN A 36 -12.83 -2.80 29.02
C GLN A 36 -12.44 -3.46 30.35
N GLY A 37 -11.15 -3.68 30.54
CA GLY A 37 -10.67 -4.34 31.75
C GLY A 37 -10.76 -5.86 31.57
N LEU A 38 -11.16 -6.26 30.37
CA LEU A 38 -11.27 -7.67 30.02
C LEU A 38 -9.88 -8.31 30.00
N VAL A 39 -8.91 -7.54 29.51
CA VAL A 39 -7.54 -8.04 29.39
C VAL A 39 -6.98 -8.42 30.75
N ARG A 40 -7.18 -7.58 31.76
CA ARG A 40 -6.65 -7.89 33.08
C ARG A 40 -7.32 -9.13 33.64
N THR A 41 -8.61 -9.31 33.33
CA THR A 41 -9.34 -10.49 33.79
C THR A 41 -8.80 -11.74 33.08
N ALA A 42 -8.48 -11.58 31.80
CA ALA A 42 -7.96 -12.68 30.99
C ALA A 42 -6.44 -12.67 31.03
N ALA A 43 -5.81 -13.31 30.05
CA ALA A 43 -4.36 -13.34 30.01
C ALA A 43 -3.84 -13.91 28.69
N SER A 44 -4.49 -14.96 28.18
CA SER A 44 -4.09 -15.58 26.92
C SER A 44 -5.30 -15.65 26.01
N ALA A 45 -5.43 -16.78 25.30
CA ALA A 45 -6.56 -17.01 24.39
C ALA A 45 -6.25 -16.57 22.97
N GLN A 46 -4.97 -16.36 22.66
CA GLN A 46 -4.56 -15.92 21.34
C GLN A 46 -3.12 -16.33 21.08
N TYR A 47 -2.82 -17.60 21.30
CA TYR A 47 -1.46 -18.10 21.09
C TYR A 47 -0.86 -17.50 19.83
N ARG A 48 0.44 -17.24 19.86
CA ARG A 48 1.12 -16.67 18.70
C ARG A 48 0.75 -17.45 17.44
N GLY A 49 0.78 -18.77 17.57
CA GLY A 49 0.46 -19.68 16.46
C GLY A 49 -0.52 -19.06 15.46
N VAL A 50 0.03 -18.59 14.34
CA VAL A 50 -0.76 -18.03 13.25
C VAL A 50 -1.60 -19.13 12.59
N LEU A 51 -1.16 -20.38 12.49
CA LEU A 51 -2.02 -21.37 11.85
C LEU A 51 -3.33 -21.49 12.65
N GLY A 52 -3.19 -21.29 13.96
CA GLY A 52 -4.32 -21.44 14.88
C GLY A 52 -5.47 -20.45 14.67
N THR A 53 -5.12 -19.16 14.57
CA THR A 53 -6.11 -18.11 14.41
C THR A 53 -6.92 -18.26 13.11
N ILE A 54 -6.23 -18.50 12.01
CA ILE A 54 -6.92 -18.64 10.73
C ILE A 54 -7.92 -19.78 10.84
N LEU A 55 -7.65 -20.86 11.56
CA LEU A 55 -8.64 -21.93 11.66
C LEU A 55 -9.93 -21.46 12.34
N THR A 56 -9.71 -20.58 13.30
CA THR A 56 -10.77 -20.02 14.14
C THR A 56 -11.75 -19.24 13.32
N MET A 57 -11.27 -18.48 12.33
CA MET A 57 -12.14 -17.63 11.51
C MET A 57 -13.22 -18.39 10.74
N VAL A 58 -12.90 -19.56 10.19
CA VAL A 58 -13.89 -20.30 9.42
C VAL A 58 -15.02 -20.87 10.30
N ARG A 59 -14.66 -21.35 11.48
CA ARG A 59 -15.64 -21.96 12.37
C ARG A 59 -16.50 -20.93 13.11
N THR A 60 -16.04 -19.70 13.04
CA THR A 60 -16.70 -18.58 13.70
C THR A 60 -18.11 -18.34 13.17
N GLU A 61 -18.25 -18.15 11.85
CA GLU A 61 -19.55 -17.93 11.22
C GLU A 61 -19.89 -19.14 10.31
N GLY A 62 -18.97 -20.10 10.41
CA GLY A 62 -19.08 -21.33 9.61
C GLY A 62 -18.24 -21.23 8.34
N PRO A 63 -18.08 -22.32 7.62
CA PRO A 63 -17.26 -22.34 6.36
C PRO A 63 -17.75 -21.30 5.35
N ARG A 64 -19.05 -21.08 5.33
CA ARG A 64 -19.68 -20.07 4.49
C ARG A 64 -19.17 -18.67 4.83
N SER A 65 -18.46 -18.62 5.94
CA SER A 65 -17.95 -17.33 6.41
C SER A 65 -16.75 -16.89 5.60
N LEU A 66 -15.93 -17.82 5.13
CA LEU A 66 -14.77 -17.45 4.34
C LEU A 66 -15.17 -17.05 2.90
N TYR A 67 -16.21 -17.71 2.37
CA TYR A 67 -16.68 -17.41 1.01
C TYR A 67 -17.82 -16.39 0.99
N ASN A 68 -18.25 -16.05 2.19
CA ASN A 68 -19.29 -15.02 2.32
C ASN A 68 -18.61 -13.66 2.21
N GLY A 69 -19.07 -12.82 1.29
CA GLY A 69 -18.45 -11.51 1.07
C GLY A 69 -17.36 -11.62 0.01
N LEU A 70 -17.22 -12.84 -0.49
CA LEU A 70 -16.21 -13.11 -1.50
C LEU A 70 -16.43 -12.25 -2.73
N VAL A 71 -17.70 -12.02 -3.05
CA VAL A 71 -18.07 -11.21 -4.19
C VAL A 71 -17.73 -9.74 -3.90
N ALA A 72 -17.73 -9.39 -2.61
CA ALA A 72 -17.42 -8.02 -2.23
C ALA A 72 -15.92 -7.73 -2.35
N GLY A 73 -15.06 -8.72 -2.13
CA GLY A 73 -13.62 -8.47 -2.19
C GLY A 73 -13.18 -8.14 -3.60
N LEU A 74 -13.74 -8.88 -4.55
CA LEU A 74 -13.35 -8.71 -5.94
C LEU A 74 -13.67 -7.33 -6.48
N GLN A 75 -14.84 -6.86 -6.08
CA GLN A 75 -15.29 -5.55 -6.52
C GLN A 75 -14.26 -4.49 -6.07
N ARG A 76 -13.58 -4.85 -4.99
CA ARG A 76 -12.45 -4.02 -4.53
C ARG A 76 -11.47 -3.90 -5.70
N GLN A 77 -11.11 -5.08 -6.20
CA GLN A 77 -10.15 -5.17 -7.30
C GLN A 77 -10.66 -4.59 -8.62
N MET A 78 -11.96 -4.66 -8.81
CA MET A 78 -12.59 -4.16 -10.03
C MET A 78 -12.37 -2.66 -10.21
N SER A 79 -12.46 -1.87 -9.15
CA SER A 79 -12.32 -0.44 -9.31
C SER A 79 -10.87 -0.04 -9.55
N PHE A 80 -9.87 -0.70 -8.96
CA PHE A 80 -8.48 -0.27 -9.14
C PHE A 80 -8.09 -0.25 -10.62
N ALA A 81 -8.46 -1.28 -11.36
CA ALA A 81 -8.10 -1.32 -12.76
C ALA A 81 -8.96 -0.34 -13.56
N SER A 82 -10.21 -0.15 -13.14
CA SER A 82 -11.11 0.76 -13.82
C SER A 82 -10.67 2.22 -13.76
N VAL A 83 -10.19 2.64 -12.59
CA VAL A 83 -9.69 4.01 -12.43
C VAL A 83 -8.41 4.19 -13.23
N ARG A 84 -7.68 3.10 -13.42
CA ARG A 84 -6.41 3.16 -14.12
C ARG A 84 -6.71 3.28 -15.61
N ILE A 85 -7.98 3.47 -15.93
CA ILE A 85 -8.40 3.65 -17.32
C ILE A 85 -8.28 5.13 -17.70
N GLY A 86 -8.14 5.96 -16.65
CA GLY A 86 -8.09 7.42 -16.84
C GLY A 86 -7.09 8.17 -15.93
N LEU A 87 -7.08 7.91 -14.63
CA LEU A 87 -6.17 8.63 -13.72
C LEU A 87 -4.70 8.22 -13.90
N TYR A 88 -4.53 7.13 -14.64
CA TYR A 88 -3.18 6.61 -14.90
C TYR A 88 -2.48 7.39 -16.02
N ASP A 89 -3.19 7.50 -17.12
CA ASP A 89 -2.65 8.21 -18.26
C ASP A 89 -2.54 9.70 -17.93
N SER A 90 -3.47 10.09 -17.09
CA SER A 90 -3.42 11.48 -16.65
C SER A 90 -2.20 11.79 -15.74
N VAL A 91 -1.91 11.09 -14.62
CA VAL A 91 -0.73 11.51 -13.80
C VAL A 91 0.67 11.13 -14.39
N LYS A 92 0.59 10.04 -15.13
CA LYS A 92 1.81 9.48 -15.75
C LYS A 92 2.38 10.37 -16.85
N GLN A 93 1.51 10.89 -17.68
CA GLN A 93 1.93 11.80 -18.76
C GLN A 93 2.17 13.20 -18.22
N PHE A 94 1.76 13.34 -16.96
CA PHE A 94 1.93 14.59 -16.23
C PHE A 94 3.38 14.73 -15.70
N TYR A 95 4.12 13.63 -15.53
CA TYR A 95 5.49 13.70 -14.94
C TYR A 95 6.59 13.43 -15.99
N THR A 96 6.30 12.60 -17.00
CA THR A 96 7.37 12.36 -18.02
C THR A 96 7.21 13.22 -19.27
N LYS A 97 6.29 14.19 -19.26
CA LYS A 97 6.10 15.03 -20.43
C LYS A 97 7.44 15.59 -20.94
N GLY A 98 7.82 15.34 -22.21
CA GLY A 98 9.11 15.86 -22.74
C GLY A 98 9.60 17.08 -21.97
N SER A 99 9.00 18.24 -22.28
CA SER A 99 9.29 19.50 -21.56
C SER A 99 10.36 20.39 -22.19
N GLU A 100 10.95 21.23 -21.34
CA GLU A 100 11.99 22.17 -21.78
C GLU A 100 13.31 21.94 -21.06
N HIS A 101 14.35 22.64 -21.50
CA HIS A 101 15.70 22.51 -20.92
C HIS A 101 15.73 22.96 -19.46
N ALA A 102 14.77 22.47 -18.69
CA ALA A 102 14.66 22.77 -17.26
C ALA A 102 13.22 22.47 -16.84
N GLY A 103 12.84 23.03 -15.69
CA GLY A 103 11.47 22.86 -15.20
C GLY A 103 11.36 21.83 -14.11
N ILE A 104 12.49 21.44 -13.54
CA ILE A 104 12.47 20.45 -12.49
C ILE A 104 11.63 20.99 -11.34
N GLY A 105 11.80 22.28 -11.05
CA GLY A 105 11.02 22.98 -10.03
C GLY A 105 9.54 23.05 -10.41
N SER A 106 9.32 23.29 -11.70
CA SER A 106 7.98 23.33 -12.27
C SER A 106 7.32 21.99 -11.98
N ARG A 107 8.05 20.90 -12.12
CA ARG A 107 7.45 19.59 -11.90
C ARG A 107 7.00 19.43 -10.46
N LEU A 108 7.78 19.98 -9.52
CA LEU A 108 7.42 19.90 -8.11
C LEU A 108 6.11 20.67 -7.87
N LEU A 109 6.04 21.87 -8.45
CA LEU A 109 4.81 22.66 -8.29
C LEU A 109 3.66 21.99 -9.02
N ALA A 110 3.83 21.50 -10.24
CA ALA A 110 2.74 20.83 -10.95
C ALA A 110 2.35 19.54 -10.21
N GLY A 111 3.34 18.77 -9.80
CA GLY A 111 3.06 17.52 -9.10
C GLY A 111 2.39 17.77 -7.77
N SER A 112 2.91 18.74 -7.03
CA SER A 112 2.36 19.08 -5.72
C SER A 112 0.93 19.60 -5.83
N THR A 113 0.69 20.48 -6.81
CA THR A 113 -0.67 20.98 -6.99
C THR A 113 -1.61 19.89 -7.52
N THR A 114 -1.23 19.15 -8.56
CA THR A 114 -2.16 18.20 -9.18
C THR A 114 -2.58 17.04 -8.30
N GLY A 115 -1.59 16.48 -7.60
CA GLY A 115 -1.77 15.33 -6.73
C GLY A 115 -2.69 15.62 -5.55
N ALA A 116 -2.42 16.78 -4.98
CA ALA A 116 -3.23 17.24 -3.86
C ALA A 116 -4.66 17.37 -4.38
N LEU A 117 -4.77 17.89 -5.60
CA LEU A 117 -6.08 18.04 -6.22
C LEU A 117 -6.71 16.67 -6.49
N ALA A 118 -5.92 15.70 -6.96
CA ALA A 118 -6.44 14.36 -7.29
C ALA A 118 -7.02 13.60 -6.08
N VAL A 119 -6.37 13.70 -4.93
CA VAL A 119 -6.86 13.04 -3.72
C VAL A 119 -8.24 13.59 -3.36
N ALA A 120 -8.45 14.80 -3.85
CA ALA A 120 -9.70 15.50 -3.59
C ALA A 120 -10.92 14.70 -4.09
N VAL A 121 -10.84 14.14 -5.29
CA VAL A 121 -11.96 13.36 -5.82
C VAL A 121 -12.00 11.95 -5.22
N ALA A 122 -10.85 11.27 -5.25
CA ALA A 122 -10.74 9.91 -4.70
C ALA A 122 -10.07 9.94 -3.33
N GLN A 123 -10.69 9.31 -2.34
CA GLN A 123 -10.15 9.27 -0.99
C GLN A 123 -11.04 8.48 -0.01
N PRO A 124 -12.33 8.74 0.08
CA PRO A 124 -13.21 8.02 1.06
C PRO A 124 -13.10 6.49 1.01
N THR A 125 -12.89 5.91 -0.16
CA THR A 125 -12.77 4.45 -0.21
C THR A 125 -11.50 4.04 0.52
N ASP A 126 -10.40 4.75 0.34
CA ASP A 126 -9.16 4.37 0.99
C ASP A 126 -9.30 4.47 2.51
N VAL A 127 -9.92 5.54 2.98
CA VAL A 127 -10.11 5.74 4.42
C VAL A 127 -11.00 4.65 5.01
N VAL A 128 -12.08 4.34 4.29
CA VAL A 128 -13.05 3.35 4.73
C VAL A 128 -12.47 1.94 4.83
N LYS A 129 -11.61 1.56 3.89
CA LYS A 129 -11.05 0.21 3.90
C LYS A 129 -10.26 -0.08 5.17
N VAL A 130 -9.48 0.89 5.64
CA VAL A 130 -8.70 0.68 6.86
C VAL A 130 -9.63 0.61 8.06
N ARG A 131 -10.58 1.54 8.09
CA ARG A 131 -11.57 1.61 9.16
C ARG A 131 -12.47 0.36 9.14
N PHE A 132 -12.76 -0.13 7.95
CA PHE A 132 -13.64 -1.29 7.81
C PHE A 132 -13.04 -2.56 8.40
N GLN A 133 -11.74 -2.80 8.21
CA GLN A 133 -11.15 -4.01 8.78
C GLN A 133 -11.21 -3.95 10.31
N ALA A 134 -10.97 -2.77 10.88
CA ALA A 134 -10.95 -2.63 12.33
C ALA A 134 -12.30 -2.88 13.03
N GLN A 135 -13.39 -2.49 12.37
CA GLN A 135 -14.71 -2.72 12.97
C GLN A 135 -14.85 -4.24 13.17
N ALA A 136 -14.86 -4.64 14.44
CA ALA A 136 -14.90 -6.06 14.80
C ALA A 136 -16.30 -6.58 15.11
N ARG A 137 -17.04 -6.11 16.11
CA ARG A 137 -18.36 -6.65 16.33
C ARG A 137 -19.26 -6.39 15.12
N ALA A 138 -19.87 -7.46 14.59
CA ALA A 138 -20.74 -7.34 13.43
C ALA A 138 -21.85 -6.33 13.70
N GLY A 139 -22.52 -6.48 14.84
CA GLY A 139 -23.61 -5.59 15.20
C GLY A 139 -24.61 -6.29 16.12
N GLY A 140 -25.33 -5.51 16.92
CA GLY A 140 -26.32 -6.07 17.83
C GLY A 140 -27.58 -6.47 17.09
N GLY A 141 -27.43 -6.80 15.81
CA GLY A 141 -28.57 -7.21 14.99
C GLY A 141 -28.12 -8.00 13.77
N ARG A 142 -29.02 -8.81 13.23
CA ARG A 142 -28.71 -9.61 12.06
C ARG A 142 -28.62 -8.72 10.82
N ARG A 143 -28.80 -7.42 11.03
CA ARG A 143 -28.74 -6.45 9.93
C ARG A 143 -27.42 -6.63 9.15
N TYR A 144 -26.36 -6.96 9.88
CA TYR A 144 -25.05 -7.16 9.27
C TYR A 144 -24.39 -5.83 8.91
N GLN A 145 -25.17 -4.75 9.02
CA GLN A 145 -24.65 -3.42 8.70
C GLN A 145 -23.94 -3.41 7.34
N SER A 146 -23.51 -2.24 6.91
CA SER A 146 -22.83 -2.09 5.62
C SER A 146 -21.96 -0.84 5.61
N THR A 147 -21.34 -0.60 4.45
CA THR A 147 -20.43 0.53 4.32
C THR A 147 -21.14 1.86 4.50
N VAL A 148 -22.29 2.02 3.86
CA VAL A 148 -23.01 3.29 4.00
C VAL A 148 -23.42 3.46 5.46
N GLU A 149 -23.95 2.40 6.04
CA GLU A 149 -24.38 2.43 7.44
C GLU A 149 -23.18 2.58 8.39
N ALA A 150 -22.09 1.90 8.07
CA ALA A 150 -20.90 1.91 8.92
C ALA A 150 -20.29 3.30 9.08
N TYR A 151 -20.15 4.04 7.98
CA TYR A 151 -19.56 5.37 8.07
C TYR A 151 -20.44 6.26 8.93
N LYS A 152 -21.72 6.29 8.64
CA LYS A 152 -22.64 7.19 9.33
C LYS A 152 -22.90 6.87 10.80
N THR A 153 -23.12 5.62 11.16
CA THR A 153 -23.41 5.28 12.55
C THR A 153 -22.24 5.60 13.51
N ILE A 154 -21.03 5.24 13.09
CA ILE A 154 -19.82 5.54 13.86
C ILE A 154 -19.62 7.07 13.91
N ALA A 155 -19.93 7.69 12.77
CA ALA A 155 -19.88 9.14 12.65
C ALA A 155 -20.83 9.74 13.68
N ARG A 156 -21.98 9.17 13.99
CA ARG A 156 -22.91 9.84 14.91
C ARG A 156 -22.30 10.04 16.31
N GLU A 157 -21.75 8.98 16.88
CA GLU A 157 -21.08 9.03 18.17
C GLU A 157 -19.72 9.69 18.00
N GLU A 158 -18.91 9.24 17.06
CA GLU A 158 -17.55 9.74 16.94
C GLU A 158 -17.38 11.11 16.28
N GLY A 159 -18.19 11.43 15.27
CA GLY A 159 -18.12 12.74 14.62
C GLY A 159 -17.17 12.74 13.42
N ILE A 160 -16.86 13.94 12.94
CA ILE A 160 -15.97 14.10 11.80
C ILE A 160 -14.52 13.81 12.20
N ARG A 161 -14.17 14.32 13.37
CA ARG A 161 -12.81 14.17 13.84
C ARG A 161 -12.43 12.70 13.98
N GLY A 162 -13.40 11.86 14.33
CA GLY A 162 -13.06 10.45 14.45
C GLY A 162 -12.58 9.92 13.11
N LEU A 163 -13.31 10.41 12.11
CA LEU A 163 -13.14 10.06 10.70
C LEU A 163 -11.87 10.58 10.00
N TRP A 164 -11.51 11.78 10.45
CA TRP A 164 -10.37 12.51 9.88
C TRP A 164 -9.04 11.96 10.39
N LYS A 165 -9.12 11.07 11.36
CA LYS A 165 -7.93 10.52 12.01
C LYS A 165 -6.80 10.12 11.03
N GLY A 166 -7.14 9.37 9.98
CA GLY A 166 -6.17 8.86 8.98
C GLY A 166 -6.19 9.64 7.66
N THR A 167 -7.37 10.05 7.21
CA THR A 167 -7.49 10.78 5.95
C THR A 167 -6.42 11.91 5.78
N SER A 168 -6.29 12.80 6.78
CA SER A 168 -5.35 13.94 6.65
C SER A 168 -3.87 13.53 6.50
N PRO A 169 -3.35 12.66 7.34
CA PRO A 169 -1.94 12.19 7.22
C PRO A 169 -1.73 11.40 5.92
N ASN A 170 -2.80 10.79 5.42
CA ASN A 170 -2.72 10.02 4.19
C ASN A 170 -2.33 10.95 3.03
N VAL A 171 -2.85 12.16 3.05
CA VAL A 171 -2.54 13.15 2.02
C VAL A 171 -1.05 13.46 2.05
N ALA A 172 -0.49 13.59 3.25
CA ALA A 172 0.93 13.90 3.40
C ALA A 172 1.79 12.81 2.78
N ARG A 173 1.37 11.55 2.94
CA ARG A 173 2.13 10.44 2.38
C ARG A 173 2.23 10.58 0.87
N ASN A 174 1.12 10.98 0.24
CA ASN A 174 1.08 11.18 -1.20
C ASN A 174 2.08 12.25 -1.63
N ALA A 175 2.15 13.33 -0.86
CA ALA A 175 3.05 14.42 -1.15
C ALA A 175 4.51 13.99 -1.07
N ILE A 176 4.84 13.21 -0.04
CA ILE A 176 6.21 12.77 0.16
C ILE A 176 6.73 11.89 -0.99
N VAL A 177 5.93 10.94 -1.45
CA VAL A 177 6.38 10.06 -2.53
C VAL A 177 6.73 10.87 -3.78
N ASN A 178 5.86 11.81 -4.16
CA ASN A 178 6.12 12.64 -5.34
C ASN A 178 7.40 13.45 -5.12
N CYS A 179 7.49 14.00 -3.92
CA CYS A 179 8.66 14.80 -3.53
C CYS A 179 9.94 13.93 -3.56
N ALA A 180 9.81 12.76 -2.95
CA ALA A 180 10.88 11.76 -2.91
C ALA A 180 11.21 11.27 -4.32
N GLU A 181 10.15 11.08 -5.09
CA GLU A 181 10.21 10.57 -6.46
C GLU A 181 11.00 11.49 -7.39
N LEU A 182 10.80 12.81 -7.35
CA LEU A 182 11.50 13.66 -8.31
C LEU A 182 13.00 13.55 -8.04
N VAL A 183 13.34 13.45 -6.77
CA VAL A 183 14.76 13.31 -6.47
C VAL A 183 15.23 12.00 -7.10
N THR A 184 14.47 10.93 -6.91
CA THR A 184 14.81 9.62 -7.41
C THR A 184 14.85 9.54 -8.95
N TYR A 185 13.80 10.09 -9.59
CA TYR A 185 13.61 10.09 -11.06
C TYR A 185 14.79 10.73 -11.82
N ASP A 186 15.36 11.81 -11.31
CA ASP A 186 16.46 12.49 -12.00
C ASP A 186 17.57 11.47 -12.26
N LEU A 187 17.86 10.69 -11.24
CA LEU A 187 18.90 9.67 -11.34
C LEU A 187 18.49 8.67 -12.43
N ILE A 188 17.21 8.33 -12.51
CA ILE A 188 16.76 7.38 -13.53
C ILE A 188 17.00 7.92 -14.95
N LYS A 189 16.70 9.20 -15.26
CA LYS A 189 16.93 9.79 -16.59
C LYS A 189 18.41 9.76 -16.95
N ASP A 190 19.18 10.06 -15.95
CA ASP A 190 20.63 10.14 -16.11
C ASP A 190 21.21 8.78 -16.43
N THR A 191 20.64 7.72 -15.83
CA THR A 191 21.14 6.36 -16.06
C THR A 191 20.26 5.59 -17.04
N LEU A 192 20.92 5.01 -18.04
CA LEU A 192 20.25 4.20 -19.07
C LEU A 192 19.38 5.06 -20.00
N LEU A 193 19.41 6.38 -19.83
CA LEU A 193 18.61 7.27 -20.68
C LEU A 193 19.32 8.61 -20.89
N LYS A 194 20.35 8.58 -21.72
CA LYS A 194 21.13 9.79 -22.03
C LYS A 194 20.69 10.36 -23.36
N ALA A 195 20.01 9.54 -24.15
CA ALA A 195 19.52 9.96 -25.46
C ALA A 195 18.59 8.89 -26.01
N ASN A 196 18.09 8.03 -25.10
CA ASN A 196 17.19 6.92 -25.41
C ASN A 196 17.88 5.59 -25.11
N LEU A 197 17.68 4.59 -25.97
CA LEU A 197 18.29 3.28 -25.80
C LEU A 197 17.94 2.41 -27.00
N MET A 198 18.24 2.92 -28.20
CA MET A 198 17.97 2.19 -29.43
C MET A 198 18.94 1.02 -29.60
N THR A 199 20.00 1.02 -28.79
CA THR A 199 21.00 -0.04 -28.87
C THR A 199 20.36 -1.41 -28.67
N ASP A 200 20.98 -2.43 -29.25
CA ASP A 200 20.48 -3.80 -29.13
C ASP A 200 20.95 -4.44 -27.82
N ASP A 201 21.29 -5.72 -27.88
CA ASP A 201 21.75 -6.43 -26.69
C ASP A 201 20.73 -6.26 -25.57
N LEU A 202 19.50 -6.67 -25.85
CA LEU A 202 18.42 -6.53 -24.88
C LEU A 202 18.70 -7.32 -23.58
N PRO A 203 19.18 -8.53 -23.64
CA PRO A 203 19.45 -9.34 -22.41
C PRO A 203 20.47 -8.64 -21.50
N CYS A 204 21.39 -7.96 -22.17
CA CYS A 204 22.47 -7.27 -21.47
C CYS A 204 21.93 -6.15 -20.59
N HIS A 205 20.96 -5.40 -21.10
CA HIS A 205 20.41 -4.30 -20.33
C HIS A 205 19.66 -4.77 -19.09
N PHE A 206 18.94 -5.89 -19.24
CA PHE A 206 18.15 -6.47 -18.16
C PHE A 206 19.02 -6.91 -16.99
N THR A 207 20.12 -7.62 -17.22
CA THR A 207 20.98 -8.07 -16.14
C THR A 207 21.53 -6.90 -15.34
N SER A 208 21.85 -5.81 -16.04
CA SER A 208 22.35 -4.63 -15.33
C SER A 208 21.31 -4.17 -14.33
N ALA A 209 20.04 -4.20 -14.74
CA ALA A 209 18.96 -3.74 -13.88
C ALA A 209 18.82 -4.59 -12.63
N PHE A 210 18.94 -5.91 -12.73
CA PHE A 210 18.72 -6.76 -11.56
C PHE A 210 19.73 -6.46 -10.44
N GLY A 211 20.99 -6.38 -10.87
CA GLY A 211 22.06 -6.04 -9.93
C GLY A 211 21.74 -4.66 -9.36
N ALA A 212 21.29 -3.79 -10.25
CA ALA A 212 20.88 -2.43 -9.90
C ALA A 212 19.69 -2.53 -8.94
N GLY A 213 18.82 -3.49 -9.22
CA GLY A 213 17.60 -3.70 -8.45
C GLY A 213 17.96 -4.04 -7.01
N PHE A 214 18.95 -4.90 -6.81
CA PHE A 214 19.34 -5.25 -5.46
C PHE A 214 19.92 -4.00 -4.79
N CYS A 215 20.68 -3.22 -5.58
CA CYS A 215 21.26 -1.98 -5.08
C CYS A 215 20.15 -1.00 -4.70
N THR A 216 19.11 -0.93 -5.55
CA THR A 216 17.98 -0.04 -5.31
C THR A 216 17.28 -0.41 -4.02
N THR A 217 17.15 -1.69 -3.76
CA THR A 217 16.44 -2.13 -2.57
C THR A 217 17.10 -1.60 -1.30
N VAL A 218 18.43 -1.58 -1.24
CA VAL A 218 19.10 -1.11 -0.02
C VAL A 218 18.76 0.36 0.28
N ILE A 219 18.76 1.23 -0.73
CA ILE A 219 18.39 2.64 -0.49
C ILE A 219 16.94 2.70 0.00
N ALA A 220 16.12 1.87 -0.64
CA ALA A 220 14.68 1.74 -0.36
C ALA A 220 14.31 1.26 1.06
N SER A 221 15.06 0.30 1.60
CA SER A 221 14.67 -0.32 2.89
C SER A 221 14.56 0.66 4.07
N PRO A 222 15.45 1.59 4.22
CA PRO A 222 15.38 2.58 5.34
C PRO A 222 14.08 3.41 5.36
N VAL A 223 13.57 3.86 4.21
CA VAL A 223 12.32 4.61 4.25
C VAL A 223 11.15 3.72 4.70
N ASP A 224 11.18 2.46 4.27
CA ASP A 224 10.10 1.51 4.58
C ASP A 224 10.00 1.15 6.07
N VAL A 225 11.15 0.95 6.72
CA VAL A 225 11.18 0.54 8.13
C VAL A 225 10.60 1.58 9.09
N VAL A 226 10.96 2.84 8.93
CA VAL A 226 10.48 3.86 9.86
C VAL A 226 8.97 3.99 9.82
N LYS A 227 8.38 3.86 8.63
CA LYS A 227 6.94 3.94 8.51
C LYS A 227 6.25 2.84 9.32
N THR A 228 6.79 1.63 9.24
CA THR A 228 6.23 0.48 9.95
C THR A 228 6.25 0.69 11.46
N ARG A 229 7.34 1.24 12.00
CA ARG A 229 7.45 1.45 13.45
C ARG A 229 6.13 1.93 14.02
N TYR A 230 5.79 1.47 15.24
CA TYR A 230 4.54 1.87 15.91
C TYR A 230 4.07 0.78 16.89
N MET A 231 3.97 1.16 18.16
CA MET A 231 3.55 0.26 19.22
C MET A 231 3.50 1.05 20.53
N ASN A 232 3.65 0.37 21.66
CA ASN A 232 3.64 1.05 22.96
C ASN A 232 2.34 1.82 23.15
N SER A 233 1.53 1.40 24.11
CA SER A 233 0.25 2.05 24.37
C SER A 233 -0.67 1.98 23.16
N ALA A 234 -1.19 3.13 22.75
CA ALA A 234 -2.07 3.19 21.60
C ALA A 234 -2.50 4.63 21.33
N LEU A 235 -3.73 4.97 21.71
CA LEU A 235 -4.26 6.31 21.51
C LEU A 235 -3.58 7.30 22.44
N GLY A 236 -2.96 8.32 21.86
CA GLY A 236 -2.27 9.34 22.64
C GLY A 236 -1.78 10.48 21.77
N GLN A 237 -1.80 11.69 22.31
CA GLN A 237 -1.35 12.87 21.59
C GLN A 237 -2.04 12.95 20.23
N TYR A 238 -1.33 12.52 19.19
CA TYR A 238 -1.87 12.54 17.83
C TYR A 238 -2.17 13.97 17.39
N HIS A 239 -1.87 14.26 16.12
CA HIS A 239 -2.11 15.58 15.56
C HIS A 239 -1.58 15.66 14.13
N SER A 240 -0.35 15.19 13.94
CA SER A 240 0.27 15.20 12.61
C SER A 240 1.65 14.57 12.67
N ALA A 241 1.92 13.64 11.75
CA ALA A 241 3.21 12.97 11.69
C ALA A 241 4.25 13.76 12.48
N GLY A 242 4.42 15.04 12.11
CA GLY A 242 5.37 15.92 12.80
C GLY A 242 5.34 15.75 14.31
N HIS A 243 4.16 15.49 14.92
CA HIS A 243 4.16 15.36 16.37
C HIS A 243 5.17 14.33 16.82
N CYS A 244 5.33 13.27 16.06
CA CYS A 244 6.29 12.23 16.44
C CYS A 244 7.72 12.78 16.52
N ALA A 245 8.12 13.57 15.53
CA ALA A 245 9.49 14.09 15.50
C ALA A 245 9.81 14.94 16.72
N LEU A 246 8.92 15.86 17.09
CA LEU A 246 9.19 16.69 18.26
C LEU A 246 9.17 15.84 19.54
N THR A 247 8.16 14.97 19.64
CA THR A 247 8.01 14.11 20.81
C THR A 247 9.15 13.10 21.00
N MET A 248 9.52 12.41 19.93
CA MET A 248 10.57 11.40 20.00
C MET A 248 11.92 11.99 20.40
N LEU A 249 12.28 13.13 19.81
CA LEU A 249 13.55 13.79 20.07
C LEU A 249 13.66 14.20 21.54
N ARG A 250 12.61 14.81 22.07
CA ARG A 250 12.65 15.27 23.45
C ARG A 250 12.74 14.10 24.42
N LYS A 251 11.82 13.14 24.31
CA LYS A 251 11.83 11.98 25.21
C LYS A 251 12.66 10.82 24.62
N GLU A 252 12.00 9.67 24.45
CA GLU A 252 12.65 8.45 23.94
C GLU A 252 13.80 8.76 22.96
N GLY A 253 15.05 8.55 23.40
CA GLY A 253 16.22 8.78 22.54
C GLY A 253 15.97 8.27 21.12
N PRO A 254 16.92 8.52 20.25
CA PRO A 254 16.85 8.05 18.83
C PRO A 254 16.99 6.52 18.73
N ARG A 255 17.31 5.88 19.85
CA ARG A 255 17.49 4.44 19.93
C ARG A 255 16.17 3.69 19.77
N ALA A 256 15.09 4.35 20.13
CA ALA A 256 13.77 3.74 20.03
C ALA A 256 13.52 3.32 18.59
N PHE A 257 14.06 4.09 17.66
CA PHE A 257 13.93 3.77 16.25
C PHE A 257 14.57 2.42 15.93
N TYR A 258 15.74 2.20 16.52
CA TYR A 258 16.48 0.97 16.29
C TYR A 258 15.76 -0.26 16.84
N LYS A 259 15.11 -0.10 18.01
CA LYS A 259 14.38 -1.20 18.62
C LYS A 259 13.09 -1.45 17.84
N GLY A 260 12.22 -2.32 18.34
CA GLY A 260 10.96 -2.62 17.66
C GLY A 260 11.18 -2.90 16.18
N PHE A 261 11.11 -4.18 15.80
CA PHE A 261 11.31 -4.55 14.40
C PHE A 261 10.97 -6.02 14.16
N MET A 262 10.54 -6.72 15.21
CA MET A 262 10.21 -8.14 15.04
C MET A 262 9.03 -8.29 14.08
N PRO A 263 8.01 -7.48 14.23
CA PRO A 263 6.81 -7.52 13.34
C PRO A 263 7.18 -7.14 11.90
N SER A 264 7.94 -6.06 11.79
CA SER A 264 8.39 -5.55 10.50
C SER A 264 9.26 -6.59 9.77
N PHE A 265 10.10 -7.28 10.52
CA PHE A 265 10.99 -8.26 9.92
C PHE A 265 10.23 -9.40 9.23
N LEU A 266 9.20 -9.83 9.95
CA LEU A 266 8.27 -10.84 9.44
C LEU A 266 7.58 -10.25 8.20
N ARG A 267 7.26 -8.96 8.26
CA ARG A 267 6.62 -8.28 7.13
C ARG A 267 7.53 -8.29 5.91
N LEU A 268 8.82 -8.10 6.17
CA LEU A 268 9.84 -8.03 5.13
C LEU A 268 9.98 -9.32 4.33
N GLY A 269 9.81 -10.47 4.97
CA GLY A 269 9.97 -11.73 4.24
C GLY A 269 8.81 -11.87 3.25
N SER A 270 7.58 -11.71 3.74
CA SER A 270 6.38 -11.80 2.92
C SER A 270 6.38 -10.70 1.86
N TRP A 271 6.74 -9.49 2.28
CA TRP A 271 6.77 -8.35 1.38
C TRP A 271 7.76 -8.63 0.25
N ASN A 272 8.87 -9.27 0.59
CA ASN A 272 9.90 -9.60 -0.39
C ASN A 272 9.34 -10.54 -1.47
N VAL A 273 8.47 -11.46 -1.06
CA VAL A 273 7.89 -12.44 -1.99
C VAL A 273 7.10 -11.75 -3.12
N VAL A 274 6.40 -10.65 -2.81
CA VAL A 274 5.64 -9.95 -3.83
C VAL A 274 6.57 -9.44 -4.94
N MET A 275 7.73 -8.94 -4.55
CA MET A 275 8.70 -8.44 -5.51
C MET A 275 9.17 -9.57 -6.45
N PHE A 276 9.35 -10.76 -5.89
CA PHE A 276 9.84 -11.92 -6.64
C PHE A 276 8.91 -12.32 -7.80
N VAL A 277 7.60 -12.29 -7.59
CA VAL A 277 6.66 -12.68 -8.65
C VAL A 277 6.79 -11.75 -9.87
N THR A 278 6.99 -10.46 -9.64
CA THR A 278 7.15 -9.55 -10.78
C THR A 278 8.41 -9.97 -11.54
N TYR A 279 9.45 -10.31 -10.78
CA TYR A 279 10.69 -10.79 -11.35
C TYR A 279 10.36 -12.08 -12.13
N GLU A 280 9.47 -12.90 -11.59
CA GLU A 280 9.20 -14.15 -12.28
C GLU A 280 8.72 -13.85 -13.71
N GLN A 281 7.87 -12.84 -13.87
CA GLN A 281 7.38 -12.52 -15.20
C GLN A 281 8.52 -12.15 -16.14
N LEU A 282 9.42 -11.34 -15.59
CA LEU A 282 10.58 -10.93 -16.37
C LEU A 282 11.39 -12.17 -16.78
N LYS A 283 11.51 -13.12 -15.85
CA LYS A 283 12.22 -14.36 -16.13
C LYS A 283 11.50 -15.14 -17.23
N ARG A 284 10.18 -15.24 -17.08
CA ARG A 284 9.33 -15.95 -18.04
C ARG A 284 8.26 -14.99 -18.56
N ALA A 285 8.29 -14.70 -19.86
CA ALA A 285 7.34 -13.78 -20.48
C ALA A 285 6.54 -14.43 -21.60
N LEU A 286 5.92 -13.60 -22.42
CA LEU A 286 5.19 -14.11 -23.57
C LEU A 286 6.20 -14.77 -24.49
N MET A 287 5.79 -15.25 -25.65
CA MET A 287 6.73 -15.92 -26.55
C MET A 287 6.16 -16.10 -27.96
N ALA A 288 5.91 -15.00 -28.65
CA ALA A 288 5.35 -15.07 -29.99
C ALA A 288 5.27 -13.66 -30.61
N ALA A 289 6.25 -13.41 -31.47
CA ALA A 289 6.39 -12.09 -32.09
C ALA A 289 5.22 -11.74 -33.01
N TYR A 290 4.81 -12.67 -33.85
CA TYR A 290 3.73 -12.39 -34.80
C TYR A 290 2.48 -11.99 -34.03
N GLN A 291 2.22 -12.65 -32.92
CA GLN A 291 1.03 -12.34 -32.12
C GLN A 291 1.12 -10.93 -31.54
N SER A 292 2.29 -10.60 -30.97
CA SER A 292 2.47 -9.27 -30.38
C SER A 292 2.45 -8.18 -31.46
N ARG A 293 3.04 -8.49 -32.62
CA ARG A 293 3.10 -7.56 -33.74
C ARG A 293 1.70 -7.19 -34.25
N GLU A 294 0.85 -8.19 -34.36
CA GLU A 294 -0.51 -8.02 -34.89
C GLU A 294 -1.42 -7.10 -34.03
N ALA A 295 -1.29 -7.17 -32.72
CA ALA A 295 -2.18 -6.38 -31.84
C ALA A 295 -2.05 -4.86 -32.08
N PRO A 296 -0.87 -4.29 -32.04
CA PRO A 296 -0.68 -2.83 -32.27
C PRO A 296 -0.80 -2.46 -33.75
N PHE A 297 -1.05 -3.47 -34.58
CA PHE A 297 -1.18 -3.24 -36.03
C PHE A 297 -2.49 -2.52 -36.33
N MET A 1 -6.73 -8.62 -27.36
CA MET A 1 -6.04 -9.32 -26.24
C MET A 1 -4.55 -9.03 -26.29
N THR A 2 -3.80 -9.61 -25.37
CA THR A 2 -2.35 -9.41 -25.32
C THR A 2 -2.02 -7.93 -25.52
N VAL A 3 -2.03 -7.18 -24.42
CA VAL A 3 -1.73 -5.75 -24.48
C VAL A 3 -1.26 -5.24 -23.12
N LYS A 4 -0.85 -3.98 -23.08
CA LYS A 4 -0.37 -3.38 -21.84
C LYS A 4 -1.48 -3.32 -20.79
N PHE A 5 -2.69 -2.97 -21.23
CA PHE A 5 -3.81 -2.87 -20.30
C PHE A 5 -4.17 -4.20 -19.64
N LEU A 6 -4.16 -5.26 -20.44
CA LEU A 6 -4.50 -6.59 -19.94
C LEU A 6 -3.34 -7.24 -19.20
N GLY A 7 -2.12 -6.83 -19.57
CA GLY A 7 -0.92 -7.33 -18.90
C GLY A 7 -0.96 -6.81 -17.46
N ALA A 8 -1.36 -5.55 -17.38
CA ALA A 8 -1.57 -4.82 -16.13
C ALA A 8 -2.81 -5.40 -15.46
N GLY A 9 -3.65 -5.79 -16.40
CA GLY A 9 -4.92 -6.38 -16.02
C GLY A 9 -4.65 -7.67 -15.25
N THR A 10 -3.69 -8.46 -15.75
CA THR A 10 -3.32 -9.70 -15.08
C THR A 10 -2.58 -9.36 -13.78
N ALA A 11 -1.94 -8.20 -13.80
CA ALA A 11 -1.16 -7.72 -12.64
C ALA A 11 -2.06 -7.43 -11.46
N ALA A 12 -3.12 -6.66 -11.66
CA ALA A 12 -3.95 -6.30 -10.53
C ALA A 12 -4.57 -7.54 -9.88
N CYS A 13 -4.93 -8.53 -10.70
CA CYS A 13 -5.54 -9.74 -10.17
C CYS A 13 -4.59 -10.50 -9.25
N ILE A 14 -3.39 -10.81 -9.76
CA ILE A 14 -2.44 -11.58 -8.96
C ILE A 14 -1.93 -10.87 -7.71
N ALA A 15 -1.67 -9.57 -7.80
CA ALA A 15 -1.06 -8.88 -6.67
C ALA A 15 -1.92 -8.87 -5.42
N ASP A 16 -3.22 -8.65 -5.51
CA ASP A 16 -4.00 -8.55 -4.27
C ASP A 16 -4.25 -9.95 -3.71
N LEU A 17 -4.30 -10.98 -4.52
CA LEU A 17 -4.59 -12.30 -3.98
C LEU A 17 -3.55 -12.73 -2.93
N ILE A 18 -2.27 -12.74 -3.28
CA ILE A 18 -1.23 -13.15 -2.32
C ILE A 18 -0.93 -12.07 -1.26
N THR A 19 -1.59 -10.91 -1.40
CA THR A 19 -1.35 -9.84 -0.41
C THR A 19 -2.60 -9.64 0.45
N PHE A 20 -3.79 -10.09 0.10
CA PHE A 20 -4.91 -9.80 0.99
C PHE A 20 -4.76 -10.54 2.32
N PRO A 21 -4.41 -11.82 2.34
CA PRO A 21 -4.22 -12.53 3.65
C PRO A 21 -3.12 -11.84 4.50
N LEU A 22 -2.35 -10.98 3.84
CA LEU A 22 -1.23 -10.31 4.51
C LEU A 22 -1.69 -9.32 5.59
N ASP A 23 -2.81 -8.66 5.32
CA ASP A 23 -3.33 -7.66 6.24
C ASP A 23 -3.75 -8.25 7.58
N THR A 24 -4.36 -9.42 7.52
CA THR A 24 -4.81 -10.08 8.74
C THR A 24 -3.66 -10.33 9.73
N ALA A 25 -2.47 -10.64 9.23
CA ALA A 25 -1.34 -10.89 10.12
C ALA A 25 -0.89 -9.64 10.89
N LYS A 26 -0.90 -8.48 10.24
CA LYS A 26 -0.41 -7.27 10.91
C LYS A 26 -1.24 -6.95 12.15
N VAL A 27 -2.56 -6.96 12.03
CA VAL A 27 -3.44 -6.59 13.14
C VAL A 27 -3.31 -7.54 14.33
N ARG A 28 -3.16 -8.83 14.09
CA ARG A 28 -3.05 -9.76 15.22
C ARG A 28 -1.85 -9.40 16.09
N LEU A 29 -0.73 -9.04 15.44
CA LEU A 29 0.47 -8.64 16.17
C LEU A 29 0.21 -7.36 16.99
N GLN A 30 -0.96 -7.25 17.61
CA GLN A 30 -1.29 -6.06 18.41
C GLN A 30 -0.90 -6.25 19.87
N ILE A 31 -0.54 -5.15 20.52
CA ILE A 31 -0.14 -5.18 21.92
C ILE A 31 -1.33 -4.82 22.81
N GLN A 32 -2.49 -5.40 22.51
CA GLN A 32 -3.70 -5.13 23.28
C GLN A 32 -3.86 -3.64 23.51
N GLY A 33 -4.75 -3.28 24.44
CA GLY A 33 -4.99 -1.87 24.75
C GLY A 33 -6.33 -1.70 25.46
N GLU A 34 -7.41 -1.87 24.70
CA GLU A 34 -8.76 -1.74 25.27
C GLU A 34 -8.85 -2.46 26.61
N SER A 35 -7.98 -3.46 26.80
CA SER A 35 -7.98 -4.22 28.03
C SER A 35 -9.34 -4.85 28.30
N GLN A 36 -9.69 -5.85 27.50
CA GLN A 36 -10.98 -6.52 27.68
C GLN A 36 -11.05 -7.18 29.05
N GLY A 37 -9.89 -7.55 29.57
CA GLY A 37 -9.82 -8.24 30.86
C GLY A 37 -9.93 -9.74 30.64
N LEU A 38 -10.35 -10.08 29.42
CA LEU A 38 -10.49 -11.48 29.01
C LEU A 38 -9.10 -12.12 28.96
N VAL A 39 -8.12 -11.35 28.53
CA VAL A 39 -6.76 -11.86 28.41
C VAL A 39 -6.20 -12.31 29.76
N ARG A 40 -6.40 -11.53 30.82
CA ARG A 40 -5.83 -11.91 32.11
C ARG A 40 -6.43 -13.21 32.66
N THR A 41 -7.71 -13.46 32.43
CA THR A 41 -8.29 -14.72 32.90
C THR A 41 -7.70 -15.86 32.09
N ALA A 42 -7.51 -15.60 30.79
CA ALA A 42 -6.92 -16.57 29.86
C ALA A 42 -5.81 -15.88 29.09
N ALA A 43 -4.58 -16.02 29.59
CA ALA A 43 -3.43 -15.37 28.96
C ALA A 43 -3.02 -16.00 27.64
N SER A 44 -3.69 -17.06 27.20
CA SER A 44 -3.37 -17.71 25.93
C SER A 44 -4.64 -17.78 25.08
N ALA A 45 -4.79 -18.90 24.35
CA ALA A 45 -5.97 -19.15 23.50
C ALA A 45 -5.69 -18.80 22.04
N GLN A 46 -4.42 -18.62 21.70
CA GLN A 46 -4.07 -18.30 20.31
C GLN A 46 -2.59 -18.55 20.07
N TYR A 47 -1.78 -18.21 21.06
CA TYR A 47 -0.33 -18.39 20.94
C TYR A 47 0.18 -17.70 19.68
N ARG A 48 1.49 -17.54 19.58
CA ARG A 48 2.07 -16.91 18.41
C ARG A 48 1.65 -17.69 17.16
N GLY A 49 1.68 -19.01 17.29
CA GLY A 49 1.32 -19.91 16.20
C GLY A 49 0.27 -19.30 15.27
N VAL A 50 0.75 -18.84 14.12
CA VAL A 50 -0.11 -18.30 13.07
C VAL A 50 -0.98 -19.41 12.49
N LEU A 51 -0.52 -20.65 12.38
CA LEU A 51 -1.41 -21.66 11.81
C LEU A 51 -2.67 -21.78 12.68
N GLY A 52 -2.49 -21.55 13.97
CA GLY A 52 -3.57 -21.69 14.94
C GLY A 52 -4.72 -20.70 14.76
N THR A 53 -4.36 -19.43 14.64
CA THR A 53 -5.35 -18.36 14.48
C THR A 53 -6.19 -18.50 13.20
N ILE A 54 -5.52 -18.75 12.08
CA ILE A 54 -6.22 -18.88 10.81
C ILE A 54 -7.24 -20.03 10.92
N LEU A 55 -6.96 -21.12 11.63
CA LEU A 55 -7.95 -22.19 11.73
C LEU A 55 -9.24 -21.69 12.43
N THR A 56 -8.99 -20.81 13.39
CA THR A 56 -10.02 -20.26 14.26
C THR A 56 -11.03 -19.48 13.47
N MET A 57 -10.62 -18.72 12.45
CA MET A 57 -11.54 -17.88 11.69
C MET A 57 -12.67 -18.65 11.00
N VAL A 58 -12.39 -19.83 10.44
CA VAL A 58 -13.45 -20.55 9.74
C VAL A 58 -14.53 -21.10 10.69
N ARG A 59 -14.11 -21.62 11.84
CA ARG A 59 -15.05 -22.21 12.80
C ARG A 59 -15.82 -21.18 13.64
N THR A 60 -15.35 -19.94 13.59
CA THR A 60 -15.97 -18.85 14.34
C THR A 60 -17.42 -18.60 13.87
N GLU A 61 -17.58 -18.37 12.57
CA GLU A 61 -18.91 -18.15 12.00
C GLU A 61 -19.34 -19.37 11.18
N GLY A 62 -18.55 -19.74 10.18
CA GLY A 62 -18.88 -20.90 9.33
C GLY A 62 -18.21 -20.76 7.97
N PRO A 63 -18.13 -21.81 7.20
CA PRO A 63 -17.47 -21.76 5.86
C PRO A 63 -18.11 -20.70 4.96
N ARG A 64 -19.43 -20.51 5.07
CA ARG A 64 -20.13 -19.48 4.32
C ARG A 64 -19.62 -18.10 4.68
N SER A 65 -18.85 -18.07 5.76
CA SER A 65 -18.32 -16.80 6.24
C SER A 65 -17.13 -16.35 5.39
N LEU A 66 -16.34 -17.30 4.89
CA LEU A 66 -15.20 -16.96 4.06
C LEU A 66 -15.64 -16.56 2.65
N TYR A 67 -16.71 -17.18 2.17
CA TYR A 67 -17.22 -16.93 0.83
C TYR A 67 -18.31 -15.85 0.81
N ASN A 68 -18.62 -15.42 2.03
CA ASN A 68 -19.56 -14.31 2.21
C ASN A 68 -18.73 -13.04 2.33
N GLY A 69 -18.91 -12.11 1.39
CA GLY A 69 -18.12 -10.87 1.37
C GLY A 69 -17.03 -10.99 0.32
N LEU A 70 -16.90 -12.23 -0.17
CA LEU A 70 -15.89 -12.51 -1.19
C LEU A 70 -16.11 -11.65 -2.42
N VAL A 71 -17.38 -11.42 -2.71
CA VAL A 71 -17.77 -10.60 -3.85
C VAL A 71 -17.40 -9.14 -3.59
N ALA A 72 -17.35 -8.77 -2.31
CA ALA A 72 -17.02 -7.40 -1.94
C ALA A 72 -15.52 -7.11 -2.10
N GLY A 73 -14.65 -8.11 -1.93
CA GLY A 73 -13.21 -7.85 -2.03
C GLY A 73 -12.81 -7.51 -3.47
N LEU A 74 -13.40 -8.22 -4.41
CA LEU A 74 -13.06 -8.04 -5.82
C LEU A 74 -13.40 -6.63 -6.31
N GLN A 75 -14.54 -6.17 -5.84
CA GLN A 75 -15.00 -4.84 -6.23
C GLN A 75 -13.96 -3.80 -5.77
N ARG A 76 -13.25 -4.19 -4.72
CA ARG A 76 -12.12 -3.37 -4.25
C ARG A 76 -11.15 -3.26 -5.43
N GLN A 77 -10.83 -4.43 -5.93
CA GLN A 77 -9.87 -4.53 -7.05
C GLN A 77 -10.44 -3.95 -8.34
N MET A 78 -11.75 -4.03 -8.46
CA MET A 78 -12.43 -3.52 -9.64
C MET A 78 -12.22 -2.02 -9.81
N SER A 79 -12.27 -1.25 -8.73
CA SER A 79 -12.14 0.19 -8.88
C SER A 79 -10.68 0.59 -9.16
N PHE A 80 -9.67 -0.08 -8.60
CA PHE A 80 -8.29 0.35 -8.82
C PHE A 80 -7.94 0.39 -10.29
N ALA A 81 -8.33 -0.65 -11.02
CA ALA A 81 -8.01 -0.69 -12.44
C ALA A 81 -8.87 0.30 -13.21
N SER A 82 -10.09 0.50 -12.76
CA SER A 82 -11.00 1.43 -13.40
C SER A 82 -10.53 2.89 -13.31
N VAL A 83 -10.01 3.25 -12.14
CA VAL A 83 -9.47 4.59 -11.92
C VAL A 83 -8.19 4.77 -12.74
N ARG A 84 -7.48 3.68 -12.99
CA ARG A 84 -6.21 3.77 -13.71
C ARG A 84 -6.50 3.94 -15.19
N ILE A 85 -7.76 4.19 -15.50
CA ILE A 85 -8.17 4.42 -16.88
C ILE A 85 -8.01 5.91 -17.20
N GLY A 86 -7.84 6.72 -16.14
CA GLY A 86 -7.73 8.18 -16.31
C GLY A 86 -6.69 8.89 -15.42
N LEU A 87 -6.66 8.64 -14.11
CA LEU A 87 -5.70 9.34 -13.23
C LEU A 87 -4.24 8.89 -13.42
N TYR A 88 -4.10 7.78 -14.14
CA TYR A 88 -2.75 7.24 -14.39
C TYR A 88 -2.06 7.98 -15.53
N ASP A 89 -2.78 8.08 -16.62
CA ASP A 89 -2.26 8.76 -17.81
C ASP A 89 -2.15 10.27 -17.58
N SER A 90 -3.11 10.67 -16.77
CA SER A 90 -3.16 12.08 -16.36
C SER A 90 -1.98 12.50 -15.44
N VAL A 91 -1.68 11.79 -14.35
CA VAL A 91 -0.53 12.23 -13.52
C VAL A 91 0.83 11.91 -14.21
N LYS A 92 0.74 10.88 -15.05
CA LYS A 92 1.94 10.46 -15.80
C LYS A 92 2.37 11.48 -16.88
N GLN A 93 1.39 12.04 -17.58
CA GLN A 93 1.69 13.00 -18.64
C GLN A 93 1.96 14.37 -18.07
N PHE A 94 1.62 14.53 -16.79
CA PHE A 94 1.84 15.79 -16.07
C PHE A 94 3.31 15.95 -15.60
N TYR A 95 4.07 14.87 -15.43
CA TYR A 95 5.44 14.93 -14.89
C TYR A 95 6.52 14.64 -15.95
N THR A 96 6.19 13.83 -16.95
CA THR A 96 7.27 13.48 -17.91
C THR A 96 7.31 14.37 -19.17
N LYS A 97 6.53 15.46 -19.23
CA LYS A 97 6.60 16.37 -20.38
C LYS A 97 8.08 16.64 -20.71
N GLY A 98 8.51 16.49 -21.96
CA GLY A 98 9.93 16.70 -22.33
C GLY A 98 10.43 18.14 -22.10
N SER A 99 9.97 18.72 -21.00
CA SER A 99 10.28 20.09 -20.58
C SER A 99 11.31 20.85 -21.42
N GLU A 100 12.63 20.66 -21.24
CA GLU A 100 13.59 21.40 -22.09
C GLU A 100 15.02 21.37 -21.57
N HIS A 101 15.20 21.35 -20.25
CA HIS A 101 16.54 21.32 -19.65
C HIS A 101 16.47 21.78 -18.20
N ALA A 102 15.42 21.38 -17.52
CA ALA A 102 15.23 21.69 -16.11
C ALA A 102 13.73 21.52 -15.75
N GLY A 103 13.38 22.12 -14.62
CA GLY A 103 11.99 22.06 -14.15
C GLY A 103 11.86 21.05 -13.03
N ILE A 104 12.98 20.66 -12.47
CA ILE A 104 12.93 19.69 -11.40
C ILE A 104 12.11 20.26 -10.25
N GLY A 105 12.30 21.56 -9.97
CA GLY A 105 11.53 22.29 -8.95
C GLY A 105 10.06 22.40 -9.34
N SER A 106 9.83 22.68 -10.63
CA SER A 106 8.47 22.75 -11.18
C SER A 106 7.83 21.42 -10.91
N ARG A 107 8.55 20.33 -11.13
CA ARG A 107 7.96 19.03 -10.94
C ARG A 107 7.61 18.81 -9.47
N LEU A 108 8.44 19.32 -8.56
CA LEU A 108 8.19 19.21 -7.14
C LEU A 108 6.91 19.96 -6.80
N LEU A 109 6.81 21.17 -7.35
CA LEU A 109 5.61 21.96 -7.12
C LEU A 109 4.42 21.28 -7.77
N ALA A 110 4.53 20.80 -9.00
CA ALA A 110 3.41 20.12 -9.65
C ALA A 110 3.06 18.85 -8.88
N GLY A 111 4.08 18.07 -8.52
CA GLY A 111 3.83 16.83 -7.80
C GLY A 111 3.25 17.09 -6.42
N SER A 112 3.82 18.07 -5.72
CA SER A 112 3.33 18.41 -4.39
C SER A 112 1.90 18.95 -4.44
N THR A 113 1.64 19.82 -5.41
CA THR A 113 0.27 20.33 -5.55
C THR A 113 -0.69 19.26 -6.04
N THR A 114 -0.36 18.51 -7.09
CA THR A 114 -1.30 17.56 -7.67
C THR A 114 -1.69 16.40 -6.76
N GLY A 115 -0.68 15.85 -6.08
CA GLY A 115 -0.86 14.71 -5.21
C GLY A 115 -1.75 15.01 -4.02
N ALA A 116 -1.46 16.18 -3.46
CA ALA A 116 -2.24 16.68 -2.33
C ALA A 116 -3.67 16.85 -2.81
N LEU A 117 -3.80 17.37 -4.03
CA LEU A 117 -5.12 17.57 -4.62
C LEU A 117 -5.84 16.23 -4.85
N ALA A 118 -5.09 15.22 -5.32
CA ALA A 118 -5.67 13.90 -5.63
C ALA A 118 -6.25 13.19 -4.40
N VAL A 119 -5.58 13.27 -3.25
CA VAL A 119 -6.06 12.63 -2.02
C VAL A 119 -7.42 13.21 -1.64
N ALA A 120 -7.59 14.44 -2.09
CA ALA A 120 -8.82 15.18 -1.82
C ALA A 120 -10.03 14.42 -2.35
N VAL A 121 -9.92 13.93 -3.58
CA VAL A 121 -11.01 13.19 -4.20
C VAL A 121 -11.08 11.75 -3.69
N ALA A 122 -9.93 11.07 -3.69
CA ALA A 122 -9.86 9.68 -3.24
C ALA A 122 -9.38 9.57 -1.80
N GLN A 123 -10.07 8.74 -1.03
CA GLN A 123 -9.71 8.51 0.37
C GLN A 123 -10.63 7.46 1.00
N PRO A 124 -11.91 7.47 0.69
CA PRO A 124 -12.88 6.48 1.26
C PRO A 124 -12.42 5.03 1.10
N THR A 125 -11.73 4.76 -0.02
CA THR A 125 -11.28 3.39 -0.24
C THR A 125 -10.22 3.01 0.80
N ASP A 126 -9.29 3.91 1.08
CA ASP A 126 -8.24 3.58 2.03
C ASP A 126 -8.80 3.40 3.45
N VAL A 127 -9.69 4.29 3.85
CA VAL A 127 -10.26 4.24 5.19
C VAL A 127 -11.08 2.98 5.47
N VAL A 128 -11.93 2.59 4.52
CA VAL A 128 -12.80 1.44 4.76
C VAL A 128 -12.04 0.13 4.92
N LYS A 129 -10.98 -0.10 4.13
CA LYS A 129 -10.27 -1.37 4.27
C LYS A 129 -9.65 -1.54 5.65
N VAL A 130 -9.06 -0.47 6.19
CA VAL A 130 -8.46 -0.57 7.52
C VAL A 130 -9.54 -0.65 8.58
N ARG A 131 -10.53 0.22 8.47
CA ARG A 131 -11.64 0.25 9.42
C ARG A 131 -12.48 -1.02 9.35
N PHE A 132 -12.68 -1.53 8.14
CA PHE A 132 -13.51 -2.72 7.96
C PHE A 132 -12.87 -3.97 8.56
N GLN A 133 -11.58 -4.16 8.36
CA GLN A 133 -10.95 -5.35 8.93
C GLN A 133 -10.96 -5.27 10.47
N ALA A 134 -10.70 -4.09 11.01
CA ALA A 134 -10.66 -3.92 12.46
C ALA A 134 -11.99 -4.14 13.17
N GLN A 135 -13.08 -3.74 12.52
CA GLN A 135 -14.40 -3.96 13.11
C GLN A 135 -14.55 -5.47 13.30
N ALA A 136 -14.56 -5.89 14.56
CA ALA A 136 -14.64 -7.31 14.91
C ALA A 136 -16.07 -7.77 15.19
N ARG A 137 -16.79 -7.30 16.20
CA ARG A 137 -18.15 -7.79 16.39
C ARG A 137 -19.08 -7.10 15.39
N ALA A 138 -18.50 -6.23 14.58
CA ALA A 138 -19.28 -5.49 13.58
C ALA A 138 -20.33 -4.62 14.24
N GLY A 139 -21.40 -5.25 14.73
CA GLY A 139 -22.47 -4.52 15.39
C GLY A 139 -23.77 -5.31 15.35
N GLY A 140 -24.77 -4.77 14.65
CA GLY A 140 -26.06 -5.44 14.55
C GLY A 140 -27.13 -4.48 14.03
N GLY A 141 -27.82 -3.82 14.95
CA GLY A 141 -28.87 -2.88 14.56
C GLY A 141 -29.77 -3.47 13.49
N ARG A 142 -29.69 -4.79 13.33
CA ARG A 142 -30.51 -5.48 12.33
C ARG A 142 -30.10 -5.04 10.92
N ARG A 143 -30.80 -5.54 9.92
CA ARG A 143 -30.50 -5.19 8.54
C ARG A 143 -29.04 -5.50 8.20
N TYR A 144 -28.36 -6.16 9.14
CA TYR A 144 -26.96 -6.51 8.94
C TYR A 144 -26.11 -5.26 8.71
N GLN A 145 -24.80 -5.37 8.94
CA GLN A 145 -23.89 -4.25 8.76
C GLN A 145 -23.38 -4.17 7.32
N SER A 146 -23.01 -2.97 6.89
CA SER A 146 -22.51 -2.77 5.54
C SER A 146 -21.66 -1.51 5.44
N THR A 147 -21.17 -1.23 4.24
CA THR A 147 -20.30 -0.07 4.05
C THR A 147 -21.03 1.25 4.30
N VAL A 148 -22.24 1.40 3.75
CA VAL A 148 -22.96 2.66 3.94
C VAL A 148 -23.31 2.87 5.42
N GLU A 149 -23.81 1.84 6.08
CA GLU A 149 -24.18 1.97 7.49
C GLU A 149 -22.93 2.17 8.37
N ALA A 150 -21.85 1.45 8.02
CA ALA A 150 -20.63 1.52 8.80
C ALA A 150 -20.02 2.92 8.82
N TYR A 151 -19.96 3.58 7.67
CA TYR A 151 -19.38 4.93 7.61
C TYR A 151 -20.20 5.90 8.46
N LYS A 152 -21.51 5.89 8.27
CA LYS A 152 -22.38 6.84 8.96
C LYS A 152 -22.50 6.61 10.47
N THR A 153 -22.68 5.37 10.93
CA THR A 153 -22.86 5.11 12.36
C THR A 153 -21.64 5.47 13.24
N ILE A 154 -20.44 5.10 12.77
CA ILE A 154 -19.19 5.44 13.45
C ILE A 154 -19.00 6.95 13.45
N ALA A 155 -19.38 7.54 12.32
CA ALA A 155 -19.36 8.99 12.14
C ALA A 155 -20.27 9.60 13.20
N ARG A 156 -21.40 9.02 13.59
CA ARG A 156 -22.28 9.71 14.55
C ARG A 156 -21.58 9.96 15.88
N GLU A 157 -20.97 8.93 16.44
CA GLU A 157 -20.23 9.03 17.69
C GLU A 157 -18.89 9.73 17.44
N GLU A 158 -18.13 9.28 16.46
CA GLU A 158 -16.79 9.79 16.25
C GLU A 158 -16.66 11.17 15.57
N GLY A 159 -17.52 11.49 14.60
CA GLY A 159 -17.48 12.80 13.94
C GLY A 159 -16.58 12.80 12.72
N ILE A 160 -16.28 14.02 12.24
CA ILE A 160 -15.43 14.22 11.08
C ILE A 160 -13.98 13.92 11.42
N ARG A 161 -13.58 14.42 12.58
CA ARG A 161 -12.19 14.27 13.00
C ARG A 161 -11.82 12.81 13.10
N GLY A 162 -12.77 11.96 13.46
CA GLY A 162 -12.46 10.54 13.55
C GLY A 162 -12.02 10.01 12.20
N LEU A 163 -12.75 10.51 11.20
CA LEU A 163 -12.59 10.13 9.80
C LEU A 163 -11.32 10.61 9.11
N TRP A 164 -10.92 11.81 9.56
CA TRP A 164 -9.75 12.47 9.01
C TRP A 164 -8.49 11.87 9.60
N LYS A 165 -8.65 10.99 10.58
CA LYS A 165 -7.52 10.41 11.26
C LYS A 165 -6.42 9.99 10.29
N GLY A 166 -6.79 9.28 9.22
CA GLY A 166 -5.87 8.82 8.19
C GLY A 166 -5.67 9.91 7.12
N THR A 167 -6.75 10.59 6.76
CA THR A 167 -6.69 11.66 5.76
C THR A 167 -5.51 12.62 5.94
N SER A 168 -5.33 13.17 7.15
CA SER A 168 -4.26 14.16 7.38
C SER A 168 -2.85 13.58 7.18
N PRO A 169 -2.50 12.46 7.78
CA PRO A 169 -1.17 11.82 7.57
C PRO A 169 -0.98 11.33 6.13
N ASN A 170 -2.07 11.00 5.45
CA ASN A 170 -2.00 10.49 4.09
C ASN A 170 -1.40 11.52 3.14
N VAL A 171 -1.74 12.79 3.33
CA VAL A 171 -1.21 13.84 2.46
C VAL A 171 0.32 13.90 2.59
N ALA A 172 0.82 13.82 3.82
CA ALA A 172 2.25 13.88 4.06
C ALA A 172 2.96 12.72 3.37
N ARG A 173 2.36 11.54 3.40
CA ARG A 173 2.96 10.36 2.78
C ARG A 173 3.15 10.57 1.28
N ASN A 174 2.15 11.16 0.64
CA ASN A 174 2.21 11.42 -0.80
C ASN A 174 3.35 12.39 -1.13
N ALA A 175 3.50 13.43 -0.32
CA ALA A 175 4.51 14.45 -0.56
C ALA A 175 5.94 13.90 -0.48
N ILE A 176 6.22 13.08 0.53
CA ILE A 176 7.57 12.55 0.69
C ILE A 176 7.99 11.65 -0.48
N VAL A 177 7.11 10.74 -0.90
CA VAL A 177 7.48 9.83 -1.99
C VAL A 177 7.82 10.60 -3.28
N ASN A 178 6.99 11.57 -3.66
CA ASN A 178 7.26 12.35 -4.86
C ASN A 178 8.58 13.11 -4.70
N CYS A 179 8.73 13.67 -3.51
CA CYS A 179 9.91 14.42 -3.15
C CYS A 179 11.17 13.53 -3.19
N ALA A 180 11.03 12.36 -2.56
CA ALA A 180 12.07 11.34 -2.53
C ALA A 180 12.34 10.80 -3.94
N GLU A 181 11.25 10.62 -4.67
CA GLU A 181 11.24 10.08 -6.04
C GLU A 181 12.03 10.96 -7.01
N LEU A 182 11.84 12.27 -6.95
CA LEU A 182 12.51 13.13 -7.94
C LEU A 182 14.02 13.01 -7.76
N VAL A 183 14.42 12.90 -6.51
CA VAL A 183 15.85 12.77 -6.29
C VAL A 183 16.29 11.46 -6.96
N THR A 184 15.53 10.39 -6.75
CA THR A 184 15.85 9.08 -7.30
C THR A 184 15.81 9.01 -8.84
N TYR A 185 14.74 9.58 -9.41
CA TYR A 185 14.46 9.58 -10.86
C TYR A 185 15.61 10.20 -11.69
N ASP A 186 16.22 11.27 -11.20
CA ASP A 186 17.30 11.93 -11.95
C ASP A 186 18.36 10.89 -12.27
N LEU A 187 18.67 10.09 -11.27
CA LEU A 187 19.65 9.03 -11.42
C LEU A 187 19.17 8.06 -12.51
N ILE A 188 17.86 7.79 -12.56
CA ILE A 188 17.37 6.88 -13.59
C ILE A 188 17.67 7.46 -14.99
N LYS A 189 17.48 8.76 -15.19
CA LYS A 189 17.78 9.48 -16.45
C LYS A 189 19.25 9.38 -16.86
N ASP A 190 20.16 9.44 -15.91
CA ASP A 190 21.59 9.42 -16.22
C ASP A 190 21.99 8.12 -16.87
N THR A 191 21.45 7.00 -16.41
CA THR A 191 21.83 5.68 -16.99
C THR A 191 20.79 5.15 -17.97
N LEU A 192 21.30 4.78 -19.13
CA LEU A 192 20.50 4.21 -20.21
C LEU A 192 19.53 5.22 -20.82
N LEU A 193 19.60 6.49 -20.36
CA LEU A 193 18.68 7.51 -20.86
C LEU A 193 19.43 8.75 -21.38
N LYS A 194 20.64 8.51 -21.85
CA LYS A 194 21.48 9.59 -22.38
C LYS A 194 20.98 10.05 -23.74
N ALA A 195 20.26 9.15 -24.39
CA ALA A 195 19.69 9.40 -25.70
C ALA A 195 18.61 8.35 -25.96
N ASN A 196 17.94 7.97 -24.88
CA ASN A 196 16.85 7.02 -24.91
C ASN A 196 17.10 5.83 -25.82
N LEU A 197 18.22 5.15 -25.56
CA LEU A 197 18.61 3.96 -26.31
C LEU A 197 18.63 2.77 -25.35
N MET A 198 18.22 1.61 -25.84
CA MET A 198 18.19 0.37 -25.07
C MET A 198 18.94 -0.71 -25.85
N THR A 199 20.26 -0.72 -25.70
CA THR A 199 21.12 -1.68 -26.41
C THR A 199 20.44 -3.03 -26.60
N ASP A 200 20.87 -3.75 -27.65
CA ASP A 200 20.31 -5.06 -27.97
C ASP A 200 20.87 -6.14 -27.04
N ASP A 201 20.48 -6.05 -25.77
CA ASP A 201 20.91 -7.01 -24.76
C ASP A 201 19.93 -6.96 -23.61
N LEU A 202 18.73 -7.47 -23.84
CA LEU A 202 17.68 -7.44 -22.82
C LEU A 202 18.10 -8.20 -21.56
N PRO A 203 18.69 -9.37 -21.67
CA PRO A 203 19.08 -10.14 -20.46
C PRO A 203 20.09 -9.36 -19.63
N CYS A 204 20.92 -8.61 -20.34
CA CYS A 204 21.95 -7.83 -19.67
C CYS A 204 21.38 -6.73 -18.79
N HIS A 205 20.37 -6.01 -19.29
CA HIS A 205 19.80 -4.93 -18.51
C HIS A 205 19.07 -5.40 -17.26
N PHE A 206 18.35 -6.51 -17.40
CA PHE A 206 17.57 -7.08 -16.30
C PHE A 206 18.48 -7.54 -15.16
N THR A 207 19.56 -8.26 -15.46
CA THR A 207 20.47 -8.71 -14.41
C THR A 207 21.05 -7.52 -13.66
N SER A 208 21.34 -6.44 -14.40
CA SER A 208 21.86 -5.25 -13.76
C SER A 208 20.82 -4.77 -12.74
N ALA A 209 19.56 -4.81 -13.13
CA ALA A 209 18.50 -4.33 -12.25
C ALA A 209 18.37 -5.13 -10.97
N PHE A 210 18.47 -6.45 -11.05
CA PHE A 210 18.27 -7.28 -9.87
C PHE A 210 19.29 -7.00 -8.76
N GLY A 211 20.56 -6.96 -9.20
CA GLY A 211 21.63 -6.64 -8.26
C GLY A 211 21.37 -5.24 -7.70
N ALA A 212 20.97 -4.36 -8.60
CA ALA A 212 20.60 -2.99 -8.28
C ALA A 212 19.38 -2.99 -7.36
N GLY A 213 18.50 -3.94 -7.65
CA GLY A 213 17.23 -4.08 -6.94
C GLY A 213 17.43 -4.36 -5.47
N PHE A 214 18.39 -5.21 -5.12
CA PHE A 214 18.58 -5.48 -3.70
C PHE A 214 19.08 -4.19 -3.04
N CYS A 215 19.95 -3.46 -3.74
CA CYS A 215 20.42 -2.16 -3.24
C CYS A 215 19.24 -1.18 -3.14
N THR A 216 18.39 -1.21 -4.17
CA THR A 216 17.20 -0.37 -4.27
C THR A 216 16.23 -0.64 -3.13
N THR A 217 16.07 -1.91 -2.78
CA THR A 217 15.12 -2.28 -1.75
C THR A 217 15.43 -1.55 -0.45
N VAL A 218 16.70 -1.40 -0.12
CA VAL A 218 17.03 -0.68 1.10
C VAL A 218 16.47 0.73 0.98
N ILE A 219 16.62 1.33 -0.20
CA ILE A 219 16.08 2.67 -0.47
C ILE A 219 14.55 2.65 -0.31
N ALA A 220 13.96 1.57 -0.81
CA ALA A 220 12.50 1.33 -0.81
C ALA A 220 11.85 1.22 0.58
N SER A 221 12.53 0.57 1.52
CA SER A 221 11.96 0.25 2.84
C SER A 221 11.46 1.45 3.67
N PRO A 222 12.14 2.55 3.70
CA PRO A 222 11.71 3.71 4.53
C PRO A 222 10.30 4.24 4.19
N VAL A 223 9.92 4.32 2.91
CA VAL A 223 8.57 4.78 2.63
C VAL A 223 7.56 3.78 3.20
N ASP A 224 7.91 2.51 3.10
CA ASP A 224 7.06 1.43 3.62
C ASP A 224 6.95 1.47 5.14
N VAL A 225 8.08 1.75 5.80
CA VAL A 225 8.16 1.77 7.25
C VAL A 225 7.29 2.86 7.89
N VAL A 226 7.33 4.07 7.35
CA VAL A 226 6.56 5.14 7.95
C VAL A 226 5.07 4.86 7.91
N LYS A 227 4.59 4.25 6.82
CA LYS A 227 3.18 3.93 6.71
C LYS A 227 2.72 2.98 7.82
N THR A 228 3.51 1.95 8.08
CA THR A 228 3.18 0.97 9.12
C THR A 228 3.09 1.63 10.50
N ARG A 229 4.04 2.50 10.78
CA ARG A 229 4.09 3.18 12.08
C ARG A 229 2.73 3.78 12.47
N TYR A 230 2.24 3.40 13.64
CA TYR A 230 0.96 3.89 14.16
C TYR A 230 0.58 3.10 15.42
N MET A 231 0.34 1.81 15.28
CA MET A 231 0.01 1.00 16.45
C MET A 231 1.24 0.86 17.34
N ASN A 232 1.48 1.84 18.21
CA ASN A 232 2.65 1.80 19.08
C ASN A 232 2.50 2.67 20.33
N SER A 233 2.16 2.02 21.44
CA SER A 233 2.00 2.73 22.72
C SER A 233 0.81 3.69 22.69
N ALA A 234 -0.38 3.15 22.98
CA ALA A 234 -1.61 3.94 23.02
C ALA A 234 -1.58 5.14 22.06
N LEU A 235 -2.21 6.25 22.48
CA LEU A 235 -2.28 7.46 21.66
C LEU A 235 -1.23 8.50 22.10
N GLY A 236 -1.40 9.73 21.62
CA GLY A 236 -0.47 10.82 21.94
C GLY A 236 -0.77 12.07 21.11
N GLN A 237 0.20 12.51 20.31
CA GLN A 237 0.05 13.70 19.46
C GLN A 237 -0.09 13.32 17.99
N TYR A 238 -1.07 13.91 17.29
CA TYR A 238 -1.29 13.60 15.87
C TYR A 238 -1.86 14.80 15.11
N HIS A 239 -1.49 16.06 15.42
CA HIS A 239 -2.16 17.12 14.68
C HIS A 239 -1.79 17.11 13.19
N SER A 240 -0.49 17.15 12.83
CA SER A 240 -0.05 17.10 11.44
C SER A 240 1.32 16.39 11.44
N ALA A 241 2.00 16.29 10.29
CA ALA A 241 3.32 15.63 10.32
C ALA A 241 4.28 16.41 11.22
N GLY A 242 4.33 17.74 11.10
CA GLY A 242 5.31 18.60 11.79
C GLY A 242 5.28 18.50 13.32
N HIS A 243 4.07 18.37 13.96
CA HIS A 243 4.11 18.29 15.41
C HIS A 243 4.94 17.12 15.88
N CYS A 244 4.95 16.02 15.13
CA CYS A 244 5.75 14.85 15.50
C CYS A 244 7.24 15.21 15.57
N ALA A 245 7.74 15.95 14.59
CA ALA A 245 9.15 16.30 14.55
C ALA A 245 9.57 17.05 15.81
N LEU A 246 8.78 18.02 16.24
CA LEU A 246 9.14 18.77 17.44
C LEU A 246 9.08 17.85 18.68
N THR A 247 8.04 17.02 18.75
CA THR A 247 7.86 16.09 19.86
C THR A 247 8.98 15.06 19.97
N MET A 248 9.35 14.46 18.85
CA MET A 248 10.39 13.42 18.85
C MET A 248 11.73 13.95 19.38
N LEU A 249 12.11 15.14 18.94
CA LEU A 249 13.36 15.73 19.39
C LEU A 249 13.32 15.96 20.90
N ARG A 250 12.23 16.54 21.37
CA ARG A 250 12.06 16.81 22.80
C ARG A 250 11.95 15.50 23.58
N LYS A 251 11.00 14.66 23.17
CA LYS A 251 10.79 13.37 23.85
C LYS A 251 11.95 12.41 23.57
N GLU A 252 11.67 11.11 23.69
CA GLU A 252 12.69 10.09 23.47
C GLU A 252 13.60 10.46 22.30
N GLY A 253 14.90 10.32 22.49
CA GLY A 253 15.87 10.66 21.45
C GLY A 253 15.47 10.04 20.11
N PRO A 254 16.14 10.44 19.04
CA PRO A 254 15.85 9.88 17.68
C PRO A 254 15.94 8.34 17.64
N ARG A 255 16.27 7.74 18.78
CA ARG A 255 16.40 6.29 18.91
C ARG A 255 15.05 5.58 18.81
N ALA A 256 13.98 6.28 19.17
CA ALA A 256 12.66 5.66 19.14
C ALA A 256 12.34 5.18 17.72
N PHE A 257 12.86 5.90 16.73
CA PHE A 257 12.67 5.53 15.33
C PHE A 257 13.30 4.16 15.03
N TYR A 258 14.49 3.94 15.59
CA TYR A 258 15.21 2.69 15.34
C TYR A 258 14.49 1.47 15.91
N LYS A 259 13.89 1.61 17.08
CA LYS A 259 13.17 0.50 17.70
C LYS A 259 12.10 -0.02 16.73
N GLY A 260 11.25 -0.93 17.21
CA GLY A 260 10.18 -1.50 16.39
C GLY A 260 10.70 -1.90 15.01
N PHE A 261 10.91 -3.20 14.80
CA PHE A 261 11.39 -3.68 13.52
C PHE A 261 11.06 -5.16 13.31
N MET A 262 10.66 -5.84 14.39
CA MET A 262 10.32 -7.26 14.27
C MET A 262 9.11 -7.48 13.34
N PRO A 263 8.04 -6.70 13.46
CA PRO A 263 6.86 -6.88 12.57
C PRO A 263 7.21 -6.56 11.10
N SER A 264 7.90 -5.45 10.92
CA SER A 264 8.30 -4.99 9.59
C SER A 264 9.17 -6.02 8.87
N PHE A 265 10.05 -6.67 9.59
CA PHE A 265 10.94 -7.64 8.97
C PHE A 265 10.17 -8.80 8.33
N LEU A 266 9.16 -9.23 9.10
CA LEU A 266 8.22 -10.24 8.62
C LEU A 266 7.49 -9.67 7.40
N ARG A 267 7.17 -8.37 7.45
CA ARG A 267 6.51 -7.71 6.31
C ARG A 267 7.41 -7.74 5.09
N LEU A 268 8.71 -7.54 5.32
CA LEU A 268 9.70 -7.49 4.26
C LEU A 268 9.80 -8.80 3.48
N GLY A 269 9.66 -9.95 4.14
CA GLY A 269 9.80 -11.21 3.43
C GLY A 269 8.63 -11.37 2.47
N SER A 270 7.41 -11.20 2.99
CA SER A 270 6.18 -11.31 2.21
C SER A 270 6.18 -10.23 1.12
N TRP A 271 6.56 -9.02 1.52
CA TRP A 271 6.60 -7.89 0.60
C TRP A 271 7.58 -8.20 -0.54
N ASN A 272 8.68 -8.85 -0.22
CA ASN A 272 9.67 -9.19 -1.24
C ASN A 272 9.07 -10.15 -2.30
N VAL A 273 8.24 -11.10 -1.86
CA VAL A 273 7.67 -12.09 -2.78
C VAL A 273 6.81 -11.45 -3.89
N VAL A 274 6.02 -10.42 -3.56
CA VAL A 274 5.19 -9.79 -4.59
C VAL A 274 6.07 -9.17 -5.67
N MET A 275 7.18 -8.56 -5.26
CA MET A 275 8.11 -7.94 -6.20
C MET A 275 8.66 -8.99 -7.16
N PHE A 276 8.91 -10.17 -6.61
CA PHE A 276 9.45 -11.29 -7.38
C PHE A 276 8.52 -11.68 -8.54
N VAL A 277 7.22 -11.66 -8.29
CA VAL A 277 6.24 -12.05 -9.30
C VAL A 277 6.33 -11.15 -10.54
N THR A 278 6.55 -9.85 -10.37
CA THR A 278 6.70 -8.98 -11.52
C THR A 278 7.93 -9.41 -12.32
N TYR A 279 8.98 -9.76 -11.58
CA TYR A 279 10.19 -10.26 -12.20
C TYR A 279 9.82 -11.56 -12.92
N GLU A 280 8.94 -12.37 -12.34
CA GLU A 280 8.64 -13.63 -13.00
C GLU A 280 8.09 -13.35 -14.40
N GLN A 281 7.24 -12.34 -14.52
CA GLN A 281 6.66 -12.02 -15.83
C GLN A 281 7.78 -11.65 -16.82
N LEU A 282 8.69 -10.86 -16.28
CA LEU A 282 9.82 -10.42 -17.08
C LEU A 282 10.62 -11.64 -17.54
N LYS A 283 10.78 -12.60 -16.64
CA LYS A 283 11.49 -13.84 -16.96
C LYS A 283 10.75 -14.61 -18.06
N ARG A 284 9.44 -14.71 -17.90
CA ARG A 284 8.58 -15.43 -18.85
C ARG A 284 7.49 -14.47 -19.36
N ALA A 285 7.53 -14.18 -20.67
CA ALA A 285 6.56 -13.27 -21.29
C ALA A 285 5.70 -14.02 -22.31
N LEU A 286 6.14 -13.95 -23.56
CA LEU A 286 5.45 -14.62 -24.68
C LEU A 286 6.50 -15.27 -25.58
N MET A 287 6.09 -15.68 -26.78
CA MET A 287 7.03 -16.32 -27.70
C MET A 287 6.41 -16.51 -29.08
N ALA A 288 6.13 -15.41 -29.77
CA ALA A 288 5.50 -15.47 -31.09
C ALA A 288 5.38 -14.08 -31.70
N ALA A 289 6.32 -13.81 -32.61
CA ALA A 289 6.42 -12.50 -33.25
C ALA A 289 5.20 -12.14 -34.11
N TYR A 290 4.76 -13.09 -34.92
CA TYR A 290 3.62 -12.83 -35.81
C TYR A 290 2.41 -12.42 -34.97
N GLN A 291 2.23 -13.10 -33.84
CA GLN A 291 1.10 -12.81 -32.96
C GLN A 291 1.23 -11.39 -32.39
N SER A 292 2.43 -11.06 -31.91
CA SER A 292 2.68 -9.75 -31.35
C SER A 292 2.58 -8.66 -32.42
N ARG A 293 3.04 -9.00 -33.62
CA ARG A 293 3.01 -8.07 -34.76
C ARG A 293 1.58 -7.63 -35.12
N GLU A 294 0.66 -8.59 -35.12
CA GLU A 294 -0.74 -8.33 -35.50
C GLU A 294 -1.48 -7.38 -34.55
N ALA A 295 -1.21 -7.45 -33.25
CA ALA A 295 -1.95 -6.62 -32.28
C ALA A 295 -1.77 -5.11 -32.54
N PRO A 296 -0.56 -4.60 -32.64
CA PRO A 296 -0.34 -3.15 -32.91
C PRO A 296 -0.62 -2.78 -34.37
N PHE A 297 -1.03 -3.77 -35.14
CA PHE A 297 -1.33 -3.55 -36.55
C PHE A 297 -2.20 -4.68 -37.10
N MET A 1 -1.34 -11.20 -28.30
CA MET A 1 -2.21 -11.73 -27.22
C MET A 1 -1.80 -11.10 -25.89
N THR A 2 -0.68 -10.36 -25.89
CA THR A 2 -0.18 -9.70 -24.69
C THR A 2 0.26 -8.27 -24.98
N VAL A 3 -0.49 -7.29 -24.45
CA VAL A 3 -0.15 -5.89 -24.63
C VAL A 3 0.22 -5.26 -23.29
N LYS A 4 0.58 -3.99 -23.31
CA LYS A 4 0.98 -3.29 -22.09
C LYS A 4 -0.17 -3.18 -21.08
N PHE A 5 -1.37 -2.88 -21.56
CA PHE A 5 -2.51 -2.72 -20.67
C PHE A 5 -2.86 -4.00 -19.90
N LEU A 6 -2.82 -5.14 -20.60
CA LEU A 6 -3.13 -6.43 -20.01
C LEU A 6 -1.96 -7.02 -19.22
N GLY A 7 -0.76 -6.57 -19.58
CA GLY A 7 0.47 -6.98 -18.90
C GLY A 7 0.39 -6.43 -17.47
N ALA A 8 -0.11 -5.20 -17.41
CA ALA A 8 -0.37 -4.47 -16.18
C ALA A 8 -1.57 -5.14 -15.49
N GLY A 9 -2.38 -5.63 -16.43
CA GLY A 9 -3.63 -6.28 -16.04
C GLY A 9 -3.35 -7.55 -15.22
N THR A 10 -2.36 -8.34 -15.63
CA THR A 10 -2.00 -9.53 -14.87
C THR A 10 -1.32 -9.10 -13.57
N ALA A 11 -0.71 -7.92 -13.63
CA ALA A 11 0.01 -7.38 -12.48
C ALA A 11 -0.94 -7.06 -11.32
N ALA A 12 -2.00 -6.32 -11.59
CA ALA A 12 -2.89 -5.96 -10.49
C ALA A 12 -3.50 -7.21 -9.84
N CYS A 13 -3.80 -8.22 -10.65
CA CYS A 13 -4.41 -9.43 -10.12
C CYS A 13 -3.46 -10.14 -9.17
N ILE A 14 -2.24 -10.42 -9.63
CA ILE A 14 -1.29 -11.14 -8.79
C ILE A 14 -0.85 -10.38 -7.55
N ALA A 15 -0.63 -9.07 -7.66
CA ALA A 15 -0.08 -8.33 -6.54
C ALA A 15 -1.02 -8.32 -5.34
N ASP A 16 -2.34 -8.12 -5.50
CA ASP A 16 -3.17 -8.03 -4.31
C ASP A 16 -3.43 -9.42 -3.73
N LEU A 17 -3.42 -10.48 -4.53
CA LEU A 17 -3.73 -11.79 -3.98
C LEU A 17 -2.76 -12.19 -2.86
N ILE A 18 -1.46 -12.18 -3.13
CA ILE A 18 -0.47 -12.56 -2.11
C ILE A 18 -0.26 -11.48 -1.05
N THR A 19 -0.94 -10.34 -1.25
CA THR A 19 -0.80 -9.23 -0.28
C THR A 19 -2.09 -9.05 0.52
N PHE A 20 -3.24 -9.58 0.10
CA PHE A 20 -4.41 -9.30 0.91
C PHE A 20 -4.30 -10.00 2.29
N PRO A 21 -3.88 -11.25 2.35
CA PRO A 21 -3.70 -11.93 3.68
C PRO A 21 -2.66 -11.20 4.57
N LEU A 22 -1.88 -10.33 3.94
CA LEU A 22 -0.81 -9.61 4.67
C LEU A 22 -1.34 -8.64 5.72
N ASP A 23 -2.48 -8.01 5.41
CA ASP A 23 -3.06 -7.01 6.29
C ASP A 23 -3.51 -7.60 7.63
N THR A 24 -4.09 -8.78 7.59
CA THR A 24 -4.57 -9.41 8.81
C THR A 24 -3.46 -9.62 9.84
N ALA A 25 -2.25 -9.90 9.37
CA ALA A 25 -1.14 -10.14 10.32
C ALA A 25 -0.75 -8.87 11.11
N LYS A 26 -0.75 -7.70 10.48
CA LYS A 26 -0.32 -6.50 11.20
C LYS A 26 -1.24 -6.21 12.39
N VAL A 27 -2.55 -6.22 12.17
CA VAL A 27 -3.51 -5.92 13.24
C VAL A 27 -3.44 -6.95 14.38
N ARG A 28 -3.25 -8.21 14.04
CA ARG A 28 -3.20 -9.26 15.05
C ARG A 28 -2.07 -8.98 16.05
N LEU A 29 -0.93 -8.51 15.54
CA LEU A 29 0.22 -8.21 16.40
C LEU A 29 -0.10 -7.11 17.43
N GLN A 30 -1.31 -7.12 18.00
CA GLN A 30 -1.70 -6.11 19.00
C GLN A 30 -1.91 -6.79 20.36
N ILE A 31 -2.32 -6.02 21.36
CA ILE A 31 -2.55 -6.59 22.68
C ILE A 31 -3.68 -7.61 22.61
N GLN A 32 -4.88 -7.15 22.24
CA GLN A 32 -6.04 -8.04 22.11
C GLN A 32 -7.31 -7.20 21.93
N GLY A 33 -7.14 -5.90 21.78
CA GLY A 33 -8.29 -5.01 21.61
C GLY A 33 -9.29 -5.21 22.73
N GLU A 34 -8.77 -5.42 23.94
CA GLU A 34 -9.61 -5.64 25.12
C GLU A 34 -9.85 -4.33 25.86
N SER A 35 -9.02 -4.06 26.88
CA SER A 35 -9.14 -2.84 27.67
C SER A 35 -10.22 -3.00 28.75
N GLN A 36 -11.25 -3.79 28.45
CA GLN A 36 -12.33 -3.99 29.42
C GLN A 36 -11.82 -4.71 30.67
N GLY A 37 -10.50 -4.87 30.77
CA GLY A 37 -9.91 -5.59 31.91
C GLY A 37 -10.01 -7.10 31.68
N LEU A 38 -10.25 -7.46 30.43
CA LEU A 38 -10.46 -8.86 30.03
C LEU A 38 -9.19 -9.68 30.32
N VAL A 39 -8.03 -9.09 30.14
CA VAL A 39 -6.80 -9.83 30.37
C VAL A 39 -6.68 -10.33 31.82
N ARG A 40 -7.00 -9.51 32.81
CA ARG A 40 -6.86 -9.96 34.20
C ARG A 40 -7.82 -11.11 34.56
N THR A 41 -9.04 -11.09 34.02
CA THR A 41 -9.98 -12.20 34.29
C THR A 41 -9.49 -13.47 33.62
N ALA A 42 -8.96 -13.29 32.41
CA ALA A 42 -8.43 -14.38 31.61
C ALA A 42 -7.35 -13.82 30.70
N ALA A 43 -6.15 -14.38 30.78
CA ALA A 43 -5.02 -13.89 29.99
C ALA A 43 -4.76 -14.71 28.74
N SER A 44 -3.79 -14.22 27.97
CA SER A 44 -3.45 -14.89 26.72
C SER A 44 -4.73 -15.03 25.88
N ALA A 45 -4.84 -16.18 25.21
CA ALA A 45 -6.02 -16.51 24.38
C ALA A 45 -5.79 -16.15 22.91
N GLN A 46 -4.55 -15.92 22.54
CA GLN A 46 -4.24 -15.59 21.15
C GLN A 46 -2.75 -15.66 20.90
N TYR A 47 -2.22 -16.88 20.84
CA TYR A 47 -0.81 -17.07 20.59
C TYR A 47 -0.44 -16.48 19.23
N ARG A 48 0.74 -15.88 19.14
CA ARG A 48 1.18 -15.27 17.88
C ARG A 48 0.79 -16.15 16.70
N GLY A 49 0.87 -17.47 16.89
CA GLY A 49 0.54 -18.43 15.83
C GLY A 49 -0.52 -17.88 14.86
N VAL A 50 -0.04 -17.45 13.70
CA VAL A 50 -0.92 -16.97 12.64
C VAL A 50 -1.76 -18.13 12.09
N LEU A 51 -1.28 -19.36 12.04
CA LEU A 51 -2.15 -20.41 11.50
C LEU A 51 -3.42 -20.55 12.34
N GLY A 52 -3.28 -20.31 13.64
CA GLY A 52 -4.38 -20.48 14.60
C GLY A 52 -5.57 -19.54 14.40
N THR A 53 -5.28 -18.26 14.25
CA THR A 53 -6.32 -17.24 14.07
C THR A 53 -7.13 -17.48 12.81
N ILE A 54 -6.48 -17.74 11.69
CA ILE A 54 -7.19 -17.94 10.44
C ILE A 54 -8.14 -19.12 10.60
N LEU A 55 -7.81 -20.19 11.35
CA LEU A 55 -8.76 -21.29 11.48
C LEU A 55 -10.03 -20.86 12.22
N THR A 56 -9.81 -19.97 13.16
CA THR A 56 -10.85 -19.47 14.06
C THR A 56 -11.93 -18.73 13.30
N MET A 57 -11.57 -17.96 12.28
CA MET A 57 -12.55 -17.16 11.55
C MET A 57 -13.65 -18.00 10.89
N VAL A 58 -13.31 -19.14 10.31
CA VAL A 58 -14.34 -19.92 9.63
C VAL A 58 -15.34 -20.57 10.61
N ARG A 59 -14.84 -21.08 11.73
CA ARG A 59 -15.70 -21.73 12.72
C ARG A 59 -16.46 -20.73 13.58
N THR A 60 -16.03 -19.48 13.50
CA THR A 60 -16.66 -18.41 14.26
C THR A 60 -18.13 -18.22 13.84
N GLU A 61 -18.33 -18.01 12.53
CA GLU A 61 -19.70 -17.86 12.00
C GLU A 61 -20.06 -19.09 11.15
N GLY A 62 -19.23 -19.45 10.16
CA GLY A 62 -19.52 -20.62 9.32
C GLY A 62 -18.81 -20.50 7.96
N PRO A 63 -18.68 -21.58 7.20
CA PRO A 63 -17.98 -21.52 5.86
C PRO A 63 -18.61 -20.48 4.93
N ARG A 64 -19.92 -20.32 5.00
CA ARG A 64 -20.64 -19.32 4.21
C ARG A 64 -20.17 -17.92 4.56
N SER A 65 -19.41 -17.86 5.64
CA SER A 65 -18.92 -16.57 6.10
C SER A 65 -17.74 -16.11 5.25
N LEU A 66 -16.94 -17.04 4.75
CA LEU A 66 -15.80 -16.69 3.90
C LEU A 66 -16.28 -16.31 2.50
N TYR A 67 -17.37 -16.94 2.04
CA TYR A 67 -17.89 -16.73 0.69
C TYR A 67 -18.94 -15.63 0.58
N ASN A 68 -19.26 -15.11 1.77
CA ASN A 68 -20.18 -13.97 1.86
C ASN A 68 -19.33 -12.69 1.93
N GLY A 69 -18.12 -12.80 1.36
CA GLY A 69 -17.20 -11.68 1.37
C GLY A 69 -16.13 -11.78 0.27
N LEU A 70 -15.98 -13.02 -0.20
CA LEU A 70 -14.98 -13.26 -1.25
C LEU A 70 -15.29 -12.42 -2.49
N VAL A 71 -16.58 -12.25 -2.76
CA VAL A 71 -17.00 -11.46 -3.90
C VAL A 71 -16.71 -9.99 -3.64
N ALA A 72 -16.70 -9.61 -2.36
CA ALA A 72 -16.44 -8.22 -2.00
C ALA A 72 -14.95 -7.88 -2.14
N GLY A 73 -14.05 -8.85 -1.95
CA GLY A 73 -12.64 -8.53 -2.04
C GLY A 73 -12.24 -8.20 -3.47
N LEU A 74 -12.79 -8.96 -4.41
CA LEU A 74 -12.45 -8.78 -5.81
C LEU A 74 -12.82 -7.39 -6.34
N GLN A 75 -14.00 -6.97 -5.88
CA GLN A 75 -14.51 -5.66 -6.29
C GLN A 75 -13.51 -4.58 -5.85
N ARG A 76 -12.79 -4.91 -4.79
CA ARG A 76 -11.69 -4.04 -4.33
C ARG A 76 -10.75 -3.90 -5.53
N GLN A 77 -10.38 -5.08 -6.04
CA GLN A 77 -9.46 -5.14 -7.18
C GLN A 77 -10.08 -4.58 -8.46
N MET A 78 -11.39 -4.73 -8.56
CA MET A 78 -12.10 -4.28 -9.75
C MET A 78 -11.96 -2.77 -9.98
N SER A 79 -12.05 -1.96 -8.93
CA SER A 79 -12.00 -0.52 -9.11
C SER A 79 -10.57 -0.06 -9.40
N PHE A 80 -9.53 -0.67 -8.84
CA PHE A 80 -8.17 -0.19 -9.04
C PHE A 80 -7.80 -0.16 -10.52
N ALA A 81 -8.15 -1.20 -11.24
CA ALA A 81 -7.80 -1.23 -12.65
C ALA A 81 -8.68 -0.28 -13.44
N SER A 82 -9.93 -0.12 -13.00
CA SER A 82 -10.86 0.79 -13.67
C SER A 82 -10.44 2.26 -13.59
N VAL A 83 -9.97 2.70 -12.42
CA VAL A 83 -9.50 4.07 -12.25
C VAL A 83 -8.23 4.29 -13.06
N ARG A 84 -7.45 3.23 -13.25
CA ARG A 84 -6.18 3.34 -13.96
C ARG A 84 -6.49 3.44 -15.44
N ILE A 85 -7.76 3.61 -15.75
CA ILE A 85 -8.20 3.77 -17.13
C ILE A 85 -8.11 5.26 -17.48
N GLY A 86 -7.98 6.10 -16.44
CA GLY A 86 -7.94 7.56 -16.63
C GLY A 86 -6.95 8.34 -15.74
N LEU A 87 -6.90 8.10 -14.43
CA LEU A 87 -5.97 8.86 -13.57
C LEU A 87 -4.48 8.48 -13.76
N TYR A 88 -4.29 7.36 -14.44
CA TYR A 88 -2.93 6.85 -14.67
C TYR A 88 -2.21 7.56 -15.82
N ASP A 89 -2.89 7.59 -16.94
CA ASP A 89 -2.33 8.24 -18.13
C ASP A 89 -2.29 9.76 -17.96
N SER A 90 -3.29 10.16 -17.22
CA SER A 90 -3.39 11.57 -16.87
C SER A 90 -2.26 12.03 -15.91
N VAL A 91 -2.00 11.37 -14.78
CA VAL A 91 -0.90 11.83 -13.90
C VAL A 91 0.49 11.50 -14.50
N LYS A 92 0.45 10.45 -15.29
CA LYS A 92 1.68 10.01 -15.99
C LYS A 92 2.12 11.04 -17.04
N GLN A 93 1.15 11.55 -17.79
CA GLN A 93 1.45 12.53 -18.82
C GLN A 93 1.67 13.90 -18.22
N PHE A 94 1.27 14.03 -16.96
CA PHE A 94 1.43 15.29 -16.21
C PHE A 94 2.87 15.47 -15.67
N TYR A 95 3.65 14.41 -15.49
CA TYR A 95 4.99 14.49 -14.89
C TYR A 95 6.10 14.24 -15.92
N THR A 96 5.81 13.42 -16.94
CA THR A 96 6.90 13.15 -17.91
C THR A 96 6.80 14.04 -19.17
N LYS A 97 5.93 15.04 -19.17
CA LYS A 97 5.83 15.93 -20.33
C LYS A 97 7.23 16.41 -20.73
N GLY A 98 7.67 16.22 -22.00
CA GLY A 98 9.03 16.70 -22.40
C GLY A 98 9.50 17.87 -21.53
N SER A 99 8.97 19.07 -21.84
CA SER A 99 9.25 20.30 -21.06
C SER A 99 10.24 21.29 -21.70
N GLU A 100 10.80 22.15 -20.86
CA GLU A 100 11.74 23.18 -21.34
C GLU A 100 13.06 23.18 -20.56
N HIS A 101 14.06 22.51 -21.13
CA HIS A 101 15.43 22.41 -20.56
C HIS A 101 15.50 22.91 -19.11
N ALA A 102 14.61 22.39 -18.27
CA ALA A 102 14.56 22.73 -16.85
C ALA A 102 13.16 22.39 -16.33
N GLY A 103 12.82 22.97 -15.18
CA GLY A 103 11.49 22.78 -14.60
C GLY A 103 11.47 21.79 -13.46
N ILE A 104 12.63 21.46 -12.90
CA ILE A 104 12.64 20.52 -11.81
C ILE A 104 11.84 21.08 -10.64
N GLY A 105 11.97 22.38 -10.40
CA GLY A 105 11.20 23.09 -9.37
C GLY A 105 9.71 23.13 -9.71
N SER A 106 9.47 23.33 -11.01
CA SER A 106 8.10 23.33 -11.54
C SER A 106 7.50 21.98 -11.20
N ARG A 107 8.26 20.91 -11.33
CA ARG A 107 7.71 19.60 -11.05
C ARG A 107 7.32 19.48 -9.58
N LEU A 108 8.10 20.06 -8.69
CA LEU A 108 7.77 20.02 -7.26
C LEU A 108 6.46 20.76 -7.02
N LEU A 109 6.36 21.96 -7.60
CA LEU A 109 5.15 22.76 -7.44
C LEU A 109 3.97 22.07 -8.13
N ALA A 110 4.12 21.58 -9.35
CA ALA A 110 3.04 20.89 -10.03
C ALA A 110 2.68 19.64 -9.26
N GLY A 111 3.69 18.89 -8.84
CA GLY A 111 3.41 17.66 -8.12
C GLY A 111 2.77 17.94 -6.77
N SER A 112 3.29 18.92 -6.06
CA SER A 112 2.73 19.27 -4.75
C SER A 112 1.29 19.76 -4.87
N THR A 113 1.04 20.62 -5.86
CA THR A 113 -0.33 21.09 -6.06
C THR A 113 -1.25 19.98 -6.58
N THR A 114 -0.85 19.23 -7.61
CA THR A 114 -1.76 18.25 -8.21
C THR A 114 -2.14 17.08 -7.31
N GLY A 115 -1.13 16.56 -6.61
CA GLY A 115 -1.29 15.41 -5.73
C GLY A 115 -2.21 15.69 -4.56
N ALA A 116 -1.96 16.86 -3.98
CA ALA A 116 -2.77 17.32 -2.87
C ALA A 116 -4.21 17.47 -3.38
N LEU A 117 -4.33 18.01 -4.59
CA LEU A 117 -5.64 18.19 -5.21
C LEU A 117 -6.32 16.84 -5.49
N ALA A 118 -5.55 15.86 -5.99
CA ALA A 118 -6.10 14.55 -6.34
C ALA A 118 -6.66 13.78 -5.15
N VAL A 119 -5.99 13.83 -4.00
CA VAL A 119 -6.47 13.12 -2.80
C VAL A 119 -7.83 13.65 -2.39
N ALA A 120 -7.99 14.90 -2.79
CA ALA A 120 -9.22 15.65 -2.49
C ALA A 120 -10.47 14.96 -3.05
N VAL A 121 -10.40 14.52 -4.30
CA VAL A 121 -11.54 13.86 -4.94
C VAL A 121 -11.71 12.39 -4.53
N ALA A 122 -10.62 11.62 -4.58
CA ALA A 122 -10.69 10.19 -4.28
C ALA A 122 -10.16 9.85 -2.88
N GLN A 123 -11.03 9.93 -1.87
CA GLN A 123 -10.65 9.58 -0.51
C GLN A 123 -11.62 8.55 0.15
N PRO A 124 -12.86 8.40 -0.28
CA PRO A 124 -13.79 7.43 0.37
C PRO A 124 -13.21 6.01 0.41
N THR A 125 -12.44 5.69 -0.61
CA THR A 125 -11.92 4.33 -0.68
C THR A 125 -10.90 4.04 0.41
N ASP A 126 -9.99 4.96 0.67
CA ASP A 126 -8.99 4.68 1.70
C ASP A 126 -9.57 4.59 3.11
N VAL A 127 -10.45 5.53 3.46
CA VAL A 127 -11.03 5.54 4.79
C VAL A 127 -11.94 4.35 5.11
N VAL A 128 -12.80 3.97 4.18
CA VAL A 128 -13.74 2.88 4.42
C VAL A 128 -13.06 1.52 4.61
N LYS A 129 -12.03 1.22 3.83
CA LYS A 129 -11.39 -0.10 3.96
C LYS A 129 -10.75 -0.29 5.33
N VAL A 130 -10.10 0.75 5.84
CA VAL A 130 -9.48 0.64 7.16
C VAL A 130 -10.54 0.61 8.26
N ARG A 131 -11.52 1.50 8.16
CA ARG A 131 -12.59 1.57 9.15
C ARG A 131 -13.45 0.30 9.13
N PHE A 132 -13.66 -0.25 7.94
CA PHE A 132 -14.48 -1.44 7.80
C PHE A 132 -13.81 -2.66 8.44
N GLN A 133 -12.51 -2.81 8.27
CA GLN A 133 -11.83 -3.96 8.87
C GLN A 133 -11.85 -3.86 10.40
N ALA A 134 -11.65 -2.65 10.92
CA ALA A 134 -11.58 -2.46 12.37
C ALA A 134 -12.88 -2.74 13.12
N GLN A 135 -14.02 -2.42 12.53
CA GLN A 135 -15.29 -2.71 13.19
C GLN A 135 -15.32 -4.23 13.41
N ALA A 136 -15.23 -4.63 14.69
CA ALA A 136 -15.06 -6.06 15.03
C ALA A 136 -16.30 -6.80 15.53
N ARG A 137 -15.97 -8.04 15.90
CA ARG A 137 -16.96 -8.97 16.42
C ARG A 137 -18.11 -9.15 15.43
N ALA A 138 -18.14 -10.29 14.75
CA ALA A 138 -19.17 -10.57 13.76
C ALA A 138 -20.54 -10.18 14.31
N GLY A 139 -21.09 -11.01 15.17
CA GLY A 139 -22.41 -10.75 15.75
C GLY A 139 -23.40 -10.32 14.68
N GLY A 140 -23.97 -11.29 13.99
CA GLY A 140 -24.94 -10.99 12.93
C GLY A 140 -26.29 -10.60 13.53
N GLY A 141 -26.25 -9.78 14.58
CA GLY A 141 -27.46 -9.33 15.24
C GLY A 141 -28.29 -8.45 14.32
N ARG A 142 -29.32 -9.03 13.71
CA ARG A 142 -30.18 -8.28 12.80
C ARG A 142 -29.34 -7.67 11.67
N ARG A 143 -30.00 -7.38 10.55
CA ARG A 143 -29.30 -6.81 9.41
C ARG A 143 -28.03 -7.60 9.10
N TYR A 144 -26.95 -6.88 8.79
CA TYR A 144 -25.69 -7.53 8.47
C TYR A 144 -24.53 -6.53 8.50
N GLN A 145 -24.82 -5.31 8.92
CA GLN A 145 -23.80 -4.26 8.99
C GLN A 145 -23.18 -4.02 7.61
N SER A 146 -22.85 -2.77 7.29
CA SER A 146 -22.25 -2.49 5.97
C SER A 146 -21.45 -1.18 5.98
N THR A 147 -20.90 -0.87 4.81
CA THR A 147 -20.06 0.32 4.67
C THR A 147 -20.81 1.62 4.91
N VAL A 148 -21.99 1.77 4.31
CA VAL A 148 -22.74 3.02 4.46
C VAL A 148 -23.14 3.21 5.92
N GLU A 149 -23.66 2.16 6.54
CA GLU A 149 -24.07 2.23 7.94
C GLU A 149 -22.89 2.40 8.89
N ALA A 150 -21.78 1.71 8.59
CA ALA A 150 -20.60 1.74 9.45
C ALA A 150 -20.00 3.13 9.61
N TYR A 151 -19.85 3.87 8.50
CA TYR A 151 -19.26 5.22 8.60
C TYR A 151 -20.15 6.12 9.45
N LYS A 152 -21.44 6.12 9.16
CA LYS A 152 -22.36 7.02 9.83
C LYS A 152 -22.57 6.74 11.32
N THR A 153 -22.75 5.50 11.73
CA THR A 153 -23.00 5.19 13.14
C THR A 153 -21.82 5.56 14.07
N ILE A 154 -20.60 5.23 13.65
CA ILE A 154 -19.39 5.59 14.40
C ILE A 154 -19.24 7.12 14.41
N ALA A 155 -19.58 7.69 13.25
CA ALA A 155 -19.57 9.15 13.07
C ALA A 155 -20.55 9.76 14.08
N ARG A 156 -21.69 9.16 14.42
CA ARG A 156 -22.63 9.84 15.31
C ARG A 156 -22.00 10.09 16.68
N GLU A 157 -21.43 9.06 17.29
CA GLU A 157 -20.75 9.17 18.57
C GLU A 157 -19.41 9.87 18.38
N GLU A 158 -18.59 9.41 17.44
CA GLU A 158 -17.25 9.95 17.30
C GLU A 158 -17.13 11.32 16.60
N GLY A 159 -17.96 11.57 15.58
CA GLY A 159 -17.94 12.87 14.89
C GLY A 159 -17.01 12.87 13.68
N ILE A 160 -16.72 14.06 13.16
CA ILE A 160 -15.86 14.22 12.01
C ILE A 160 -14.41 13.97 12.39
N ARG A 161 -14.04 14.52 13.54
CA ARG A 161 -12.68 14.40 14.01
C ARG A 161 -12.27 12.95 14.17
N GLY A 162 -13.22 12.09 14.54
CA GLY A 162 -12.86 10.69 14.69
C GLY A 162 -12.38 10.14 13.35
N LEU A 163 -13.12 10.59 12.35
CA LEU A 163 -12.94 10.19 10.95
C LEU A 163 -11.68 10.70 10.25
N TRP A 164 -11.33 11.92 10.68
CA TRP A 164 -10.19 12.64 10.12
C TRP A 164 -8.90 12.09 10.71
N LYS A 165 -9.04 11.22 11.70
CA LYS A 165 -7.89 10.68 12.40
C LYS A 165 -6.75 10.30 11.44
N GLY A 166 -7.08 9.57 10.39
CA GLY A 166 -6.13 9.12 9.37
C GLY A 166 -6.03 10.13 8.22
N THR A 167 -7.15 10.75 7.88
CA THR A 167 -7.19 11.74 6.80
C THR A 167 -6.04 12.77 6.82
N SER A 168 -5.82 13.45 7.96
CA SER A 168 -4.79 14.50 8.01
C SER A 168 -3.36 13.97 7.76
N PRO A 169 -2.92 12.94 8.43
CA PRO A 169 -1.59 12.34 8.16
C PRO A 169 -1.53 11.74 6.75
N ASN A 170 -2.68 11.31 6.24
CA ASN A 170 -2.75 10.70 4.92
C ASN A 170 -2.36 11.68 3.81
N VAL A 171 -2.78 12.94 3.95
CA VAL A 171 -2.46 13.96 2.93
C VAL A 171 -0.96 14.15 2.80
N ALA A 172 -0.26 14.19 3.94
CA ALA A 172 1.18 14.39 3.93
C ALA A 172 1.89 13.25 3.21
N ARG A 173 1.41 12.02 3.40
CA ARG A 173 2.05 10.87 2.76
C ARG A 173 1.99 10.99 1.24
N ASN A 174 0.86 11.43 0.71
CA ASN A 174 0.72 11.59 -0.74
C ASN A 174 1.73 12.60 -1.27
N ALA A 175 1.87 13.70 -0.54
CA ALA A 175 2.79 14.76 -0.92
C ALA A 175 4.24 14.30 -0.89
N ILE A 176 4.60 13.55 0.15
CA ILE A 176 5.97 13.10 0.32
C ILE A 176 6.45 12.17 -0.80
N VAL A 177 5.64 11.20 -1.20
CA VAL A 177 6.08 10.28 -2.25
C VAL A 177 6.41 11.02 -3.54
N ASN A 178 5.54 11.93 -3.96
CA ASN A 178 5.78 12.72 -5.17
C ASN A 178 7.03 13.59 -5.02
N CYS A 179 7.13 14.19 -3.86
CA CYS A 179 8.27 15.04 -3.53
C CYS A 179 9.55 14.20 -3.59
N ALA A 180 9.41 13.03 -2.96
CA ALA A 180 10.43 11.99 -2.93
C ALA A 180 10.67 11.48 -4.35
N GLU A 181 9.58 11.36 -5.12
CA GLU A 181 9.59 10.82 -6.49
C GLU A 181 10.48 11.64 -7.44
N LEU A 182 10.37 12.96 -7.42
CA LEU A 182 11.12 13.78 -8.38
C LEU A 182 12.65 13.66 -8.15
N VAL A 183 13.05 13.60 -6.88
CA VAL A 183 14.50 13.48 -6.64
C VAL A 183 15.00 12.15 -7.21
N THR A 184 14.30 11.05 -6.93
CA THR A 184 14.72 9.73 -7.38
C THR A 184 14.73 9.58 -8.91
N TYR A 185 13.64 10.06 -9.52
CA TYR A 185 13.41 10.01 -10.97
C TYR A 185 14.54 10.67 -11.77
N ASP A 186 15.04 11.80 -11.28
CA ASP A 186 16.11 12.50 -11.98
C ASP A 186 17.26 11.54 -12.17
N LEU A 187 17.57 10.81 -11.12
CA LEU A 187 18.64 9.84 -11.14
C LEU A 187 18.29 8.75 -12.18
N ILE A 188 17.02 8.37 -12.25
CA ILE A 188 16.61 7.34 -13.21
C ILE A 188 16.82 7.81 -14.66
N LYS A 189 16.49 9.06 -15.02
CA LYS A 189 16.70 9.62 -16.36
C LYS A 189 18.18 9.62 -16.74
N ASP A 190 18.97 9.96 -15.76
CA ASP A 190 20.41 10.10 -15.95
C ASP A 190 21.03 8.76 -16.28
N THR A 191 20.57 7.67 -15.66
CA THR A 191 21.14 6.35 -15.92
C THR A 191 20.28 5.50 -16.86
N LEU A 192 20.94 4.98 -17.89
CA LEU A 192 20.32 4.11 -18.89
C LEU A 192 19.31 4.87 -19.77
N LEU A 193 19.23 6.19 -19.61
CA LEU A 193 18.26 6.97 -20.41
C LEU A 193 18.88 8.32 -20.81
N LYS A 194 19.73 8.36 -21.85
CA LYS A 194 20.37 9.59 -22.31
C LYS A 194 19.83 10.00 -23.69
N ALA A 195 18.50 10.02 -23.83
CA ALA A 195 17.79 10.40 -25.06
C ALA A 195 16.87 9.26 -25.51
N ASN A 196 16.34 8.55 -24.52
CA ASN A 196 15.48 7.38 -24.74
C ASN A 196 16.30 6.10 -24.48
N LEU A 197 16.13 5.10 -25.35
CA LEU A 197 16.85 3.84 -25.22
C LEU A 197 16.51 2.93 -26.41
N MET A 198 16.77 3.43 -27.62
CA MET A 198 16.49 2.66 -28.83
C MET A 198 17.61 1.66 -29.10
N THR A 199 18.29 1.21 -28.04
CA THR A 199 19.39 0.25 -28.17
C THR A 199 18.87 -1.18 -28.16
N ASP A 200 19.74 -2.14 -28.51
CA ASP A 200 19.37 -3.56 -28.54
C ASP A 200 19.94 -4.30 -27.33
N ASP A 201 20.49 -5.50 -27.59
CA ASP A 201 21.06 -6.32 -26.52
C ASP A 201 20.11 -6.34 -25.31
N LEU A 202 18.88 -6.78 -25.55
CA LEU A 202 17.88 -6.82 -24.48
C LEU A 202 18.27 -7.77 -23.34
N PRO A 203 18.79 -8.95 -23.60
CA PRO A 203 19.14 -9.89 -22.50
C PRO A 203 20.20 -9.28 -21.58
N CYS A 204 21.05 -8.51 -22.24
CA CYS A 204 22.15 -7.86 -21.54
C CYS A 204 21.65 -6.87 -20.52
N HIS A 205 20.64 -6.12 -20.92
CA HIS A 205 20.09 -5.09 -20.07
C HIS A 205 19.40 -5.67 -18.83
N PHE A 206 18.73 -6.81 -19.02
CA PHE A 206 18.01 -7.47 -17.93
C PHE A 206 18.96 -7.91 -16.83
N THR A 207 20.08 -8.58 -17.13
CA THR A 207 20.99 -9.01 -16.08
C THR A 207 21.53 -7.81 -15.32
N SER A 208 21.80 -6.72 -16.03
CA SER A 208 22.28 -5.53 -15.36
C SER A 208 21.24 -5.08 -14.36
N ALA A 209 19.97 -5.15 -14.78
CA ALA A 209 18.89 -4.73 -13.90
C ALA A 209 18.77 -5.58 -12.65
N PHE A 210 18.91 -6.91 -12.78
CA PHE A 210 18.73 -7.77 -11.63
C PHE A 210 19.75 -7.53 -10.51
N GLY A 211 21.03 -7.47 -10.92
CA GLY A 211 22.09 -7.18 -9.96
C GLY A 211 21.85 -5.80 -9.36
N ALA A 212 21.48 -4.89 -10.25
CA ALA A 212 21.15 -3.51 -9.88
C ALA A 212 19.92 -3.52 -8.99
N GLY A 213 19.00 -4.41 -9.33
CA GLY A 213 17.74 -4.51 -8.62
C GLY A 213 17.96 -4.90 -7.17
N PHE A 214 18.85 -5.85 -6.91
CA PHE A 214 19.09 -6.25 -5.54
C PHE A 214 19.75 -5.11 -4.77
N CYS A 215 20.69 -4.42 -5.42
CA CYS A 215 21.33 -3.27 -4.77
C CYS A 215 20.28 -2.17 -4.54
N THR A 216 19.43 -2.01 -5.56
CA THR A 216 18.34 -1.02 -5.56
C THR A 216 17.34 -1.30 -4.46
N THR A 217 17.02 -2.58 -4.26
CA THR A 217 16.00 -2.93 -3.28
C THR A 217 16.40 -2.43 -1.90
N VAL A 218 17.66 -2.51 -1.51
CA VAL A 218 18.03 -2.00 -0.20
C VAL A 218 17.72 -0.51 -0.17
N ILE A 219 18.03 0.20 -1.26
CA ILE A 219 17.72 1.62 -1.38
C ILE A 219 16.21 1.84 -1.31
N ALA A 220 15.51 0.94 -2.01
CA ALA A 220 14.04 0.95 -2.14
C ALA A 220 13.25 0.75 -0.83
N SER A 221 13.73 -0.13 0.05
CA SER A 221 12.96 -0.51 1.25
C SER A 221 12.59 0.66 2.17
N PRO A 222 13.46 1.58 2.42
CA PRO A 222 13.14 2.73 3.31
C PRO A 222 11.95 3.56 2.80
N VAL A 223 11.85 3.83 1.50
CA VAL A 223 10.70 4.58 1.02
C VAL A 223 9.43 3.74 1.22
N ASP A 224 9.58 2.43 1.03
CA ASP A 224 8.48 1.48 1.16
C ASP A 224 7.95 1.34 2.58
N VAL A 225 8.84 1.31 3.57
CA VAL A 225 8.41 1.10 4.95
C VAL A 225 7.57 2.25 5.50
N VAL A 226 8.01 3.49 5.29
CA VAL A 226 7.26 4.63 5.80
C VAL A 226 5.89 4.71 5.14
N LYS A 227 5.84 4.42 3.84
CA LYS A 227 4.57 4.46 3.11
C LYS A 227 3.56 3.47 3.69
N THR A 228 4.03 2.26 3.96
CA THR A 228 3.17 1.20 4.49
C THR A 228 2.53 1.56 5.84
N ARG A 229 3.32 2.15 6.72
CA ARG A 229 2.82 2.50 8.05
C ARG A 229 1.50 3.26 7.97
N TYR A 230 0.65 3.01 8.97
CA TYR A 230 -0.69 3.62 9.08
C TYR A 230 -1.56 2.77 10.05
N MET A 231 -2.82 3.18 10.23
CA MET A 231 -3.75 2.45 11.11
C MET A 231 -3.04 1.80 12.29
N ASN A 232 -3.13 2.42 13.47
CA ASN A 232 -2.48 1.86 14.65
C ASN A 232 -2.73 2.74 15.88
N SER A 233 -3.13 2.10 16.98
CA SER A 233 -3.40 2.81 18.22
C SER A 233 -4.43 3.92 17.98
N ALA A 234 -5.04 4.41 19.05
CA ALA A 234 -6.04 5.47 18.94
C ALA A 234 -6.50 5.93 20.33
N LEU A 235 -5.61 6.56 21.07
CA LEU A 235 -5.94 7.05 22.42
C LEU A 235 -6.19 8.55 22.39
N GLY A 236 -5.14 9.35 22.54
CA GLY A 236 -5.28 10.80 22.54
C GLY A 236 -4.00 11.48 22.04
N GLN A 237 -3.71 12.66 22.61
CA GLN A 237 -2.51 13.43 22.22
C GLN A 237 -2.17 13.24 20.75
N TYR A 238 -0.89 13.23 20.40
CA TYR A 238 -0.48 13.03 19.02
C TYR A 238 -1.18 14.04 18.12
N HIS A 239 -0.75 15.30 18.13
CA HIS A 239 -1.45 16.25 17.28
C HIS A 239 -1.24 15.97 15.79
N SER A 240 0.05 15.88 15.38
CA SER A 240 0.45 15.63 13.97
C SER A 240 1.77 14.84 13.95
N ALA A 241 2.37 14.65 12.77
CA ALA A 241 3.67 13.93 12.69
C ALA A 241 4.67 14.74 13.53
N GLY A 242 4.67 16.05 13.40
CA GLY A 242 5.65 16.93 14.04
C GLY A 242 5.66 16.71 15.54
N HIS A 243 4.49 16.40 16.13
CA HIS A 243 4.48 16.14 17.56
C HIS A 243 5.50 15.08 17.91
N CYS A 244 5.63 14.10 17.03
CA CYS A 244 6.59 13.02 17.24
C CYS A 244 8.02 13.55 17.31
N ALA A 245 8.38 14.45 16.40
CA ALA A 245 9.75 14.96 16.36
C ALA A 245 10.14 15.66 17.67
N LEU A 246 9.28 16.52 18.19
CA LEU A 246 9.62 17.20 19.44
C LEU A 246 9.66 16.21 20.60
N THR A 247 8.66 15.33 20.68
CA THR A 247 8.59 14.36 21.77
C THR A 247 9.76 13.36 21.77
N MET A 248 10.05 12.77 20.62
CA MET A 248 11.12 11.77 20.53
C MET A 248 12.49 12.34 20.88
N LEU A 249 12.82 13.52 20.37
CA LEU A 249 14.11 14.16 20.61
C LEU A 249 14.29 14.43 22.11
N ARG A 250 13.26 15.00 22.73
CA ARG A 250 13.33 15.31 24.14
C ARG A 250 13.40 14.04 24.98
N LYS A 251 12.45 13.13 24.77
CA LYS A 251 12.42 11.87 25.53
C LYS A 251 13.40 10.85 24.96
N GLU A 252 12.89 9.66 24.63
CA GLU A 252 13.73 8.57 24.10
C GLU A 252 14.63 9.04 22.97
N GLY A 253 15.94 8.95 23.19
CA GLY A 253 16.91 9.35 22.19
C GLY A 253 16.58 8.74 20.82
N PRO A 254 17.33 9.10 19.81
CA PRO A 254 17.12 8.57 18.42
C PRO A 254 17.26 7.04 18.37
N ARG A 255 17.53 6.43 19.52
CA ARG A 255 17.71 4.98 19.64
C ARG A 255 16.40 4.23 19.41
N ALA A 256 15.28 4.91 19.67
CA ALA A 256 13.98 4.27 19.52
C ALA A 256 13.80 3.77 18.09
N PHE A 257 14.41 4.48 17.13
CA PHE A 257 14.33 4.07 15.73
C PHE A 257 14.97 2.68 15.53
N TYR A 258 16.12 2.49 16.19
CA TYR A 258 16.87 1.25 16.06
C TYR A 258 16.15 0.03 16.62
N LYS A 259 15.47 0.21 17.75
CA LYS A 259 14.71 -0.87 18.39
C LYS A 259 13.36 -1.03 17.68
N GLY A 260 12.60 -2.06 18.04
CA GLY A 260 11.29 -2.29 17.43
C GLY A 260 11.43 -2.56 15.93
N PHE A 261 11.37 -3.83 15.55
CA PHE A 261 11.50 -4.18 14.13
C PHE A 261 11.26 -5.68 13.92
N MET A 262 10.87 -6.39 14.96
CA MET A 262 10.61 -7.83 14.82
C MET A 262 9.44 -8.06 13.88
N PRO A 263 8.38 -7.31 14.01
CA PRO A 263 7.17 -7.45 13.14
C PRO A 263 7.50 -7.10 11.69
N SER A 264 8.21 -5.99 11.52
CA SER A 264 8.61 -5.51 10.20
C SER A 264 9.49 -6.53 9.48
N PHE A 265 10.37 -7.16 10.22
CA PHE A 265 11.29 -8.12 9.63
C PHE A 265 10.56 -9.32 8.99
N LEU A 266 9.56 -9.76 9.75
CA LEU A 266 8.67 -10.81 9.28
C LEU A 266 7.94 -10.30 8.03
N ARG A 267 7.58 -9.02 8.05
CA ARG A 267 6.90 -8.38 6.91
C ARG A 267 7.80 -8.39 5.68
N LEU A 268 9.08 -8.15 5.93
CA LEU A 268 10.09 -8.06 4.87
C LEU A 268 10.25 -9.37 4.08
N GLY A 269 10.12 -10.52 4.73
CA GLY A 269 10.32 -11.79 4.01
C GLY A 269 9.18 -11.97 3.01
N SER A 270 7.94 -11.83 3.48
CA SER A 270 6.75 -11.97 2.64
C SER A 270 6.76 -10.89 1.57
N TRP A 271 7.10 -9.67 1.97
CA TRP A 271 7.16 -8.55 1.04
C TRP A 271 8.17 -8.83 -0.06
N ASN A 272 9.27 -9.48 0.31
CA ASN A 272 10.34 -9.82 -0.65
C ASN A 272 9.77 -10.77 -1.71
N VAL A 273 8.89 -11.68 -1.29
CA VAL A 273 8.30 -12.65 -2.21
C VAL A 273 7.54 -11.93 -3.32
N VAL A 274 6.85 -10.84 -2.99
CA VAL A 274 6.10 -10.10 -3.99
C VAL A 274 7.03 -9.53 -5.06
N MET A 275 8.18 -9.01 -4.66
CA MET A 275 9.14 -8.45 -5.61
C MET A 275 9.61 -9.54 -6.59
N PHE A 276 9.81 -10.74 -6.08
CA PHE A 276 10.29 -11.88 -6.88
C PHE A 276 9.33 -12.21 -8.04
N VAL A 277 8.03 -12.17 -7.80
CA VAL A 277 7.05 -12.58 -8.82
C VAL A 277 7.11 -11.71 -10.10
N THR A 278 7.28 -10.40 -9.96
CA THR A 278 7.39 -9.55 -11.16
C THR A 278 8.64 -9.97 -11.94
N TYR A 279 9.69 -10.27 -11.19
CA TYR A 279 10.93 -10.74 -11.78
C TYR A 279 10.61 -12.06 -12.50
N GLU A 280 9.74 -12.87 -11.94
CA GLU A 280 9.47 -14.15 -12.59
C GLU A 280 8.97 -13.90 -14.01
N GLN A 281 8.12 -12.90 -14.20
CA GLN A 281 7.62 -12.59 -15.54
C GLN A 281 8.79 -12.24 -16.47
N LEU A 282 9.68 -11.46 -15.88
CA LEU A 282 10.88 -11.03 -16.61
C LEU A 282 11.70 -12.26 -17.02
N LYS A 283 11.76 -13.24 -16.13
CA LYS A 283 12.50 -14.47 -16.39
C LYS A 283 11.90 -15.23 -17.58
N ARG A 284 10.58 -15.32 -17.60
CA ARG A 284 9.86 -16.02 -18.67
C ARG A 284 8.87 -15.05 -19.31
N ALA A 285 9.09 -14.74 -20.60
CA ALA A 285 8.23 -13.79 -21.33
C ALA A 285 7.45 -14.47 -22.44
N LEU A 286 6.92 -13.65 -23.35
CA LEU A 286 6.21 -14.20 -24.49
C LEU A 286 7.23 -14.82 -25.44
N MET A 287 7.16 -16.13 -25.61
CA MET A 287 8.09 -16.85 -26.48
C MET A 287 7.51 -17.06 -27.88
N ALA A 288 7.22 -15.98 -28.59
CA ALA A 288 6.63 -16.08 -29.92
C ALA A 288 6.48 -14.70 -30.56
N ALA A 289 7.43 -14.43 -31.45
CA ALA A 289 7.52 -13.13 -32.13
C ALA A 289 6.31 -12.83 -33.02
N TYR A 290 5.91 -13.82 -33.82
CA TYR A 290 4.80 -13.65 -34.75
C TYR A 290 3.53 -13.25 -33.99
N GLN A 291 3.31 -13.84 -32.83
CA GLN A 291 2.12 -13.55 -32.05
C GLN A 291 2.11 -12.08 -31.62
N SER A 292 3.23 -11.60 -31.10
CA SER A 292 3.31 -10.20 -30.68
C SER A 292 3.18 -9.28 -31.89
N ARG A 293 3.77 -9.69 -33.01
CA ARG A 293 3.73 -8.91 -34.24
C ARG A 293 2.29 -8.74 -34.76
N GLU A 294 1.52 -9.81 -34.71
CA GLU A 294 0.14 -9.81 -35.22
C GLU A 294 -0.82 -8.89 -34.46
N ALA A 295 -0.68 -8.78 -33.14
CA ALA A 295 -1.60 -7.97 -32.36
C ALA A 295 -1.63 -6.48 -32.78
N PRO A 296 -0.50 -5.81 -32.85
CA PRO A 296 -0.45 -4.38 -33.26
C PRO A 296 -0.64 -4.20 -34.77
N PHE A 297 -0.82 -5.32 -35.48
CA PHE A 297 -1.01 -5.28 -36.92
C PHE A 297 0.17 -4.59 -37.59
N MET A 1 -1.90 -13.37 -27.79
CA MET A 1 -3.19 -13.50 -27.05
C MET A 1 -2.99 -13.03 -25.61
N THR A 2 -2.04 -12.12 -25.41
CA THR A 2 -1.76 -11.59 -24.08
C THR A 2 -1.16 -10.18 -24.21
N VAL A 3 -2.00 -9.17 -24.03
CA VAL A 3 -1.57 -7.78 -24.15
C VAL A 3 -1.05 -7.25 -22.82
N LYS A 4 -0.65 -5.98 -22.81
CA LYS A 4 -0.14 -5.31 -21.62
C LYS A 4 -1.23 -5.24 -20.55
N PHE A 5 -2.44 -4.94 -21.00
CA PHE A 5 -3.57 -4.83 -20.08
C PHE A 5 -3.89 -6.15 -19.38
N LEU A 6 -3.84 -7.23 -20.14
CA LEU A 6 -4.14 -8.56 -19.62
C LEU A 6 -2.94 -9.14 -18.85
N GLY A 7 -1.74 -8.70 -19.23
CA GLY A 7 -0.53 -9.12 -18.54
C GLY A 7 -0.58 -8.54 -17.14
N ALA A 8 -1.04 -7.30 -17.11
CA ALA A 8 -1.27 -6.51 -15.91
C ALA A 8 -2.49 -7.10 -15.21
N GLY A 9 -3.30 -7.59 -16.13
CA GLY A 9 -4.55 -8.20 -15.72
C GLY A 9 -4.23 -9.43 -14.89
N THR A 10 -3.25 -10.21 -15.33
CA THR A 10 -2.83 -11.40 -14.59
C THR A 10 -2.11 -10.96 -13.31
N ALA A 11 -1.50 -9.78 -13.39
CA ALA A 11 -0.75 -9.23 -12.27
C ALA A 11 -1.65 -8.90 -11.09
N ALA A 12 -2.73 -8.17 -11.34
CA ALA A 12 -3.58 -7.79 -10.22
C ALA A 12 -4.16 -9.03 -9.53
N CYS A 13 -4.48 -10.06 -10.30
CA CYS A 13 -5.07 -11.26 -9.72
C CYS A 13 -4.10 -11.95 -8.76
N ILE A 14 -2.89 -12.25 -9.23
CA ILE A 14 -1.92 -12.97 -8.39
C ILE A 14 -1.45 -12.20 -7.16
N ALA A 15 -1.22 -10.89 -7.29
CA ALA A 15 -0.63 -10.15 -6.18
C ALA A 15 -1.51 -10.11 -4.94
N ASP A 16 -2.82 -9.92 -5.07
CA ASP A 16 -3.63 -9.80 -3.87
C ASP A 16 -3.86 -11.19 -3.28
N LEU A 17 -3.86 -12.24 -4.07
CA LEU A 17 -4.11 -13.56 -3.50
C LEU A 17 -3.07 -13.93 -2.43
N ILE A 18 -1.77 -13.90 -2.79
CA ILE A 18 -0.72 -14.24 -1.82
C ILE A 18 -0.47 -13.12 -0.81
N THR A 19 -1.17 -12.00 -1.04
CA THR A 19 -0.99 -10.83 -0.14
C THR A 19 -2.23 -10.64 0.70
N PHE A 20 -3.38 -11.21 0.40
CA PHE A 20 -4.52 -10.92 1.25
C PHE A 20 -4.36 -11.54 2.66
N PRO A 21 -3.95 -12.79 2.81
CA PRO A 21 -3.74 -13.37 4.19
C PRO A 21 -2.66 -12.61 4.98
N LEU A 22 -1.86 -11.81 4.28
CA LEU A 22 -0.77 -11.09 4.95
C LEU A 22 -1.25 -10.02 5.93
N ASP A 23 -2.36 -9.38 5.57
CA ASP A 23 -2.92 -8.33 6.40
C ASP A 23 -3.38 -8.87 7.75
N THR A 24 -3.97 -10.05 7.73
CA THR A 24 -4.47 -10.66 8.95
C THR A 24 -3.36 -10.87 9.97
N ALA A 25 -2.16 -11.17 9.51
CA ALA A 25 -1.05 -11.37 10.44
C ALA A 25 -0.65 -10.07 11.14
N LYS A 26 -0.70 -8.97 10.40
CA LYS A 26 -0.28 -7.68 10.96
C LYS A 26 -1.15 -7.30 12.16
N VAL A 27 -2.47 -7.36 12.04
CA VAL A 27 -3.35 -6.96 13.13
C VAL A 27 -3.17 -7.84 14.37
N ARG A 28 -2.99 -9.14 14.19
CA ARG A 28 -2.82 -10.03 15.33
C ARG A 28 -1.61 -9.62 16.16
N LEU A 29 -0.52 -9.27 15.47
CA LEU A 29 0.72 -8.86 16.13
C LEU A 29 0.53 -7.60 17.00
N GLN A 30 -0.60 -7.50 17.69
CA GLN A 30 -0.85 -6.34 18.54
C GLN A 30 -0.14 -6.48 19.87
N ILE A 31 0.30 -5.34 20.44
CA ILE A 31 0.99 -5.35 21.73
C ILE A 31 -0.02 -5.39 22.87
N GLN A 32 -0.93 -6.36 22.82
CA GLN A 32 -1.95 -6.50 23.85
C GLN A 32 -2.56 -5.14 24.19
N GLY A 33 -3.42 -4.64 23.29
CA GLY A 33 -4.07 -3.35 23.49
C GLY A 33 -5.33 -3.24 22.64
N GLU A 34 -6.27 -4.15 22.87
CA GLU A 34 -7.51 -4.14 22.11
C GLU A 34 -8.39 -2.96 22.52
N SER A 35 -7.96 -2.25 23.57
CA SER A 35 -8.72 -1.10 24.05
C SER A 35 -10.14 -1.51 24.42
N GLN A 36 -10.26 -2.57 25.21
CA GLN A 36 -11.57 -3.07 25.64
C GLN A 36 -11.50 -3.59 27.08
N GLY A 37 -10.30 -3.87 27.57
CA GLY A 37 -10.13 -4.37 28.93
C GLY A 37 -10.20 -5.90 28.96
N LEU A 38 -10.61 -6.47 27.84
CA LEU A 38 -10.76 -7.92 27.73
C LEU A 38 -9.41 -8.64 27.86
N VAL A 39 -8.37 -8.05 27.30
CA VAL A 39 -7.05 -8.66 27.35
C VAL A 39 -6.56 -8.84 28.78
N ARG A 40 -6.73 -7.81 29.61
CA ARG A 40 -6.28 -7.91 30.99
C ARG A 40 -7.09 -8.97 31.74
N THR A 41 -8.36 -9.12 31.37
CA THR A 41 -9.22 -10.10 32.00
C THR A 41 -8.77 -11.52 31.65
N ALA A 42 -8.34 -11.70 30.41
CA ALA A 42 -7.88 -13.00 29.94
C ALA A 42 -6.39 -13.20 30.24
N ALA A 43 -5.74 -14.03 29.44
CA ALA A 43 -4.32 -14.30 29.62
C ALA A 43 -3.75 -14.92 28.35
N SER A 44 -4.38 -16.00 27.88
CA SER A 44 -3.97 -16.70 26.66
C SER A 44 -5.17 -16.85 25.75
N ALA A 45 -5.29 -18.01 25.12
CA ALA A 45 -6.41 -18.32 24.23
C ALA A 45 -6.07 -18.01 22.78
N GLN A 46 -4.79 -17.82 22.48
CA GLN A 46 -4.36 -17.50 21.13
C GLN A 46 -2.85 -17.24 21.12
N TYR A 47 -2.13 -18.00 20.31
CA TYR A 47 -0.67 -17.83 20.19
C TYR A 47 -0.36 -17.16 18.87
N ARG A 48 0.83 -16.55 18.77
CA ARG A 48 1.21 -15.89 17.52
C ARG A 48 0.82 -16.75 16.33
N GLY A 49 0.89 -18.08 16.54
CA GLY A 49 0.56 -19.06 15.50
C GLY A 49 -0.52 -18.54 14.55
N VAL A 50 -0.08 -18.12 13.37
CA VAL A 50 -0.98 -17.67 12.32
C VAL A 50 -1.82 -18.84 11.82
N LEU A 51 -1.32 -20.09 11.77
CA LEU A 51 -2.18 -21.15 11.28
C LEU A 51 -3.43 -21.28 12.17
N GLY A 52 -3.24 -20.99 13.46
CA GLY A 52 -4.30 -21.14 14.46
C GLY A 52 -5.49 -20.20 14.25
N THR A 53 -5.17 -18.93 14.05
CA THR A 53 -6.21 -17.91 13.85
C THR A 53 -7.05 -18.19 12.61
N ILE A 54 -6.41 -18.51 11.49
CA ILE A 54 -7.18 -18.76 10.28
C ILE A 54 -8.14 -19.92 10.56
N LEU A 55 -7.78 -20.92 11.35
CA LEU A 55 -8.72 -22.01 11.61
C LEU A 55 -9.97 -21.55 12.36
N THR A 56 -9.75 -20.57 13.24
CA THR A 56 -10.73 -20.03 14.16
C THR A 56 -11.86 -19.37 13.41
N MET A 57 -11.59 -18.62 12.35
CA MET A 57 -12.65 -17.89 11.63
C MET A 57 -13.73 -18.81 11.04
N VAL A 58 -13.36 -19.98 10.51
CA VAL A 58 -14.38 -20.82 9.88
C VAL A 58 -15.39 -21.42 10.87
N ARG A 59 -14.93 -21.86 12.03
CA ARG A 59 -15.83 -22.46 13.01
C ARG A 59 -16.63 -21.42 13.78
N THR A 60 -16.18 -20.17 13.64
CA THR A 60 -16.83 -19.04 14.30
C THR A 60 -18.26 -18.85 13.81
N GLU A 61 -18.42 -18.72 12.48
CA GLU A 61 -19.74 -18.55 11.88
C GLU A 61 -20.13 -19.82 11.12
N GLY A 62 -19.31 -20.22 10.15
CA GLY A 62 -19.59 -21.42 9.35
C GLY A 62 -18.87 -21.33 7.99
N PRO A 63 -18.76 -22.43 7.28
CA PRO A 63 -18.06 -22.44 5.96
C PRO A 63 -18.68 -21.44 4.98
N ARG A 64 -20.00 -21.28 5.07
CA ARG A 64 -20.72 -20.30 4.24
C ARG A 64 -20.23 -18.89 4.53
N SER A 65 -19.44 -18.81 5.59
CA SER A 65 -18.91 -17.50 6.00
C SER A 65 -17.74 -17.10 5.11
N LEU A 66 -17.00 -18.09 4.64
CA LEU A 66 -15.87 -17.92 3.73
C LEU A 66 -16.33 -17.62 2.30
N TYR A 67 -17.52 -18.15 1.94
CA TYR A 67 -18.02 -18.09 0.56
C TYR A 67 -18.80 -16.80 0.25
N ASN A 68 -18.91 -16.02 1.32
CA ASN A 68 -19.56 -14.70 1.22
C ASN A 68 -18.54 -13.63 1.57
N GLY A 69 -18.50 -12.57 0.77
CA GLY A 69 -17.53 -11.50 0.97
C GLY A 69 -16.41 -11.64 -0.07
N LEU A 70 -16.25 -12.89 -0.51
CA LEU A 70 -15.21 -13.17 -1.50
C LEU A 70 -15.45 -12.35 -2.76
N VAL A 71 -16.72 -12.16 -3.07
CA VAL A 71 -17.09 -11.36 -4.22
C VAL A 71 -16.78 -9.90 -3.95
N ALA A 72 -16.79 -9.54 -2.67
CA ALA A 72 -16.50 -8.16 -2.29
C ALA A 72 -15.01 -7.85 -2.39
N GLY A 73 -14.13 -8.83 -2.16
CA GLY A 73 -12.69 -8.55 -2.21
C GLY A 73 -12.24 -8.21 -3.63
N LEU A 74 -12.79 -8.95 -4.57
CA LEU A 74 -12.41 -8.79 -5.96
C LEU A 74 -12.74 -7.41 -6.52
N GLN A 75 -13.90 -6.94 -6.10
CA GLN A 75 -14.36 -5.62 -6.56
C GLN A 75 -13.36 -4.53 -6.10
N ARG A 76 -12.67 -4.84 -5.00
CA ARG A 76 -11.58 -3.97 -4.53
C ARG A 76 -10.58 -3.90 -5.68
N GLN A 77 -10.20 -5.09 -6.10
CA GLN A 77 -9.21 -5.24 -7.16
C GLN A 77 -9.73 -4.73 -8.50
N MET A 78 -11.03 -4.84 -8.66
CA MET A 78 -11.69 -4.39 -9.88
C MET A 78 -11.51 -2.89 -10.12
N SER A 79 -11.60 -2.07 -9.07
CA SER A 79 -11.52 -0.63 -9.27
C SER A 79 -10.08 -0.19 -9.54
N PHE A 80 -9.06 -0.80 -8.95
CA PHE A 80 -7.68 -0.34 -9.16
C PHE A 80 -7.30 -0.33 -10.63
N ALA A 81 -7.65 -1.38 -11.34
CA ALA A 81 -7.29 -1.45 -12.75
C ALA A 81 -8.14 -0.50 -13.58
N SER A 82 -9.38 -0.30 -13.17
CA SER A 82 -10.29 0.59 -13.86
C SER A 82 -9.86 2.07 -13.84
N VAL A 83 -9.36 2.52 -12.69
CA VAL A 83 -8.87 3.90 -12.56
C VAL A 83 -7.60 4.07 -13.39
N ARG A 84 -6.85 2.99 -13.59
CA ARG A 84 -5.59 3.06 -14.31
C ARG A 84 -5.92 3.14 -15.81
N ILE A 85 -7.19 3.32 -16.11
CA ILE A 85 -7.61 3.48 -17.49
C ILE A 85 -7.50 4.99 -17.81
N GLY A 86 -7.37 5.79 -16.74
CA GLY A 86 -7.31 7.25 -16.87
C GLY A 86 -6.32 7.96 -15.92
N LEU A 87 -6.35 7.66 -14.62
CA LEU A 87 -5.45 8.36 -13.67
C LEU A 87 -3.98 7.96 -13.84
N TYR A 88 -3.78 6.88 -14.58
CA TYR A 88 -2.42 6.40 -14.85
C TYR A 88 -1.81 7.21 -15.99
N ASP A 89 -2.56 7.30 -17.04
CA ASP A 89 -2.09 8.03 -18.21
C ASP A 89 -2.01 9.52 -17.91
N SER A 90 -2.93 9.91 -17.04
CA SER A 90 -2.95 11.30 -16.60
C SER A 90 -1.75 11.70 -15.69
N VAL A 91 -1.43 11.02 -14.58
CA VAL A 91 -0.27 11.48 -13.77
C VAL A 91 1.11 11.16 -14.41
N LYS A 92 1.05 10.09 -15.18
CA LYS A 92 2.27 9.64 -15.88
C LYS A 92 2.67 10.62 -17.02
N GLN A 93 1.66 11.11 -17.75
CA GLN A 93 1.89 12.03 -18.86
C GLN A 93 2.12 13.44 -18.37
N PHE A 94 1.81 13.66 -17.11
CA PHE A 94 1.99 14.97 -16.49
C PHE A 94 3.46 15.21 -16.12
N TYR A 95 4.26 14.17 -15.94
CA TYR A 95 5.65 14.32 -15.46
C TYR A 95 6.67 14.01 -16.57
N THR A 96 6.35 13.13 -17.53
CA THR A 96 7.37 12.84 -18.57
C THR A 96 7.15 13.64 -19.87
N LYS A 97 6.25 14.63 -19.88
CA LYS A 97 6.01 15.44 -21.09
C LYS A 97 7.32 16.03 -21.65
N GLY A 98 7.68 15.74 -22.90
CA GLY A 98 8.93 16.27 -23.51
C GLY A 98 9.44 17.55 -22.83
N SER A 99 8.87 18.71 -23.23
CA SER A 99 9.24 20.02 -22.64
C SER A 99 10.27 20.81 -23.48
N GLU A 100 11.59 20.66 -23.24
CA GLU A 100 12.55 21.43 -24.08
C GLU A 100 14.01 21.40 -23.56
N HIS A 101 14.20 21.41 -22.25
CA HIS A 101 15.56 21.38 -21.65
C HIS A 101 15.54 21.98 -20.24
N ALA A 102 14.57 21.55 -19.46
CA ALA A 102 14.45 21.98 -18.06
C ALA A 102 13.01 21.74 -17.61
N GLY A 103 12.67 22.40 -16.50
CA GLY A 103 11.31 22.30 -15.97
C GLY A 103 11.26 21.36 -14.78
N ILE A 104 12.42 21.04 -14.22
CA ILE A 104 12.45 20.14 -13.10
C ILE A 104 11.65 20.75 -11.94
N GLY A 105 11.80 22.07 -11.74
CA GLY A 105 11.04 22.82 -10.74
C GLY A 105 9.55 22.86 -11.07
N SER A 106 9.29 23.03 -12.36
CA SER A 106 7.92 23.04 -12.89
C SER A 106 7.29 21.71 -12.49
N ARG A 107 8.03 20.63 -12.61
CA ARG A 107 7.47 19.33 -12.29
C ARG A 107 7.07 19.25 -10.81
N LEU A 108 7.85 19.86 -9.93
CA LEU A 108 7.54 19.87 -8.51
C LEU A 108 6.22 20.62 -8.27
N LEU A 109 6.11 21.79 -8.91
CA LEU A 109 4.89 22.57 -8.76
C LEU A 109 3.72 21.85 -9.42
N ALA A 110 3.87 21.29 -10.62
CA ALA A 110 2.78 20.57 -11.26
C ALA A 110 2.41 19.34 -10.44
N GLY A 111 3.43 18.60 -9.99
CA GLY A 111 3.15 17.41 -9.22
C GLY A 111 2.51 17.74 -7.88
N SER A 112 3.03 18.76 -7.21
CA SER A 112 2.47 19.18 -5.93
C SER A 112 1.04 19.69 -6.06
N THR A 113 0.81 20.53 -7.07
CA THR A 113 -0.55 21.04 -7.30
C THR A 113 -1.50 19.94 -7.78
N THR A 114 -1.13 19.15 -8.78
CA THR A 114 -2.06 18.18 -9.34
C THR A 114 -2.47 17.07 -8.38
N GLY A 115 -1.48 16.56 -7.65
CA GLY A 115 -1.67 15.46 -6.72
C GLY A 115 -2.59 15.81 -5.55
N ALA A 116 -2.33 17.00 -5.03
CA ALA A 116 -3.14 17.53 -3.95
C ALA A 116 -4.57 17.67 -4.48
N LEU A 117 -4.68 18.14 -5.70
CA LEU A 117 -5.97 18.29 -6.36
C LEU A 117 -6.64 16.92 -6.57
N ALA A 118 -5.87 15.91 -7.00
CA ALA A 118 -6.41 14.58 -7.28
C ALA A 118 -7.02 13.90 -6.05
N VAL A 119 -6.38 14.03 -4.90
CA VAL A 119 -6.89 13.41 -3.67
C VAL A 119 -8.27 14.00 -3.34
N ALA A 120 -8.43 15.22 -3.85
CA ALA A 120 -9.66 15.99 -3.64
C ALA A 120 -10.90 15.26 -4.16
N VAL A 121 -10.82 14.68 -5.36
CA VAL A 121 -11.98 14.01 -5.94
C VAL A 121 -12.17 12.60 -5.36
N ALA A 122 -11.09 11.82 -5.31
CA ALA A 122 -11.16 10.45 -4.77
C ALA A 122 -10.20 10.24 -3.62
N GLN A 123 -10.69 9.58 -2.58
CA GLN A 123 -9.88 9.26 -1.40
C GLN A 123 -10.70 8.54 -0.30
N PRO A 124 -12.02 8.67 -0.23
CA PRO A 124 -12.81 7.99 0.84
C PRO A 124 -12.55 6.48 0.90
N THR A 125 -12.28 5.89 -0.27
CA THR A 125 -12.05 4.44 -0.30
C THR A 125 -10.76 4.12 0.45
N ASP A 126 -9.72 4.91 0.27
CA ASP A 126 -8.48 4.56 0.97
C ASP A 126 -8.64 4.67 2.49
N VAL A 127 -9.30 5.73 2.96
CA VAL A 127 -9.50 5.93 4.40
C VAL A 127 -10.37 4.84 5.05
N VAL A 128 -11.47 4.49 4.39
CA VAL A 128 -12.41 3.49 4.91
C VAL A 128 -11.81 2.08 4.99
N LYS A 129 -10.98 1.71 4.01
CA LYS A 129 -10.41 0.36 3.98
C LYS A 129 -9.59 0.09 5.24
N VAL A 130 -8.83 1.06 5.71
CA VAL A 130 -8.03 0.85 6.91
C VAL A 130 -8.97 0.73 8.10
N ARG A 131 -9.95 1.63 8.15
CA ARG A 131 -10.95 1.62 9.21
C ARG A 131 -11.80 0.36 9.17
N PHE A 132 -12.09 -0.13 7.96
CA PHE A 132 -12.95 -1.30 7.81
C PHE A 132 -12.32 -2.57 8.37
N GLN A 133 -11.02 -2.79 8.15
CA GLN A 133 -10.41 -4.00 8.70
C GLN A 133 -10.45 -3.89 10.22
N ALA A 134 -10.21 -2.69 10.73
CA ALA A 134 -10.21 -2.46 12.17
C ALA A 134 -11.58 -2.67 12.81
N GLN A 135 -12.61 -2.30 12.05
CA GLN A 135 -13.98 -2.53 12.52
C GLN A 135 -14.11 -4.04 12.69
N ALA A 136 -14.22 -4.49 13.95
CA ALA A 136 -14.25 -5.93 14.24
C ALA A 136 -15.62 -6.46 14.64
N ARG A 137 -16.33 -5.95 15.65
CA ARG A 137 -17.64 -6.51 15.97
C ARG A 137 -18.68 -6.03 14.97
N ALA A 138 -18.23 -5.60 13.80
CA ALA A 138 -19.13 -5.12 12.76
C ALA A 138 -20.08 -4.07 13.33
N GLY A 139 -21.26 -4.51 13.74
CA GLY A 139 -22.26 -3.61 14.30
C GLY A 139 -23.33 -4.38 15.06
N GLY A 140 -23.70 -5.53 14.54
CA GLY A 140 -24.71 -6.36 15.17
C GLY A 140 -26.01 -5.59 15.38
N GLY A 141 -26.57 -5.69 16.58
CA GLY A 141 -27.82 -4.98 16.89
C GLY A 141 -28.96 -5.51 16.02
N ARG A 142 -28.86 -6.78 15.64
CA ARG A 142 -29.89 -7.39 14.81
C ARG A 142 -30.02 -6.67 13.48
N ARG A 143 -28.90 -6.56 12.76
CA ARG A 143 -28.90 -5.88 11.47
C ARG A 143 -27.56 -6.11 10.75
N TYR A 144 -27.63 -6.25 9.43
CA TYR A 144 -26.42 -6.45 8.64
C TYR A 144 -25.79 -5.12 8.24
N GLN A 145 -24.65 -4.80 8.83
CA GLN A 145 -23.96 -3.55 8.53
C GLN A 145 -23.36 -3.59 7.14
N SER A 146 -22.98 -2.42 6.62
CA SER A 146 -22.40 -2.34 5.28
C SER A 146 -21.55 -1.07 5.14
N THR A 147 -21.01 -0.88 3.94
CA THR A 147 -20.14 0.27 3.71
C THR A 147 -20.88 1.59 3.87
N VAL A 148 -22.07 1.68 3.29
CA VAL A 148 -22.82 2.94 3.41
C VAL A 148 -23.17 3.17 4.86
N GLU A 149 -23.64 2.12 5.53
CA GLU A 149 -24.01 2.21 6.94
C GLU A 149 -22.78 2.43 7.82
N ALA A 150 -21.68 1.77 7.46
CA ALA A 150 -20.43 1.85 8.24
C ALA A 150 -19.87 3.25 8.34
N TYR A 151 -19.83 3.99 7.24
CA TYR A 151 -19.25 5.34 7.22
C TYR A 151 -19.99 6.30 8.18
N LYS A 152 -21.30 6.27 8.05
CA LYS A 152 -22.16 7.21 8.77
C LYS A 152 -22.25 7.10 10.31
N THR A 153 -22.41 5.91 10.90
CA THR A 153 -22.60 5.79 12.37
C THR A 153 -21.45 6.27 13.29
N ILE A 154 -20.22 5.89 12.94
CA ILE A 154 -19.04 6.34 13.69
C ILE A 154 -18.90 7.85 13.55
N ALA A 155 -19.22 8.33 12.36
CA ALA A 155 -19.21 9.76 12.06
C ALA A 155 -20.20 10.41 13.03
N ARG A 156 -21.34 9.83 13.40
CA ARG A 156 -22.27 10.55 14.28
C ARG A 156 -21.63 10.85 15.64
N GLU A 157 -21.06 9.83 16.27
CA GLU A 157 -20.38 9.96 17.55
C GLU A 157 -19.02 10.62 17.33
N GLU A 158 -18.21 10.12 16.41
CA GLU A 158 -16.85 10.62 16.24
C GLU A 158 -16.72 11.94 15.48
N GLY A 159 -17.55 12.18 14.45
CA GLY A 159 -17.52 13.45 13.71
C GLY A 159 -16.63 13.38 12.47
N ILE A 160 -16.36 14.55 11.89
CA ILE A 160 -15.55 14.63 10.68
C ILE A 160 -14.07 14.39 11.01
N ARG A 161 -13.68 15.00 12.13
CA ARG A 161 -12.29 14.93 12.56
C ARG A 161 -11.84 13.49 12.74
N GLY A 162 -12.75 12.63 13.16
CA GLY A 162 -12.39 11.24 13.35
C GLY A 162 -11.88 10.66 12.05
N LEU A 163 -12.60 11.09 11.00
CA LEU A 163 -12.38 10.65 9.62
C LEU A 163 -11.09 11.11 8.93
N TRP A 164 -10.73 12.32 9.34
CA TRP A 164 -9.55 13.00 8.80
C TRP A 164 -8.28 12.42 9.43
N LYS A 165 -8.48 11.56 10.41
CA LYS A 165 -7.38 10.97 11.15
C LYS A 165 -6.24 10.51 10.24
N GLY A 166 -6.55 9.79 9.15
CA GLY A 166 -5.57 9.28 8.19
C GLY A 166 -5.67 9.98 6.83
N THR A 167 -6.87 10.43 6.47
CA THR A 167 -7.07 11.13 5.19
C THR A 167 -6.01 12.21 4.87
N SER A 168 -5.77 13.15 5.81
CA SER A 168 -4.82 14.25 5.56
C SER A 168 -3.39 13.75 5.34
N PRO A 169 -2.88 12.91 6.22
CA PRO A 169 -1.54 12.31 6.03
C PRO A 169 -1.46 11.44 4.76
N ASN A 170 -2.58 10.87 4.33
CA ASN A 170 -2.56 10.07 3.12
C ASN A 170 -2.19 10.96 1.95
N VAL A 171 -2.71 12.19 1.96
CA VAL A 171 -2.42 13.15 0.92
C VAL A 171 -0.92 13.49 0.92
N ALA A 172 -0.37 13.66 2.13
CA ALA A 172 1.05 13.99 2.25
C ALA A 172 1.91 12.87 1.67
N ARG A 173 1.49 11.63 1.89
CA ARG A 173 2.23 10.49 1.36
C ARG A 173 2.28 10.55 -0.16
N ASN A 174 1.16 10.93 -0.77
CA ASN A 174 1.07 11.05 -2.23
C ASN A 174 2.06 12.10 -2.72
N ALA A 175 2.13 13.20 -2.00
CA ALA A 175 3.03 14.30 -2.35
C ALA A 175 4.50 13.85 -2.28
N ILE A 176 4.84 13.12 -1.23
CA ILE A 176 6.21 12.67 -1.01
C ILE A 176 6.71 11.73 -2.11
N VAL A 177 5.89 10.76 -2.52
CA VAL A 177 6.33 9.81 -3.55
C VAL A 177 6.69 10.52 -4.85
N ASN A 178 5.84 11.46 -5.30
CA ASN A 178 6.13 12.19 -6.53
C ASN A 178 7.43 12.98 -6.35
N CYS A 179 7.52 13.57 -5.17
CA CYS A 179 8.69 14.34 -4.79
C CYS A 179 9.96 13.48 -4.77
N ALA A 180 9.81 12.31 -4.13
CA ALA A 180 10.86 11.29 -4.04
C ALA A 180 11.18 10.75 -5.45
N GLU A 181 10.13 10.57 -6.23
CA GLU A 181 10.23 10.05 -7.59
C GLU A 181 11.07 10.96 -8.49
N LEU A 182 10.86 12.28 -8.46
CA LEU A 182 11.59 13.14 -9.42
C LEU A 182 13.09 13.05 -9.15
N VAL A 183 13.47 13.03 -7.88
CA VAL A 183 14.90 12.93 -7.62
C VAL A 183 15.38 11.58 -8.15
N THR A 184 14.65 10.53 -7.85
CA THR A 184 15.03 9.18 -8.26
C THR A 184 15.04 8.99 -9.79
N TYR A 185 13.97 9.47 -10.44
CA TYR A 185 13.76 9.35 -11.89
C TYR A 185 14.89 9.98 -12.73
N ASP A 186 15.41 11.13 -12.31
CA ASP A 186 16.45 11.81 -13.08
C ASP A 186 17.63 10.85 -13.27
N LEU A 187 17.99 10.20 -12.18
CA LEU A 187 19.09 9.26 -12.19
C LEU A 187 18.79 8.10 -13.15
N ILE A 188 17.54 7.65 -13.17
CA ILE A 188 17.14 6.55 -14.06
C ILE A 188 17.28 6.91 -15.55
N LYS A 189 16.86 8.10 -16.01
CA LYS A 189 17.00 8.52 -17.41
C LYS A 189 18.46 8.52 -17.85
N ASP A 190 19.25 9.00 -16.93
CA ASP A 190 20.69 9.14 -17.16
C ASP A 190 21.35 7.79 -17.31
N THR A 191 20.92 6.79 -16.53
CA THR A 191 21.54 5.46 -16.58
C THR A 191 20.68 4.45 -17.36
N LEU A 192 21.35 3.75 -18.30
CA LEU A 192 20.72 2.72 -19.14
C LEU A 192 19.71 3.28 -20.14
N LEU A 193 19.59 4.60 -20.23
CA LEU A 193 18.66 5.22 -21.18
C LEU A 193 19.33 6.42 -21.84
N LYS A 194 20.54 6.19 -22.33
CA LYS A 194 21.30 7.25 -22.98
C LYS A 194 20.76 7.56 -24.37
N ALA A 195 20.06 6.59 -24.97
CA ALA A 195 19.47 6.76 -26.30
C ALA A 195 18.00 6.34 -26.29
N ASN A 196 17.73 5.24 -25.57
CA ASN A 196 16.39 4.61 -25.44
C ASN A 196 16.53 3.11 -25.72
N LEU A 197 17.07 2.37 -24.75
CA LEU A 197 17.29 0.91 -24.74
C LEU A 197 16.92 0.11 -26.00
N MET A 198 17.15 0.61 -27.22
CA MET A 198 16.74 -0.19 -28.39
C MET A 198 17.74 -1.32 -28.70
N THR A 199 19.01 -0.96 -28.89
CA THR A 199 20.04 -1.96 -29.22
C THR A 199 19.79 -3.29 -28.50
N ASP A 200 19.75 -4.37 -29.29
CA ASP A 200 19.52 -5.70 -28.74
C ASP A 200 20.62 -6.07 -27.74
N ASP A 201 20.22 -6.22 -26.48
CA ASP A 201 21.16 -6.56 -25.42
C ASP A 201 20.38 -6.79 -24.12
N LEU A 202 19.16 -7.28 -24.28
CA LEU A 202 18.27 -7.52 -23.15
C LEU A 202 18.82 -8.55 -22.14
N PRO A 203 19.38 -9.67 -22.57
CA PRO A 203 19.86 -10.68 -21.59
C PRO A 203 20.96 -10.11 -20.69
N CYS A 204 21.73 -9.23 -21.31
CA CYS A 204 22.83 -8.59 -20.60
C CYS A 204 22.33 -7.67 -19.50
N HIS A 205 21.30 -6.93 -19.86
CA HIS A 205 20.74 -5.93 -18.96
C HIS A 205 20.09 -6.49 -17.71
N PHE A 206 19.42 -7.63 -17.86
CA PHE A 206 18.72 -8.25 -16.75
C PHE A 206 19.69 -8.66 -15.65
N THR A 207 20.79 -9.34 -15.95
CA THR A 207 21.74 -9.71 -14.91
C THR A 207 22.28 -8.45 -14.23
N SER A 208 22.54 -7.42 -15.04
CA SER A 208 23.02 -6.16 -14.49
C SER A 208 21.96 -5.66 -13.53
N ALA A 209 20.70 -5.77 -13.91
CA ALA A 209 19.62 -5.26 -13.09
C ALA A 209 19.52 -5.95 -11.74
N PHE A 210 19.67 -7.27 -11.71
CA PHE A 210 19.50 -8.01 -10.47
C PHE A 210 20.50 -7.59 -9.39
N GLY A 211 21.75 -7.51 -9.83
CA GLY A 211 22.83 -7.05 -8.95
C GLY A 211 22.49 -5.63 -8.51
N ALA A 212 22.03 -4.87 -9.49
CA ALA A 212 21.57 -3.49 -9.30
C ALA A 212 20.37 -3.49 -8.37
N GLY A 213 19.54 -4.51 -8.51
CA GLY A 213 18.31 -4.62 -7.76
C GLY A 213 18.60 -4.70 -6.27
N PHE A 214 19.60 -5.46 -5.87
CA PHE A 214 19.91 -5.52 -4.45
C PHE A 214 20.42 -4.15 -4.01
N CYS A 215 21.22 -3.51 -4.87
CA CYS A 215 21.73 -2.17 -4.58
C CYS A 215 20.56 -1.16 -4.50
N THR A 216 19.62 -1.31 -5.43
CA THR A 216 18.44 -0.44 -5.50
C THR A 216 17.59 -0.52 -4.24
N THR A 217 17.44 -1.71 -3.71
CA THR A 217 16.61 -1.87 -2.54
C THR A 217 17.09 -1.02 -1.37
N VAL A 218 18.40 -0.93 -1.15
CA VAL A 218 18.87 -0.15 -0.01
C VAL A 218 18.47 1.33 -0.14
N ILE A 219 18.60 1.93 -1.32
CA ILE A 219 18.16 3.32 -1.50
C ILE A 219 16.64 3.40 -1.28
N ALA A 220 15.96 2.38 -1.81
CA ALA A 220 14.51 2.24 -1.72
C ALA A 220 13.98 2.09 -0.28
N SER A 221 14.71 1.34 0.55
CA SER A 221 14.28 1.03 1.91
C SER A 221 14.01 2.23 2.84
N PRO A 222 14.83 3.27 2.86
CA PRO A 222 14.57 4.44 3.76
C PRO A 222 13.21 5.12 3.50
N VAL A 223 12.79 5.30 2.24
CA VAL A 223 11.50 5.93 2.03
C VAL A 223 10.36 5.05 2.57
N ASP A 224 10.51 3.72 2.40
CA ASP A 224 9.49 2.76 2.84
C ASP A 224 9.31 2.69 4.37
N VAL A 225 10.42 2.70 5.10
CA VAL A 225 10.35 2.56 6.56
C VAL A 225 9.65 3.72 7.26
N VAL A 226 9.98 4.94 6.88
CA VAL A 226 9.38 6.08 7.55
C VAL A 226 7.86 6.13 7.34
N LYS A 227 7.40 5.80 6.14
CA LYS A 227 5.95 5.84 5.89
C LYS A 227 5.16 4.87 6.78
N THR A 228 5.66 3.64 6.91
CA THR A 228 4.98 2.65 7.76
C THR A 228 4.97 3.10 9.21
N ARG A 229 6.09 3.65 9.65
CA ARG A 229 6.27 4.11 11.02
C ARG A 229 4.96 4.55 11.65
N TYR A 230 4.75 4.10 12.88
CA TYR A 230 3.56 4.46 13.63
C TYR A 230 3.85 4.24 15.11
N MET A 231 3.84 2.98 15.52
CA MET A 231 4.08 2.61 16.91
C MET A 231 5.22 3.42 17.54
N ASN A 232 4.88 4.11 18.61
CA ASN A 232 5.85 4.92 19.35
C ASN A 232 5.24 5.42 20.65
N SER A 233 5.83 5.02 21.77
CA SER A 233 5.32 5.39 23.09
C SER A 233 3.93 4.79 23.29
N ALA A 234 2.96 5.67 23.59
CA ALA A 234 1.58 5.24 23.79
C ALA A 234 0.86 6.22 24.72
N LEU A 235 0.80 5.87 26.00
CA LEU A 235 0.13 6.71 26.98
C LEU A 235 0.74 8.11 27.01
N GLY A 236 0.49 8.83 28.10
CA GLY A 236 1.00 10.19 28.24
C GLY A 236 0.27 11.17 27.35
N GLN A 237 0.87 12.33 27.13
CA GLN A 237 0.28 13.36 26.29
C GLN A 237 -0.52 12.72 25.15
N TYR A 238 -1.53 11.95 25.50
CA TYR A 238 -2.38 11.30 24.51
C TYR A 238 -2.38 12.08 23.20
N HIS A 239 -2.99 13.27 23.23
CA HIS A 239 -3.06 14.12 22.05
C HIS A 239 -3.31 13.29 20.79
N SER A 240 -2.23 12.89 20.13
CA SER A 240 -2.34 12.11 18.90
C SER A 240 -1.14 11.18 18.74
N ALA A 241 -1.40 9.96 18.28
CA ALA A 241 -0.34 8.97 18.04
C ALA A 241 1.01 9.57 17.60
N GLY A 242 0.94 10.50 16.66
CA GLY A 242 2.14 11.18 16.18
C GLY A 242 2.82 12.05 17.25
N HIS A 243 1.97 12.78 18.03
CA HIS A 243 2.48 13.71 19.04
C HIS A 243 3.28 12.98 20.09
N CYS A 244 2.90 11.76 20.42
CA CYS A 244 3.64 10.97 21.39
C CYS A 244 5.07 10.76 20.88
N ALA A 245 5.20 10.49 19.59
CA ALA A 245 6.50 10.26 18.97
C ALA A 245 7.41 11.49 19.13
N LEU A 246 6.88 12.69 18.93
CA LEU A 246 7.69 13.90 19.06
C LEU A 246 8.14 14.05 20.52
N THR A 247 7.22 13.80 21.43
CA THR A 247 7.50 13.84 22.87
C THR A 247 8.54 12.76 23.20
N MET A 248 8.33 11.59 22.62
CA MET A 248 9.20 10.43 22.80
C MET A 248 10.62 10.76 22.39
N LEU A 249 10.76 11.46 21.28
CA LEU A 249 12.06 11.85 20.74
C LEU A 249 12.82 12.73 21.74
N ARG A 250 12.16 13.72 22.33
CA ARG A 250 12.85 14.61 23.26
C ARG A 250 13.31 13.89 24.52
N LYS A 251 12.41 13.20 25.23
CA LYS A 251 12.81 12.51 26.46
C LYS A 251 13.60 11.23 26.15
N GLU A 252 13.04 10.36 25.31
CA GLU A 252 13.72 9.10 24.98
C GLU A 252 14.72 9.29 23.84
N GLY A 253 16.01 9.16 24.17
CA GLY A 253 17.08 9.31 23.19
C GLY A 253 16.73 8.71 21.83
N PRO A 254 17.56 8.98 20.85
CA PRO A 254 17.35 8.46 19.46
C PRO A 254 17.47 6.93 19.38
N ARG A 255 17.77 6.28 20.50
CA ARG A 255 17.90 4.83 20.57
C ARG A 255 16.55 4.13 20.40
N ALA A 256 15.48 4.82 20.77
CA ALA A 256 14.15 4.22 20.67
C ALA A 256 13.87 3.79 19.23
N PHE A 257 14.41 4.55 18.28
CA PHE A 257 14.25 4.23 16.87
C PHE A 257 14.89 2.88 16.53
N TYR A 258 16.06 2.65 17.11
CA TYR A 258 16.80 1.42 16.87
C TYR A 258 16.08 0.19 17.42
N LYS A 259 15.43 0.35 18.57
CA LYS A 259 14.68 -0.74 19.18
C LYS A 259 13.22 -0.66 18.70
N GLY A 260 12.46 -1.73 18.89
CA GLY A 260 11.07 -1.75 18.45
C GLY A 260 10.98 -1.53 16.94
N PHE A 261 10.68 -2.60 16.20
CA PHE A 261 10.58 -2.50 14.75
C PHE A 261 10.10 -3.81 14.12
N MET A 262 9.62 -4.72 14.96
CA MET A 262 9.15 -6.01 14.46
C MET A 262 7.95 -5.90 13.51
N PRO A 263 6.93 -5.10 13.82
CA PRO A 263 5.75 -5.00 12.91
C PRO A 263 6.10 -4.38 11.56
N SER A 264 6.84 -3.27 11.59
CA SER A 264 7.25 -2.61 10.36
C SER A 264 8.12 -3.54 9.53
N PHE A 265 8.99 -4.25 10.23
CA PHE A 265 9.90 -5.20 9.60
C PHE A 265 9.16 -6.33 8.88
N LEU A 266 8.15 -6.75 9.63
CA LEU A 266 7.20 -7.75 9.12
C LEU A 266 6.51 -7.17 7.87
N ARG A 267 6.19 -5.87 7.94
CA ARG A 267 5.53 -5.20 6.81
C ARG A 267 6.43 -5.23 5.57
N LEU A 268 7.72 -5.00 5.82
CA LEU A 268 8.72 -4.93 4.76
C LEU A 268 8.85 -6.25 4.00
N GLY A 269 8.73 -7.37 4.70
CA GLY A 269 8.88 -8.65 4.03
C GLY A 269 7.73 -8.87 3.06
N SER A 270 6.50 -8.70 3.55
CA SER A 270 5.30 -8.87 2.77
C SER A 270 5.25 -7.86 1.63
N TRP A 271 5.56 -6.61 1.96
CA TRP A 271 5.54 -5.53 0.98
C TRP A 271 6.54 -5.81 -0.15
N ASN A 272 7.68 -6.36 0.20
CA ASN A 272 8.74 -6.66 -0.77
C ASN A 272 8.29 -7.67 -1.84
N VAL A 273 7.50 -8.66 -1.46
CA VAL A 273 7.08 -9.69 -2.42
C VAL A 273 6.28 -9.10 -3.61
N VAL A 274 5.46 -8.09 -3.36
CA VAL A 274 4.66 -7.52 -4.45
C VAL A 274 5.56 -6.91 -5.53
N MET A 275 6.63 -6.24 -5.12
CA MET A 275 7.58 -5.64 -6.07
C MET A 275 8.17 -6.73 -6.98
N PHE A 276 8.45 -7.87 -6.37
CA PHE A 276 9.01 -9.02 -7.07
C PHE A 276 8.10 -9.46 -8.21
N VAL A 277 6.80 -9.43 -7.97
CA VAL A 277 5.83 -9.86 -8.97
C VAL A 277 5.92 -9.00 -10.24
N THR A 278 6.12 -7.70 -10.11
CA THR A 278 6.26 -6.87 -11.30
C THR A 278 7.50 -7.31 -12.08
N TYR A 279 8.56 -7.61 -11.34
CA TYR A 279 9.81 -8.11 -11.93
C TYR A 279 9.47 -9.43 -12.64
N GLU A 280 8.61 -10.25 -12.06
CA GLU A 280 8.36 -11.53 -12.71
C GLU A 280 7.84 -11.31 -14.13
N GLN A 281 6.98 -10.32 -14.32
CA GLN A 281 6.44 -10.05 -15.65
C GLN A 281 7.56 -9.71 -16.63
N LEU A 282 8.46 -8.89 -16.10
CA LEU A 282 9.62 -8.46 -16.88
C LEU A 282 10.43 -9.70 -17.28
N LYS A 283 10.56 -10.64 -16.36
CA LYS A 283 11.31 -11.86 -16.60
C LYS A 283 10.64 -12.66 -17.73
N ARG A 284 9.33 -12.79 -17.66
CA ARG A 284 8.54 -13.53 -18.65
C ARG A 284 7.49 -12.60 -19.25
N ALA A 285 7.59 -12.33 -20.56
CA ALA A 285 6.66 -11.43 -21.24
C ALA A 285 5.85 -12.15 -22.32
N LEU A 286 5.27 -11.35 -23.20
CA LEU A 286 4.49 -11.89 -24.32
C LEU A 286 5.46 -12.57 -25.29
N MET A 287 5.32 -13.90 -25.44
CA MET A 287 6.21 -14.68 -26.31
C MET A 287 5.58 -14.96 -27.68
N ALA A 288 5.26 -13.92 -28.43
CA ALA A 288 4.64 -14.09 -29.73
C ALA A 288 4.47 -12.74 -30.44
N ALA A 289 5.39 -12.50 -31.36
CA ALA A 289 5.43 -11.22 -32.08
C ALA A 289 4.21 -10.96 -32.95
N TYR A 290 3.79 -11.96 -33.71
CA TYR A 290 2.65 -11.78 -34.61
C TYR A 290 1.42 -11.38 -33.80
N GLN A 291 1.24 -11.99 -32.64
CA GLN A 291 0.09 -11.70 -31.80
C GLN A 291 0.14 -10.26 -31.31
N SER A 292 1.30 -9.83 -30.82
CA SER A 292 1.45 -8.47 -30.34
C SER A 292 1.32 -7.47 -31.48
N ARG A 293 1.87 -7.85 -32.63
CA ARG A 293 1.83 -7.00 -33.84
C ARG A 293 0.42 -6.69 -34.33
N GLU A 294 -0.45 -7.70 -34.35
CA GLU A 294 -1.81 -7.54 -34.87
C GLU A 294 -2.70 -6.57 -34.05
N ALA A 295 -2.56 -6.57 -32.72
CA ALA A 295 -3.41 -5.72 -31.89
C ALA A 295 -3.27 -4.22 -32.21
N PRO A 296 -2.09 -3.68 -32.22
CA PRO A 296 -1.87 -2.23 -32.54
C PRO A 296 -2.02 -1.95 -34.03
N PHE A 297 -2.30 -2.99 -34.81
CA PHE A 297 -2.46 -2.85 -36.24
C PHE A 297 -3.45 -1.73 -36.56
N MET A 1 -2.09 -10.78 -27.56
CA MET A 1 -2.92 -10.70 -26.32
C MET A 1 -2.13 -9.97 -25.24
N THR A 2 -0.80 -10.00 -25.36
CA THR A 2 0.06 -9.35 -24.38
C THR A 2 -0.08 -7.83 -24.49
N VAL A 3 -0.37 -7.18 -23.37
CA VAL A 3 -0.52 -5.73 -23.36
C VAL A 3 -0.07 -5.15 -22.01
N LYS A 4 0.26 -3.87 -22.00
CA LYS A 4 0.70 -3.21 -20.79
C LYS A 4 -0.43 -3.18 -19.75
N PHE A 5 -1.64 -2.91 -20.22
CA PHE A 5 -2.79 -2.85 -19.33
C PHE A 5 -3.11 -4.19 -18.67
N LEU A 6 -3.01 -5.26 -19.46
CA LEU A 6 -3.30 -6.61 -18.97
C LEU A 6 -2.14 -7.19 -18.18
N GLY A 7 -0.94 -6.72 -18.49
CA GLY A 7 0.26 -7.15 -17.76
C GLY A 7 0.14 -6.63 -16.35
N ALA A 8 -0.34 -5.38 -16.30
CA ALA A 8 -0.63 -4.65 -15.07
C ALA A 8 -1.88 -5.27 -14.45
N GLY A 9 -2.66 -5.72 -15.42
CA GLY A 9 -3.93 -6.35 -15.08
C GLY A 9 -3.63 -7.63 -14.29
N THR A 10 -2.62 -8.38 -14.73
CA THR A 10 -2.22 -9.59 -14.01
C THR A 10 -1.55 -9.19 -12.69
N ALA A 11 -0.97 -8.00 -12.70
CA ALA A 11 -0.28 -7.48 -11.52
C ALA A 11 -1.25 -7.21 -10.37
N ALA A 12 -2.33 -6.49 -10.64
CA ALA A 12 -3.25 -6.17 -9.55
C ALA A 12 -3.85 -7.44 -8.93
N CYS A 13 -4.12 -8.44 -9.76
CA CYS A 13 -4.73 -9.67 -9.25
C CYS A 13 -3.81 -10.39 -8.27
N ILE A 14 -2.57 -10.64 -8.67
CA ILE A 14 -1.64 -11.39 -7.83
C ILE A 14 -1.25 -10.70 -6.53
N ALA A 15 -1.06 -9.38 -6.56
CA ALA A 15 -0.56 -8.70 -5.37
C ALA A 15 -1.49 -8.76 -4.17
N ASP A 16 -2.81 -8.61 -4.31
CA ASP A 16 -3.64 -8.56 -3.10
C ASP A 16 -3.85 -9.96 -2.50
N LEU A 17 -3.82 -11.04 -3.27
CA LEU A 17 -4.07 -12.35 -2.63
C LEU A 17 -3.05 -12.68 -1.52
N ILE A 18 -1.75 -12.63 -1.82
CA ILE A 18 -0.72 -12.95 -0.80
C ILE A 18 -0.53 -11.84 0.24
N THR A 19 -1.22 -10.72 0.02
CA THR A 19 -1.08 -9.58 0.96
C THR A 19 -2.35 -9.44 1.77
N PHE A 20 -3.48 -10.03 1.40
CA PHE A 20 -4.64 -9.79 2.24
C PHE A 20 -4.49 -10.45 3.63
N PRO A 21 -4.06 -11.69 3.76
CA PRO A 21 -3.84 -12.30 5.12
C PRO A 21 -2.79 -11.55 5.97
N LEU A 22 -2.01 -10.69 5.30
CA LEU A 22 -0.94 -9.95 6.03
C LEU A 22 -1.47 -8.96 7.04
N ASP A 23 -2.60 -8.35 6.70
CA ASP A 23 -3.20 -7.34 7.57
C ASP A 23 -3.64 -7.95 8.89
N THR A 24 -4.19 -9.15 8.84
CA THR A 24 -4.66 -9.83 10.03
C THR A 24 -3.53 -10.03 11.06
N ALA A 25 -2.31 -10.28 10.59
CA ALA A 25 -1.20 -10.48 11.52
C ALA A 25 -0.84 -9.19 12.28
N LYS A 26 -0.91 -8.06 11.58
CA LYS A 26 -0.50 -6.81 12.24
C LYS A 26 -1.38 -6.50 13.44
N VAL A 27 -2.69 -6.60 13.29
CA VAL A 27 -3.61 -6.28 14.38
C VAL A 27 -3.44 -7.23 15.57
N ARG A 28 -3.19 -8.51 15.30
CA ARG A 28 -3.04 -9.46 16.40
C ARG A 28 -1.85 -9.04 17.28
N LEU A 29 -0.78 -8.60 16.65
CA LEU A 29 0.42 -8.12 17.38
C LEU A 29 0.09 -6.90 18.25
N GLN A 30 -1.09 -6.88 18.87
CA GLN A 30 -1.49 -5.76 19.71
C GLN A 30 -0.98 -5.93 21.14
N ILE A 31 -0.67 -4.81 21.80
CA ILE A 31 -0.18 -4.86 23.17
C ILE A 31 -1.35 -4.99 24.15
N GLN A 32 -1.04 -4.98 25.44
CA GLN A 32 -2.07 -5.11 26.47
C GLN A 32 -2.87 -3.82 26.59
N GLY A 33 -4.19 -3.94 26.67
CA GLY A 33 -5.05 -2.78 26.80
C GLY A 33 -6.52 -3.16 26.61
N GLU A 34 -7.12 -2.66 25.53
CA GLU A 34 -8.52 -2.95 25.23
C GLU A 34 -9.42 -2.46 26.36
N SER A 35 -10.49 -1.76 25.99
CA SER A 35 -11.43 -1.23 26.97
C SER A 35 -12.31 -2.34 27.54
N GLN A 36 -12.63 -3.32 26.70
CA GLN A 36 -13.47 -4.43 27.13
C GLN A 36 -12.92 -5.05 28.40
N GLY A 37 -11.60 -5.16 28.49
CA GLY A 37 -10.97 -5.78 29.65
C GLY A 37 -10.98 -7.29 29.50
N LEU A 38 -11.36 -7.73 28.30
CA LEU A 38 -11.43 -9.15 27.97
C LEU A 38 -10.01 -9.75 27.96
N VAL A 39 -9.06 -8.97 27.45
CA VAL A 39 -7.68 -9.43 27.35
C VAL A 39 -7.08 -9.78 28.70
N ARG A 40 -7.28 -8.93 29.70
CA ARG A 40 -6.72 -9.21 31.02
C ARG A 40 -7.35 -10.47 31.62
N THR A 41 -8.64 -10.68 31.35
CA THR A 41 -9.33 -11.87 31.86
C THR A 41 -8.78 -13.13 31.19
N ALA A 42 -8.48 -13.02 29.89
CA ALA A 42 -7.94 -14.15 29.13
C ALA A 42 -6.42 -14.08 29.08
N ALA A 43 -5.77 -15.13 29.55
CA ALA A 43 -4.31 -15.15 29.58
C ALA A 43 -3.74 -15.69 28.27
N SER A 44 -4.33 -16.75 27.74
CA SER A 44 -3.90 -17.36 26.49
C SER A 44 -5.12 -17.56 25.60
N ALA A 45 -5.18 -18.72 24.93
CA ALA A 45 -6.34 -19.05 24.10
C ALA A 45 -6.29 -18.39 22.73
N GLN A 46 -5.63 -17.24 22.63
CA GLN A 46 -5.50 -16.54 21.35
C GLN A 46 -4.01 -16.41 21.00
N TYR A 47 -3.25 -17.46 21.31
CA TYR A 47 -1.81 -17.47 21.05
C TYR A 47 -1.49 -16.77 19.74
N ARG A 48 -0.30 -16.19 19.65
CA ARG A 48 0.11 -15.50 18.42
C ARG A 48 -0.23 -16.37 17.21
N GLY A 49 -0.13 -17.69 17.40
CA GLY A 49 -0.42 -18.66 16.34
C GLY A 49 -1.48 -18.15 15.38
N VAL A 50 -1.03 -17.69 14.23
CA VAL A 50 -1.93 -17.23 13.17
C VAL A 50 -2.71 -18.43 12.63
N LEU A 51 -2.17 -19.64 12.56
CA LEU A 51 -2.98 -20.73 12.02
C LEU A 51 -4.25 -20.93 12.88
N GLY A 52 -4.09 -20.68 14.18
CA GLY A 52 -5.17 -20.89 15.14
C GLY A 52 -6.38 -19.98 14.95
N THR A 53 -6.10 -18.69 14.81
CA THR A 53 -7.14 -17.68 14.65
C THR A 53 -7.95 -17.89 13.36
N ILE A 54 -7.28 -18.12 12.25
CA ILE A 54 -7.98 -18.32 10.99
C ILE A 54 -8.92 -19.52 11.14
N LEU A 55 -8.56 -20.57 11.87
CA LEU A 55 -9.47 -21.70 12.01
C LEU A 55 -10.76 -21.31 12.74
N THR A 56 -10.57 -20.41 13.69
CA THR A 56 -11.61 -19.93 14.59
C THR A 56 -12.70 -19.21 13.82
N MET A 57 -12.33 -18.42 12.81
CA MET A 57 -13.32 -17.64 12.06
C MET A 57 -14.39 -18.47 11.37
N VAL A 58 -14.02 -19.61 10.79
CA VAL A 58 -15.02 -20.41 10.08
C VAL A 58 -16.03 -21.06 11.03
N ARG A 59 -15.56 -21.54 12.17
CA ARG A 59 -16.45 -22.19 13.13
C ARG A 59 -17.25 -21.19 13.96
N THR A 60 -16.83 -19.93 13.89
CA THR A 60 -17.51 -18.85 14.61
C THR A 60 -18.94 -18.69 14.12
N GLU A 61 -19.10 -18.48 12.81
CA GLU A 61 -20.42 -18.34 12.19
C GLU A 61 -20.74 -19.59 11.38
N GLY A 62 -19.88 -19.94 10.43
CA GLY A 62 -20.09 -21.11 9.59
C GLY A 62 -19.30 -20.96 8.29
N PRO A 63 -19.13 -22.02 7.55
CA PRO A 63 -18.35 -21.98 6.27
C PRO A 63 -18.95 -20.95 5.29
N ARG A 64 -20.26 -20.82 5.32
CA ARG A 64 -20.96 -19.82 4.50
C ARG A 64 -20.52 -18.41 4.86
N SER A 65 -19.81 -18.32 5.97
CA SER A 65 -19.36 -17.00 6.42
C SER A 65 -18.15 -16.53 5.61
N LEU A 66 -17.29 -17.45 5.19
CA LEU A 66 -16.12 -17.11 4.40
C LEU A 66 -16.50 -16.80 2.94
N TYR A 67 -17.54 -17.46 2.44
CA TYR A 67 -17.97 -17.33 1.05
C TYR A 67 -19.01 -16.22 0.87
N ASN A 68 -19.34 -15.69 2.04
CA ASN A 68 -20.27 -14.56 2.10
C ASN A 68 -19.47 -13.26 2.13
N GLY A 69 -18.36 -13.24 1.38
CA GLY A 69 -17.51 -12.06 1.34
C GLY A 69 -16.45 -12.11 0.23
N LEU A 70 -16.25 -13.31 -0.32
CA LEU A 70 -15.26 -13.45 -1.38
C LEU A 70 -15.59 -12.58 -2.59
N VAL A 71 -16.88 -12.43 -2.86
CA VAL A 71 -17.31 -11.62 -3.98
C VAL A 71 -17.04 -10.14 -3.68
N ALA A 72 -17.06 -9.79 -2.40
CA ALA A 72 -16.82 -8.41 -2.00
C ALA A 72 -15.35 -8.03 -2.13
N GLY A 73 -14.42 -8.96 -1.94
CA GLY A 73 -13.00 -8.61 -2.02
C GLY A 73 -12.60 -8.25 -3.44
N LEU A 74 -13.11 -9.01 -4.39
CA LEU A 74 -12.75 -8.83 -5.79
C LEU A 74 -13.14 -7.47 -6.37
N GLN A 75 -14.34 -7.04 -6.00
CA GLN A 75 -14.83 -5.75 -6.49
C GLN A 75 -13.87 -4.65 -6.00
N ARG A 76 -13.22 -4.94 -4.89
CA ARG A 76 -12.17 -4.04 -4.38
C ARG A 76 -11.13 -3.92 -5.49
N GLN A 77 -10.70 -5.11 -5.92
CA GLN A 77 -9.66 -5.20 -6.97
C GLN A 77 -10.16 -4.69 -8.31
N MET A 78 -11.46 -4.85 -8.51
CA MET A 78 -12.10 -4.41 -9.75
C MET A 78 -11.97 -2.92 -9.99
N SER A 79 -12.11 -2.10 -8.95
CA SER A 79 -12.08 -0.66 -9.13
C SER A 79 -10.66 -0.18 -9.39
N PHE A 80 -9.62 -0.77 -8.82
CA PHE A 80 -8.28 -0.25 -9.03
C PHE A 80 -7.95 -0.25 -10.51
N ALA A 81 -8.27 -1.33 -11.21
CA ALA A 81 -7.96 -1.38 -12.62
C ALA A 81 -8.91 -0.47 -13.41
N SER A 82 -10.17 -0.36 -12.96
CA SER A 82 -11.14 0.50 -13.63
C SER A 82 -10.77 1.98 -13.60
N VAL A 83 -10.32 2.45 -12.42
CA VAL A 83 -9.90 3.83 -12.26
C VAL A 83 -8.64 4.10 -13.06
N ARG A 84 -7.84 3.05 -13.24
CA ARG A 84 -6.55 3.19 -13.92
C ARG A 84 -6.83 3.30 -15.42
N ILE A 85 -8.10 3.45 -15.76
CA ILE A 85 -8.49 3.60 -17.16
C ILE A 85 -8.43 5.09 -17.52
N GLY A 86 -8.36 5.94 -16.48
CA GLY A 86 -8.38 7.40 -16.66
C GLY A 86 -7.42 8.20 -15.76
N LEU A 87 -7.40 7.94 -14.45
CA LEU A 87 -6.53 8.72 -13.54
C LEU A 87 -5.05 8.38 -13.75
N TYR A 88 -4.83 7.30 -14.49
CA TYR A 88 -3.47 6.86 -14.78
C TYR A 88 -2.90 7.69 -15.92
N ASP A 89 -3.70 7.77 -16.97
CA ASP A 89 -3.30 8.51 -18.15
C ASP A 89 -3.26 10.01 -17.82
N SER A 90 -4.15 10.35 -16.91
CA SER A 90 -4.14 11.74 -16.45
C SER A 90 -2.89 12.07 -15.58
N VAL A 91 -2.56 11.35 -14.50
CA VAL A 91 -1.39 11.76 -13.67
C VAL A 91 0.02 11.47 -14.26
N LYS A 92 0.01 10.44 -15.07
CA LYS A 92 1.29 9.99 -15.68
C LYS A 92 1.84 10.98 -16.74
N GLN A 93 0.97 11.49 -17.59
CA GLN A 93 1.42 12.46 -18.59
C GLN A 93 1.59 13.83 -17.97
N PHE A 94 1.07 13.90 -16.73
CA PHE A 94 1.16 15.12 -15.94
C PHE A 94 2.55 15.27 -15.28
N TYR A 95 3.30 14.18 -15.10
CA TYR A 95 4.63 14.24 -14.44
C TYR A 95 5.76 14.00 -15.46
N THR A 96 5.49 13.20 -16.50
CA THR A 96 6.59 12.93 -17.46
C THR A 96 6.53 13.82 -18.71
N LYS A 97 5.68 14.84 -18.75
CA LYS A 97 5.63 15.73 -19.90
C LYS A 97 7.05 16.19 -20.25
N GLY A 98 7.53 16.03 -21.51
CA GLY A 98 8.91 16.48 -21.87
C GLY A 98 9.34 17.68 -21.02
N SER A 99 8.78 18.86 -21.34
CA SER A 99 9.05 20.11 -20.58
C SER A 99 9.99 21.11 -21.27
N GLU A 100 10.55 22.05 -20.50
CA GLU A 100 11.44 23.06 -21.08
C GLU A 100 12.77 23.20 -20.33
N HIS A 101 13.83 22.62 -20.93
CA HIS A 101 15.21 22.66 -20.40
C HIS A 101 15.28 23.15 -18.96
N ALA A 102 14.41 22.59 -18.11
CA ALA A 102 14.37 22.93 -16.69
C ALA A 102 12.98 22.54 -16.19
N GLY A 103 12.62 23.12 -15.03
CA GLY A 103 11.29 22.88 -14.46
C GLY A 103 11.30 21.87 -13.33
N ILE A 104 12.47 21.58 -12.78
CA ILE A 104 12.51 20.62 -11.70
C ILE A 104 11.67 21.16 -10.54
N GLY A 105 11.78 22.47 -10.28
CA GLY A 105 10.97 23.16 -9.28
C GLY A 105 9.50 23.17 -9.66
N SER A 106 9.27 23.37 -10.96
CA SER A 106 7.92 23.36 -11.52
C SER A 106 7.35 21.99 -11.20
N ARG A 107 8.13 20.94 -11.36
CA ARG A 107 7.62 19.61 -11.10
C ARG A 107 7.24 19.45 -9.63
N LEU A 108 8.01 20.04 -8.72
CA LEU A 108 7.66 19.96 -7.30
C LEU A 108 6.34 20.67 -7.06
N LEU A 109 6.23 21.87 -7.64
CA LEU A 109 5.00 22.64 -7.49
C LEU A 109 3.86 21.93 -8.20
N ALA A 110 4.05 21.43 -9.41
CA ALA A 110 3.00 20.71 -10.11
C ALA A 110 2.66 19.46 -9.32
N GLY A 111 3.68 18.74 -8.88
CA GLY A 111 3.44 17.53 -8.12
C GLY A 111 2.76 17.82 -6.79
N SER A 112 3.24 18.84 -6.09
CA SER A 112 2.67 19.19 -4.79
C SER A 112 1.21 19.64 -4.89
N THR A 113 0.91 20.50 -5.88
CA THR A 113 -0.48 20.92 -6.04
C THR A 113 -1.37 19.79 -6.57
N THR A 114 -0.95 19.07 -7.61
CA THR A 114 -1.84 18.06 -8.22
C THR A 114 -2.17 16.87 -7.32
N GLY A 115 -1.13 16.40 -6.63
CA GLY A 115 -1.23 15.24 -5.76
C GLY A 115 -2.15 15.49 -4.58
N ALA A 116 -1.93 16.67 -4.01
CA ALA A 116 -2.75 17.11 -2.91
C ALA A 116 -4.19 17.18 -3.43
N LEU A 117 -4.33 17.68 -4.64
CA LEU A 117 -5.63 17.76 -5.29
C LEU A 117 -6.19 16.34 -5.56
N ALA A 118 -5.34 15.41 -6.03
CA ALA A 118 -5.79 14.05 -6.36
C ALA A 118 -6.33 13.27 -5.15
N VAL A 119 -5.69 13.40 -4.00
CA VAL A 119 -6.14 12.72 -2.78
C VAL A 119 -7.53 13.22 -2.43
N ALA A 120 -7.78 14.42 -2.92
CA ALA A 120 -9.06 15.08 -2.65
C ALA A 120 -10.24 14.23 -3.13
N VAL A 121 -10.13 13.66 -4.34
CA VAL A 121 -11.21 12.83 -4.88
C VAL A 121 -11.19 11.43 -4.26
N ALA A 122 -10.02 10.79 -4.23
CA ALA A 122 -9.90 9.43 -3.68
C ALA A 122 -9.53 9.48 -2.21
N GLN A 123 -10.15 8.61 -1.40
CA GLN A 123 -9.86 8.57 0.02
C GLN A 123 -10.72 7.49 0.72
N PRO A 124 -12.00 7.45 0.44
CA PRO A 124 -12.91 6.44 1.06
C PRO A 124 -12.40 5.01 0.91
N THR A 125 -11.74 4.74 -0.20
CA THR A 125 -11.25 3.38 -0.39
C THR A 125 -10.15 3.08 0.63
N ASP A 126 -9.24 4.03 0.84
CA ASP A 126 -8.16 3.79 1.78
C ASP A 126 -8.67 3.64 3.22
N VAL A 127 -9.59 4.52 3.60
CA VAL A 127 -10.14 4.50 4.96
C VAL A 127 -10.91 3.23 5.26
N VAL A 128 -11.72 2.79 4.31
CA VAL A 128 -12.56 1.61 4.50
C VAL A 128 -11.76 0.32 4.68
N LYS A 129 -10.67 0.14 3.93
CA LYS A 129 -9.93 -1.11 4.07
C LYS A 129 -9.35 -1.27 5.47
N VAL A 130 -8.81 -0.18 6.03
CA VAL A 130 -8.26 -0.25 7.38
C VAL A 130 -9.37 -0.39 8.42
N ARG A 131 -10.39 0.43 8.26
CA ARG A 131 -11.54 0.43 9.17
C ARG A 131 -12.32 -0.87 9.10
N PHE A 132 -12.45 -1.41 7.89
CA PHE A 132 -13.23 -2.63 7.68
C PHE A 132 -12.59 -3.86 8.36
N GLN A 133 -11.29 -4.01 8.26
CA GLN A 133 -10.65 -5.16 8.89
C GLN A 133 -10.77 -5.09 10.42
N ALA A 134 -10.59 -3.90 10.99
CA ALA A 134 -10.62 -3.74 12.44
C ALA A 134 -11.99 -4.02 13.09
N GLN A 135 -13.07 -3.67 12.41
CA GLN A 135 -14.40 -3.98 12.95
C GLN A 135 -14.47 -5.50 13.08
N ALA A 136 -14.50 -5.99 14.32
CA ALA A 136 -14.45 -7.44 14.57
C ALA A 136 -15.76 -8.08 15.00
N ARG A 137 -16.46 -7.62 16.03
CA ARG A 137 -17.72 -8.29 16.42
C ARG A 137 -18.89 -7.73 15.61
N ALA A 138 -18.58 -6.97 14.56
CA ALA A 138 -19.61 -6.38 13.72
C ALA A 138 -20.33 -5.25 14.45
N GLY A 139 -20.69 -5.48 15.71
CA GLY A 139 -21.37 -4.46 16.51
C GLY A 139 -22.86 -4.77 16.62
N GLY A 140 -23.55 -4.05 17.50
CA GLY A 140 -24.98 -4.26 17.69
C GLY A 140 -25.78 -3.78 16.48
N GLY A 141 -26.53 -4.69 15.87
CA GLY A 141 -27.34 -4.36 14.70
C GLY A 141 -27.54 -5.58 13.82
N ARG A 142 -27.94 -5.36 12.58
CA ARG A 142 -28.16 -6.44 11.63
C ARG A 142 -28.13 -5.93 10.20
N ARG A 143 -29.09 -6.37 9.39
CA ARG A 143 -29.15 -5.93 7.99
C ARG A 143 -27.77 -5.97 7.35
N TYR A 144 -26.84 -6.67 8.01
CA TYR A 144 -25.48 -6.81 7.51
C TYR A 144 -24.86 -5.43 7.24
N GLN A 145 -23.86 -5.07 8.04
CA GLN A 145 -23.19 -3.78 7.89
C GLN A 145 -22.51 -3.70 6.53
N SER A 146 -22.15 -2.47 6.12
CA SER A 146 -21.50 -2.27 4.83
C SER A 146 -20.69 -0.97 4.81
N THR A 147 -20.11 -0.70 3.64
CA THR A 147 -19.25 0.49 3.51
C THR A 147 -20.05 1.78 3.72
N VAL A 148 -21.21 1.89 3.10
CA VAL A 148 -21.99 3.11 3.26
C VAL A 148 -22.40 3.25 4.73
N GLU A 149 -22.87 2.15 5.30
CA GLU A 149 -23.30 2.12 6.69
C GLU A 149 -22.11 2.31 7.65
N ALA A 150 -20.98 1.72 7.29
CA ALA A 150 -19.77 1.76 8.13
C ALA A 150 -19.25 3.17 8.38
N TYR A 151 -19.18 4.01 7.36
CA TYR A 151 -18.64 5.37 7.50
C TYR A 151 -19.46 6.22 8.50
N LYS A 152 -20.75 6.16 8.31
CA LYS A 152 -21.68 7.02 9.08
C LYS A 152 -21.83 6.76 10.60
N THR A 153 -21.99 5.53 11.08
CA THR A 153 -22.24 5.27 12.52
C THR A 153 -21.14 5.69 13.52
N ILE A 154 -19.88 5.35 13.21
CA ILE A 154 -18.75 5.75 14.07
C ILE A 154 -18.64 7.27 14.07
N ALA A 155 -18.90 7.84 12.90
CA ALA A 155 -18.90 9.29 12.72
C ALA A 155 -19.94 9.88 13.67
N ARG A 156 -21.09 9.28 13.96
CA ARG A 156 -22.07 9.94 14.84
C ARG A 156 -21.50 10.16 16.25
N GLU A 157 -20.98 9.11 16.85
CA GLU A 157 -20.35 9.16 18.17
C GLU A 157 -18.97 9.82 18.06
N GLU A 158 -18.12 9.37 17.15
CA GLU A 158 -16.76 9.89 17.09
C GLU A 158 -16.63 11.26 16.40
N GLY A 159 -17.42 11.51 15.36
CA GLY A 159 -17.40 12.80 14.67
C GLY A 159 -16.42 12.80 13.50
N ILE A 160 -16.17 13.98 12.97
CA ILE A 160 -15.26 14.12 11.83
C ILE A 160 -13.81 13.87 12.26
N ARG A 161 -13.48 14.44 13.42
CA ARG A 161 -12.12 14.34 13.93
C ARG A 161 -11.70 12.89 14.12
N GLY A 162 -12.63 12.02 14.50
CA GLY A 162 -12.24 10.63 14.69
C GLY A 162 -11.72 10.07 13.38
N LEU A 163 -12.46 10.50 12.35
CA LEU A 163 -12.25 10.10 10.96
C LEU A 163 -11.01 10.65 10.26
N TRP A 164 -10.69 11.87 10.70
CA TRP A 164 -9.58 12.62 10.13
C TRP A 164 -8.25 12.12 10.69
N LYS A 165 -8.34 11.23 11.68
CA LYS A 165 -7.17 10.72 12.36
C LYS A 165 -6.02 10.36 11.40
N GLY A 166 -6.31 9.61 10.33
CA GLY A 166 -5.32 9.19 9.33
C GLY A 166 -5.34 10.08 8.08
N THR A 167 -6.46 10.70 7.79
CA THR A 167 -6.58 11.55 6.61
C THR A 167 -5.41 12.54 6.40
N SER A 168 -5.06 13.33 7.44
CA SER A 168 -4.01 14.37 7.25
C SER A 168 -2.64 13.77 6.92
N PRO A 169 -2.15 12.81 7.65
CA PRO A 169 -0.87 12.13 7.31
C PRO A 169 -0.96 11.39 5.96
N ASN A 170 -2.16 10.96 5.59
CA ASN A 170 -2.35 10.26 4.32
C ASN A 170 -2.04 11.19 3.16
N VAL A 171 -2.44 12.45 3.29
CA VAL A 171 -2.18 13.44 2.24
C VAL A 171 -0.69 13.63 2.05
N ALA A 172 0.04 13.69 3.16
CA ALA A 172 1.48 13.87 3.12
C ALA A 172 2.17 12.73 2.39
N ARG A 173 1.70 11.51 2.60
CA ARG A 173 2.32 10.36 1.95
C ARG A 173 2.25 10.48 0.44
N ASN A 174 1.11 10.93 -0.08
CA ASN A 174 0.94 11.11 -1.52
C ASN A 174 1.94 12.15 -2.03
N ALA A 175 2.08 13.23 -1.28
CA ALA A 175 3.00 14.30 -1.64
C ALA A 175 4.44 13.82 -1.62
N ILE A 176 4.80 13.05 -0.59
CA ILE A 176 6.16 12.57 -0.44
C ILE A 176 6.60 11.65 -1.59
N VAL A 177 5.76 10.71 -2.01
CA VAL A 177 6.17 9.80 -3.08
C VAL A 177 6.49 10.54 -4.38
N ASN A 178 5.62 11.46 -4.81
CA ASN A 178 5.85 12.23 -6.02
C ASN A 178 7.13 13.07 -5.88
N CYS A 179 7.21 13.66 -4.71
CA CYS A 179 8.35 14.48 -4.35
C CYS A 179 9.64 13.65 -4.33
N ALA A 180 9.53 12.48 -3.71
CA ALA A 180 10.60 11.48 -3.62
C ALA A 180 10.93 10.96 -5.02
N GLU A 181 9.89 10.77 -5.81
CA GLU A 181 10.00 10.24 -7.17
C GLU A 181 10.85 11.16 -8.07
N LEU A 182 10.62 12.48 -8.03
CA LEU A 182 11.35 13.33 -8.97
C LEU A 182 12.85 13.29 -8.68
N VAL A 183 13.20 13.26 -7.40
CA VAL A 183 14.63 13.18 -7.11
C VAL A 183 15.14 11.84 -7.64
N THR A 184 14.43 10.75 -7.38
CA THR A 184 14.82 9.41 -7.80
C THR A 184 14.87 9.24 -9.32
N TYR A 185 13.82 9.72 -9.98
CA TYR A 185 13.65 9.63 -11.44
C TYR A 185 14.82 10.24 -12.22
N ASP A 186 15.34 11.37 -11.74
CA ASP A 186 16.44 12.04 -12.42
C ASP A 186 17.60 11.06 -12.58
N LEU A 187 17.88 10.33 -11.52
CA LEU A 187 18.96 9.35 -11.52
C LEU A 187 18.66 8.28 -12.58
N ILE A 188 17.39 7.90 -12.70
CA ILE A 188 17.01 6.88 -13.69
C ILE A 188 17.32 7.40 -15.10
N LYS A 189 17.04 8.66 -15.40
CA LYS A 189 17.33 9.30 -16.70
C LYS A 189 18.82 9.28 -17.06
N ASP A 190 19.71 9.50 -16.08
CA ASP A 190 21.13 9.58 -16.43
C ASP A 190 21.65 8.24 -16.90
N THR A 191 21.23 7.10 -16.35
CA THR A 191 21.76 5.79 -16.78
C THR A 191 20.82 5.08 -17.72
N LEU A 192 21.40 4.67 -18.85
CA LEU A 192 20.70 3.94 -19.90
C LEU A 192 19.65 4.84 -20.56
N LEU A 193 19.58 6.11 -20.16
CA LEU A 193 18.59 7.02 -20.73
C LEU A 193 19.27 8.29 -21.26
N LYS A 194 20.52 8.11 -21.68
CA LYS A 194 21.29 9.21 -22.21
C LYS A 194 20.71 9.65 -23.55
N ALA A 195 20.04 8.70 -24.20
CA ALA A 195 19.40 8.95 -25.48
C ALA A 195 18.36 7.85 -25.75
N ASN A 196 17.66 7.45 -24.69
CA ASN A 196 16.56 6.48 -24.76
C ASN A 196 16.98 5.01 -24.62
N LEU A 197 18.26 4.67 -24.81
CA LEU A 197 18.72 3.28 -24.69
C LEU A 197 18.49 2.55 -26.00
N MET A 198 18.87 3.19 -27.09
CA MET A 198 18.74 2.57 -28.41
C MET A 198 19.40 1.20 -28.42
N THR A 199 19.60 0.63 -29.61
CA THR A 199 20.23 -0.67 -29.72
C THR A 199 19.41 -1.75 -29.01
N ASP A 200 20.09 -2.60 -28.24
CA ASP A 200 19.40 -3.67 -27.52
C ASP A 200 20.19 -4.13 -26.30
N ASP A 201 21.00 -5.18 -26.46
CA ASP A 201 21.79 -5.72 -25.35
C ASP A 201 20.90 -5.80 -24.10
N LEU A 202 19.68 -6.28 -24.31
CA LEU A 202 18.70 -6.39 -23.22
C LEU A 202 19.17 -7.33 -22.10
N PRO A 203 19.71 -8.48 -22.39
CA PRO A 203 20.13 -9.41 -21.30
C PRO A 203 21.18 -8.78 -20.39
N CYS A 204 22.01 -7.97 -21.05
CA CYS A 204 23.08 -7.29 -20.34
C CYS A 204 22.54 -6.29 -19.34
N HIS A 205 21.52 -5.56 -19.76
CA HIS A 205 20.93 -4.54 -18.92
C HIS A 205 20.22 -5.12 -17.69
N PHE A 206 19.58 -6.26 -17.89
CA PHE A 206 18.81 -6.92 -16.83
C PHE A 206 19.72 -7.33 -15.68
N THR A 207 20.86 -7.97 -15.94
CA THR A 207 21.75 -8.39 -14.87
C THR A 207 22.25 -7.18 -14.08
N SER A 208 22.52 -6.08 -14.77
CA SER A 208 22.97 -4.89 -14.07
C SER A 208 21.91 -4.48 -13.07
N ALA A 209 20.66 -4.56 -13.49
CA ALA A 209 19.55 -4.15 -12.64
C ALA A 209 19.43 -5.01 -11.39
N PHE A 210 19.59 -6.32 -11.52
CA PHE A 210 19.39 -7.21 -10.37
C PHE A 210 20.38 -6.94 -9.22
N GLY A 211 21.66 -6.85 -9.60
CA GLY A 211 22.69 -6.55 -8.59
C GLY A 211 22.36 -5.20 -7.98
N ALA A 212 21.98 -4.29 -8.87
CA ALA A 212 21.56 -2.93 -8.52
C ALA A 212 20.30 -3.02 -7.67
N GLY A 213 19.45 -3.97 -8.03
CA GLY A 213 18.16 -4.17 -7.41
C GLY A 213 18.30 -4.52 -5.92
N PHE A 214 19.23 -5.37 -5.57
CA PHE A 214 19.38 -5.72 -4.16
C PHE A 214 19.86 -4.46 -3.40
N CYS A 215 20.74 -3.68 -4.02
CA CYS A 215 21.20 -2.45 -3.41
C CYS A 215 20.04 -1.47 -3.23
N THR A 216 19.20 -1.38 -4.27
CA THR A 216 18.02 -0.50 -4.26
C THR A 216 17.04 -0.87 -3.17
N THR A 217 16.83 -2.16 -2.97
CA THR A 217 15.86 -2.62 -2.00
C THR A 217 16.18 -2.10 -0.60
N VAL A 218 17.45 -2.07 -0.23
CA VAL A 218 17.77 -1.55 1.10
C VAL A 218 17.30 -0.10 1.18
N ILE A 219 17.53 0.67 0.12
CA ILE A 219 17.06 2.05 0.06
C ILE A 219 15.52 2.07 0.13
N ALA A 220 14.93 1.11 -0.58
CA ALA A 220 13.47 0.95 -0.69
C ALA A 220 12.73 0.63 0.63
N SER A 221 13.32 -0.23 1.47
CA SER A 221 12.60 -0.69 2.67
C SER A 221 12.17 0.42 3.63
N PRO A 222 13.00 1.37 3.92
CA PRO A 222 12.64 2.48 4.84
C PRO A 222 11.42 3.32 4.36
N VAL A 223 11.32 3.62 3.06
CA VAL A 223 10.17 4.38 2.60
C VAL A 223 8.89 3.57 2.74
N ASP A 224 9.00 2.26 2.47
CA ASP A 224 7.83 1.37 2.52
C ASP A 224 7.25 1.19 3.93
N VAL A 225 8.11 1.06 4.93
CA VAL A 225 7.66 0.83 6.30
C VAL A 225 6.88 2.02 6.87
N VAL A 226 7.39 3.22 6.68
CA VAL A 226 6.72 4.40 7.22
C VAL A 226 5.34 4.59 6.60
N LYS A 227 5.22 4.31 5.30
CA LYS A 227 3.92 4.46 4.65
C LYS A 227 2.89 3.54 5.30
N THR A 228 3.29 2.29 5.55
CA THR A 228 2.41 1.31 6.17
C THR A 228 1.99 1.72 7.58
N ARG A 229 2.95 2.24 8.34
CA ARG A 229 2.71 2.66 9.73
C ARG A 229 1.32 3.28 9.90
N TYR A 230 0.67 2.93 11.00
CA TYR A 230 -0.69 3.42 11.34
C TYR A 230 -1.28 2.48 12.40
N MET A 231 -1.47 1.22 12.05
CA MET A 231 -2.02 0.27 12.99
C MET A 231 -0.99 0.02 14.09
N ASN A 232 -0.85 0.97 15.01
CA ASN A 232 0.14 0.83 16.08
C ASN A 232 -0.18 1.71 17.29
N SER A 233 -0.59 1.08 18.39
CA SER A 233 -0.95 1.82 19.59
C SER A 233 -2.14 2.73 19.31
N ALA A 234 -2.55 3.51 20.31
CA ALA A 234 -3.70 4.42 20.14
C ALA A 234 -3.47 5.75 20.84
N LEU A 235 -3.47 5.74 22.17
CA LEU A 235 -3.27 6.96 22.94
C LEU A 235 -1.94 7.63 22.60
N GLY A 236 -1.96 8.95 22.45
CA GLY A 236 -0.75 9.71 22.12
C GLY A 236 -1.07 10.86 21.17
N GLN A 237 -0.19 11.87 21.13
CA GLN A 237 -0.40 13.01 20.25
C GLN A 237 -0.83 12.54 18.86
N TYR A 238 0.14 12.31 17.97
CA TYR A 238 -0.19 11.84 16.63
C TYR A 238 -0.84 12.94 15.79
N HIS A 239 -0.48 14.21 15.99
CA HIS A 239 -1.18 15.21 15.18
C HIS A 239 -0.85 15.08 13.69
N SER A 240 0.45 15.10 13.35
CA SER A 240 0.92 14.99 11.96
C SER A 240 2.28 14.28 11.97
N ALA A 241 2.97 14.18 10.82
CA ALA A 241 4.29 13.52 10.82
C ALA A 241 5.23 14.32 11.75
N GLY A 242 5.23 15.64 11.66
CA GLY A 242 6.16 16.56 12.34
C GLY A 242 6.19 16.45 13.87
N HIS A 243 5.05 16.19 14.56
CA HIS A 243 5.17 16.14 16.02
C HIS A 243 6.19 15.12 16.45
N CYS A 244 6.34 14.03 15.72
CA CYS A 244 7.32 13.00 16.08
C CYS A 244 8.73 13.59 16.11
N ALA A 245 9.09 14.37 15.11
CA ALA A 245 10.43 14.94 15.07
C ALA A 245 10.69 15.82 16.30
N LEU A 246 9.73 16.68 16.64
CA LEU A 246 9.91 17.55 17.79
C LEU A 246 9.94 16.75 19.10
N THR A 247 9.02 15.79 19.21
CA THR A 247 8.93 14.93 20.40
C THR A 247 10.18 14.07 20.57
N MET A 248 10.64 13.48 19.47
CA MET A 248 11.78 12.58 19.52
C MET A 248 13.04 13.27 20.03
N LEU A 249 13.33 14.48 19.55
CA LEU A 249 14.50 15.21 20.01
C LEU A 249 14.37 15.49 21.51
N ARG A 250 13.20 15.95 21.93
CA ARG A 250 12.98 16.25 23.34
C ARG A 250 13.02 14.97 24.18
N LYS A 251 12.22 13.96 23.81
CA LYS A 251 12.20 12.69 24.55
C LYS A 251 12.03 11.51 23.61
N GLU A 252 12.43 10.32 24.09
CA GLU A 252 12.33 9.09 23.29
C GLU A 252 13.45 9.05 22.25
N GLY A 253 14.68 8.90 22.72
CA GLY A 253 15.85 8.87 21.83
C GLY A 253 15.54 8.23 20.47
N PRO A 254 16.34 8.58 19.47
CA PRO A 254 16.16 8.04 18.09
C PRO A 254 16.35 6.52 18.04
N ARG A 255 16.70 5.92 19.18
CA ARG A 255 16.89 4.48 19.31
C ARG A 255 15.58 3.72 19.20
N ALA A 256 14.48 4.37 19.56
CA ALA A 256 13.19 3.69 19.49
C ALA A 256 12.91 3.23 18.06
N PHE A 257 13.40 4.00 17.10
CA PHE A 257 13.24 3.67 15.69
C PHE A 257 13.94 2.33 15.37
N TYR A 258 15.13 2.18 15.94
CA TYR A 258 15.95 0.98 15.70
C TYR A 258 15.29 -0.29 16.27
N LYS A 259 14.65 -0.16 17.44
CA LYS A 259 14.00 -1.31 18.08
C LYS A 259 12.48 -1.14 18.05
N GLY A 260 11.78 -2.21 17.69
CA GLY A 260 10.32 -2.19 17.61
C GLY A 260 9.87 -2.24 16.15
N PHE A 261 10.33 -3.26 15.43
CA PHE A 261 9.99 -3.42 14.02
C PHE A 261 9.91 -4.90 13.63
N MET A 262 9.55 -5.73 14.60
CA MET A 262 9.44 -7.17 14.35
C MET A 262 8.34 -7.45 13.33
N PRO A 263 7.20 -6.80 13.46
CA PRO A 263 6.06 -6.98 12.52
C PRO A 263 6.40 -6.53 11.10
N SER A 264 7.02 -5.36 10.99
CA SER A 264 7.40 -4.80 9.70
C SER A 264 8.34 -5.75 8.95
N PHE A 265 9.26 -6.35 9.68
CA PHE A 265 10.22 -7.25 9.07
C PHE A 265 9.54 -8.44 8.39
N LEU A 266 8.55 -8.94 9.12
CA LEU A 266 7.68 -10.00 8.61
C LEU A 266 6.94 -9.45 7.37
N ARG A 267 6.55 -8.18 7.42
CA ARG A 267 5.87 -7.54 6.27
C ARG A 267 6.80 -7.52 5.06
N LEU A 268 8.08 -7.25 5.33
CA LEU A 268 9.10 -7.13 4.30
C LEU A 268 9.30 -8.42 3.51
N GLY A 269 9.20 -9.58 4.16
CA GLY A 269 9.42 -10.83 3.45
C GLY A 269 8.28 -11.04 2.46
N SER A 270 7.05 -10.93 2.94
CA SER A 270 5.85 -11.10 2.12
C SER A 270 5.80 -10.02 1.04
N TRP A 271 6.09 -8.79 1.44
CA TRP A 271 6.06 -7.67 0.51
C TRP A 271 7.06 -7.89 -0.63
N ASN A 272 8.23 -8.44 -0.30
CA ASN A 272 9.28 -8.66 -1.29
C ASN A 272 8.85 -9.64 -2.40
N VAL A 273 8.14 -10.71 -2.06
CA VAL A 273 7.71 -11.66 -3.09
C VAL A 273 6.83 -10.97 -4.11
N VAL A 274 5.97 -10.06 -3.65
CA VAL A 274 5.09 -9.35 -4.58
C VAL A 274 5.92 -8.54 -5.56
N MET A 275 6.98 -7.91 -5.07
CA MET A 275 7.89 -7.12 -5.91
C MET A 275 8.53 -8.02 -6.98
N PHE A 276 8.85 -9.24 -6.57
CA PHE A 276 9.50 -10.24 -7.43
C PHE A 276 8.67 -10.56 -8.69
N VAL A 277 7.36 -10.65 -8.53
CA VAL A 277 6.49 -11.04 -9.64
C VAL A 277 6.58 -10.09 -10.85
N THR A 278 6.71 -8.79 -10.65
CA THR A 278 6.83 -7.90 -11.81
C THR A 278 8.10 -8.26 -12.60
N TYR A 279 9.17 -8.54 -11.85
CA TYR A 279 10.44 -8.96 -12.45
C TYR A 279 10.18 -10.25 -13.22
N GLU A 280 9.35 -11.14 -12.70
CA GLU A 280 9.18 -12.41 -13.40
C GLU A 280 8.68 -12.14 -14.83
N GLN A 281 7.77 -11.20 -15.00
CA GLN A 281 7.23 -10.92 -16.33
C GLN A 281 8.34 -10.48 -17.29
N LEU A 282 9.20 -9.61 -16.76
CA LEU A 282 10.32 -9.12 -17.54
C LEU A 282 11.23 -10.29 -17.94
N LYS A 283 11.42 -11.22 -16.99
CA LYS A 283 12.25 -12.39 -17.24
C LYS A 283 11.66 -13.26 -18.36
N ARG A 284 10.36 -13.48 -18.28
CA ARG A 284 9.61 -14.27 -19.27
C ARG A 284 8.51 -13.39 -19.84
N ALA A 285 8.59 -13.11 -21.15
CA ALA A 285 7.61 -12.24 -21.81
C ALA A 285 6.85 -12.95 -22.92
N LEU A 286 6.26 -12.16 -23.80
CA LEU A 286 5.56 -12.74 -24.95
C LEU A 286 6.60 -13.30 -25.92
N MET A 287 6.60 -14.62 -26.10
CA MET A 287 7.58 -15.27 -26.99
C MET A 287 7.04 -15.51 -28.39
N ALA A 288 6.74 -14.44 -29.12
CA ALA A 288 6.18 -14.57 -30.47
C ALA A 288 6.04 -13.20 -31.12
N ALA A 289 7.00 -12.92 -31.99
CA ALA A 289 7.09 -11.63 -32.66
C ALA A 289 5.91 -11.35 -33.60
N TYR A 290 5.55 -12.33 -34.41
CA TYR A 290 4.46 -12.14 -35.35
C TYR A 290 3.18 -11.79 -34.61
N GLN A 291 2.96 -12.43 -33.48
CA GLN A 291 1.76 -12.16 -32.68
C GLN A 291 1.78 -10.73 -32.17
N SER A 292 2.92 -10.30 -31.63
CA SER A 292 3.04 -8.95 -31.12
C SER A 292 2.96 -7.93 -32.25
N ARG A 293 3.55 -8.28 -33.39
CA ARG A 293 3.55 -7.43 -34.58
C ARG A 293 2.12 -7.17 -35.09
N GLU A 294 1.32 -8.25 -35.11
CA GLU A 294 -0.05 -8.20 -35.62
C GLU A 294 -1.00 -7.30 -34.81
N ALA A 295 -0.85 -7.28 -33.49
CA ALA A 295 -1.78 -6.51 -32.65
C ALA A 295 -1.77 -4.99 -32.99
N PRO A 296 -0.63 -4.34 -33.02
CA PRO A 296 -0.56 -2.89 -33.35
C PRO A 296 -0.74 -2.65 -34.85
N PHE A 297 -0.94 -3.73 -35.60
CA PHE A 297 -1.13 -3.61 -37.04
C PHE A 297 0.07 -2.93 -37.68
N MET A 1 -2.18 -13.94 -26.89
CA MET A 1 -3.39 -13.66 -26.08
C MET A 1 -2.98 -12.93 -24.80
N THR A 2 -1.72 -12.52 -24.73
CA THR A 2 -1.20 -11.80 -23.56
C THR A 2 -1.02 -10.32 -23.87
N VAL A 3 -2.09 -9.55 -23.66
CA VAL A 3 -2.05 -8.11 -23.91
C VAL A 3 -1.52 -7.37 -22.68
N LYS A 4 -1.12 -6.11 -22.88
CA LYS A 4 -0.61 -5.31 -21.78
C LYS A 4 -1.70 -5.09 -20.74
N PHE A 5 -2.91 -4.80 -21.21
CA PHE A 5 -4.03 -4.60 -20.31
C PHE A 5 -4.36 -5.86 -19.52
N LEU A 6 -4.31 -6.98 -20.22
CA LEU A 6 -4.61 -8.29 -19.62
C LEU A 6 -3.44 -8.84 -18.83
N GLY A 7 -2.23 -8.42 -19.21
CA GLY A 7 -1.03 -8.81 -18.50
C GLY A 7 -1.09 -8.20 -17.11
N ALA A 8 -1.53 -6.95 -17.13
CA ALA A 8 -1.77 -6.13 -15.94
C ALA A 8 -3.00 -6.69 -15.24
N GLY A 9 -3.82 -7.18 -16.16
CA GLY A 9 -5.07 -7.78 -15.75
C GLY A 9 -4.75 -9.02 -14.90
N THR A 10 -3.76 -9.79 -15.33
CA THR A 10 -3.32 -10.96 -14.58
C THR A 10 -2.60 -10.52 -13.31
N ALA A 11 -2.00 -9.33 -13.40
CA ALA A 11 -1.23 -8.77 -12.29
C ALA A 11 -2.12 -8.44 -11.09
N ALA A 12 -3.21 -7.73 -11.32
CA ALA A 12 -4.06 -7.37 -10.19
C ALA A 12 -4.62 -8.60 -9.47
N CYS A 13 -4.94 -9.66 -10.21
CA CYS A 13 -5.54 -10.85 -9.61
C CYS A 13 -4.61 -11.53 -8.60
N ILE A 14 -3.38 -11.86 -9.00
CA ILE A 14 -2.47 -12.56 -8.08
C ILE A 14 -2.03 -11.75 -6.87
N ALA A 15 -1.79 -10.45 -7.05
CA ALA A 15 -1.21 -9.66 -5.97
C ALA A 15 -2.11 -9.58 -4.74
N ASP A 16 -3.42 -9.39 -4.86
CA ASP A 16 -4.22 -9.22 -3.64
C ASP A 16 -4.45 -10.56 -2.95
N LEU A 17 -4.45 -11.66 -3.66
CA LEU A 17 -4.72 -12.94 -3.00
C LEU A 17 -3.69 -13.25 -1.90
N ILE A 18 -2.40 -13.23 -2.23
CA ILE A 18 -1.35 -13.52 -1.24
C ILE A 18 -1.12 -12.35 -0.25
N THR A 19 -1.85 -11.25 -0.50
CA THR A 19 -1.71 -10.06 0.37
C THR A 19 -2.97 -9.88 1.23
N PHE A 20 -4.09 -10.50 0.94
CA PHE A 20 -5.24 -10.22 1.80
C PHE A 20 -5.05 -10.78 3.23
N PRO A 21 -4.61 -12.02 3.41
CA PRO A 21 -4.36 -12.54 4.79
C PRO A 21 -3.31 -11.74 5.57
N LEU A 22 -2.53 -10.92 4.85
CA LEU A 22 -1.47 -10.16 5.51
C LEU A 22 -1.97 -9.07 6.48
N ASP A 23 -3.09 -8.45 6.11
CA ASP A 23 -3.66 -7.38 6.92
C ASP A 23 -4.12 -7.89 8.27
N THR A 24 -4.71 -9.06 8.28
CA THR A 24 -5.20 -9.65 9.52
C THR A 24 -4.09 -9.82 10.55
N ALA A 25 -2.88 -10.13 10.09
CA ALA A 25 -1.78 -10.30 11.02
C ALA A 25 -1.39 -9.00 11.71
N LYS A 26 -1.41 -7.88 10.98
CA LYS A 26 -0.98 -6.62 11.58
C LYS A 26 -1.87 -6.22 12.75
N VAL A 27 -3.19 -6.23 12.54
CA VAL A 27 -4.12 -5.82 13.58
C VAL A 27 -4.10 -6.73 14.80
N ARG A 28 -4.01 -8.03 14.58
CA ARG A 28 -4.02 -8.96 15.70
C ARG A 28 -2.83 -8.70 16.64
N LEU A 29 -1.67 -8.43 16.05
CA LEU A 29 -0.46 -8.16 16.82
C LEU A 29 -0.61 -6.91 17.70
N GLN A 30 -1.78 -6.70 18.29
CA GLN A 30 -2.03 -5.54 19.14
C GLN A 30 -1.79 -5.89 20.61
N ILE A 31 -1.46 -4.88 21.41
CA ILE A 31 -1.22 -5.09 22.83
C ILE A 31 -2.52 -5.43 23.54
N GLN A 32 -3.64 -5.25 22.86
CA GLN A 32 -4.94 -5.55 23.44
C GLN A 32 -5.12 -4.77 24.75
N GLY A 33 -6.24 -5.03 25.43
CA GLY A 33 -6.51 -4.36 26.69
C GLY A 33 -6.52 -2.85 26.53
N GLU A 34 -7.07 -2.39 25.41
CA GLU A 34 -7.13 -0.96 25.14
C GLU A 34 -7.97 -0.25 26.20
N SER A 35 -9.00 -0.93 26.68
CA SER A 35 -9.87 -0.36 27.71
C SER A 35 -10.80 -1.43 28.28
N GLN A 36 -10.92 -2.55 27.58
CA GLN A 36 -11.78 -3.64 28.04
C GLN A 36 -11.27 -4.22 29.35
N GLY A 37 -9.94 -4.37 29.47
CA GLY A 37 -9.36 -4.96 30.68
C GLY A 37 -9.43 -6.49 30.57
N LEU A 38 -9.80 -6.92 29.36
CA LEU A 38 -9.93 -8.35 29.05
C LEU A 38 -8.56 -9.03 29.15
N VAL A 39 -7.52 -8.32 28.74
CA VAL A 39 -6.18 -8.88 28.76
C VAL A 39 -5.79 -9.28 30.19
N ARG A 40 -6.08 -8.41 31.16
CA ARG A 40 -5.72 -8.74 32.54
C ARG A 40 -6.51 -9.96 33.02
N THR A 41 -7.74 -10.11 32.55
CA THR A 41 -8.55 -11.27 32.92
C THR A 41 -7.95 -12.52 32.29
N ALA A 42 -7.47 -12.34 31.05
CA ALA A 42 -6.83 -13.43 30.29
C ALA A 42 -5.55 -12.90 29.66
N ALA A 43 -4.45 -13.09 30.37
CA ALA A 43 -3.16 -12.59 29.89
C ALA A 43 -2.69 -13.28 28.60
N SER A 44 -3.33 -14.38 28.21
CA SER A 44 -2.98 -15.08 26.97
C SER A 44 -4.22 -15.25 26.10
N ALA A 45 -4.34 -16.42 25.48
CA ALA A 45 -5.49 -16.76 24.63
C ALA A 45 -5.21 -16.53 23.16
N GLN A 46 -3.94 -16.34 22.82
CA GLN A 46 -3.57 -16.13 21.42
C GLN A 46 -2.06 -16.08 21.26
N TYR A 47 -1.44 -17.26 21.15
CA TYR A 47 -0.01 -17.34 20.99
C TYR A 47 0.39 -16.72 19.65
N ARG A 48 1.59 -16.13 19.60
CA ARG A 48 2.06 -15.51 18.36
C ARG A 48 1.69 -16.37 17.16
N GLY A 49 1.76 -17.69 17.36
CA GLY A 49 1.44 -18.66 16.32
C GLY A 49 0.36 -18.15 15.36
N VAL A 50 0.80 -17.73 14.18
CA VAL A 50 -0.10 -17.28 13.12
C VAL A 50 -0.94 -18.46 12.62
N LEU A 51 -0.44 -19.70 12.58
CA LEU A 51 -1.29 -20.77 12.09
C LEU A 51 -2.55 -20.89 12.96
N GLY A 52 -2.36 -20.59 14.24
CA GLY A 52 -3.44 -20.71 15.24
C GLY A 52 -4.62 -19.77 15.01
N THR A 53 -4.31 -18.50 14.79
CA THR A 53 -5.34 -17.49 14.58
C THR A 53 -6.19 -17.77 13.34
N ILE A 54 -5.56 -18.09 12.22
CA ILE A 54 -6.33 -18.34 11.01
C ILE A 54 -7.29 -19.50 11.30
N LEU A 55 -6.90 -20.51 12.08
CA LEU A 55 -7.83 -21.61 12.35
C LEU A 55 -9.07 -21.16 13.12
N THR A 56 -8.85 -20.21 14.00
CA THR A 56 -9.85 -19.68 14.92
C THR A 56 -10.97 -19.00 14.16
N MET A 57 -10.65 -18.26 13.11
CA MET A 57 -11.67 -17.50 12.39
C MET A 57 -12.78 -18.36 11.78
N VAL A 58 -12.44 -19.52 11.22
CA VAL A 58 -13.48 -20.33 10.58
C VAL A 58 -14.47 -20.94 11.58
N ARG A 59 -13.94 -21.42 12.70
CA ARG A 59 -14.77 -22.05 13.74
C ARG A 59 -15.50 -21.03 14.61
N THR A 60 -15.09 -19.78 14.48
CA THR A 60 -15.70 -18.71 15.26
C THR A 60 -17.18 -18.56 14.93
N GLU A 61 -17.50 -18.38 13.64
CA GLU A 61 -18.90 -18.27 13.21
C GLU A 61 -19.28 -19.43 12.26
N GLY A 62 -18.41 -19.84 11.32
CA GLY A 62 -18.74 -20.95 10.41
C GLY A 62 -17.95 -20.84 9.09
N PRO A 63 -17.81 -21.93 8.33
CA PRO A 63 -17.04 -21.91 7.02
C PRO A 63 -17.57 -20.87 6.01
N ARG A 64 -18.88 -20.67 6.01
CA ARG A 64 -19.53 -19.70 5.14
C ARG A 64 -19.05 -18.27 5.37
N SER A 65 -18.29 -18.11 6.44
CA SER A 65 -17.80 -16.77 6.78
C SER A 65 -16.61 -16.36 5.90
N LEU A 66 -15.82 -17.33 5.49
CA LEU A 66 -14.67 -17.04 4.64
C LEU A 66 -15.11 -16.74 3.21
N TYR A 67 -16.21 -17.39 2.79
CA TYR A 67 -16.73 -17.26 1.42
C TYR A 67 -17.75 -16.12 1.26
N ASN A 68 -18.04 -15.52 2.41
CA ASN A 68 -18.93 -14.34 2.43
C ASN A 68 -18.05 -13.10 2.62
N GLY A 69 -18.15 -12.15 1.70
CA GLY A 69 -17.32 -10.94 1.74
C GLY A 69 -16.24 -11.07 0.68
N LEU A 70 -16.06 -12.31 0.24
CA LEU A 70 -15.04 -12.57 -0.76
C LEU A 70 -15.31 -11.76 -2.03
N VAL A 71 -16.58 -11.57 -2.32
CA VAL A 71 -16.97 -10.77 -3.48
C VAL A 71 -16.66 -9.30 -3.19
N ALA A 72 -16.68 -8.93 -1.91
CA ALA A 72 -16.40 -7.54 -1.53
C ALA A 72 -14.91 -7.22 -1.63
N GLY A 73 -14.02 -8.18 -1.41
CA GLY A 73 -12.59 -7.86 -1.46
C GLY A 73 -12.17 -7.53 -2.88
N LEU A 74 -12.71 -8.29 -3.81
CA LEU A 74 -12.35 -8.15 -5.21
C LEU A 74 -12.69 -6.77 -5.79
N GLN A 75 -13.87 -6.30 -5.38
CA GLN A 75 -14.33 -5.00 -5.86
C GLN A 75 -13.33 -3.90 -5.45
N ARG A 76 -12.65 -4.17 -4.34
CA ARG A 76 -11.56 -3.27 -3.91
C ARG A 76 -10.56 -3.22 -5.06
N GLN A 77 -10.17 -4.43 -5.45
CA GLN A 77 -9.18 -4.58 -6.53
C GLN A 77 -9.73 -4.12 -7.87
N MET A 78 -11.03 -4.25 -8.03
CA MET A 78 -11.70 -3.85 -9.26
C MET A 78 -11.53 -2.37 -9.54
N SER A 79 -11.64 -1.53 -8.51
CA SER A 79 -11.56 -0.09 -8.75
C SER A 79 -10.13 0.35 -9.05
N PHE A 80 -9.09 -0.25 -8.46
CA PHE A 80 -7.73 0.23 -8.70
C PHE A 80 -7.38 0.19 -10.19
N ALA A 81 -7.73 -0.91 -10.85
CA ALA A 81 -7.40 -1.02 -12.26
C ALA A 81 -8.27 -0.12 -13.11
N SER A 82 -9.52 0.06 -12.69
CA SER A 82 -10.45 0.93 -13.41
C SER A 82 -10.03 2.39 -13.45
N VAL A 83 -9.54 2.88 -12.31
CA VAL A 83 -9.07 4.27 -12.21
C VAL A 83 -7.80 4.46 -13.04
N ARG A 84 -7.00 3.40 -13.19
CA ARG A 84 -5.73 3.49 -13.91
C ARG A 84 -6.05 3.51 -15.40
N ILE A 85 -7.32 3.66 -15.73
CA ILE A 85 -7.76 3.70 -17.11
C ILE A 85 -7.69 5.13 -17.64
N GLY A 86 -7.54 6.12 -16.73
CA GLY A 86 -7.51 7.53 -17.16
C GLY A 86 -6.52 8.46 -16.45
N LEU A 87 -6.42 8.48 -15.11
CA LEU A 87 -5.47 9.38 -14.43
C LEU A 87 -4.00 8.94 -14.54
N TYR A 88 -3.81 7.71 -14.99
CA TYR A 88 -2.45 7.18 -15.06
C TYR A 88 -1.66 7.68 -16.27
N ASP A 89 -2.28 7.49 -17.42
CA ASP A 89 -1.68 7.92 -18.71
C ASP A 89 -1.70 9.44 -18.89
N SER A 90 -2.75 9.94 -18.32
CA SER A 90 -3.03 11.37 -18.36
C SER A 90 -2.00 12.26 -17.61
N VAL A 91 -1.67 11.93 -16.36
CA VAL A 91 -0.61 12.69 -15.65
C VAL A 91 0.79 12.34 -16.25
N LYS A 92 0.73 11.15 -16.83
CA LYS A 92 1.96 10.58 -17.46
C LYS A 92 2.43 11.35 -18.72
N GLN A 93 1.48 11.72 -19.58
CA GLN A 93 1.76 12.50 -20.79
C GLN A 93 2.01 13.95 -20.45
N PHE A 94 1.62 14.19 -19.20
CA PHE A 94 1.78 15.50 -18.58
C PHE A 94 3.22 15.70 -18.09
N TYR A 95 3.97 14.62 -17.85
CA TYR A 95 5.31 14.67 -17.27
C TYR A 95 6.41 14.31 -18.28
N THR A 96 6.08 13.49 -19.27
CA THR A 96 7.10 13.00 -20.22
C THR A 96 7.19 13.82 -21.53
N LYS A 97 6.58 15.03 -21.60
CA LYS A 97 6.66 15.92 -22.79
C LYS A 97 8.14 16.26 -23.13
N GLY A 98 9.01 15.42 -22.60
CA GLY A 98 10.45 15.54 -22.79
C GLY A 98 10.93 16.91 -22.29
N SER A 99 10.06 17.47 -21.46
CA SER A 99 10.28 18.78 -20.85
C SER A 99 11.12 19.75 -21.70
N GLU A 100 11.71 20.80 -21.10
CA GLU A 100 12.44 21.79 -21.92
C GLU A 100 13.81 22.18 -21.37
N HIS A 101 14.83 21.47 -21.84
CA HIS A 101 16.23 21.72 -21.45
C HIS A 101 16.31 22.25 -20.01
N ALA A 102 15.33 21.86 -19.22
CA ALA A 102 15.22 22.25 -17.83
C ALA A 102 13.75 22.02 -17.42
N GLY A 103 13.37 22.66 -16.32
CA GLY A 103 11.99 22.56 -15.85
C GLY A 103 11.85 21.61 -14.68
N ILE A 104 12.97 21.29 -14.07
CA ILE A 104 12.91 20.37 -12.95
C ILE A 104 12.03 20.98 -11.86
N GLY A 105 12.19 22.30 -11.66
CA GLY A 105 11.36 23.06 -10.72
C GLY A 105 9.90 23.12 -11.16
N SER A 106 9.71 23.31 -12.49
CA SER A 106 8.36 23.32 -13.07
C SER A 106 7.75 21.98 -12.75
N ARG A 107 8.49 20.91 -12.91
CA ARG A 107 7.94 19.59 -12.66
C ARG A 107 7.56 19.44 -11.19
N LEU A 108 8.36 20.01 -10.31
CA LEU A 108 8.07 19.95 -8.88
C LEU A 108 6.76 20.68 -8.62
N LEU A 109 6.65 21.85 -9.24
CA LEU A 109 5.41 22.61 -9.11
C LEU A 109 4.26 21.87 -9.77
N ALA A 110 4.43 21.32 -10.98
CA ALA A 110 3.35 20.58 -11.63
C ALA A 110 2.99 19.32 -10.84
N GLY A 111 4.01 18.59 -10.40
CA GLY A 111 3.74 17.36 -9.65
C GLY A 111 3.06 17.65 -8.33
N SER A 112 3.57 18.65 -7.62
CA SER A 112 3.01 19.02 -6.34
C SER A 112 1.58 19.53 -6.52
N THR A 113 1.38 20.37 -7.54
CA THR A 113 0.04 20.85 -7.81
C THR A 113 -0.88 19.76 -8.34
N THR A 114 -0.48 18.96 -9.34
CA THR A 114 -1.39 17.98 -9.93
C THR A 114 -1.80 16.85 -8.99
N GLY A 115 -0.81 16.34 -8.26
CA GLY A 115 -0.99 15.22 -7.34
C GLY A 115 -1.92 15.55 -6.18
N ALA A 116 -1.67 16.73 -5.65
CA ALA A 116 -2.49 17.21 -4.55
C ALA A 116 -3.92 17.34 -5.08
N LEU A 117 -4.02 17.83 -6.31
CA LEU A 117 -5.31 17.98 -6.98
C LEU A 117 -5.95 16.60 -7.21
N ALA A 118 -5.15 15.61 -7.63
CA ALA A 118 -5.67 14.27 -7.91
C ALA A 118 -6.25 13.63 -6.64
N VAL A 119 -5.59 13.85 -5.51
CA VAL A 119 -6.06 13.32 -4.23
C VAL A 119 -7.44 13.87 -3.92
N ALA A 120 -7.69 15.03 -4.52
CA ALA A 120 -8.95 15.72 -4.30
C ALA A 120 -10.16 14.86 -4.70
N VAL A 121 -10.09 14.20 -5.85
CA VAL A 121 -11.20 13.36 -6.31
C VAL A 121 -11.21 12.00 -5.59
N ALA A 122 -10.06 11.34 -5.56
CA ALA A 122 -9.95 10.02 -4.92
C ALA A 122 -9.52 10.15 -3.46
N GLN A 123 -10.12 9.34 -2.59
CA GLN A 123 -9.78 9.35 -1.18
C GLN A 123 -10.66 8.34 -0.41
N PRO A 124 -11.94 8.33 -0.65
CA PRO A 124 -12.88 7.41 0.04
C PRO A 124 -12.44 5.94 -0.05
N THR A 125 -11.81 5.59 -1.18
CA THR A 125 -11.38 4.20 -1.31
C THR A 125 -10.27 3.90 -0.30
N ASP A 126 -9.33 4.82 -0.14
CA ASP A 126 -8.26 4.55 0.81
C ASP A 126 -8.76 4.50 2.25
N VAL A 127 -9.63 5.44 2.60
CA VAL A 127 -10.18 5.51 3.96
C VAL A 127 -11.04 4.32 4.34
N VAL A 128 -11.93 3.91 3.44
CA VAL A 128 -12.84 2.81 3.73
C VAL A 128 -12.14 1.46 3.92
N LYS A 129 -11.12 1.18 3.12
CA LYS A 129 -10.44 -0.11 3.22
C LYS A 129 -9.81 -0.30 4.59
N VAL A 130 -9.17 0.73 5.13
CA VAL A 130 -8.55 0.61 6.44
C VAL A 130 -9.60 0.52 7.54
N ARG A 131 -10.60 1.38 7.45
CA ARG A 131 -11.69 1.41 8.42
C ARG A 131 -12.51 0.12 8.37
N PHE A 132 -12.71 -0.42 7.18
CA PHE A 132 -13.54 -1.61 7.03
C PHE A 132 -12.90 -2.85 7.68
N GLN A 133 -11.60 -3.04 7.50
CA GLN A 133 -10.97 -4.20 8.13
C GLN A 133 -11.02 -4.07 9.66
N ALA A 134 -10.79 -2.86 10.15
CA ALA A 134 -10.77 -2.62 11.59
C ALA A 134 -12.10 -2.84 12.29
N GLN A 135 -13.20 -2.52 11.61
CA GLN A 135 -14.51 -2.74 12.20
C GLN A 135 -14.62 -4.25 12.47
N ALA A 136 -14.63 -4.62 13.74
CA ALA A 136 -14.62 -6.02 14.14
C ALA A 136 -15.97 -6.58 14.54
N ARG A 137 -16.69 -6.06 15.54
CA ARG A 137 -17.99 -6.64 15.88
C ARG A 137 -19.11 -5.84 15.21
N ALA A 138 -19.09 -5.80 13.88
CA ALA A 138 -20.10 -5.07 13.13
C ALA A 138 -20.16 -3.63 13.60
N GLY A 139 -21.07 -3.34 14.53
CA GLY A 139 -21.23 -1.99 15.05
C GLY A 139 -22.58 -1.81 15.73
N GLY A 140 -22.83 -2.64 16.74
CA GLY A 140 -24.09 -2.57 17.46
C GLY A 140 -25.27 -2.98 16.58
N GLY A 141 -25.72 -2.06 15.73
CA GLY A 141 -26.84 -2.34 14.83
C GLY A 141 -26.54 -3.56 13.95
N ARG A 142 -27.38 -4.58 14.06
CA ARG A 142 -27.20 -5.79 13.26
C ARG A 142 -27.71 -5.59 11.84
N ARG A 143 -28.52 -6.51 11.36
CA ARG A 143 -29.07 -6.42 10.00
C ARG A 143 -27.93 -6.36 8.98
N TYR A 144 -26.78 -6.92 9.34
CA TYR A 144 -25.64 -6.91 8.45
C TYR A 144 -25.34 -5.51 7.95
N GLN A 145 -24.30 -4.88 8.51
CA GLN A 145 -23.94 -3.54 8.10
C GLN A 145 -23.31 -3.54 6.70
N SER A 146 -22.93 -2.36 6.22
CA SER A 146 -22.33 -2.24 4.89
C SER A 146 -21.50 -0.96 4.78
N THR A 147 -20.94 -0.76 3.59
CA THR A 147 -20.08 0.38 3.37
C THR A 147 -20.84 1.70 3.53
N VAL A 148 -22.01 1.80 2.93
CA VAL A 148 -22.76 3.05 3.05
C VAL A 148 -23.16 3.26 4.51
N GLU A 149 -23.65 2.20 5.15
CA GLU A 149 -24.06 2.27 6.55
C GLU A 149 -22.86 2.49 7.48
N ALA A 150 -21.75 1.84 7.17
CA ALA A 150 -20.56 1.92 8.02
C ALA A 150 -20.01 3.33 8.12
N TYR A 151 -19.88 4.04 7.01
CA TYR A 151 -19.35 5.41 7.07
C TYR A 151 -20.26 6.30 7.90
N LYS A 152 -21.55 6.27 7.61
CA LYS A 152 -22.49 7.18 8.27
C LYS A 152 -22.70 6.92 9.76
N THR A 153 -22.90 5.69 10.19
CA THR A 153 -23.14 5.41 11.60
C THR A 153 -21.96 5.79 12.52
N ILE A 154 -20.74 5.43 12.10
CA ILE A 154 -19.53 5.78 12.82
C ILE A 154 -19.35 7.30 12.81
N ALA A 155 -19.69 7.87 11.65
CA ALA A 155 -19.66 9.32 11.46
C ALA A 155 -20.62 9.96 12.47
N ARG A 156 -21.76 9.38 12.83
CA ARG A 156 -22.68 10.08 13.73
C ARG A 156 -22.07 10.34 15.09
N GLU A 157 -21.52 9.32 15.72
CA GLU A 157 -20.84 9.43 17.00
C GLU A 157 -19.47 10.07 16.79
N GLU A 158 -18.66 9.57 15.87
CA GLU A 158 -17.29 10.06 15.72
C GLU A 158 -17.16 11.39 14.96
N GLY A 159 -17.98 11.62 13.93
CA GLY A 159 -17.95 12.88 13.17
C GLY A 159 -17.03 12.81 11.95
N ILE A 160 -16.77 13.98 11.36
CA ILE A 160 -15.92 14.06 10.17
C ILE A 160 -14.46 13.83 10.53
N ARG A 161 -14.08 14.44 11.65
CA ARG A 161 -12.70 14.37 12.08
C ARG A 161 -12.27 12.92 12.28
N GLY A 162 -13.18 12.06 12.71
CA GLY A 162 -12.79 10.68 12.91
C GLY A 162 -12.32 10.07 11.60
N LEU A 163 -13.08 10.47 10.57
CA LEU A 163 -12.91 10.01 9.20
C LEU A 163 -11.67 10.49 8.45
N TRP A 164 -11.33 11.72 8.81
CA TRP A 164 -10.21 12.42 8.19
C TRP A 164 -8.90 11.90 8.75
N LYS A 165 -9.00 11.07 9.76
CA LYS A 165 -7.82 10.56 10.44
C LYS A 165 -6.72 10.14 9.47
N GLY A 166 -7.05 9.38 8.42
CA GLY A 166 -6.10 8.92 7.40
C GLY A 166 -6.11 9.86 6.18
N THR A 167 -7.27 10.38 5.82
CA THR A 167 -7.38 11.28 4.66
C THR A 167 -6.29 12.37 4.61
N SER A 168 -6.09 13.11 5.73
CA SER A 168 -5.14 14.22 5.75
C SER A 168 -3.68 13.79 5.49
N PRO A 169 -3.15 12.81 6.17
CA PRO A 169 -1.77 12.32 5.90
C PRO A 169 -1.64 11.75 4.48
N ASN A 170 -2.73 11.22 3.94
CA ASN A 170 -2.68 10.66 2.59
C ASN A 170 -2.33 11.76 1.58
N VAL A 171 -2.89 12.94 1.80
CA VAL A 171 -2.63 14.07 0.91
C VAL A 171 -1.15 14.43 0.98
N ALA A 172 -0.62 14.43 2.19
CA ALA A 172 0.80 14.76 2.41
C ALA A 172 1.69 13.76 1.69
N ARG A 173 1.30 12.49 1.72
CA ARG A 173 2.09 11.43 1.09
C ARG A 173 2.24 11.70 -0.40
N ASN A 174 1.16 12.13 -1.05
CA ASN A 174 1.19 12.40 -2.48
C ASN A 174 2.21 13.50 -2.81
N ALA A 175 2.22 14.54 -2.01
CA ALA A 175 3.14 15.66 -2.24
C ALA A 175 4.59 15.22 -2.08
N ILE A 176 4.87 14.45 -1.03
CA ILE A 176 6.24 14.01 -0.77
C ILE A 176 6.79 13.09 -1.86
N VAL A 177 6.01 12.11 -2.31
CA VAL A 177 6.50 11.20 -3.33
C VAL A 177 6.86 11.95 -4.61
N ASN A 178 5.99 12.85 -5.05
CA ASN A 178 6.25 13.63 -6.27
C ASN A 178 7.49 14.50 -6.07
N CYS A 179 7.57 15.11 -4.89
CA CYS A 179 8.70 15.95 -4.53
C CYS A 179 9.98 15.11 -4.53
N ALA A 180 9.83 13.95 -3.90
CA ALA A 180 10.87 12.92 -3.81
C ALA A 180 11.18 12.40 -5.21
N GLU A 181 10.12 12.25 -6.00
CA GLU A 181 10.21 11.70 -7.36
C GLU A 181 11.11 12.53 -8.26
N LEU A 182 10.97 13.86 -8.27
CA LEU A 182 11.80 14.63 -9.20
C LEU A 182 13.27 14.51 -8.86
N VAL A 183 13.60 14.51 -7.58
CA VAL A 183 15.02 14.39 -7.27
C VAL A 183 15.49 13.04 -7.78
N THR A 184 14.76 11.97 -7.49
CA THR A 184 15.12 10.62 -7.91
C THR A 184 15.10 10.41 -9.44
N TYR A 185 14.01 10.90 -10.05
CA TYR A 185 13.73 10.78 -11.50
C TYR A 185 14.83 11.39 -12.38
N ASP A 186 15.39 12.51 -11.98
CA ASP A 186 16.43 13.14 -12.79
C ASP A 186 17.54 12.11 -13.02
N LEU A 187 17.89 11.41 -11.96
CA LEU A 187 18.91 10.38 -12.05
C LEU A 187 18.44 9.31 -13.04
N ILE A 188 17.15 8.96 -12.99
CA ILE A 188 16.62 7.92 -13.89
C ILE A 188 16.76 8.34 -15.37
N LYS A 189 16.44 9.58 -15.76
CA LYS A 189 16.61 10.08 -17.13
C LYS A 189 18.09 10.02 -17.50
N ASP A 190 18.87 10.38 -16.52
CA ASP A 190 20.33 10.39 -16.67
C ASP A 190 20.85 8.99 -16.91
N THR A 191 20.24 7.96 -16.28
CA THR A 191 20.72 6.58 -16.46
C THR A 191 19.82 5.80 -17.45
N LEU A 192 20.49 5.19 -18.44
CA LEU A 192 19.82 4.36 -19.44
C LEU A 192 18.89 5.17 -20.34
N LEU A 193 18.87 6.50 -20.18
CA LEU A 193 17.96 7.34 -20.97
C LEU A 193 18.70 8.51 -21.65
N LYS A 194 19.93 8.26 -22.06
CA LYS A 194 20.73 9.28 -22.72
C LYS A 194 20.25 9.53 -24.14
N ALA A 195 19.57 8.52 -24.69
CA ALA A 195 19.02 8.60 -26.04
C ALA A 195 17.56 8.16 -26.04
N ASN A 196 17.32 7.03 -25.34
CA ASN A 196 16.02 6.36 -25.19
C ASN A 196 16.19 4.87 -25.58
N LEU A 197 16.35 4.64 -26.89
CA LEU A 197 16.55 3.29 -27.42
C LEU A 197 17.17 3.44 -28.81
N MET A 198 18.48 3.18 -28.89
CA MET A 198 19.20 3.28 -30.17
C MET A 198 20.18 2.10 -30.27
N THR A 199 19.83 0.97 -29.64
CA THR A 199 20.68 -0.23 -29.65
C THR A 199 19.82 -1.49 -29.72
N ASP A 200 20.43 -2.63 -29.39
CA ASP A 200 19.71 -3.92 -29.43
C ASP A 200 20.15 -4.82 -28.28
N ASP A 201 20.15 -6.14 -28.52
CA ASP A 201 20.54 -7.11 -27.50
C ASP A 201 19.57 -7.04 -26.32
N LEU A 202 18.36 -7.55 -26.53
CA LEU A 202 17.34 -7.52 -25.49
C LEU A 202 17.76 -8.29 -24.23
N PRO A 203 18.33 -9.48 -24.35
CA PRO A 203 18.72 -10.26 -23.13
C PRO A 203 19.73 -9.51 -22.28
N CYS A 204 20.57 -8.77 -23.00
CA CYS A 204 21.62 -8.01 -22.35
C CYS A 204 21.06 -6.91 -21.45
N HIS A 205 20.03 -6.22 -21.94
CA HIS A 205 19.45 -5.13 -21.19
C HIS A 205 18.74 -5.59 -19.90
N PHE A 206 18.07 -6.74 -19.99
CA PHE A 206 17.32 -7.27 -18.86
C PHE A 206 18.24 -7.63 -17.69
N THR A 207 19.36 -8.32 -17.92
CA THR A 207 20.26 -8.69 -16.84
C THR A 207 20.80 -7.45 -16.13
N SER A 208 21.07 -6.39 -16.90
CA SER A 208 21.56 -5.17 -16.30
C SER A 208 20.54 -4.67 -15.29
N ALA A 209 19.27 -4.76 -15.66
CA ALA A 209 18.20 -4.28 -14.80
C ALA A 209 18.12 -5.03 -13.47
N PHE A 210 18.27 -6.34 -13.48
CA PHE A 210 18.13 -7.12 -12.25
C PHE A 210 19.15 -6.70 -11.19
N GLY A 211 20.39 -6.61 -11.65
CA GLY A 211 21.48 -6.17 -10.78
C GLY A 211 21.14 -4.76 -10.30
N ALA A 212 20.63 -3.97 -11.24
CA ALA A 212 20.18 -2.61 -10.98
C ALA A 212 19.02 -2.66 -10.00
N GLY A 213 18.19 -3.70 -10.16
CA GLY A 213 17.01 -3.89 -9.34
C GLY A 213 17.41 -4.09 -7.87
N PHE A 214 18.45 -4.85 -7.61
CA PHE A 214 18.87 -5.07 -6.23
C PHE A 214 19.38 -3.74 -5.66
N CYS A 215 20.10 -2.97 -6.48
CA CYS A 215 20.58 -1.65 -6.04
C CYS A 215 19.38 -0.76 -5.74
N THR A 216 18.38 -0.88 -6.61
CA THR A 216 17.14 -0.11 -6.49
C THR A 216 16.42 -0.46 -5.18
N THR A 217 16.45 -1.72 -4.81
CA THR A 217 15.76 -2.15 -3.60
C THR A 217 16.32 -1.39 -2.40
N VAL A 218 17.63 -1.16 -2.36
CA VAL A 218 18.19 -0.40 -1.26
C VAL A 218 17.56 0.99 -1.25
N ILE A 219 17.39 1.56 -2.45
CA ILE A 219 16.74 2.88 -2.60
C ILE A 219 15.30 2.78 -2.08
N ALA A 220 14.67 1.65 -2.39
CA ALA A 220 13.27 1.33 -2.04
C ALA A 220 12.99 1.25 -0.52
N SER A 221 13.92 0.70 0.24
CA SER A 221 13.72 0.42 1.68
C SER A 221 13.32 1.62 2.56
N PRO A 222 13.90 2.77 2.37
CA PRO A 222 13.60 3.96 3.24
C PRO A 222 12.11 4.36 3.23
N VAL A 223 11.43 4.32 2.08
CA VAL A 223 10.01 4.67 2.09
C VAL A 223 9.22 3.65 2.93
N ASP A 224 9.65 2.39 2.84
CA ASP A 224 8.99 1.27 3.54
C ASP A 224 9.04 1.36 5.07
N VAL A 225 10.17 1.77 5.64
CA VAL A 225 10.31 1.79 7.10
C VAL A 225 9.36 2.80 7.76
N VAL A 226 9.28 4.01 7.22
CA VAL A 226 8.39 5.01 7.80
C VAL A 226 6.94 4.54 7.73
N LYS A 227 6.61 3.88 6.63
CA LYS A 227 5.26 3.37 6.40
C LYS A 227 4.81 2.38 7.48
N THR A 228 5.70 1.46 7.85
CA THR A 228 5.35 0.43 8.84
C THR A 228 4.95 1.05 10.19
N ARG A 229 5.68 2.06 10.63
CA ARG A 229 5.37 2.69 11.92
C ARG A 229 4.07 3.47 11.81
N TYR A 230 3.19 3.31 12.81
CA TYR A 230 1.90 4.02 12.85
C TYR A 230 0.91 3.39 13.86
N MET A 231 1.34 2.39 14.63
CA MET A 231 0.44 1.73 15.60
C MET A 231 0.92 1.94 17.03
N ASN A 232 0.02 1.75 17.99
CA ASN A 232 0.34 1.90 19.41
C ASN A 232 0.30 3.36 19.83
N SER A 233 0.62 3.60 21.10
CA SER A 233 0.60 4.95 21.64
C SER A 233 -0.83 5.48 21.68
N ALA A 234 -1.78 4.57 21.86
CA ALA A 234 -3.20 4.93 21.91
C ALA A 234 -3.77 4.72 23.30
N LEU A 235 -3.03 5.17 24.32
CA LEU A 235 -3.48 5.02 25.71
C LEU A 235 -4.16 6.30 26.21
N GLY A 236 -3.34 7.33 26.48
CA GLY A 236 -3.87 8.60 26.96
C GLY A 236 -2.79 9.67 26.99
N GLN A 237 -3.19 10.92 27.22
CA GLN A 237 -2.25 12.04 27.26
C GLN A 237 -1.63 12.25 25.89
N TYR A 238 -0.52 13.02 25.84
CA TYR A 238 0.19 13.33 24.59
C TYR A 238 -0.79 13.84 23.52
N HIS A 239 -0.38 14.86 22.74
CA HIS A 239 -1.30 15.35 21.73
C HIS A 239 -1.54 14.24 20.71
N SER A 240 -0.46 13.67 20.18
CA SER A 240 -0.61 12.53 19.27
C SER A 240 0.57 11.56 19.36
N ALA A 241 0.50 10.54 18.53
CA ALA A 241 1.55 9.52 18.41
C ALA A 241 2.85 10.09 17.85
N GLY A 242 2.71 10.91 16.83
CA GLY A 242 3.86 11.58 16.22
C GLY A 242 4.49 12.58 17.16
N HIS A 243 3.58 13.33 17.80
CA HIS A 243 4.01 14.36 18.75
C HIS A 243 4.73 13.73 19.92
N CYS A 244 4.29 12.52 20.25
CA CYS A 244 4.90 11.71 21.29
C CYS A 244 6.34 11.42 20.88
N ALA A 245 6.53 11.10 19.60
CA ALA A 245 7.86 10.77 19.08
C ALA A 245 8.83 11.92 19.30
N LEU A 246 8.42 13.16 19.07
CA LEU A 246 9.33 14.27 19.31
C LEU A 246 9.64 14.31 20.81
N THR A 247 8.61 14.12 21.62
CA THR A 247 8.77 14.07 23.08
C THR A 247 9.67 12.89 23.46
N MET A 248 9.41 11.74 22.85
CA MET A 248 10.14 10.50 23.10
C MET A 248 11.63 10.67 22.77
N LEU A 249 11.95 11.34 21.67
CA LEU A 249 13.34 11.51 21.28
C LEU A 249 14.05 12.30 22.38
N ARG A 250 13.45 13.39 22.83
CA ARG A 250 14.05 14.17 23.91
C ARG A 250 14.02 13.34 25.19
N LYS A 251 12.84 12.87 25.56
CA LYS A 251 12.67 12.07 26.76
C LYS A 251 13.38 10.73 26.64
N GLU A 252 12.87 9.84 25.79
CA GLU A 252 13.48 8.52 25.63
C GLU A 252 14.57 8.55 24.56
N GLY A 253 15.83 8.42 24.98
CA GLY A 253 16.96 8.46 24.04
C GLY A 253 16.62 7.83 22.68
N PRO A 254 17.32 8.21 21.63
CA PRO A 254 17.07 7.64 20.26
C PRO A 254 17.17 6.11 20.21
N ARG A 255 17.39 5.48 21.36
CA ARG A 255 17.50 4.02 21.43
C ARG A 255 16.14 3.37 21.15
N ALA A 256 15.06 4.08 21.44
CA ALA A 256 13.74 3.50 21.24
C ALA A 256 13.55 3.12 19.76
N PHE A 257 14.16 3.87 18.86
CA PHE A 257 14.08 3.56 17.44
C PHE A 257 14.70 2.20 17.15
N TYR A 258 15.85 1.96 17.79
CA TYR A 258 16.59 0.71 17.60
C TYR A 258 15.86 -0.51 18.13
N LYS A 259 15.18 -0.33 19.26
CA LYS A 259 14.40 -1.41 19.86
C LYS A 259 13.10 -1.57 19.10
N GLY A 260 12.33 -2.62 19.40
CA GLY A 260 11.06 -2.86 18.71
C GLY A 260 11.25 -2.89 17.20
N PHE A 261 11.07 -4.06 16.60
CA PHE A 261 11.23 -4.19 15.16
C PHE A 261 10.80 -5.57 14.68
N MET A 262 10.29 -6.39 15.59
CA MET A 262 9.86 -7.73 15.22
C MET A 262 8.71 -7.67 14.22
N PRO A 263 7.74 -6.82 14.47
CA PRO A 263 6.55 -6.70 13.57
C PRO A 263 6.93 -6.20 12.17
N SER A 264 7.72 -5.14 12.12
CA SER A 264 8.17 -4.58 10.85
C SER A 264 8.99 -5.59 10.08
N PHE A 265 9.83 -6.31 10.81
CA PHE A 265 10.71 -7.30 10.22
C PHE A 265 9.96 -8.45 9.55
N LEU A 266 8.94 -8.84 10.29
CA LEU A 266 7.99 -9.85 9.82
C LEU A 266 7.27 -9.31 8.56
N ARG A 267 6.95 -8.02 8.60
CA ARG A 267 6.28 -7.37 7.48
C ARG A 267 7.17 -7.38 6.24
N LEU A 268 8.45 -7.14 6.47
CA LEU A 268 9.45 -7.06 5.42
C LEU A 268 9.60 -8.38 4.66
N GLY A 269 9.47 -9.49 5.35
CA GLY A 269 9.63 -10.78 4.68
C GLY A 269 8.47 -11.00 3.71
N SER A 270 7.25 -10.84 4.21
CA SER A 270 6.04 -10.99 3.42
C SER A 270 6.02 -9.94 2.30
N TRP A 271 6.34 -8.71 2.67
CA TRP A 271 6.35 -7.59 1.72
C TRP A 271 7.33 -7.84 0.59
N ASN A 272 8.47 -8.44 0.91
CA ASN A 272 9.52 -8.71 -0.08
C ASN A 272 9.02 -9.67 -1.18
N VAL A 273 8.20 -10.65 -0.82
CA VAL A 273 7.71 -11.62 -1.79
C VAL A 273 6.88 -10.94 -2.90
N VAL A 274 6.11 -9.91 -2.56
CA VAL A 274 5.29 -9.23 -3.56
C VAL A 274 6.18 -8.60 -4.64
N MET A 275 7.30 -8.03 -4.23
CA MET A 275 8.23 -7.44 -5.19
C MET A 275 8.74 -8.51 -6.16
N PHE A 276 8.99 -9.70 -5.61
CA PHE A 276 9.51 -10.83 -6.38
C PHE A 276 8.58 -11.24 -7.54
N VAL A 277 7.28 -11.24 -7.33
CA VAL A 277 6.36 -11.66 -8.38
C VAL A 277 6.45 -10.77 -9.63
N THR A 278 6.62 -9.46 -9.46
CA THR A 278 6.76 -8.61 -10.64
C THR A 278 8.02 -9.03 -11.40
N TYR A 279 9.06 -9.32 -10.63
CA TYR A 279 10.33 -9.80 -11.19
C TYR A 279 10.00 -11.11 -11.92
N GLU A 280 9.14 -11.92 -11.34
CA GLU A 280 8.87 -13.21 -11.97
C GLU A 280 8.38 -12.98 -13.40
N GLN A 281 7.55 -11.97 -13.62
CA GLN A 281 7.07 -11.70 -14.99
C GLN A 281 8.25 -11.40 -15.92
N LEU A 282 9.17 -10.61 -15.34
CA LEU A 282 10.38 -10.23 -16.07
C LEU A 282 11.16 -11.48 -16.45
N LYS A 283 11.20 -12.44 -15.53
CA LYS A 283 11.92 -13.68 -15.76
C LYS A 283 11.31 -14.44 -16.94
N ARG A 284 9.97 -14.50 -16.96
CA ARG A 284 9.25 -15.19 -18.04
C ARG A 284 8.29 -14.22 -18.70
N ALA A 285 8.52 -13.93 -19.99
CA ALA A 285 7.69 -12.99 -20.73
C ALA A 285 6.84 -13.71 -21.78
N LEU A 286 6.21 -12.90 -22.64
CA LEU A 286 5.33 -13.42 -23.68
C LEU A 286 6.11 -14.19 -24.74
N MET A 287 7.45 -14.13 -24.68
CA MET A 287 8.30 -14.87 -25.61
C MET A 287 7.69 -15.12 -26.98
N ALA A 288 7.37 -14.08 -27.73
CA ALA A 288 6.74 -14.25 -29.03
C ALA A 288 6.58 -12.91 -29.74
N ALA A 289 7.50 -12.67 -30.67
CA ALA A 289 7.56 -11.40 -31.39
C ALA A 289 6.32 -11.15 -32.26
N TYR A 290 5.92 -12.16 -33.00
CA TYR A 290 4.77 -12.00 -33.90
C TYR A 290 3.54 -11.61 -33.07
N GLN A 291 3.40 -12.22 -31.91
CA GLN A 291 2.27 -11.93 -31.03
C GLN A 291 2.33 -10.48 -30.54
N SER A 292 3.51 -10.07 -30.09
CA SER A 292 3.71 -8.71 -29.61
C SER A 292 3.56 -7.71 -30.75
N ARG A 293 4.03 -8.08 -31.93
CA ARG A 293 3.97 -7.22 -33.11
C ARG A 293 2.52 -6.90 -33.50
N GLU A 294 1.65 -7.90 -33.46
CA GLU A 294 0.25 -7.75 -33.86
C GLU A 294 -0.56 -6.79 -32.96
N ALA A 295 -0.30 -6.79 -31.66
CA ALA A 295 -1.10 -5.96 -30.75
C ALA A 295 -1.01 -4.45 -31.08
N PRO A 296 0.17 -3.89 -31.18
CA PRO A 296 0.32 -2.44 -31.52
C PRO A 296 0.03 -2.15 -33.00
N PHE A 297 -0.30 -3.20 -33.74
CA PHE A 297 -0.59 -3.06 -35.16
C PHE A 297 -1.61 -1.94 -35.39
N MET A 1 -3.77 -11.27 -28.35
CA MET A 1 -4.35 -11.21 -26.98
C MET A 1 -3.37 -10.52 -26.04
N THR A 2 -2.21 -10.14 -26.58
CA THR A 2 -1.20 -9.47 -25.79
C THR A 2 -1.55 -7.99 -25.62
N VAL A 3 -1.73 -7.57 -24.37
CA VAL A 3 -2.08 -6.17 -24.08
C VAL A 3 -1.47 -5.72 -22.76
N LYS A 4 -1.06 -4.45 -22.73
CA LYS A 4 -0.49 -3.86 -21.52
C LYS A 4 -1.53 -3.82 -20.42
N PHE A 5 -2.76 -3.48 -20.80
CA PHE A 5 -3.86 -3.39 -19.86
C PHE A 5 -4.21 -4.72 -19.21
N LEU A 6 -4.20 -5.79 -20.01
CA LEU A 6 -4.52 -7.12 -19.53
C LEU A 6 -3.35 -7.77 -18.80
N GLY A 7 -2.13 -7.35 -19.17
CA GLY A 7 -0.93 -7.85 -18.51
C GLY A 7 -0.96 -7.34 -17.07
N ALA A 8 -1.37 -6.09 -16.98
CA ALA A 8 -1.56 -5.36 -15.74
C ALA A 8 -2.79 -5.94 -15.06
N GLY A 9 -3.63 -6.35 -16.00
CA GLY A 9 -4.91 -6.94 -15.61
C GLY A 9 -4.62 -8.23 -14.85
N THR A 10 -3.66 -9.02 -15.35
CA THR A 10 -3.28 -10.26 -14.68
C THR A 10 -2.54 -9.92 -13.39
N ALA A 11 -1.88 -8.75 -13.40
CA ALA A 11 -1.10 -8.27 -12.27
C ALA A 11 -1.98 -7.97 -11.06
N ALA A 12 -3.04 -7.20 -11.27
CA ALA A 12 -3.87 -6.83 -10.14
C ALA A 12 -4.49 -8.05 -9.48
N CYS A 13 -4.85 -9.04 -10.29
CA CYS A 13 -5.48 -10.25 -9.76
C CYS A 13 -4.53 -11.01 -8.84
N ILE A 14 -3.33 -11.32 -9.32
CA ILE A 14 -2.39 -12.09 -8.52
C ILE A 14 -1.89 -11.38 -7.26
N ALA A 15 -1.62 -10.08 -7.34
CA ALA A 15 -1.01 -9.40 -6.19
C ALA A 15 -1.89 -9.40 -4.97
N ASP A 16 -3.20 -9.16 -5.08
CA ASP A 16 -4.00 -9.08 -3.87
C ASP A 16 -4.28 -10.48 -3.35
N LEU A 17 -4.31 -11.51 -4.19
CA LEU A 17 -4.60 -12.84 -3.69
C LEU A 17 -3.56 -13.29 -2.64
N ILE A 18 -2.27 -13.28 -3.02
CA ILE A 18 -1.21 -13.69 -2.08
C ILE A 18 -0.92 -12.63 -1.02
N THR A 19 -1.61 -11.49 -1.17
CA THR A 19 -1.38 -10.38 -0.22
C THR A 19 -2.59 -10.21 0.70
N PHE A 20 -3.76 -10.73 0.40
CA PHE A 20 -4.87 -10.48 1.31
C PHE A 20 -4.68 -11.20 2.67
N PRO A 21 -4.29 -12.46 2.71
CA PRO A 21 -4.08 -13.16 4.03
C PRO A 21 -3.02 -12.47 4.90
N LEU A 22 -2.23 -11.60 4.29
CA LEU A 22 -1.14 -10.93 5.01
C LEU A 22 -1.62 -9.94 6.07
N ASP A 23 -2.73 -9.26 5.78
CA ASP A 23 -3.25 -8.26 6.69
C ASP A 23 -3.69 -8.86 8.01
N THR A 24 -4.32 -10.02 7.95
CA THR A 24 -4.80 -10.67 9.16
C THR A 24 -3.67 -10.95 10.17
N ALA A 25 -2.47 -11.26 9.68
CA ALA A 25 -1.37 -11.55 10.60
C ALA A 25 -0.91 -10.32 11.40
N LYS A 26 -0.87 -9.14 10.79
CA LYS A 26 -0.39 -7.97 11.53
C LYS A 26 -1.26 -7.66 12.73
N VAL A 27 -2.57 -7.63 12.57
CA VAL A 27 -3.48 -7.28 13.66
C VAL A 27 -3.41 -8.27 14.81
N ARG A 28 -3.28 -9.56 14.53
CA ARG A 28 -3.24 -10.52 15.62
C ARG A 28 -2.06 -10.21 16.55
N LEU A 29 -0.92 -9.85 15.96
CA LEU A 29 0.26 -9.47 16.74
C LEU A 29 -0.03 -8.20 17.57
N GLN A 30 -1.22 -8.09 18.13
CA GLN A 30 -1.59 -6.91 18.92
C GLN A 30 -0.88 -6.89 20.27
N ILE A 31 0.26 -7.59 20.34
CA ILE A 31 1.07 -7.68 21.57
C ILE A 31 0.19 -7.54 22.83
N GLN A 32 -1.03 -8.06 22.74
CA GLN A 32 -1.96 -8.00 23.87
C GLN A 32 -2.12 -6.56 24.35
N GLY A 33 -3.19 -5.91 23.90
CA GLY A 33 -3.45 -4.53 24.30
C GLY A 33 -4.85 -4.09 23.89
N GLU A 34 -5.78 -5.04 23.88
CA GLU A 34 -7.16 -4.75 23.49
C GLU A 34 -7.85 -3.91 24.56
N SER A 35 -7.41 -4.07 25.80
CA SER A 35 -7.98 -3.32 26.92
C SER A 35 -9.47 -3.60 27.05
N GLN A 36 -9.85 -4.87 26.91
CA GLN A 36 -11.26 -5.27 27.01
C GLN A 36 -11.53 -5.84 28.40
N GLY A 37 -10.46 -6.24 29.08
CA GLY A 37 -10.58 -6.82 30.42
C GLY A 37 -10.67 -8.34 30.34
N LEU A 38 -11.12 -8.82 29.18
CA LEU A 38 -11.23 -10.27 28.96
C LEU A 38 -9.82 -10.88 28.96
N VAL A 39 -8.87 -10.14 28.39
CA VAL A 39 -7.49 -10.58 28.29
C VAL A 39 -6.86 -10.80 29.67
N ARG A 40 -7.08 -9.87 30.59
CA ARG A 40 -6.47 -10.00 31.92
C ARG A 40 -7.02 -11.23 32.66
N THR A 41 -8.29 -11.55 32.41
CA THR A 41 -8.89 -12.73 33.05
C THR A 41 -8.24 -14.00 32.52
N ALA A 42 -7.94 -13.99 31.22
CA ALA A 42 -7.30 -15.14 30.57
C ALA A 42 -5.79 -14.96 30.57
N ALA A 43 -5.13 -15.46 29.52
CA ALA A 43 -3.68 -15.33 29.42
C ALA A 43 -3.17 -15.87 28.09
N SER A 44 -3.85 -16.90 27.57
CA SER A 44 -3.47 -17.52 26.31
C SER A 44 -4.70 -17.58 25.39
N ALA A 45 -4.86 -18.71 24.70
CA ALA A 45 -5.99 -18.94 23.80
C ALA A 45 -5.62 -18.66 22.35
N GLN A 46 -4.32 -18.54 22.08
CA GLN A 46 -3.84 -18.31 20.74
C GLN A 46 -2.32 -18.34 20.72
N TYR A 47 -1.75 -19.24 19.92
CA TYR A 47 -0.30 -19.37 19.82
C TYR A 47 0.21 -18.38 18.79
N ARG A 48 1.46 -17.92 18.96
CA ARG A 48 2.04 -16.99 17.99
C ARG A 48 1.73 -17.51 16.59
N GLY A 49 1.70 -18.84 16.52
CA GLY A 49 1.46 -19.57 15.29
C GLY A 49 0.35 -18.95 14.44
N VAL A 50 0.75 -18.48 13.27
CA VAL A 50 -0.17 -17.92 12.29
C VAL A 50 -1.06 -19.04 11.76
N LEU A 51 -0.62 -20.29 11.64
CA LEU A 51 -1.54 -21.29 11.11
C LEU A 51 -2.78 -21.43 12.02
N GLY A 52 -2.57 -21.22 13.32
CA GLY A 52 -3.64 -21.39 14.31
C GLY A 52 -4.81 -20.40 14.18
N THR A 53 -4.47 -19.13 14.06
CA THR A 53 -5.49 -18.09 13.93
C THR A 53 -6.34 -18.26 12.68
N ILE A 54 -5.73 -18.53 11.54
CA ILE A 54 -6.50 -18.69 10.31
C ILE A 54 -7.49 -19.84 10.52
N LEU A 55 -7.15 -20.91 11.25
CA LEU A 55 -8.12 -21.99 11.44
C LEU A 55 -9.36 -21.52 12.23
N THR A 56 -9.09 -20.64 13.18
CA THR A 56 -10.07 -20.11 14.12
C THR A 56 -11.15 -19.34 13.40
N MET A 57 -10.79 -18.56 12.37
CA MET A 57 -11.77 -17.73 11.70
C MET A 57 -12.93 -18.51 11.05
N VAL A 58 -12.65 -19.67 10.44
CA VAL A 58 -13.73 -20.42 9.80
C VAL A 58 -14.74 -21.04 10.78
N ARG A 59 -14.25 -21.58 11.88
CA ARG A 59 -15.14 -22.24 12.85
C ARG A 59 -15.89 -21.24 13.74
N THR A 60 -15.42 -20.01 13.68
CA THR A 60 -16.02 -18.91 14.45
C THR A 60 -17.46 -18.66 13.98
N GLU A 61 -17.63 -18.43 12.68
CA GLU A 61 -18.95 -18.20 12.10
C GLU A 61 -19.38 -19.42 11.27
N GLY A 62 -18.58 -19.80 10.28
CA GLY A 62 -18.90 -20.95 9.43
C GLY A 62 -18.17 -20.85 8.09
N PRO A 63 -18.09 -21.92 7.35
CA PRO A 63 -17.37 -21.92 6.03
C PRO A 63 -17.95 -20.86 5.08
N ARG A 64 -19.25 -20.66 5.16
CA ARG A 64 -19.93 -19.63 4.38
C ARG A 64 -19.40 -18.25 4.72
N SER A 65 -18.64 -18.21 5.81
CA SER A 65 -18.11 -16.94 6.27
C SER A 65 -16.91 -16.50 5.43
N LEU A 66 -16.13 -17.44 4.92
CA LEU A 66 -14.98 -17.10 4.09
C LEU A 66 -15.43 -16.68 2.69
N TYR A 67 -16.51 -17.29 2.21
CA TYR A 67 -17.03 -17.02 0.87
C TYR A 67 -18.09 -15.92 0.84
N ASN A 68 -18.38 -15.48 2.07
CA ASN A 68 -19.30 -14.34 2.27
C ASN A 68 -18.42 -13.10 2.47
N GLY A 69 -18.54 -12.13 1.57
CA GLY A 69 -17.71 -10.92 1.63
C GLY A 69 -16.61 -11.03 0.58
N LEU A 70 -16.48 -12.27 0.10
CA LEU A 70 -15.46 -12.54 -0.91
C LEU A 70 -15.67 -11.67 -2.14
N VAL A 71 -16.95 -11.41 -2.42
CA VAL A 71 -17.31 -10.57 -3.55
C VAL A 71 -16.94 -9.12 -3.24
N ALA A 72 -16.91 -8.79 -1.93
CA ALA A 72 -16.57 -7.44 -1.53
C ALA A 72 -15.07 -7.16 -1.66
N GLY A 73 -14.21 -8.17 -1.48
CA GLY A 73 -12.78 -7.92 -1.55
C GLY A 73 -12.35 -7.55 -2.96
N LEU A 74 -12.93 -8.25 -3.92
CA LEU A 74 -12.57 -8.06 -5.32
C LEU A 74 -12.88 -6.64 -5.81
N GLN A 75 -14.03 -6.16 -5.34
CA GLN A 75 -14.47 -4.83 -5.72
C GLN A 75 -13.43 -3.80 -5.24
N ARG A 76 -12.72 -4.18 -4.18
CA ARG A 76 -11.59 -3.37 -3.70
C ARG A 76 -10.62 -3.26 -4.87
N GLN A 77 -10.28 -4.44 -5.37
CA GLN A 77 -9.33 -4.55 -6.48
C GLN A 77 -9.88 -3.98 -7.78
N MET A 78 -11.18 -4.05 -7.92
CA MET A 78 -11.86 -3.56 -9.10
C MET A 78 -11.65 -2.07 -9.32
N SER A 79 -11.70 -1.28 -8.25
CA SER A 79 -11.57 0.16 -8.43
C SER A 79 -10.13 0.56 -8.73
N PHE A 80 -9.11 -0.10 -8.18
CA PHE A 80 -7.74 0.32 -8.43
C PHE A 80 -7.40 0.33 -9.91
N ALA A 81 -7.80 -0.71 -10.63
CA ALA A 81 -7.50 -0.77 -12.04
C ALA A 81 -8.36 0.20 -12.81
N SER A 82 -9.59 0.40 -12.35
CA SER A 82 -10.50 1.33 -12.99
C SER A 82 -10.02 2.78 -12.92
N VAL A 83 -9.50 3.14 -11.74
CA VAL A 83 -8.95 4.48 -11.55
C VAL A 83 -7.67 4.64 -12.37
N ARG A 84 -6.98 3.53 -12.61
CA ARG A 84 -5.71 3.57 -13.34
C ARG A 84 -6.03 3.70 -14.83
N ILE A 85 -7.30 3.92 -15.14
CA ILE A 85 -7.73 4.10 -16.52
C ILE A 85 -7.60 5.59 -16.87
N GLY A 86 -7.42 6.41 -15.81
CA GLY A 86 -7.35 7.86 -15.99
C GLY A 86 -6.31 8.60 -15.11
N LEU A 87 -6.26 8.34 -13.81
CA LEU A 87 -5.30 9.05 -12.94
C LEU A 87 -3.84 8.62 -13.18
N TYR A 88 -3.70 7.52 -13.91
CA TYR A 88 -2.35 7.02 -14.21
C TYR A 88 -1.70 7.79 -15.36
N ASP A 89 -2.44 7.89 -16.43
CA ASP A 89 -1.92 8.60 -17.60
C ASP A 89 -1.82 10.09 -17.33
N SER A 90 -2.77 10.49 -16.51
CA SER A 90 -2.80 11.88 -16.08
C SER A 90 -1.64 12.30 -15.13
N VAL A 91 -1.35 11.61 -14.02
CA VAL A 91 -0.20 12.04 -13.18
C VAL A 91 1.17 11.68 -13.81
N LYS A 92 1.07 10.60 -14.57
CA LYS A 92 2.26 10.05 -15.27
C LYS A 92 2.75 10.96 -16.41
N GLN A 93 1.80 11.50 -17.19
CA GLN A 93 2.09 12.39 -18.31
C GLN A 93 2.38 13.79 -17.83
N PHE A 94 2.10 13.99 -16.54
CA PHE A 94 2.32 15.28 -15.87
C PHE A 94 3.81 15.46 -15.51
N TYR A 95 4.61 14.39 -15.40
CA TYR A 95 6.01 14.51 -14.96
C TYR A 95 6.99 14.26 -16.11
N THR A 96 6.62 13.42 -17.08
CA THR A 96 7.58 13.20 -18.20
C THR A 96 7.23 14.06 -19.42
N LYS A 97 6.30 15.00 -19.30
CA LYS A 97 5.92 15.85 -20.44
C LYS A 97 7.12 16.55 -21.08
N GLY A 98 7.39 16.26 -22.37
CA GLY A 98 8.52 16.88 -23.10
C GLY A 98 9.06 18.14 -22.44
N SER A 99 8.50 19.31 -22.76
CA SER A 99 8.94 20.59 -22.19
C SER A 99 10.47 20.71 -22.18
N GLU A 100 11.02 21.63 -23.01
CA GLU A 100 12.46 21.94 -23.16
C GLU A 100 13.40 21.29 -22.13
N HIS A 101 14.50 21.99 -21.81
CA HIS A 101 15.50 21.46 -20.89
C HIS A 101 15.45 22.13 -19.51
N ALA A 102 14.42 21.78 -18.75
CA ALA A 102 14.24 22.25 -17.37
C ALA A 102 12.77 22.08 -16.98
N GLY A 103 12.44 22.78 -15.87
CA GLY A 103 11.05 22.76 -15.39
C GLY A 103 10.89 21.83 -14.21
N ILE A 104 12.00 21.44 -13.59
CA ILE A 104 11.91 20.51 -12.48
C ILE A 104 11.08 21.11 -11.35
N GLY A 105 11.28 22.42 -11.08
CA GLY A 105 10.52 23.15 -10.07
C GLY A 105 9.04 23.27 -10.44
N SER A 106 8.80 23.51 -11.74
CA SER A 106 7.45 23.59 -12.28
C SER A 106 6.79 22.25 -11.99
N ARG A 107 7.49 21.15 -12.17
CA ARG A 107 6.86 19.86 -11.96
C ARG A 107 6.44 19.69 -10.50
N LEU A 108 7.25 20.19 -9.58
CA LEU A 108 6.95 20.11 -8.16
C LEU A 108 5.66 20.88 -7.86
N LEU A 109 5.60 22.09 -8.42
CA LEU A 109 4.40 22.89 -8.21
C LEU A 109 3.21 22.22 -8.91
N ALA A 110 3.34 21.74 -10.14
CA ALA A 110 2.23 21.08 -10.81
C ALA A 110 1.86 19.80 -10.07
N GLY A 111 2.86 19.02 -9.69
CA GLY A 111 2.61 17.76 -9.01
C GLY A 111 1.99 18.00 -7.65
N SER A 112 2.54 18.96 -6.92
CA SER A 112 2.03 19.28 -5.60
C SER A 112 0.61 19.82 -5.67
N THR A 113 0.36 20.72 -6.63
CA THR A 113 -1.00 21.24 -6.79
C THR A 113 -1.96 20.18 -7.31
N THR A 114 -1.63 19.43 -8.37
CA THR A 114 -2.59 18.51 -8.96
C THR A 114 -3.00 17.34 -8.07
N GLY A 115 -1.99 16.77 -7.41
CA GLY A 115 -2.18 15.61 -6.55
C GLY A 115 -3.06 15.90 -5.33
N ALA A 116 -2.76 17.05 -4.74
CA ALA A 116 -3.53 17.50 -3.60
C ALA A 116 -4.96 17.71 -4.09
N LEU A 117 -5.09 18.28 -5.27
CA LEU A 117 -6.40 18.52 -5.87
C LEU A 117 -7.12 17.19 -6.17
N ALA A 118 -6.37 16.21 -6.71
CA ALA A 118 -6.98 14.91 -7.09
C ALA A 118 -7.55 14.14 -5.89
N VAL A 119 -6.86 14.15 -4.76
CA VAL A 119 -7.36 13.44 -3.57
C VAL A 119 -8.70 14.02 -3.15
N ALA A 120 -8.81 15.29 -3.54
CA ALA A 120 -10.00 16.08 -3.24
C ALA A 120 -11.28 15.47 -3.83
N VAL A 121 -11.22 15.05 -5.10
CA VAL A 121 -12.41 14.48 -5.76
C VAL A 121 -12.67 13.02 -5.38
N ALA A 122 -11.63 12.19 -5.43
CA ALA A 122 -11.78 10.75 -5.12
C ALA A 122 -10.87 10.33 -3.99
N GLN A 123 -11.43 9.54 -3.08
CA GLN A 123 -10.70 9.01 -1.93
C GLN A 123 -11.62 8.32 -0.89
N PRO A 124 -12.92 8.59 -0.84
CA PRO A 124 -13.79 7.94 0.18
C PRO A 124 -13.69 6.41 0.18
N THR A 125 -13.50 5.82 -0.99
CA THR A 125 -13.39 4.36 -1.04
C THR A 125 -12.10 3.94 -0.33
N ASP A 126 -11.02 4.67 -0.55
CA ASP A 126 -9.77 4.27 0.08
C ASP A 126 -9.85 4.36 1.61
N VAL A 127 -10.46 5.44 2.11
CA VAL A 127 -10.57 5.65 3.55
C VAL A 127 -11.42 4.58 4.26
N VAL A 128 -12.57 4.23 3.67
CA VAL A 128 -13.47 3.26 4.30
C VAL A 128 -12.89 1.85 4.40
N LYS A 129 -12.15 1.40 3.38
CA LYS A 129 -11.64 0.03 3.38
C LYS A 129 -10.69 -0.24 4.56
N VAL A 130 -9.82 0.70 4.90
CA VAL A 130 -8.90 0.49 6.02
C VAL A 130 -9.69 0.48 7.32
N ARG A 131 -10.60 1.45 7.43
CA ARG A 131 -11.46 1.60 8.60
C ARG A 131 -12.37 0.38 8.73
N PHE A 132 -12.80 -0.15 7.59
CA PHE A 132 -13.72 -1.28 7.57
C PHE A 132 -13.08 -2.55 8.13
N GLN A 133 -11.81 -2.82 7.83
CA GLN A 133 -11.18 -4.02 8.38
C GLN A 133 -11.13 -3.91 9.90
N ALA A 134 -10.84 -2.72 10.41
CA ALA A 134 -10.74 -2.54 11.85
C ALA A 134 -12.06 -2.77 12.59
N GLN A 135 -13.15 -2.37 11.95
CA GLN A 135 -14.46 -2.59 12.54
C GLN A 135 -14.61 -4.09 12.74
N ALA A 136 -14.60 -4.51 14.00
CA ALA A 136 -14.63 -5.93 14.34
C ALA A 136 -16.01 -6.46 14.72
N ARG A 137 -16.69 -5.97 15.77
CA ARG A 137 -18.02 -6.50 16.08
C ARG A 137 -19.10 -5.59 15.52
N ALA A 138 -19.90 -6.12 14.60
CA ALA A 138 -20.96 -5.33 13.99
C ALA A 138 -22.05 -5.01 15.01
N GLY A 139 -22.03 -5.72 16.14
CA GLY A 139 -23.02 -5.50 17.19
C GLY A 139 -24.39 -6.01 16.75
N GLY A 140 -25.41 -5.75 17.57
CA GLY A 140 -26.75 -6.19 17.25
C GLY A 140 -27.10 -5.87 15.80
N GLY A 141 -27.74 -4.72 15.60
CA GLY A 141 -28.12 -4.30 14.25
C GLY A 141 -28.81 -5.43 13.49
N ARG A 142 -30.14 -5.36 13.41
CA ARG A 142 -30.91 -6.37 12.72
C ARG A 142 -30.48 -6.44 11.25
N ARG A 143 -30.26 -5.28 10.65
CA ARG A 143 -29.84 -5.23 9.26
C ARG A 143 -28.57 -6.05 9.04
N TYR A 144 -27.96 -5.91 7.87
CA TYR A 144 -26.74 -6.65 7.53
C TYR A 144 -25.54 -5.70 7.49
N GLN A 145 -25.78 -4.42 7.75
CA GLN A 145 -24.71 -3.43 7.73
C GLN A 145 -24.05 -3.40 6.34
N SER A 146 -23.62 -2.21 5.93
CA SER A 146 -22.98 -2.04 4.63
C SER A 146 -22.09 -0.80 4.60
N THR A 147 -21.51 -0.56 3.43
CA THR A 147 -20.59 0.57 3.27
C THR A 147 -21.30 1.90 3.49
N VAL A 148 -22.47 2.08 2.89
CA VAL A 148 -23.17 3.35 3.07
C VAL A 148 -23.54 3.51 4.54
N GLU A 149 -24.07 2.43 5.14
CA GLU A 149 -24.45 2.47 6.55
C GLU A 149 -23.23 2.60 7.45
N ALA A 150 -22.14 1.92 7.09
CA ALA A 150 -20.92 1.93 7.90
C ALA A 150 -20.31 3.33 8.02
N TYR A 151 -20.21 4.06 6.93
CA TYR A 151 -19.62 5.40 6.98
C TYR A 151 -20.44 6.31 7.88
N LYS A 152 -21.74 6.33 7.65
CA LYS A 152 -22.62 7.26 8.37
C LYS A 152 -22.79 6.96 9.87
N THR A 153 -23.00 5.72 10.28
CA THR A 153 -23.21 5.40 11.69
C THR A 153 -22.01 5.73 12.59
N ILE A 154 -20.80 5.35 12.13
CA ILE A 154 -19.56 5.66 12.85
C ILE A 154 -19.34 7.17 12.89
N ALA A 155 -19.72 7.80 11.78
CA ALA A 155 -19.66 9.26 11.63
C ALA A 155 -20.52 9.87 12.73
N ARG A 156 -21.65 9.30 13.13
CA ARG A 156 -22.50 9.99 14.10
C ARG A 156 -21.80 10.21 15.44
N GLU A 157 -21.21 9.17 16.02
CA GLU A 157 -20.47 9.25 17.29
C GLU A 157 -19.11 9.91 17.09
N GLU A 158 -18.31 9.46 16.15
CA GLU A 158 -16.94 9.96 16.03
C GLU A 158 -16.76 11.34 15.37
N GLY A 159 -17.58 11.67 14.37
CA GLY A 159 -17.52 12.98 13.73
C GLY A 159 -16.61 12.97 12.51
N ILE A 160 -16.29 14.18 12.03
CA ILE A 160 -15.43 14.34 10.86
C ILE A 160 -13.99 14.02 11.23
N ARG A 161 -13.59 14.55 12.39
CA ARG A 161 -12.22 14.39 12.84
C ARG A 161 -11.86 12.93 12.99
N GLY A 162 -12.82 12.09 13.39
CA GLY A 162 -12.49 10.68 13.54
C GLY A 162 -12.06 10.13 12.19
N LEU A 163 -12.80 10.61 11.19
CA LEU A 163 -12.66 10.23 9.79
C LEU A 163 -11.41 10.71 9.06
N TRP A 164 -11.02 11.91 9.49
CA TRP A 164 -9.88 12.60 8.89
C TRP A 164 -8.58 12.00 9.43
N LYS A 165 -8.71 11.12 10.40
CA LYS A 165 -7.55 10.54 11.05
C LYS A 165 -6.47 10.13 10.05
N GLY A 166 -6.84 9.41 8.98
CA GLY A 166 -5.91 8.96 7.94
C GLY A 166 -5.86 9.92 6.75
N THR A 167 -7.01 10.46 6.35
CA THR A 167 -7.08 11.38 5.21
C THR A 167 -5.98 12.46 5.20
N SER A 168 -5.82 13.19 6.33
CA SER A 168 -4.85 14.29 6.36
C SER A 168 -3.39 13.82 6.16
N PRO A 169 -2.92 12.83 6.88
CA PRO A 169 -1.54 12.29 6.68
C PRO A 169 -1.38 11.65 5.29
N ASN A 170 -2.47 11.14 4.72
CA ASN A 170 -2.40 10.51 3.42
C ASN A 170 -1.96 11.53 2.36
N VAL A 171 -2.47 12.75 2.48
CA VAL A 171 -2.11 13.81 1.55
C VAL A 171 -0.61 14.09 1.64
N ALA A 172 -0.10 14.14 2.87
CA ALA A 172 1.31 14.41 3.09
C ALA A 172 2.18 13.34 2.45
N ARG A 173 1.74 12.09 2.55
CA ARG A 173 2.50 10.97 2.00
C ARG A 173 2.68 11.12 0.48
N ASN A 174 1.62 11.57 -0.19
CA ASN A 174 1.65 11.75 -1.63
C ASN A 174 2.73 12.76 -2.01
N ALA A 175 2.81 13.83 -1.24
CA ALA A 175 3.79 14.89 -1.52
C ALA A 175 5.23 14.38 -1.41
N ILE A 176 5.52 13.58 -0.38
CA ILE A 176 6.89 13.08 -0.18
C ILE A 176 7.36 12.18 -1.33
N VAL A 177 6.52 11.26 -1.79
CA VAL A 177 6.95 10.36 -2.87
C VAL A 177 7.34 11.15 -4.12
N ASN A 178 6.53 12.13 -4.52
CA ASN A 178 6.85 12.93 -5.69
C ASN A 178 8.17 13.68 -5.47
N CYS A 179 8.29 14.20 -4.26
CA CYS A 179 9.48 14.95 -3.84
C CYS A 179 10.73 14.04 -3.88
N ALA A 180 10.56 12.84 -3.33
CA ALA A 180 11.61 11.82 -3.31
C ALA A 180 11.93 11.40 -4.74
N GLU A 181 10.88 11.27 -5.54
CA GLU A 181 10.96 10.86 -6.95
C GLU A 181 11.80 11.80 -7.81
N LEU A 182 11.65 13.12 -7.67
CA LEU A 182 12.38 14.03 -8.58
C LEU A 182 13.89 13.86 -8.38
N VAL A 183 14.30 13.66 -7.14
CA VAL A 183 15.73 13.49 -6.95
C VAL A 183 16.13 12.20 -7.66
N THR A 184 15.36 11.14 -7.47
CA THR A 184 15.64 9.82 -8.01
C THR A 184 15.63 9.75 -9.55
N TYR A 185 14.59 10.33 -10.16
CA TYR A 185 14.39 10.34 -11.62
C TYR A 185 15.60 10.95 -12.33
N ASP A 186 16.17 12.00 -11.78
CA ASP A 186 17.33 12.63 -12.38
C ASP A 186 18.40 11.56 -12.54
N LEU A 187 18.57 10.76 -11.51
CA LEU A 187 19.54 9.68 -11.51
C LEU A 187 19.19 8.70 -12.65
N ILE A 188 17.90 8.45 -12.82
CA ILE A 188 17.45 7.55 -13.89
C ILE A 188 17.84 8.12 -15.26
N LYS A 189 17.68 9.43 -15.46
CA LYS A 189 18.01 10.16 -16.70
C LYS A 189 19.48 10.07 -17.13
N ASP A 190 20.43 10.13 -16.21
CA ASP A 190 21.84 10.12 -16.60
C ASP A 190 22.20 8.82 -17.27
N THR A 191 21.73 7.69 -16.75
CA THR A 191 22.10 6.38 -17.29
C THR A 191 21.03 5.75 -18.16
N LEU A 192 21.47 5.33 -19.34
CA LEU A 192 20.64 4.66 -20.32
C LEU A 192 19.57 5.59 -20.87
N LEU A 193 19.57 6.84 -20.45
CA LEU A 193 18.56 7.80 -20.92
C LEU A 193 19.25 8.99 -21.58
N LYS A 194 20.45 8.75 -22.07
CA LYS A 194 21.22 9.79 -22.73
C LYS A 194 20.72 9.99 -24.16
N ALA A 195 20.01 8.98 -24.65
CA ALA A 195 19.45 8.99 -25.99
C ALA A 195 18.42 7.87 -26.16
N ASN A 196 17.82 7.45 -25.04
CA ASN A 196 16.83 6.36 -25.01
C ASN A 196 17.53 5.03 -24.70
N LEU A 197 17.27 3.99 -25.48
CA LEU A 197 17.89 2.69 -25.27
C LEU A 197 17.54 1.85 -26.47
N MET A 198 17.94 2.39 -27.60
CA MET A 198 17.73 1.74 -28.89
C MET A 198 19.02 1.04 -29.33
N THR A 199 19.65 0.36 -28.36
CA THR A 199 20.89 -0.35 -28.61
C THR A 199 20.66 -1.56 -29.50
N ASP A 200 21.18 -2.72 -29.09
CA ASP A 200 21.01 -3.94 -29.87
C ASP A 200 21.20 -5.18 -28.99
N ASP A 201 21.08 -5.00 -27.69
CA ASP A 201 21.24 -6.11 -26.74
C ASP A 201 20.34 -5.91 -25.52
N LEU A 202 19.07 -6.26 -25.67
CA LEU A 202 18.11 -6.11 -24.59
C LEU A 202 18.45 -6.94 -23.33
N PRO A 203 18.91 -8.19 -23.38
CA PRO A 203 19.19 -8.95 -22.12
C PRO A 203 20.25 -8.26 -21.28
N CYS A 204 21.16 -7.61 -21.99
CA CYS A 204 22.26 -6.92 -21.35
C CYS A 204 21.79 -5.78 -20.45
N HIS A 205 20.81 -5.01 -20.93
CA HIS A 205 20.30 -3.90 -20.15
C HIS A 205 19.58 -4.37 -18.88
N PHE A 206 18.85 -5.48 -19.00
CA PHE A 206 18.07 -6.03 -17.89
C PHE A 206 18.98 -6.48 -16.74
N THR A 207 20.07 -7.20 -17.01
CA THR A 207 20.96 -7.65 -15.94
C THR A 207 21.55 -6.45 -15.19
N SER A 208 21.86 -5.38 -15.90
CA SER A 208 22.39 -4.20 -15.25
C SER A 208 21.37 -3.71 -14.23
N ALA A 209 20.10 -3.73 -14.61
CA ALA A 209 19.04 -3.24 -13.74
C ALA A 209 18.90 -4.06 -12.46
N PHE A 210 19.00 -5.38 -12.56
CA PHE A 210 18.79 -6.22 -11.39
C PHE A 210 19.82 -5.96 -10.28
N GLY A 211 21.07 -5.90 -10.72
CA GLY A 211 22.15 -5.58 -9.79
C GLY A 211 21.87 -4.20 -9.21
N ALA A 212 21.43 -3.31 -10.09
CA ALA A 212 21.05 -1.94 -9.75
C ALA A 212 19.84 -2.00 -8.80
N GLY A 213 18.96 -2.95 -9.08
CA GLY A 213 17.73 -3.13 -8.33
C GLY A 213 18.02 -3.48 -6.87
N PHE A 214 19.00 -4.33 -6.63
CA PHE A 214 19.30 -4.69 -5.26
C PHE A 214 19.85 -3.46 -4.54
N CYS A 215 20.65 -2.66 -5.25
CA CYS A 215 21.15 -1.42 -4.68
C CYS A 215 19.95 -0.50 -4.41
N THR A 216 19.02 -0.52 -5.36
CA THR A 216 17.79 0.27 -5.29
C THR A 216 16.94 -0.15 -4.09
N THR A 217 16.89 -1.44 -3.82
CA THR A 217 16.09 -1.95 -2.71
C THR A 217 16.52 -1.32 -1.40
N VAL A 218 17.81 -1.13 -1.21
CA VAL A 218 18.27 -0.51 0.04
C VAL A 218 17.66 0.88 0.14
N ILE A 219 17.59 1.59 -0.98
CA ILE A 219 16.98 2.92 -1.02
C ILE A 219 15.50 2.81 -0.63
N ALA A 220 14.88 1.74 -1.12
CA ALA A 220 13.46 1.41 -0.90
C ALA A 220 13.06 1.15 0.58
N SER A 221 13.94 0.48 1.33
CA SER A 221 13.62 0.03 2.70
C SER A 221 13.21 1.14 3.68
N PRO A 222 13.83 2.28 3.67
CA PRO A 222 13.48 3.39 4.59
C PRO A 222 12.02 3.82 4.45
N VAL A 223 11.46 3.87 3.24
CA VAL A 223 10.06 4.24 3.12
C VAL A 223 9.19 3.21 3.83
N ASP A 224 9.60 1.94 3.73
CA ASP A 224 8.88 0.83 4.36
C ASP A 224 8.90 0.93 5.90
N VAL A 225 10.04 1.32 6.44
CA VAL A 225 10.22 1.38 7.90
C VAL A 225 9.31 2.40 8.58
N VAL A 226 9.21 3.61 8.03
CA VAL A 226 8.36 4.62 8.65
C VAL A 226 6.91 4.17 8.66
N LYS A 227 6.49 3.51 7.59
CA LYS A 227 5.12 3.02 7.48
C LYS A 227 4.77 2.04 8.61
N THR A 228 5.69 1.12 8.88
CA THR A 228 5.48 0.08 9.89
C THR A 228 5.25 0.65 11.29
N ARG A 229 6.02 1.66 11.69
CA ARG A 229 5.85 2.22 13.04
C ARG A 229 4.55 2.98 13.15
N TYR A 230 3.78 2.70 14.21
CA TYR A 230 2.50 3.39 14.49
C TYR A 230 1.69 2.70 15.60
N MET A 231 2.28 1.72 16.31
CA MET A 231 1.55 1.01 17.38
C MET A 231 2.15 1.30 18.77
N ASN A 232 2.11 2.57 19.18
CA ASN A 232 2.62 2.98 20.50
C ASN A 232 1.45 3.51 21.32
N SER A 233 0.47 4.04 20.60
CA SER A 233 -0.71 4.60 21.24
C SER A 233 -1.82 4.95 20.25
N ALA A 234 -2.93 5.39 20.81
CA ALA A 234 -4.09 5.80 20.03
C ALA A 234 -5.05 6.58 20.94
N LEU A 235 -5.83 7.47 20.37
CA LEU A 235 -6.77 8.27 21.15
C LEU A 235 -6.01 9.08 22.20
N GLY A 236 -5.42 10.20 21.78
CA GLY A 236 -4.67 11.05 22.70
C GLY A 236 -3.94 12.15 21.94
N GLN A 237 -2.84 12.63 22.52
CA GLN A 237 -2.06 13.67 21.88
C GLN A 237 -1.62 13.24 20.49
N TYR A 238 -0.33 13.01 20.29
CA TYR A 238 0.17 12.58 18.98
C TYR A 238 -0.42 13.49 17.89
N HIS A 239 -0.02 14.77 17.88
CA HIS A 239 -0.62 15.69 16.92
C HIS A 239 -0.31 15.47 15.41
N SER A 240 1.00 15.40 15.03
CA SER A 240 1.40 15.20 13.61
C SER A 240 2.74 14.41 13.55
N ALA A 241 3.33 14.21 12.38
CA ALA A 241 4.62 13.48 12.36
C ALA A 241 5.60 14.30 13.20
N GLY A 242 5.66 15.60 13.03
CA GLY A 242 6.63 16.47 13.70
C GLY A 242 6.53 16.36 15.22
N HIS A 243 5.30 16.23 15.77
CA HIS A 243 5.21 16.15 17.22
C HIS A 243 6.02 15.00 17.77
N CYS A 244 6.04 13.87 17.05
CA CYS A 244 6.81 12.70 17.52
C CYS A 244 8.30 13.01 17.60
N ALA A 245 8.82 13.65 16.56
CA ALA A 245 10.25 13.95 16.51
C ALA A 245 10.70 14.84 17.67
N LEU A 246 9.94 15.89 17.96
CA LEU A 246 10.33 16.78 19.04
C LEU A 246 10.25 16.06 20.39
N THR A 247 9.17 15.31 20.60
CA THR A 247 9.02 14.56 21.84
C THR A 247 10.11 13.52 22.00
N MET A 248 10.34 12.76 20.93
CA MET A 248 11.35 11.70 20.93
C MET A 248 12.75 12.26 21.17
N LEU A 249 13.08 13.36 20.52
CA LEU A 249 14.40 13.99 20.63
C LEU A 249 14.67 14.44 22.05
N ARG A 250 13.71 15.11 22.67
CA ARG A 250 13.89 15.60 24.03
C ARG A 250 14.05 14.46 25.02
N LYS A 251 13.11 13.52 25.05
CA LYS A 251 13.19 12.37 25.97
C LYS A 251 13.65 11.10 25.24
N GLU A 252 12.71 10.17 25.04
CA GLU A 252 13.01 8.90 24.38
C GLU A 252 14.08 9.04 23.29
N GLY A 253 15.34 8.84 23.67
CA GLY A 253 16.46 8.93 22.74
C GLY A 253 16.09 8.36 21.36
N PRO A 254 16.92 8.65 20.38
CA PRO A 254 16.72 8.15 18.98
C PRO A 254 16.82 6.63 18.90
N ARG A 255 17.11 6.00 20.04
CA ARG A 255 17.24 4.54 20.13
C ARG A 255 15.90 3.86 19.97
N ALA A 256 14.83 4.57 20.31
CA ALA A 256 13.50 3.99 20.23
C ALA A 256 13.21 3.51 18.80
N PHE A 257 13.78 4.18 17.81
CA PHE A 257 13.60 3.76 16.42
C PHE A 257 14.19 2.38 16.19
N TYR A 258 15.36 2.14 16.79
CA TYR A 258 16.07 0.86 16.60
C TYR A 258 15.34 -0.34 17.19
N LYS A 259 14.72 -0.19 18.36
CA LYS A 259 14.00 -1.31 18.97
C LYS A 259 12.73 -1.60 18.18
N GLY A 260 11.88 -2.49 18.70
CA GLY A 260 10.63 -2.83 18.01
C GLY A 260 10.88 -3.10 16.54
N PHE A 261 10.97 -4.38 16.18
CA PHE A 261 11.21 -4.76 14.78
C PHE A 261 10.77 -6.19 14.51
N MET A 262 10.23 -6.86 15.54
CA MET A 262 9.77 -8.23 15.35
C MET A 262 8.61 -8.27 14.34
N PRO A 263 7.63 -7.40 14.43
CA PRO A 263 6.51 -7.39 13.44
C PRO A 263 7.02 -7.02 12.06
N SER A 264 7.85 -5.98 12.02
CA SER A 264 8.44 -5.49 10.78
C SER A 264 9.28 -6.57 10.10
N PHE A 265 10.01 -7.33 10.90
CA PHE A 265 10.89 -8.36 10.35
C PHE A 265 10.10 -9.44 9.60
N LEU A 266 9.02 -9.78 10.26
CA LEU A 266 8.05 -10.72 9.68
C LEU A 266 7.46 -10.12 8.39
N ARG A 267 7.20 -8.80 8.43
CA ARG A 267 6.62 -8.09 7.27
C ARG A 267 7.52 -8.11 6.02
N LEU A 268 8.82 -7.90 6.21
CA LEU A 268 9.77 -7.85 5.09
C LEU A 268 9.86 -9.16 4.32
N GLY A 269 9.75 -10.30 4.99
CA GLY A 269 9.89 -11.58 4.30
C GLY A 269 8.72 -11.79 3.35
N SER A 270 7.51 -11.61 3.88
CA SER A 270 6.27 -11.77 3.13
C SER A 270 6.23 -10.73 2.02
N TRP A 271 6.59 -9.51 2.34
CA TRP A 271 6.60 -8.43 1.38
C TRP A 271 7.55 -8.79 0.22
N ASN A 272 8.65 -9.44 0.55
CA ASN A 272 9.64 -9.84 -0.45
C ASN A 272 9.01 -10.81 -1.46
N VAL A 273 8.13 -11.70 -1.01
CA VAL A 273 7.56 -12.69 -1.92
C VAL A 273 6.77 -12.03 -3.08
N VAL A 274 6.04 -10.94 -2.82
CA VAL A 274 5.26 -10.30 -3.89
C VAL A 274 6.16 -9.73 -5.02
N MET A 275 7.27 -9.09 -4.67
CA MET A 275 8.18 -8.55 -5.67
C MET A 275 8.74 -9.68 -6.55
N PHE A 276 9.01 -10.81 -5.90
CA PHE A 276 9.55 -11.98 -6.59
C PHE A 276 8.58 -12.42 -7.69
N VAL A 277 7.29 -12.36 -7.41
CA VAL A 277 6.29 -12.77 -8.37
C VAL A 277 6.37 -11.91 -9.64
N THR A 278 6.62 -10.60 -9.48
CA THR A 278 6.77 -9.73 -10.64
C THR A 278 8.01 -10.18 -11.45
N TYR A 279 9.06 -10.53 -10.72
CA TYR A 279 10.28 -11.04 -11.33
C TYR A 279 9.90 -12.32 -12.07
N GLU A 280 9.02 -13.13 -11.50
CA GLU A 280 8.71 -14.40 -12.17
C GLU A 280 8.18 -14.10 -13.58
N GLN A 281 7.36 -13.07 -13.71
CA GLN A 281 6.84 -12.72 -15.04
C GLN A 281 8.00 -12.39 -15.98
N LEU A 282 8.92 -11.65 -15.38
CA LEU A 282 10.13 -11.23 -16.09
C LEU A 282 10.91 -12.47 -16.55
N LYS A 283 10.95 -13.48 -15.68
CA LYS A 283 11.65 -14.72 -15.97
C LYS A 283 11.01 -15.43 -17.18
N ARG A 284 9.68 -15.48 -17.17
CA ARG A 284 8.91 -16.13 -18.25
C ARG A 284 7.95 -15.12 -18.84
N ALA A 285 8.14 -14.80 -20.12
CA ALA A 285 7.30 -13.81 -20.81
C ALA A 285 6.46 -14.44 -21.92
N LEU A 286 5.91 -13.59 -22.78
CA LEU A 286 5.14 -14.08 -23.91
C LEU A 286 6.09 -14.69 -24.93
N MET A 287 5.98 -16.00 -25.15
CA MET A 287 6.88 -16.70 -26.08
C MET A 287 6.25 -16.90 -27.47
N ALA A 288 5.98 -15.81 -28.16
CA ALA A 288 5.35 -15.89 -29.48
C ALA A 288 5.24 -14.50 -30.11
N ALA A 289 6.18 -14.24 -31.02
CA ALA A 289 6.29 -12.94 -31.68
C ALA A 289 5.08 -12.59 -32.55
N TYR A 290 4.63 -13.55 -33.36
CA TYR A 290 3.50 -13.31 -34.24
C TYR A 290 2.28 -12.90 -33.42
N GLN A 291 2.11 -13.55 -32.28
CA GLN A 291 0.96 -13.26 -31.41
C GLN A 291 1.03 -11.83 -30.88
N SER A 292 2.21 -11.42 -30.42
CA SER A 292 2.38 -10.07 -29.89
C SER A 292 2.20 -9.02 -31.00
N ARG A 293 2.69 -9.34 -32.20
CA ARG A 293 2.61 -8.41 -33.34
C ARG A 293 1.16 -8.08 -33.75
N GLU A 294 0.30 -9.09 -33.79
CA GLU A 294 -1.10 -8.90 -34.22
C GLU A 294 -1.94 -8.00 -33.29
N ALA A 295 -1.72 -8.09 -31.98
CA ALA A 295 -2.53 -7.31 -31.04
C ALA A 295 -2.43 -5.79 -31.27
N PRO A 296 -1.26 -5.21 -31.32
CA PRO A 296 -1.10 -3.75 -31.55
C PRO A 296 -1.34 -3.37 -33.00
N PHE A 297 -1.66 -4.38 -33.83
CA PHE A 297 -1.93 -4.15 -35.24
C PHE A 297 -2.76 -5.28 -35.82
N MET A 1 -0.51 -11.39 -27.80
CA MET A 1 -1.10 -10.21 -27.11
C MET A 1 -0.20 -9.82 -25.93
N THR A 2 0.60 -8.78 -26.14
CA THR A 2 1.51 -8.30 -25.08
C THR A 2 1.29 -6.81 -24.83
N VAL A 3 0.04 -6.45 -24.53
CA VAL A 3 -0.31 -5.05 -24.27
C VAL A 3 0.01 -4.68 -22.82
N LYS A 4 0.32 -3.41 -22.62
CA LYS A 4 0.66 -2.87 -21.30
C LYS A 4 -0.53 -2.95 -20.34
N PHE A 5 -1.72 -2.64 -20.84
CA PHE A 5 -2.90 -2.61 -19.97
C PHE A 5 -3.27 -3.97 -19.35
N LEU A 6 -3.18 -5.03 -20.14
CA LEU A 6 -3.53 -6.38 -19.64
C LEU A 6 -2.38 -6.98 -18.83
N GLY A 7 -1.16 -6.54 -19.14
CA GLY A 7 0.01 -6.99 -18.40
C GLY A 7 -0.10 -6.45 -16.97
N ALA A 8 -0.55 -5.20 -16.93
CA ALA A 8 -0.83 -4.45 -15.71
C ALA A 8 -2.09 -5.03 -15.10
N GLY A 9 -2.88 -5.46 -16.08
CA GLY A 9 -4.17 -6.05 -15.75
C GLY A 9 -3.89 -7.33 -14.96
N THR A 10 -2.90 -8.09 -15.39
CA THR A 10 -2.52 -9.32 -14.67
C THR A 10 -1.86 -8.93 -13.35
N ALA A 11 -1.24 -7.74 -13.35
CA ALA A 11 -0.55 -7.23 -12.16
C ALA A 11 -1.52 -6.93 -11.03
N ALA A 12 -2.59 -6.21 -11.30
CA ALA A 12 -3.50 -5.87 -10.22
C ALA A 12 -4.10 -7.13 -9.60
N CYS A 13 -4.38 -8.14 -10.42
CA CYS A 13 -5.00 -9.36 -9.92
C CYS A 13 -4.06 -10.09 -8.94
N ILE A 14 -2.83 -10.37 -9.36
CA ILE A 14 -1.91 -11.10 -8.50
C ILE A 14 -1.50 -10.36 -7.24
N ALA A 15 -1.27 -9.05 -7.32
CA ALA A 15 -0.75 -8.32 -6.17
C ALA A 15 -1.71 -8.31 -4.99
N ASP A 16 -3.02 -8.12 -5.17
CA ASP A 16 -3.86 -8.02 -3.99
C ASP A 16 -4.12 -9.42 -3.42
N LEU A 17 -4.08 -10.46 -4.22
CA LEU A 17 -4.36 -11.79 -3.67
C LEU A 17 -3.36 -12.16 -2.56
N ILE A 18 -2.06 -12.12 -2.86
CA ILE A 18 -1.03 -12.46 -1.87
C ILE A 18 -0.83 -11.34 -0.83
N THR A 19 -1.55 -10.24 -1.05
CA THR A 19 -1.40 -9.08 -0.14
C THR A 19 -2.67 -8.92 0.71
N PHE A 20 -3.82 -9.51 0.41
CA PHE A 20 -4.95 -9.24 1.29
C PHE A 20 -4.77 -9.87 2.67
N PRO A 21 -4.32 -11.11 2.79
CA PRO A 21 -4.12 -11.74 4.15
C PRO A 21 -3.13 -10.98 5.03
N LEU A 22 -2.34 -10.09 4.41
CA LEU A 22 -1.31 -9.36 5.16
C LEU A 22 -1.87 -8.38 6.19
N ASP A 23 -3.00 -7.76 5.86
CA ASP A 23 -3.60 -6.77 6.74
C ASP A 23 -4.08 -7.38 8.05
N THR A 24 -4.68 -8.56 7.98
CA THR A 24 -5.19 -9.22 9.17
C THR A 24 -4.10 -9.46 10.22
N ALA A 25 -2.88 -9.73 9.77
CA ALA A 25 -1.79 -9.96 10.72
C ALA A 25 -1.43 -8.67 11.48
N LYS A 26 -1.45 -7.54 10.79
CA LYS A 26 -1.04 -6.29 11.45
C LYS A 26 -1.96 -5.96 12.62
N VAL A 27 -3.27 -6.00 12.44
CA VAL A 27 -4.19 -5.64 13.50
C VAL A 27 -4.08 -6.59 14.70
N ARG A 28 -3.92 -7.88 14.44
CA ARG A 28 -3.81 -8.83 15.53
C ARG A 28 -2.59 -8.51 16.40
N LEU A 29 -1.50 -8.14 15.75
CA LEU A 29 -0.26 -7.80 16.45
C LEU A 29 -0.45 -6.56 17.36
N GLN A 30 -1.61 -6.46 18.03
CA GLN A 30 -1.86 -5.30 18.90
C GLN A 30 -1.29 -5.55 20.29
N ILE A 31 0.03 -5.72 20.36
CA ILE A 31 0.72 -5.95 21.63
C ILE A 31 -0.15 -6.72 22.63
N GLN A 32 -0.33 -6.16 23.83
CA GLN A 32 -1.14 -6.81 24.85
C GLN A 32 -1.64 -5.79 25.87
N GLY A 33 -2.89 -5.37 25.71
CA GLY A 33 -3.47 -4.39 26.63
C GLY A 33 -4.94 -4.13 26.31
N GLU A 34 -5.25 -2.89 25.96
CA GLU A 34 -6.63 -2.51 25.63
C GLU A 34 -7.51 -2.53 26.88
N SER A 35 -7.04 -3.21 27.92
CA SER A 35 -7.78 -3.29 29.18
C SER A 35 -9.20 -3.82 28.92
N GLN A 36 -9.37 -4.58 27.85
CA GLN A 36 -10.68 -5.14 27.52
C GLN A 36 -11.35 -5.69 28.79
N GLY A 37 -10.49 -6.11 29.72
CA GLY A 37 -10.96 -6.69 30.99
C GLY A 37 -11.00 -8.22 30.86
N LEU A 38 -11.37 -8.68 29.68
CA LEU A 38 -11.40 -10.10 29.39
C LEU A 38 -9.98 -10.65 29.39
N VAL A 39 -9.06 -9.85 28.87
CA VAL A 39 -7.66 -10.22 28.75
C VAL A 39 -7.00 -10.52 30.10
N ARG A 40 -7.25 -9.68 31.11
CA ARG A 40 -6.63 -9.91 32.41
C ARG A 40 -7.14 -11.23 33.00
N THR A 41 -8.39 -11.55 32.72
CA THR A 41 -8.95 -12.82 33.20
C THR A 41 -8.26 -13.97 32.47
N ALA A 42 -7.98 -13.75 31.19
CA ALA A 42 -7.30 -14.73 30.36
C ALA A 42 -6.11 -14.06 29.68
N ALA A 43 -5.03 -13.89 30.43
CA ALA A 43 -3.84 -13.24 29.93
C ALA A 43 -3.31 -13.86 28.63
N SER A 44 -3.93 -14.94 28.16
CA SER A 44 -3.49 -15.60 26.92
C SER A 44 -4.69 -15.72 26.00
N ALA A 45 -4.78 -16.87 25.31
CA ALA A 45 -5.89 -17.17 24.39
C ALA A 45 -5.51 -16.92 22.95
N GLN A 46 -4.21 -16.72 22.68
CA GLN A 46 -3.72 -16.51 21.33
C GLN A 46 -2.21 -16.25 21.36
N TYR A 47 -1.43 -17.29 21.65
CA TYR A 47 0.02 -17.15 21.70
C TYR A 47 0.52 -16.26 20.56
N ARG A 48 0.71 -16.88 19.40
CA ARG A 48 1.18 -16.16 18.21
C ARG A 48 0.86 -16.97 16.96
N GLY A 49 0.92 -18.30 17.11
CA GLY A 49 0.66 -19.23 16.01
C GLY A 49 -0.32 -18.66 14.98
N VAL A 50 0.24 -18.22 13.86
CA VAL A 50 -0.57 -17.72 12.75
C VAL A 50 -1.38 -18.86 12.14
N LEU A 51 -0.88 -20.09 12.08
CA LEU A 51 -1.70 -21.14 11.50
C LEU A 51 -3.00 -21.29 12.31
N GLY A 52 -2.87 -21.05 13.61
CA GLY A 52 -3.96 -21.22 14.55
C GLY A 52 -5.14 -20.28 14.32
N THR A 53 -4.82 -18.99 14.19
CA THR A 53 -5.83 -17.97 13.98
C THR A 53 -6.61 -18.17 12.69
N ILE A 54 -5.92 -18.43 11.60
CA ILE A 54 -6.60 -18.62 10.32
C ILE A 54 -7.58 -19.79 10.48
N LEU A 55 -7.26 -20.84 11.23
CA LEU A 55 -8.22 -21.94 11.36
C LEU A 55 -9.52 -21.50 12.06
N THR A 56 -9.35 -20.60 13.03
CA THR A 56 -10.42 -20.12 13.90
C THR A 56 -11.47 -19.40 13.10
N MET A 57 -11.11 -18.59 12.13
CA MET A 57 -12.08 -17.79 11.39
C MET A 57 -13.15 -18.63 10.68
N VAL A 58 -12.78 -19.75 10.07
CA VAL A 58 -13.77 -20.54 9.35
C VAL A 58 -14.78 -21.21 10.30
N ARG A 59 -14.30 -21.72 11.42
CA ARG A 59 -15.18 -22.40 12.37
C ARG A 59 -15.97 -21.41 13.24
N THR A 60 -15.53 -20.16 13.18
CA THR A 60 -16.18 -19.09 13.93
C THR A 60 -17.62 -18.90 13.45
N GLU A 61 -17.78 -18.70 12.15
CA GLU A 61 -19.10 -18.53 11.54
C GLU A 61 -19.45 -19.79 10.73
N GLY A 62 -18.60 -20.16 9.77
CA GLY A 62 -18.84 -21.36 8.95
C GLY A 62 -18.09 -21.26 7.62
N PRO A 63 -17.94 -22.34 6.88
CA PRO A 63 -17.21 -22.29 5.58
C PRO A 63 -17.79 -21.24 4.63
N ARG A 64 -19.11 -21.08 4.67
CA ARG A 64 -19.81 -20.07 3.87
C ARG A 64 -19.34 -18.67 4.25
N SER A 65 -18.62 -18.61 5.37
CA SER A 65 -18.15 -17.33 5.87
C SER A 65 -16.93 -16.86 5.08
N LEU A 66 -16.08 -17.79 4.64
CA LEU A 66 -14.90 -17.40 3.87
C LEU A 66 -15.28 -17.01 2.45
N TYR A 67 -16.30 -17.68 1.91
CA TYR A 67 -16.76 -17.43 0.55
C TYR A 67 -17.89 -16.39 0.46
N ASN A 68 -18.31 -16.00 1.67
CA ASN A 68 -19.31 -14.93 1.78
C ASN A 68 -18.57 -13.60 1.85
N GLY A 69 -18.81 -12.72 0.87
CA GLY A 69 -18.11 -11.43 0.82
C GLY A 69 -16.99 -11.51 -0.20
N LEU A 70 -16.80 -12.74 -0.68
CA LEU A 70 -15.76 -12.98 -1.67
C LEU A 70 -15.99 -12.13 -2.92
N VAL A 71 -17.26 -11.94 -3.26
CA VAL A 71 -17.61 -11.13 -4.41
C VAL A 71 -17.31 -9.67 -4.10
N ALA A 72 -17.35 -9.32 -2.82
CA ALA A 72 -17.07 -7.95 -2.41
C ALA A 72 -15.57 -7.63 -2.48
N GLY A 73 -14.69 -8.60 -2.26
CA GLY A 73 -13.26 -8.29 -2.29
C GLY A 73 -12.80 -7.94 -3.70
N LEU A 74 -13.31 -8.67 -4.65
CA LEU A 74 -12.91 -8.49 -6.04
C LEU A 74 -13.25 -7.10 -6.58
N GLN A 75 -14.44 -6.65 -6.20
CA GLN A 75 -14.88 -5.35 -6.66
C GLN A 75 -13.91 -4.26 -6.16
N ARG A 76 -13.26 -4.59 -5.04
CA ARG A 76 -12.19 -3.72 -4.52
C ARG A 76 -11.14 -3.63 -5.63
N GLN A 77 -10.73 -4.81 -6.06
CA GLN A 77 -9.70 -4.93 -7.08
C GLN A 77 -10.19 -4.41 -8.44
N MET A 78 -11.47 -4.53 -8.64
CA MET A 78 -12.09 -4.07 -9.89
C MET A 78 -11.91 -2.57 -10.07
N SER A 79 -12.06 -1.79 -9.00
CA SER A 79 -11.95 -0.34 -9.16
C SER A 79 -10.49 0.08 -9.36
N PHE A 80 -9.48 -0.55 -8.75
CA PHE A 80 -8.11 -0.08 -8.90
C PHE A 80 -7.66 -0.04 -10.35
N ALA A 81 -7.98 -1.07 -11.11
CA ALA A 81 -7.56 -1.11 -12.50
C ALA A 81 -8.37 -0.13 -13.34
N SER A 82 -9.64 0.05 -12.98
CA SER A 82 -10.52 0.97 -13.68
C SER A 82 -10.09 2.43 -13.60
N VAL A 83 -9.65 2.85 -12.41
CA VAL A 83 -9.16 4.22 -12.21
C VAL A 83 -7.86 4.42 -12.99
N ARG A 84 -7.09 3.34 -13.18
CA ARG A 84 -5.78 3.44 -13.84
C ARG A 84 -6.02 3.57 -15.34
N ILE A 85 -7.28 3.76 -15.72
CA ILE A 85 -7.64 3.93 -17.11
C ILE A 85 -7.52 5.43 -17.45
N GLY A 86 -7.44 6.26 -16.38
CA GLY A 86 -7.40 7.72 -16.55
C GLY A 86 -6.43 8.48 -15.61
N LEU A 87 -6.42 8.23 -14.31
CA LEU A 87 -5.54 8.97 -13.40
C LEU A 87 -4.05 8.59 -13.56
N TYR A 88 -3.84 7.50 -14.28
CA TYR A 88 -2.47 7.03 -14.51
C TYR A 88 -1.78 7.79 -15.64
N ASP A 89 -2.49 7.86 -16.75
CA ASP A 89 -1.95 8.54 -17.93
C ASP A 89 -1.91 10.05 -17.67
N SER A 90 -2.89 10.42 -16.89
CA SER A 90 -2.93 11.82 -16.46
C SER A 90 -1.76 12.17 -15.50
N VAL A 91 -1.52 11.44 -14.40
CA VAL A 91 -0.39 11.84 -13.51
C VAL A 91 1.01 11.50 -14.08
N LYS A 92 0.98 10.47 -14.89
CA LYS A 92 2.23 10.01 -15.53
C LYS A 92 2.72 11.01 -16.60
N GLN A 93 1.79 11.53 -17.36
CA GLN A 93 2.10 12.48 -18.42
C GLN A 93 2.30 13.87 -17.87
N PHE A 94 1.92 14.05 -16.61
CA PHE A 94 2.08 15.33 -15.91
C PHE A 94 3.53 15.53 -15.39
N TYR A 95 4.31 14.47 -15.18
CA TYR A 95 5.66 14.58 -14.58
C TYR A 95 6.78 14.29 -15.60
N THR A 96 6.51 13.45 -16.60
CA THR A 96 7.62 13.13 -17.53
C THR A 96 7.58 13.98 -18.81
N LYS A 97 6.73 15.00 -18.88
CA LYS A 97 6.68 15.89 -20.04
C LYS A 97 7.52 17.15 -19.75
N GLY A 98 7.23 18.28 -20.40
CA GLY A 98 8.01 19.52 -20.16
C GLY A 98 8.24 20.28 -21.46
N SER A 99 8.04 21.59 -21.42
CA SER A 99 8.19 22.43 -22.62
C SER A 99 9.61 22.99 -22.82
N GLU A 100 10.17 23.40 -21.68
CA GLU A 100 11.50 24.03 -21.67
C GLU A 100 12.56 23.22 -20.92
N HIS A 101 13.80 23.71 -20.98
CA HIS A 101 14.94 23.07 -20.34
C HIS A 101 15.07 23.54 -18.89
N ALA A 102 14.21 23.01 -18.03
CA ALA A 102 14.19 23.32 -16.61
C ALA A 102 12.81 22.94 -16.09
N GLY A 103 12.46 23.49 -14.93
CA GLY A 103 11.13 23.27 -14.36
C GLY A 103 11.14 22.25 -13.23
N ILE A 104 12.30 21.93 -12.70
CA ILE A 104 12.34 20.96 -11.62
C ILE A 104 11.53 21.50 -10.45
N GLY A 105 11.66 22.80 -10.20
CA GLY A 105 10.89 23.49 -9.17
C GLY A 105 9.41 23.50 -9.53
N SER A 106 9.18 23.70 -10.82
CA SER A 106 7.83 23.69 -11.38
C SER A 106 7.23 22.33 -11.05
N ARG A 107 7.99 21.26 -11.18
CA ARG A 107 7.45 19.94 -10.91
C ARG A 107 7.03 19.80 -9.45
N LEU A 108 7.79 20.38 -8.53
CA LEU A 108 7.44 20.31 -7.11
C LEU A 108 6.12 21.04 -6.89
N LEU A 109 6.03 22.24 -7.47
CA LEU A 109 4.81 23.02 -7.34
C LEU A 109 3.66 22.34 -8.06
N ALA A 110 3.86 21.84 -9.29
CA ALA A 110 2.79 21.15 -10.01
C ALA A 110 2.42 19.87 -9.26
N GLY A 111 3.41 19.12 -8.81
CA GLY A 111 3.12 17.88 -8.11
C GLY A 111 2.43 18.15 -6.78
N SER A 112 2.92 19.14 -6.05
CA SER A 112 2.32 19.47 -4.76
C SER A 112 0.89 19.98 -4.93
N THR A 113 0.68 20.84 -5.91
CA THR A 113 -0.67 21.33 -6.15
C THR A 113 -1.59 20.24 -6.71
N THR A 114 -1.18 19.48 -7.73
CA THR A 114 -2.07 18.52 -8.35
C THR A 114 -2.49 17.36 -7.46
N GLY A 115 -1.53 16.84 -6.72
CA GLY A 115 -1.74 15.70 -5.83
C GLY A 115 -2.70 15.99 -4.71
N ALA A 116 -2.47 17.17 -4.15
CA ALA A 116 -3.33 17.66 -3.08
C ALA A 116 -4.74 17.78 -3.64
N LEU A 117 -4.82 18.30 -4.87
CA LEU A 117 -6.11 18.45 -5.55
C LEU A 117 -6.76 17.08 -5.81
N ALA A 118 -5.97 16.09 -6.26
CA ALA A 118 -6.49 14.77 -6.60
C ALA A 118 -7.13 14.03 -5.40
N VAL A 119 -6.53 14.13 -4.22
CA VAL A 119 -7.07 13.49 -3.03
C VAL A 119 -8.46 14.04 -2.74
N ALA A 120 -8.62 15.27 -3.21
CA ALA A 120 -9.88 16.00 -3.05
C ALA A 120 -11.06 15.26 -3.66
N VAL A 121 -10.88 14.74 -4.87
CA VAL A 121 -11.96 14.04 -5.57
C VAL A 121 -12.13 12.60 -5.06
N ALA A 122 -11.03 11.86 -4.96
CA ALA A 122 -11.10 10.46 -4.49
C ALA A 122 -10.15 10.21 -3.33
N GLN A 123 -10.65 9.50 -2.32
CA GLN A 123 -9.86 9.15 -1.14
C GLN A 123 -10.69 8.43 -0.05
N PRO A 124 -12.00 8.57 0.01
CA PRO A 124 -12.81 7.90 1.09
C PRO A 124 -12.55 6.39 1.18
N THR A 125 -12.31 5.75 0.03
CA THR A 125 -12.09 4.31 0.07
C THR A 125 -10.78 3.98 0.79
N ASP A 126 -9.71 4.73 0.57
CA ASP A 126 -8.44 4.38 1.21
C ASP A 126 -8.52 4.51 2.74
N VAL A 127 -9.15 5.56 3.22
CA VAL A 127 -9.31 5.77 4.66
C VAL A 127 -10.16 4.65 5.28
N VAL A 128 -11.24 4.29 4.60
CA VAL A 128 -12.16 3.26 5.09
C VAL A 128 -11.50 1.88 5.21
N LYS A 129 -10.64 1.51 4.28
CA LYS A 129 -10.03 0.17 4.34
C LYS A 129 -9.19 -0.02 5.60
N VAL A 130 -8.43 0.99 5.99
CA VAL A 130 -7.61 0.87 7.20
C VAL A 130 -8.53 0.85 8.42
N ARG A 131 -9.50 1.75 8.42
CA ARG A 131 -10.48 1.85 9.49
C ARG A 131 -11.33 0.58 9.56
N PHE A 132 -11.62 0.02 8.39
CA PHE A 132 -12.47 -1.16 8.29
C PHE A 132 -11.83 -2.39 8.92
N GLN A 133 -10.53 -2.60 8.73
CA GLN A 133 -9.91 -3.78 9.32
C GLN A 133 -9.97 -3.68 10.85
N ALA A 134 -9.76 -2.48 11.39
CA ALA A 134 -9.76 -2.29 12.84
C ALA A 134 -11.12 -2.55 13.50
N GLN A 135 -12.19 -2.19 12.80
CA GLN A 135 -13.54 -2.44 13.34
C GLN A 135 -13.66 -3.95 13.55
N ALA A 136 -13.72 -4.34 14.82
CA ALA A 136 -13.77 -5.76 15.19
C ALA A 136 -15.21 -6.25 15.40
N ARG A 137 -16.00 -5.78 16.37
CA ARG A 137 -17.36 -6.30 16.50
C ARG A 137 -18.33 -5.44 15.70
N ALA A 138 -18.86 -6.01 14.62
CA ALA A 138 -19.80 -5.28 13.76
C ALA A 138 -21.20 -5.31 14.36
N GLY A 139 -21.38 -4.63 15.48
CA GLY A 139 -22.68 -4.58 16.14
C GLY A 139 -23.34 -5.97 16.17
N GLY A 140 -22.65 -6.92 16.78
CA GLY A 140 -23.16 -8.29 16.87
C GLY A 140 -24.54 -8.31 17.52
N GLY A 141 -25.51 -8.91 16.83
CA GLY A 141 -26.86 -9.00 17.34
C GLY A 141 -27.83 -9.41 16.24
N ARG A 142 -27.77 -10.68 15.85
CA ARG A 142 -28.64 -11.19 14.81
C ARG A 142 -28.48 -10.36 13.53
N ARG A 143 -28.96 -10.88 12.42
CA ARG A 143 -28.85 -10.17 11.14
C ARG A 143 -27.39 -9.86 10.81
N TYR A 144 -27.17 -9.26 9.64
CA TYR A 144 -25.83 -8.88 9.20
C TYR A 144 -25.87 -7.50 8.55
N GLN A 145 -24.81 -6.70 8.73
CA GLN A 145 -24.77 -5.35 8.17
C GLN A 145 -23.78 -5.21 7.00
N SER A 146 -23.30 -3.98 6.78
CA SER A 146 -22.40 -3.70 5.66
C SER A 146 -21.54 -2.45 5.87
N THR A 147 -20.79 -2.20 4.80
CA THR A 147 -19.82 -1.09 4.76
C THR A 147 -20.50 0.27 4.91
N VAL A 148 -21.61 0.47 4.22
CA VAL A 148 -22.29 1.77 4.28
C VAL A 148 -22.69 2.03 5.72
N GLU A 149 -23.21 1.03 6.40
CA GLU A 149 -23.63 1.20 7.79
C GLU A 149 -22.40 1.49 8.67
N ALA A 150 -21.28 0.83 8.38
CA ALA A 150 -20.07 1.01 9.19
C ALA A 150 -19.52 2.44 9.19
N TYR A 151 -19.44 3.07 8.01
CA TYR A 151 -18.91 4.44 7.93
C TYR A 151 -19.77 5.43 8.74
N LYS A 152 -21.08 5.38 8.51
CA LYS A 152 -22.00 6.35 9.12
C LYS A 152 -22.14 6.22 10.64
N THR A 153 -22.30 5.03 11.17
CA THR A 153 -22.50 4.85 12.61
C THR A 153 -21.33 5.31 13.48
N ILE A 154 -20.10 4.97 13.08
CA ILE A 154 -18.90 5.39 13.78
C ILE A 154 -18.78 6.91 13.70
N ALA A 155 -19.17 7.43 12.54
CA ALA A 155 -19.22 8.87 12.31
C ALA A 155 -20.19 9.46 13.32
N ARG A 156 -21.31 8.83 13.69
CA ARG A 156 -22.25 9.49 14.61
C ARG A 156 -21.61 9.77 15.97
N GLU A 157 -20.99 8.76 16.57
CA GLU A 157 -20.30 8.90 17.84
C GLU A 157 -18.98 9.62 17.60
N GLU A 158 -18.19 9.17 16.65
CA GLU A 158 -16.86 9.72 16.43
C GLU A 158 -16.77 11.06 15.70
N GLY A 159 -17.64 11.31 14.71
CA GLY A 159 -17.66 12.58 13.99
C GLY A 159 -16.76 12.56 12.77
N ILE A 160 -16.50 13.74 12.21
CA ILE A 160 -15.67 13.87 11.02
C ILE A 160 -14.21 13.61 11.39
N ARG A 161 -13.87 14.11 12.57
CA ARG A 161 -12.50 14.00 13.03
C ARG A 161 -12.06 12.54 13.10
N GLY A 162 -12.99 11.64 13.44
CA GLY A 162 -12.60 10.25 13.53
C GLY A 162 -12.11 9.72 12.18
N LEU A 163 -12.86 10.16 11.17
CA LEU A 163 -12.68 9.79 9.77
C LEU A 163 -11.45 10.34 9.03
N TRP A 164 -11.11 11.57 9.43
CA TRP A 164 -10.01 12.29 8.81
C TRP A 164 -8.69 11.76 9.37
N LYS A 165 -8.80 10.91 10.37
CA LYS A 165 -7.63 10.40 11.06
C LYS A 165 -6.48 9.99 10.12
N GLY A 166 -6.79 9.23 9.06
CA GLY A 166 -5.82 8.76 8.08
C GLY A 166 -5.68 9.75 6.90
N THR A 167 -6.76 10.42 6.57
CA THR A 167 -6.74 11.38 5.46
C THR A 167 -5.52 12.31 5.48
N SER A 168 -5.24 12.95 6.64
CA SER A 168 -4.15 13.93 6.71
C SER A 168 -2.78 13.30 6.42
N PRO A 169 -2.40 12.22 7.04
CA PRO A 169 -1.12 11.55 6.71
C PRO A 169 -1.11 11.00 5.27
N ASN A 170 -2.28 10.66 4.74
CA ASN A 170 -2.38 10.11 3.39
C ASN A 170 -1.94 11.13 2.33
N VAL A 171 -2.30 12.39 2.50
CA VAL A 171 -1.93 13.43 1.54
C VAL A 171 -0.42 13.57 1.45
N ALA A 172 0.26 13.54 2.60
CA ALA A 172 1.70 13.69 2.63
C ALA A 172 2.39 12.56 1.85
N ARG A 173 1.86 11.34 1.97
CA ARG A 173 2.47 10.21 1.27
C ARG A 173 2.44 10.46 -0.24
N ASN A 174 1.32 10.98 -0.74
CA ASN A 174 1.20 11.25 -2.17
C ASN A 174 2.24 12.28 -2.61
N ALA A 175 2.38 13.34 -1.81
CA ALA A 175 3.34 14.38 -2.10
C ALA A 175 4.78 13.87 -2.05
N ILE A 176 5.09 13.08 -1.02
CA ILE A 176 6.45 12.57 -0.84
C ILE A 176 6.89 11.64 -1.97
N VAL A 177 6.05 10.70 -2.38
CA VAL A 177 6.47 9.77 -3.44
C VAL A 177 6.80 10.50 -4.74
N ASN A 178 5.93 11.42 -5.16
CA ASN A 178 6.15 12.20 -6.39
C ASN A 178 7.38 13.10 -6.25
N CYS A 179 7.47 13.69 -5.07
CA CYS A 179 8.58 14.56 -4.74
C CYS A 179 9.86 13.74 -4.79
N ALA A 180 9.76 12.57 -4.18
CA ALA A 180 10.81 11.56 -4.18
C ALA A 180 11.06 11.07 -5.62
N GLU A 181 9.96 10.89 -6.37
CA GLU A 181 9.98 10.35 -7.74
C GLU A 181 10.77 11.23 -8.71
N LEU A 182 10.58 12.55 -8.71
CA LEU A 182 11.28 13.38 -9.70
C LEU A 182 12.79 13.30 -9.46
N VAL A 183 13.16 13.24 -8.21
CA VAL A 183 14.60 13.15 -7.94
C VAL A 183 15.09 11.82 -8.55
N THR A 184 14.36 10.73 -8.33
CA THR A 184 14.77 9.42 -8.82
C THR A 184 14.80 9.30 -10.35
N TYR A 185 13.74 9.79 -10.99
CA TYR A 185 13.54 9.74 -12.45
C TYR A 185 14.68 10.39 -13.24
N ASP A 186 15.18 11.52 -12.76
CA ASP A 186 16.26 12.21 -13.46
C ASP A 186 17.42 11.26 -13.63
N LEU A 187 17.72 10.55 -12.56
CA LEU A 187 18.80 9.58 -12.56
C LEU A 187 18.52 8.47 -13.59
N ILE A 188 17.27 8.05 -13.68
CA ILE A 188 16.91 7.01 -14.64
C ILE A 188 17.17 7.49 -16.08
N LYS A 189 16.84 8.72 -16.45
CA LYS A 189 17.09 9.27 -17.79
C LYS A 189 18.58 9.29 -18.13
N ASP A 190 19.37 9.63 -17.13
CA ASP A 190 20.81 9.77 -17.34
C ASP A 190 21.45 8.43 -17.63
N THR A 191 21.01 7.34 -16.98
CA THR A 191 21.64 6.02 -17.22
C THR A 191 20.79 5.14 -18.13
N LEU A 192 21.45 4.61 -19.15
CA LEU A 192 20.85 3.69 -20.11
C LEU A 192 19.78 4.38 -20.97
N LEU A 193 19.62 5.70 -20.81
CA LEU A 193 18.63 6.45 -21.58
C LEU A 193 19.29 7.65 -22.24
N LYS A 194 20.52 7.46 -22.69
CA LYS A 194 21.28 8.54 -23.32
C LYS A 194 20.76 8.83 -24.73
N ALA A 195 20.10 7.82 -25.30
CA ALA A 195 19.50 7.93 -26.63
C ALA A 195 18.05 7.45 -26.59
N ASN A 196 17.82 6.38 -25.83
CA ASN A 196 16.51 5.73 -25.68
C ASN A 196 16.79 4.25 -25.37
N LEU A 197 16.18 3.89 -24.22
CA LEU A 197 16.25 2.52 -23.66
C LEU A 197 15.87 1.45 -24.72
N MET A 198 16.03 1.76 -26.00
CA MET A 198 15.69 0.82 -27.08
C MET A 198 16.96 0.32 -27.77
N THR A 199 17.68 -0.59 -27.11
CA THR A 199 18.91 -1.15 -27.68
C THR A 199 18.64 -2.50 -28.34
N ASP A 200 19.68 -3.35 -28.41
CA ASP A 200 19.55 -4.68 -29.03
C ASP A 200 20.01 -5.77 -28.06
N ASP A 201 20.37 -5.37 -26.84
CA ASP A 201 20.83 -6.33 -25.82
C ASP A 201 19.84 -6.33 -24.66
N LEU A 202 18.63 -6.82 -24.93
CA LEU A 202 17.59 -6.85 -23.92
C LEU A 202 17.97 -7.71 -22.70
N PRO A 203 18.53 -8.90 -22.87
CA PRO A 203 18.87 -9.74 -21.68
C PRO A 203 19.88 -9.04 -20.77
N CYS A 204 20.74 -8.28 -21.43
CA CYS A 204 21.78 -7.56 -20.73
C CYS A 204 21.21 -6.50 -19.80
N HIS A 205 20.21 -5.77 -20.29
CA HIS A 205 19.61 -4.71 -19.50
C HIS A 205 18.87 -5.23 -18.28
N PHE A 206 18.20 -6.37 -18.45
CA PHE A 206 17.42 -6.98 -17.38
C PHE A 206 18.31 -7.41 -16.22
N THR A 207 19.43 -8.07 -16.47
CA THR A 207 20.32 -8.48 -15.39
C THR A 207 20.82 -7.27 -14.63
N SER A 208 21.12 -6.19 -15.35
CA SER A 208 21.57 -4.98 -14.69
C SER A 208 20.50 -4.54 -13.72
N ALA A 209 19.24 -4.61 -14.16
CA ALA A 209 18.13 -4.15 -13.33
C ALA A 209 17.97 -4.97 -12.05
N PHE A 210 18.12 -6.29 -12.14
CA PHE A 210 17.89 -7.13 -10.96
C PHE A 210 18.87 -6.83 -9.82
N GLY A 211 20.14 -6.74 -10.20
CA GLY A 211 21.16 -6.39 -9.21
C GLY A 211 20.83 -5.02 -8.66
N ALA A 212 20.43 -4.15 -9.58
CA ALA A 212 20.00 -2.79 -9.26
C ALA A 212 18.74 -2.87 -8.39
N GLY A 213 17.90 -3.83 -8.72
CA GLY A 213 16.63 -4.02 -8.04
C GLY A 213 16.85 -4.32 -6.56
N PHE A 214 17.82 -5.16 -6.23
CA PHE A 214 18.06 -5.46 -4.84
C PHE A 214 18.57 -4.19 -4.16
N CYS A 215 19.39 -3.42 -4.86
CA CYS A 215 19.90 -2.15 -4.33
C CYS A 215 18.74 -1.18 -4.10
N THR A 216 17.81 -1.15 -5.04
CA THR A 216 16.63 -0.27 -4.97
C THR A 216 15.76 -0.58 -3.76
N THR A 217 15.60 -1.87 -3.45
CA THR A 217 14.71 -2.28 -2.38
C THR A 217 15.12 -1.67 -1.03
N VAL A 218 16.42 -1.56 -0.75
CA VAL A 218 16.83 -0.99 0.53
C VAL A 218 16.28 0.45 0.67
N ILE A 219 16.32 1.23 -0.40
CA ILE A 219 15.76 2.58 -0.35
C ILE A 219 14.26 2.52 -0.04
N ALA A 220 13.61 1.54 -0.66
CA ALA A 220 12.16 1.28 -0.53
C ALA A 220 11.68 0.90 0.89
N SER A 221 12.46 0.09 1.62
CA SER A 221 12.04 -0.45 2.93
C SER A 221 11.69 0.62 4.00
N PRO A 222 12.43 1.66 4.09
CA PRO A 222 12.16 2.75 5.08
C PRO A 222 10.77 3.37 4.94
N VAL A 223 10.26 3.59 3.72
CA VAL A 223 8.93 4.15 3.63
C VAL A 223 7.93 3.16 4.23
N ASP A 224 8.20 1.88 3.99
CA ASP A 224 7.36 0.80 4.51
C ASP A 224 7.43 0.71 6.05
N VAL A 225 8.63 0.89 6.59
CA VAL A 225 8.87 0.78 8.03
C VAL A 225 8.12 1.83 8.86
N VAL A 226 8.16 3.08 8.45
CA VAL A 226 7.50 4.12 9.23
C VAL A 226 5.99 3.90 9.31
N LYS A 227 5.40 3.41 8.23
CA LYS A 227 3.96 3.18 8.19
C LYS A 227 3.50 2.17 9.26
N THR A 228 4.24 1.07 9.41
CA THR A 228 3.84 0.04 10.38
C THR A 228 3.82 0.59 11.81
N ARG A 229 4.81 1.41 12.16
CA ARG A 229 4.88 1.98 13.50
C ARG A 229 3.51 2.50 13.94
N TYR A 230 2.79 3.15 13.02
CA TYR A 230 1.46 3.69 13.31
C TYR A 230 0.70 2.75 14.25
N MET A 231 0.49 1.51 13.78
CA MET A 231 -0.22 0.50 14.57
C MET A 231 0.04 0.71 16.08
N ASN A 232 1.23 1.21 16.41
CA ASN A 232 1.62 1.48 17.79
C ASN A 232 0.43 1.93 18.63
N SER A 233 0.47 1.58 19.93
CA SER A 233 -0.58 1.93 20.90
C SER A 233 -1.84 2.50 20.24
N ALA A 234 -1.78 3.77 19.86
CA ALA A 234 -2.91 4.44 19.20
C ALA A 234 -3.99 4.86 20.21
N LEU A 235 -3.74 5.96 20.92
CA LEU A 235 -4.71 6.46 21.89
C LEU A 235 -4.27 7.81 22.46
N GLY A 236 -4.95 8.87 22.03
CA GLY A 236 -4.65 10.22 22.51
C GLY A 236 -3.26 10.68 22.05
N GLN A 237 -2.98 11.97 22.27
CA GLN A 237 -1.69 12.53 21.88
C GLN A 237 -1.41 12.28 20.39
N TYR A 238 -0.15 12.44 19.98
CA TYR A 238 0.23 12.23 18.57
C TYR A 238 -0.61 13.11 17.66
N HIS A 239 -0.50 14.44 17.78
CA HIS A 239 -1.33 15.32 16.95
C HIS A 239 -1.01 15.24 15.45
N SER A 240 0.26 15.40 15.05
CA SER A 240 0.65 15.36 13.63
C SER A 240 2.06 14.78 13.54
N ALA A 241 2.68 14.72 12.35
CA ALA A 241 4.04 14.16 12.27
C ALA A 241 5.00 15.00 13.12
N GLY A 242 4.99 16.32 13.06
CA GLY A 242 5.96 17.23 13.69
C GLY A 242 6.08 17.04 15.19
N HIS A 243 4.98 16.72 15.91
CA HIS A 243 5.13 16.57 17.35
C HIS A 243 6.19 15.55 17.68
N CYS A 244 6.30 14.51 16.86
CA CYS A 244 7.32 13.49 17.06
C CYS A 244 8.73 14.08 16.98
N ALA A 245 8.95 14.94 15.98
CA ALA A 245 10.28 15.52 15.81
C ALA A 245 10.69 16.32 17.04
N LEU A 246 9.80 17.14 17.57
CA LEU A 246 10.15 17.88 18.78
C LEU A 246 10.29 16.94 19.97
N THR A 247 9.35 16.01 20.07
CA THR A 247 9.31 15.01 21.15
C THR A 247 10.51 14.06 21.16
N MET A 248 10.83 13.52 19.98
CA MET A 248 11.92 12.54 19.87
C MET A 248 13.27 13.10 20.28
N LEU A 249 13.60 14.31 19.84
CA LEU A 249 14.88 14.93 20.18
C LEU A 249 14.97 15.13 21.68
N ARG A 250 13.90 15.67 22.27
CA ARG A 250 13.89 15.92 23.70
C ARG A 250 13.91 14.61 24.50
N LYS A 251 12.97 13.70 24.19
CA LYS A 251 12.91 12.41 24.90
C LYS A 251 12.80 11.25 23.92
N GLU A 252 12.76 10.02 24.45
CA GLU A 252 12.67 8.83 23.63
C GLU A 252 13.83 8.77 22.64
N GLY A 253 15.06 8.58 23.16
CA GLY A 253 16.26 8.53 22.31
C GLY A 253 15.97 7.89 20.95
N PRO A 254 16.84 8.17 20.00
CA PRO A 254 16.74 7.61 18.62
C PRO A 254 16.89 6.09 18.62
N ARG A 255 17.21 5.53 19.79
CA ARG A 255 17.39 4.08 19.97
C ARG A 255 16.06 3.33 19.85
N ALA A 256 14.98 4.01 20.16
CA ALA A 256 13.68 3.36 20.09
C ALA A 256 13.44 2.81 18.69
N PHE A 257 13.99 3.51 17.70
CA PHE A 257 13.90 3.08 16.31
C PHE A 257 14.59 1.73 16.10
N TYR A 258 15.74 1.57 16.73
CA TYR A 258 16.53 0.34 16.56
C TYR A 258 15.81 -0.89 17.13
N LYS A 259 15.13 -0.73 18.25
CA LYS A 259 14.39 -1.82 18.88
C LYS A 259 12.93 -1.73 18.45
N GLY A 260 12.16 -2.79 18.66
CA GLY A 260 10.75 -2.80 18.28
C GLY A 260 10.60 -2.81 16.76
N PHE A 261 10.62 -4.00 16.18
CA PHE A 261 10.51 -4.14 14.73
C PHE A 261 10.27 -5.59 14.34
N MET A 262 9.77 -6.39 15.28
CA MET A 262 9.52 -7.80 15.00
C MET A 262 8.44 -7.94 13.91
N PRO A 263 7.38 -7.17 14.00
CA PRO A 263 6.28 -7.23 12.99
C PRO A 263 6.76 -6.79 11.61
N SER A 264 7.48 -5.68 11.58
CA SER A 264 8.00 -5.13 10.32
C SER A 264 8.94 -6.12 9.64
N PHE A 265 9.76 -6.80 10.43
CA PHE A 265 10.71 -7.75 9.88
C PHE A 265 10.01 -8.91 9.16
N LEU A 266 8.95 -9.33 9.85
CA LEU A 266 8.06 -10.36 9.31
C LEU A 266 7.40 -9.79 8.05
N ARG A 267 7.08 -8.50 8.10
CA ARG A 267 6.46 -7.82 6.95
C ARG A 267 7.40 -7.82 5.74
N LEU A 268 8.67 -7.60 6.03
CA LEU A 268 9.71 -7.50 5.00
C LEU A 268 9.87 -8.80 4.19
N GLY A 269 9.72 -9.95 4.82
CA GLY A 269 9.89 -11.21 4.10
C GLY A 269 8.76 -11.36 3.09
N SER A 270 7.53 -11.20 3.54
CA SER A 270 6.34 -11.32 2.71
C SER A 270 6.37 -10.24 1.62
N TRP A 271 6.74 -9.03 2.00
CA TRP A 271 6.79 -7.93 1.03
C TRP A 271 7.79 -8.28 -0.09
N ASN A 272 8.89 -8.94 0.28
CA ASN A 272 9.91 -9.30 -0.71
C ASN A 272 9.36 -10.25 -1.79
N VAL A 273 8.51 -11.20 -1.42
CA VAL A 273 7.95 -12.12 -2.42
C VAL A 273 7.14 -11.37 -3.48
N VAL A 274 6.40 -10.33 -3.08
CA VAL A 274 5.55 -9.58 -4.02
C VAL A 274 6.38 -8.91 -5.13
N MET A 275 7.52 -8.33 -4.81
CA MET A 275 8.35 -7.71 -5.86
C MET A 275 8.80 -8.79 -6.85
N PHE A 276 9.12 -9.96 -6.30
CA PHE A 276 9.63 -11.10 -7.07
C PHE A 276 8.69 -11.56 -8.20
N VAL A 277 7.38 -11.60 -7.93
CA VAL A 277 6.44 -12.05 -8.96
C VAL A 277 6.50 -11.14 -10.20
N THR A 278 6.63 -9.84 -10.00
CA THR A 278 6.73 -8.94 -11.15
C THR A 278 8.00 -9.32 -11.94
N TYR A 279 9.05 -9.61 -11.19
CA TYR A 279 10.32 -10.06 -11.78
C TYR A 279 10.01 -11.35 -12.53
N GLU A 280 9.16 -12.20 -11.98
CA GLU A 280 8.93 -13.48 -12.65
C GLU A 280 8.43 -13.21 -14.07
N GLN A 281 7.55 -12.22 -14.23
CA GLN A 281 7.03 -11.94 -15.57
C GLN A 281 8.16 -11.54 -16.51
N LEU A 282 9.03 -10.70 -15.95
CA LEU A 282 10.19 -10.25 -16.72
C LEU A 282 11.04 -11.44 -17.12
N LYS A 283 11.17 -12.38 -16.18
CA LYS A 283 11.95 -13.60 -16.42
C LYS A 283 11.28 -14.42 -17.54
N ARG A 284 9.96 -14.56 -17.43
CA ARG A 284 9.16 -15.31 -18.40
C ARG A 284 8.09 -14.41 -18.97
N ALA A 285 8.15 -14.14 -20.28
CA ALA A 285 7.17 -13.29 -20.96
C ALA A 285 6.38 -14.10 -21.97
N LEU A 286 6.83 -14.03 -23.23
CA LEU A 286 6.19 -14.76 -24.33
C LEU A 286 7.26 -15.35 -25.24
N MET A 287 7.26 -16.67 -25.40
CA MET A 287 8.26 -17.34 -26.25
C MET A 287 7.74 -17.51 -27.68
N ALA A 288 7.49 -16.41 -28.38
CA ALA A 288 6.97 -16.47 -29.73
C ALA A 288 6.86 -15.08 -30.37
N ALA A 289 7.86 -14.81 -31.21
CA ALA A 289 7.99 -13.51 -31.85
C ALA A 289 6.84 -13.18 -32.79
N TYR A 290 6.45 -14.14 -33.62
CA TYR A 290 5.38 -13.91 -34.58
C TYR A 290 4.11 -13.52 -33.84
N GLN A 291 3.86 -14.17 -32.71
CA GLN A 291 2.67 -13.91 -31.91
C GLN A 291 2.68 -12.48 -31.37
N SER A 292 3.79 -12.04 -30.81
CA SER A 292 3.87 -10.69 -30.26
C SER A 292 3.77 -9.64 -31.37
N ARG A 293 4.41 -9.91 -32.51
CA ARG A 293 4.44 -8.98 -33.65
C ARG A 293 3.04 -8.70 -34.25
N GLU A 294 2.24 -9.74 -34.42
CA GLU A 294 0.92 -9.61 -35.05
C GLU A 294 -0.09 -8.79 -34.24
N ALA A 295 -0.07 -8.89 -32.93
CA ALA A 295 -1.05 -8.17 -32.10
C ALA A 295 -0.98 -6.65 -32.30
N PRO A 296 0.17 -6.02 -32.18
CA PRO A 296 0.30 -4.56 -32.38
C PRO A 296 0.24 -4.18 -33.86
N PHE A 297 0.08 -5.20 -34.71
CA PHE A 297 0.01 -4.96 -36.16
C PHE A 297 -0.34 -6.26 -36.88
N MET A 1 -1.35 -13.02 -27.53
CA MET A 1 -2.70 -13.22 -26.93
C MET A 1 -2.75 -12.55 -25.57
N THR A 2 -1.67 -11.85 -25.21
CA THR A 2 -1.59 -11.15 -23.93
C THR A 2 -1.12 -9.71 -24.15
N VAL A 3 -2.00 -8.75 -23.89
CA VAL A 3 -1.68 -7.35 -24.07
C VAL A 3 -1.15 -6.76 -22.76
N LYS A 4 -0.74 -5.50 -22.80
CA LYS A 4 -0.21 -4.81 -21.63
C LYS A 4 -1.29 -4.69 -20.56
N PHE A 5 -2.50 -4.37 -20.98
CA PHE A 5 -3.62 -4.21 -20.05
C PHE A 5 -3.97 -5.51 -19.32
N LEU A 6 -3.96 -6.61 -20.07
CA LEU A 6 -4.30 -7.92 -19.51
C LEU A 6 -3.14 -8.53 -18.73
N GLY A 7 -1.92 -8.14 -19.11
CA GLY A 7 -0.73 -8.60 -18.42
C GLY A 7 -0.75 -8.01 -17.02
N ALA A 8 -1.16 -6.75 -17.00
CA ALA A 8 -1.36 -5.96 -15.80
C ALA A 8 -2.60 -6.49 -15.10
N GLY A 9 -3.44 -6.95 -16.01
CA GLY A 9 -4.72 -7.50 -15.60
C GLY A 9 -4.44 -8.75 -14.76
N THR A 10 -3.49 -9.57 -15.22
CA THR A 10 -3.11 -10.76 -14.47
C THR A 10 -2.36 -10.34 -13.20
N ALA A 11 -1.71 -9.18 -13.30
CA ALA A 11 -0.94 -8.65 -12.18
C ALA A 11 -1.82 -8.28 -11.00
N ALA A 12 -2.88 -7.52 -11.25
CA ALA A 12 -3.72 -7.10 -10.14
C ALA A 12 -4.35 -8.29 -9.44
N CYS A 13 -4.70 -9.32 -10.20
CA CYS A 13 -5.33 -10.50 -9.61
C CYS A 13 -4.37 -11.21 -8.65
N ILE A 14 -3.17 -11.54 -9.13
CA ILE A 14 -2.21 -12.26 -8.28
C ILE A 14 -1.71 -11.47 -7.09
N ALA A 15 -1.46 -10.18 -7.26
CA ALA A 15 -0.84 -9.41 -6.18
C ALA A 15 -1.70 -9.33 -4.94
N ASP A 16 -3.01 -9.10 -5.05
CA ASP A 16 -3.77 -8.92 -3.81
C ASP A 16 -4.01 -10.28 -3.14
N LEU A 17 -4.04 -11.37 -3.89
CA LEU A 17 -4.25 -12.69 -3.28
C LEU A 17 -3.15 -13.05 -2.27
N ILE A 18 -1.89 -12.99 -2.73
CA ILE A 18 -0.71 -13.30 -1.88
C ILE A 18 -0.44 -12.20 -0.85
N THR A 19 -1.29 -11.19 -0.94
CA THR A 19 -1.10 -9.99 -0.09
C THR A 19 -2.13 -9.91 1.04
N PHE A 20 -3.19 -10.70 1.07
CA PHE A 20 -4.11 -10.53 2.19
C PHE A 20 -3.55 -11.03 3.55
N PRO A 21 -2.93 -12.19 3.60
CA PRO A 21 -2.43 -12.80 4.90
C PRO A 21 -1.38 -12.03 5.74
N LEU A 22 -0.66 -11.06 5.20
CA LEU A 22 0.35 -10.35 6.03
C LEU A 22 -0.26 -9.48 7.14
N ASP A 23 -1.38 -8.86 6.86
CA ASP A 23 -1.98 -7.94 7.82
C ASP A 23 -2.44 -8.59 9.11
N THR A 24 -3.06 -9.76 9.02
CA THR A 24 -3.54 -10.40 10.23
C THR A 24 -2.40 -10.66 11.21
N ALA A 25 -1.21 -10.99 10.70
CA ALA A 25 -0.08 -11.22 11.59
C ALA A 25 0.37 -9.94 12.30
N LYS A 26 0.35 -8.82 11.58
CA LYS A 26 0.86 -7.59 12.18
C LYS A 26 0.03 -7.19 13.40
N VAL A 27 -1.29 -7.19 13.31
CA VAL A 27 -2.09 -6.76 14.45
C VAL A 27 -1.90 -7.67 15.65
N ARG A 28 -1.83 -8.98 15.44
CA ARG A 28 -1.62 -9.88 16.57
C ARG A 28 -0.27 -9.58 17.23
N LEU A 29 0.74 -9.35 16.38
CA LEU A 29 2.09 -9.03 16.83
C LEU A 29 2.14 -7.71 17.62
N GLN A 30 1.12 -7.46 18.44
CA GLN A 30 1.07 -6.23 19.23
C GLN A 30 0.83 -6.56 20.70
N ILE A 31 -0.42 -6.88 21.02
CA ILE A 31 -0.78 -7.23 22.38
C ILE A 31 -2.17 -7.84 22.41
N GLN A 32 -2.26 -9.06 22.91
CA GLN A 32 -3.54 -9.75 23.00
C GLN A 32 -4.40 -9.11 24.07
N GLY A 33 -4.65 -7.81 23.94
CA GLY A 33 -5.45 -7.11 24.93
C GLY A 33 -5.88 -5.73 24.45
N GLU A 34 -6.85 -5.16 25.16
CA GLU A 34 -7.37 -3.83 24.85
C GLU A 34 -7.79 -3.12 26.13
N SER A 35 -8.63 -2.10 26.01
CA SER A 35 -9.10 -1.36 27.18
C SER A 35 -10.24 -2.11 27.85
N GLN A 36 -10.69 -3.18 27.21
CA GLN A 36 -11.79 -3.98 27.73
C GLN A 36 -11.48 -4.55 29.12
N GLY A 37 -10.21 -4.82 29.40
CA GLY A 37 -9.84 -5.39 30.69
C GLY A 37 -9.96 -6.92 30.63
N LEU A 38 -10.34 -7.38 29.45
CA LEU A 38 -10.52 -8.81 29.18
C LEU A 38 -9.18 -9.53 29.31
N VAL A 39 -8.13 -8.85 28.90
CA VAL A 39 -6.78 -9.39 28.90
C VAL A 39 -6.33 -9.81 30.31
N ARG A 40 -6.61 -8.98 31.32
CA ARG A 40 -6.18 -9.32 32.67
C ARG A 40 -6.86 -10.62 33.12
N THR A 41 -8.10 -10.84 32.67
CA THR A 41 -8.80 -12.06 33.01
C THR A 41 -8.12 -13.26 32.34
N ALA A 42 -7.64 -13.02 31.11
CA ALA A 42 -6.94 -14.05 30.34
C ALA A 42 -5.66 -13.46 29.75
N ALA A 43 -4.51 -13.92 30.26
CA ALA A 43 -3.21 -13.40 29.80
C ALA A 43 -2.74 -14.06 28.51
N SER A 44 -3.42 -15.12 28.06
CA SER A 44 -3.05 -15.82 26.83
C SER A 44 -4.30 -15.98 25.98
N ALA A 45 -4.46 -17.16 25.37
CA ALA A 45 -5.64 -17.48 24.58
C ALA A 45 -5.48 -17.16 23.10
N GLN A 46 -4.70 -16.15 22.74
CA GLN A 46 -4.47 -15.80 21.34
C GLN A 46 -3.01 -15.43 21.16
N TYR A 47 -2.22 -15.65 22.21
CA TYR A 47 -0.80 -15.35 22.21
C TYR A 47 -0.12 -15.85 20.95
N ARG A 48 -0.13 -15.04 19.90
CA ARG A 48 0.50 -15.41 18.64
C ARG A 48 0.01 -16.79 18.19
N GLY A 49 0.26 -17.11 16.93
CA GLY A 49 -0.22 -18.33 16.30
C GLY A 49 -1.07 -17.86 15.13
N VAL A 50 -0.42 -17.57 14.02
CA VAL A 50 -1.15 -17.13 12.83
C VAL A 50 -2.00 -18.25 12.27
N LEU A 51 -1.57 -19.51 12.30
CA LEU A 51 -2.45 -20.55 11.79
C LEU A 51 -3.74 -20.57 12.61
N GLY A 52 -3.56 -20.26 13.89
CA GLY A 52 -4.65 -20.30 14.85
C GLY A 52 -5.77 -19.30 14.61
N THR A 53 -5.40 -18.04 14.41
CA THR A 53 -6.37 -16.98 14.19
C THR A 53 -7.21 -17.17 12.94
N ILE A 54 -6.55 -17.50 11.83
CA ILE A 54 -7.27 -17.70 10.58
C ILE A 54 -8.27 -18.83 10.79
N LEU A 55 -7.97 -19.87 11.56
CA LEU A 55 -8.96 -20.92 11.76
C LEU A 55 -10.20 -20.41 12.48
N THR A 56 -9.94 -19.49 13.40
CA THR A 56 -10.94 -18.90 14.30
C THR A 56 -11.99 -18.15 13.53
N MET A 57 -11.63 -17.41 12.49
CA MET A 57 -12.59 -16.59 11.76
C MET A 57 -13.74 -17.37 11.12
N VAL A 58 -13.48 -18.54 10.55
CA VAL A 58 -14.56 -19.27 9.90
C VAL A 58 -15.58 -19.84 10.90
N ARG A 59 -15.08 -20.34 12.02
CA ARG A 59 -15.93 -20.93 13.05
C ARG A 59 -16.62 -19.88 13.93
N THR A 60 -16.15 -18.65 13.83
CA THR A 60 -16.72 -17.55 14.60
C THR A 60 -18.19 -17.32 14.20
N GLU A 61 -18.43 -17.13 12.90
CA GLU A 61 -19.79 -16.95 12.39
C GLU A 61 -20.22 -18.24 11.68
N GLY A 62 -19.42 -18.68 10.71
CA GLY A 62 -19.72 -19.89 9.95
C GLY A 62 -19.03 -19.83 8.60
N PRO A 63 -18.96 -20.93 7.88
CA PRO A 63 -18.28 -20.94 6.55
C PRO A 63 -18.88 -19.89 5.62
N ARG A 64 -20.20 -19.69 5.74
CA ARG A 64 -20.91 -18.67 4.97
C ARG A 64 -20.37 -17.27 5.30
N SER A 65 -19.58 -17.25 6.37
CA SER A 65 -19.03 -15.97 6.82
C SER A 65 -17.87 -15.54 5.94
N LEU A 66 -17.12 -16.48 5.40
CA LEU A 66 -15.99 -16.13 4.54
C LEU A 66 -16.46 -15.71 3.14
N TYR A 67 -17.55 -16.32 2.67
CA TYR A 67 -18.08 -16.03 1.34
C TYR A 67 -19.18 -14.96 1.29
N ASN A 68 -19.57 -14.52 2.49
CA ASN A 68 -20.55 -13.43 2.57
C ASN A 68 -19.78 -12.11 2.44
N GLY A 69 -18.70 -12.17 1.67
CA GLY A 69 -17.88 -10.99 1.48
C GLY A 69 -16.81 -11.19 0.41
N LEU A 70 -16.70 -12.45 -0.01
CA LEU A 70 -15.70 -12.78 -1.02
C LEU A 70 -15.95 -11.99 -2.29
N VAL A 71 -17.23 -11.75 -2.57
CA VAL A 71 -17.61 -10.98 -3.75
C VAL A 71 -17.25 -9.51 -3.51
N ALA A 72 -17.21 -9.11 -2.23
CA ALA A 72 -16.88 -7.73 -1.88
C ALA A 72 -15.38 -7.46 -2.05
N GLY A 73 -14.52 -8.45 -1.84
CA GLY A 73 -13.09 -8.20 -1.94
C GLY A 73 -12.68 -7.90 -3.37
N LEU A 74 -13.27 -8.63 -4.29
CA LEU A 74 -12.93 -8.48 -5.70
C LEU A 74 -13.24 -7.09 -6.25
N GLN A 75 -14.38 -6.59 -5.81
CA GLN A 75 -14.83 -5.27 -6.25
C GLN A 75 -13.77 -4.23 -5.82
N ARG A 76 -13.06 -4.57 -4.76
CA ARG A 76 -11.92 -3.75 -4.34
C ARG A 76 -10.96 -3.70 -5.54
N GLN A 77 -10.65 -4.90 -5.99
CA GLN A 77 -9.70 -5.07 -7.11
C GLN A 77 -10.24 -4.56 -8.45
N MET A 78 -11.55 -4.64 -8.62
CA MET A 78 -12.19 -4.20 -9.84
C MET A 78 -11.98 -2.70 -10.13
N SER A 79 -12.03 -1.86 -9.09
CA SER A 79 -11.91 -0.42 -9.33
C SER A 79 -10.46 -0.05 -9.63
N PHE A 80 -9.45 -0.69 -9.05
CA PHE A 80 -8.07 -0.26 -9.30
C PHE A 80 -7.74 -0.30 -10.78
N ALA A 81 -8.14 -1.36 -11.46
CA ALA A 81 -7.83 -1.46 -12.88
C ALA A 81 -8.69 -0.51 -13.70
N SER A 82 -9.92 -0.28 -13.25
CA SER A 82 -10.85 0.62 -13.94
C SER A 82 -10.38 2.08 -13.96
N VAL A 83 -9.86 2.55 -12.82
CA VAL A 83 -9.36 3.92 -12.73
C VAL A 83 -8.12 4.09 -13.61
N ARG A 84 -7.40 3.01 -13.82
CA ARG A 84 -6.16 3.07 -14.59
C ARG A 84 -6.54 3.16 -16.06
N ILE A 85 -7.83 3.36 -16.31
CA ILE A 85 -8.30 3.52 -17.68
C ILE A 85 -8.17 5.00 -18.06
N GLY A 86 -8.00 5.85 -17.03
CA GLY A 86 -7.92 7.31 -17.23
C GLY A 86 -6.90 8.06 -16.36
N LEU A 87 -6.88 7.85 -15.05
CA LEU A 87 -5.94 8.59 -14.19
C LEU A 87 -4.49 8.14 -14.36
N TYR A 88 -4.35 7.00 -15.02
CA TYR A 88 -3.01 6.46 -15.27
C TYR A 88 -2.36 7.15 -16.47
N ASP A 89 -3.10 7.17 -17.55
CA ASP A 89 -2.59 7.80 -18.76
C ASP A 89 -2.48 9.31 -18.57
N SER A 90 -3.43 9.75 -17.76
CA SER A 90 -3.43 11.17 -17.41
C SER A 90 -2.25 11.59 -16.51
N VAL A 91 -1.96 10.94 -15.36
CA VAL A 91 -0.79 11.41 -14.56
C VAL A 91 0.57 11.00 -15.19
N LYS A 92 0.46 9.88 -15.90
CA LYS A 92 1.65 9.32 -16.58
C LYS A 92 2.11 10.23 -17.76
N GLN A 93 1.16 10.74 -18.57
CA GLN A 93 1.47 11.65 -19.66
C GLN A 93 1.81 13.03 -19.13
N PHE A 94 1.41 13.21 -17.89
CA PHE A 94 1.64 14.48 -17.20
C PHE A 94 3.09 14.62 -16.70
N TYR A 95 3.82 13.51 -16.50
CA TYR A 95 5.18 13.56 -15.94
C TYR A 95 6.23 13.21 -17.01
N THR A 96 5.88 12.36 -17.97
CA THR A 96 6.89 12.00 -19.00
C THR A 96 6.73 12.82 -20.28
N LYS A 97 5.87 13.85 -20.28
CA LYS A 97 5.68 14.69 -21.46
C LYS A 97 7.01 15.22 -22.01
N GLY A 98 7.37 14.93 -23.27
CA GLY A 98 8.65 15.43 -23.86
C GLY A 98 9.19 16.65 -23.10
N SER A 99 8.66 17.84 -23.45
CA SER A 99 9.01 19.11 -22.78
C SER A 99 9.97 20.03 -23.55
N GLU A 100 10.61 20.98 -22.84
CA GLU A 100 11.51 21.94 -23.51
C GLU A 100 12.87 22.08 -22.83
N HIS A 101 13.87 21.42 -23.42
CA HIS A 101 15.28 21.44 -22.95
C HIS A 101 15.40 21.95 -21.51
N ALA A 102 14.51 21.49 -20.65
CA ALA A 102 14.50 21.85 -19.24
C ALA A 102 13.10 21.57 -18.70
N GLY A 103 12.80 22.19 -17.55
CA GLY A 103 11.47 22.06 -16.96
C GLY A 103 11.43 21.10 -15.79
N ILE A 104 12.59 20.74 -15.26
CA ILE A 104 12.62 19.82 -14.14
C ILE A 104 11.85 20.45 -12.98
N GLY A 105 12.05 21.75 -12.78
CA GLY A 105 11.32 22.52 -11.77
C GLY A 105 9.83 22.59 -12.07
N SER A 106 9.55 22.75 -13.36
CA SER A 106 8.17 22.78 -13.86
C SER A 106 7.53 21.46 -13.43
N ARG A 107 8.26 20.37 -13.54
CA ARG A 107 7.67 19.08 -13.20
C ARG A 107 7.33 19.02 -11.71
N LEU A 108 8.15 19.62 -10.84
CA LEU A 108 7.86 19.64 -9.41
C LEU A 108 6.58 20.43 -9.14
N LEU A 109 6.49 21.60 -9.77
CA LEU A 109 5.30 22.43 -9.59
C LEU A 109 4.09 21.74 -10.21
N ALA A 110 4.20 21.19 -11.41
CA ALA A 110 3.07 20.50 -12.03
C ALA A 110 2.70 19.27 -11.19
N GLY A 111 3.71 18.52 -10.78
CA GLY A 111 3.47 17.31 -10.01
C GLY A 111 2.88 17.63 -8.65
N SER A 112 3.43 18.63 -7.99
CA SER A 112 2.96 19.04 -6.68
C SER A 112 1.52 19.54 -6.71
N THR A 113 1.21 20.35 -7.71
CA THR A 113 -0.16 20.84 -7.83
C THR A 113 -1.14 19.72 -8.20
N THR A 114 -0.84 18.90 -9.21
CA THR A 114 -1.81 17.91 -9.69
C THR A 114 -2.16 16.80 -8.71
N GLY A 115 -1.15 16.29 -8.03
CA GLY A 115 -1.30 15.18 -7.09
C GLY A 115 -2.16 15.55 -5.89
N ALA A 116 -1.86 16.73 -5.38
CA ALA A 116 -2.62 17.27 -4.26
C ALA A 116 -4.06 17.40 -4.73
N LEU A 117 -4.22 17.87 -5.96
CA LEU A 117 -5.56 18.01 -6.54
C LEU A 117 -6.22 16.64 -6.69
N ALA A 118 -5.46 15.62 -7.13
CA ALA A 118 -6.01 14.27 -7.35
C ALA A 118 -6.57 13.62 -6.08
N VAL A 119 -5.89 13.78 -4.95
CA VAL A 119 -6.35 13.20 -3.68
C VAL A 119 -7.72 13.79 -3.32
N ALA A 120 -7.90 15.00 -3.85
CA ALA A 120 -9.13 15.75 -3.62
C ALA A 120 -10.36 14.97 -4.06
N VAL A 121 -10.30 14.36 -5.24
CA VAL A 121 -11.44 13.60 -5.75
C VAL A 121 -11.54 12.21 -5.11
N ALA A 122 -10.42 11.49 -5.07
CA ALA A 122 -10.41 10.13 -4.49
C ALA A 122 -9.77 10.13 -3.10
N GLN A 123 -10.44 9.47 -2.17
CA GLN A 123 -9.94 9.36 -0.79
C GLN A 123 -10.83 8.46 0.07
N PRO A 124 -12.14 8.53 -0.08
CA PRO A 124 -13.08 7.68 0.73
C PRO A 124 -12.74 6.20 0.67
N THR A 125 -12.24 5.77 -0.48
CA THR A 125 -11.92 4.34 -0.61
C THR A 125 -10.75 4.00 0.31
N ASP A 126 -9.75 4.87 0.37
CA ASP A 126 -8.60 4.56 1.22
C ASP A 126 -8.98 4.55 2.70
N VAL A 127 -9.79 5.53 3.12
CA VAL A 127 -10.18 5.64 4.53
C VAL A 127 -11.02 4.45 5.02
N VAL A 128 -11.99 4.01 4.22
CA VAL A 128 -12.87 2.92 4.64
C VAL A 128 -12.15 1.59 4.82
N LYS A 129 -11.20 1.27 3.96
CA LYS A 129 -10.53 -0.02 4.07
C LYS A 129 -9.78 -0.17 5.39
N VAL A 130 -9.09 0.89 5.83
CA VAL A 130 -8.37 0.81 7.09
C VAL A 130 -9.35 0.77 8.26
N ARG A 131 -10.34 1.65 8.21
CA ARG A 131 -11.36 1.72 9.24
C ARG A 131 -12.22 0.45 9.28
N PHE A 132 -12.49 -0.12 8.11
CA PHE A 132 -13.34 -1.29 8.05
C PHE A 132 -12.70 -2.53 8.69
N GLN A 133 -11.41 -2.76 8.47
CA GLN A 133 -10.78 -3.91 9.09
C GLN A 133 -10.77 -3.74 10.61
N ALA A 134 -10.49 -2.52 11.06
CA ALA A 134 -10.44 -2.26 12.50
C ALA A 134 -11.78 -2.42 13.19
N GLN A 135 -12.84 -2.04 12.48
CA GLN A 135 -14.18 -2.22 13.01
C GLN A 135 -14.35 -3.71 13.25
N ALA A 136 -14.41 -4.09 14.52
CA ALA A 136 -14.52 -5.51 14.89
C ALA A 136 -15.94 -5.94 15.22
N ARG A 137 -16.64 -5.42 16.21
CA ARG A 137 -18.00 -5.90 16.45
C ARG A 137 -18.93 -5.43 15.34
N ALA A 138 -20.22 -5.66 15.51
CA ALA A 138 -21.20 -5.26 14.52
C ALA A 138 -22.60 -5.20 15.12
N GLY A 139 -22.66 -5.14 16.44
CA GLY A 139 -23.94 -5.08 17.13
C GLY A 139 -24.80 -6.29 16.79
N GLY A 140 -26.06 -6.03 16.43
CA GLY A 140 -26.97 -7.10 16.06
C GLY A 140 -28.42 -6.64 16.19
N GLY A 141 -29.20 -6.80 15.12
CA GLY A 141 -30.60 -6.40 15.13
C GLY A 141 -31.24 -6.67 13.77
N ARG A 142 -32.23 -5.86 13.43
CA ARG A 142 -32.93 -6.02 12.16
C ARG A 142 -31.98 -5.82 10.99
N ARG A 143 -31.11 -4.82 11.11
CA ARG A 143 -30.14 -4.53 10.05
C ARG A 143 -28.83 -5.27 10.31
N TYR A 144 -28.27 -5.86 9.25
CA TYR A 144 -27.02 -6.61 9.36
C TYR A 144 -25.82 -5.69 9.11
N GLN A 145 -26.04 -4.39 9.23
CA GLN A 145 -24.97 -3.41 9.02
C GLN A 145 -24.41 -3.53 7.60
N SER A 146 -24.01 -2.40 7.03
CA SER A 146 -23.46 -2.38 5.68
C SER A 146 -22.58 -1.15 5.47
N THR A 147 -22.06 -1.00 4.25
CA THR A 147 -21.16 0.11 3.95
C THR A 147 -21.88 1.46 4.07
N VAL A 148 -23.07 1.56 3.50
CA VAL A 148 -23.78 2.83 3.57
C VAL A 148 -24.10 3.15 5.02
N GLU A 149 -24.59 2.15 5.75
CA GLU A 149 -24.91 2.36 7.16
C GLU A 149 -23.66 2.62 7.97
N ALA A 150 -22.59 1.88 7.66
CA ALA A 150 -21.33 2.02 8.37
C ALA A 150 -20.72 3.42 8.24
N TYR A 151 -20.70 3.96 7.03
CA TYR A 151 -20.12 5.29 6.81
C TYR A 151 -20.87 6.36 7.60
N LYS A 152 -22.19 6.35 7.44
CA LYS A 152 -23.04 7.37 8.05
C LYS A 152 -23.12 7.30 9.57
N THR A 153 -23.28 6.13 10.16
CA THR A 153 -23.44 6.01 11.60
C THR A 153 -22.23 6.49 12.43
N ILE A 154 -21.04 6.09 11.99
CA ILE A 154 -19.79 6.50 12.61
C ILE A 154 -19.61 8.02 12.45
N ALA A 155 -20.01 8.49 11.27
CA ALA A 155 -20.02 9.92 10.96
C ALA A 155 -20.93 10.60 11.97
N ARG A 156 -22.05 10.03 12.41
CA ARG A 156 -22.92 10.78 13.32
C ARG A 156 -22.21 11.12 14.62
N GLU A 157 -21.59 10.13 15.25
CA GLU A 157 -20.83 10.30 16.47
C GLU A 157 -19.50 10.98 16.16
N GLU A 158 -18.74 10.46 15.20
CA GLU A 158 -17.40 10.96 14.95
C GLU A 158 -17.26 12.28 14.17
N GLY A 159 -18.12 12.54 13.18
CA GLY A 159 -18.07 13.81 12.43
C GLY A 159 -17.20 13.72 11.19
N ILE A 160 -16.90 14.89 10.60
CA ILE A 160 -16.09 14.96 9.38
C ILE A 160 -14.63 14.68 9.71
N ARG A 161 -14.21 15.26 10.83
CA ARG A 161 -12.82 15.14 11.25
C ARG A 161 -12.45 13.68 11.44
N GLY A 162 -13.41 12.87 11.85
CA GLY A 162 -13.10 11.47 12.04
C GLY A 162 -12.65 10.86 10.72
N LEU A 163 -13.38 11.31 9.69
CA LEU A 163 -13.24 10.87 8.32
C LEU A 163 -11.95 11.29 7.60
N TRP A 164 -11.55 12.49 8.00
CA TRP A 164 -10.36 13.13 7.44
C TRP A 164 -9.11 12.54 8.05
N LYS A 165 -9.28 11.70 9.07
CA LYS A 165 -8.15 11.13 9.79
C LYS A 165 -7.05 10.67 8.84
N GLY A 166 -7.41 9.93 7.79
CA GLY A 166 -6.49 9.43 6.78
C GLY A 166 -6.21 10.49 5.71
N THR A 167 -7.24 11.28 5.41
CA THR A 167 -7.11 12.33 4.40
C THR A 167 -5.82 13.17 4.55
N SER A 168 -5.56 13.68 5.76
CA SER A 168 -4.38 14.55 5.97
C SER A 168 -3.05 13.85 5.71
N PRO A 169 -2.78 12.69 6.29
CA PRO A 169 -1.51 11.96 6.02
C PRO A 169 -1.42 11.50 4.56
N ASN A 170 -2.57 11.26 3.92
CA ASN A 170 -2.55 10.83 2.52
C ASN A 170 -1.98 11.94 1.65
N VAL A 171 -2.34 13.18 1.97
CA VAL A 171 -1.85 14.33 1.23
C VAL A 171 -0.34 14.44 1.37
N ALA A 172 0.14 14.23 2.60
CA ALA A 172 1.56 14.30 2.87
C ALA A 172 2.29 13.20 2.09
N ARG A 173 1.68 12.03 2.03
CA ARG A 173 2.27 10.91 1.32
C ARG A 173 2.43 11.26 -0.15
N ASN A 174 1.42 11.90 -0.73
CA ASN A 174 1.49 12.29 -2.13
C ASN A 174 2.63 13.27 -2.38
N ALA A 175 2.77 14.25 -1.50
CA ALA A 175 3.83 15.25 -1.67
C ALA A 175 5.24 14.67 -1.55
N ILE A 176 5.48 13.85 -0.52
CA ILE A 176 6.81 13.28 -0.32
C ILE A 176 7.24 12.35 -1.45
N VAL A 177 6.36 11.42 -1.86
CA VAL A 177 6.73 10.49 -2.91
C VAL A 177 7.07 11.21 -4.21
N ASN A 178 6.23 12.15 -4.62
CA ASN A 178 6.48 12.91 -5.85
C ASN A 178 7.79 13.69 -5.72
N CYS A 179 7.94 14.29 -4.55
CA CYS A 179 9.13 15.07 -4.25
C CYS A 179 10.39 14.18 -4.26
N ALA A 180 10.25 13.04 -3.58
CA ALA A 180 11.29 12.01 -3.52
C ALA A 180 11.54 11.41 -4.92
N GLU A 181 10.44 11.19 -5.61
CA GLU A 181 10.41 10.59 -6.95
C GLU A 181 11.17 11.44 -7.97
N LEU A 182 10.97 12.76 -7.99
CA LEU A 182 11.64 13.55 -9.02
C LEU A 182 13.15 13.42 -8.78
N VAL A 183 13.50 13.41 -7.51
CA VAL A 183 14.91 13.27 -7.21
C VAL A 183 15.35 11.90 -7.72
N THR A 184 14.58 10.86 -7.44
CA THR A 184 14.90 9.49 -7.84
C THR A 184 14.90 9.28 -9.36
N TYR A 185 13.87 9.82 -10.00
CA TYR A 185 13.64 9.71 -11.46
C TYR A 185 14.82 10.24 -12.28
N ASP A 186 15.43 11.32 -11.82
CA ASP A 186 16.55 11.90 -12.56
C ASP A 186 17.62 10.82 -12.74
N LEU A 187 17.86 10.08 -11.68
CA LEU A 187 18.85 9.00 -11.73
C LEU A 187 18.39 7.98 -12.77
N ILE A 188 17.08 7.70 -12.81
CA ILE A 188 16.57 6.72 -13.77
C ILE A 188 16.78 7.17 -15.23
N LYS A 189 16.52 8.44 -15.59
CA LYS A 189 16.73 8.96 -16.95
C LYS A 189 18.19 8.89 -17.37
N ASP A 190 19.04 9.22 -16.42
CA ASP A 190 20.47 9.24 -16.72
C ASP A 190 20.99 7.85 -16.99
N THR A 191 20.51 6.85 -16.27
CA THR A 191 20.99 5.47 -16.44
C THR A 191 20.02 4.63 -17.28
N LEU A 192 20.59 3.97 -18.29
CA LEU A 192 19.86 3.08 -19.20
C LEU A 192 18.89 3.84 -20.12
N LEU A 193 18.88 5.17 -20.06
CA LEU A 193 17.96 5.94 -20.91
C LEU A 193 18.68 7.14 -21.55
N LYS A 194 19.90 6.88 -22.04
CA LYS A 194 20.72 7.94 -22.66
C LYS A 194 20.42 8.09 -24.15
N ALA A 195 19.13 8.20 -24.48
CA ALA A 195 18.63 8.34 -25.88
C ALA A 195 17.72 7.18 -26.22
N ASN A 196 17.24 6.49 -25.18
CA ASN A 196 16.50 5.25 -25.41
C ASN A 196 17.63 4.26 -25.70
N LEU A 197 17.80 3.24 -24.85
CA LEU A 197 18.87 2.27 -25.06
C LEU A 197 18.37 1.03 -25.80
N MET A 198 18.39 1.10 -27.13
CA MET A 198 17.92 -0.02 -27.96
C MET A 198 18.89 -0.28 -29.11
N THR A 199 19.17 -1.56 -29.35
CA THR A 199 20.08 -1.95 -30.42
C THR A 199 19.99 -3.46 -30.67
N ASP A 200 20.44 -4.24 -29.68
CA ASP A 200 20.42 -5.69 -29.80
C ASP A 200 20.74 -6.34 -28.45
N ASP A 201 21.09 -7.62 -28.47
CA ASP A 201 21.41 -8.34 -27.24
C ASP A 201 20.44 -7.97 -26.11
N LEU A 202 19.17 -8.34 -26.30
CA LEU A 202 18.13 -8.03 -25.33
C LEU A 202 18.41 -8.66 -23.96
N PRO A 203 18.82 -9.90 -23.90
CA PRO A 203 19.08 -10.58 -22.59
C PRO A 203 20.15 -9.87 -21.77
N CYS A 204 21.08 -9.29 -22.51
CA CYS A 204 22.19 -8.57 -21.89
C CYS A 204 21.70 -7.36 -21.12
N HIS A 205 20.75 -6.63 -21.70
CA HIS A 205 20.23 -5.44 -21.04
C HIS A 205 19.48 -5.81 -19.76
N PHE A 206 18.74 -6.91 -19.83
CA PHE A 206 17.95 -7.41 -18.71
C PHE A 206 18.82 -7.78 -17.51
N THR A 207 19.91 -8.52 -17.75
CA THR A 207 20.80 -8.92 -16.67
C THR A 207 21.39 -7.70 -15.97
N SER A 208 21.70 -6.66 -16.74
CA SER A 208 22.23 -5.44 -16.15
C SER A 208 21.21 -4.91 -15.15
N ALA A 209 19.94 -4.96 -15.51
CA ALA A 209 18.89 -4.41 -14.65
C ALA A 209 18.78 -5.14 -13.32
N PHE A 210 18.88 -6.47 -13.32
CA PHE A 210 18.70 -7.22 -12.07
C PHE A 210 19.72 -6.85 -11.01
N GLY A 211 20.97 -6.81 -11.46
CA GLY A 211 22.07 -6.41 -10.59
C GLY A 211 21.79 -4.98 -10.12
N ALA A 212 21.34 -4.18 -11.08
CA ALA A 212 20.95 -2.78 -10.84
C ALA A 212 19.78 -2.75 -9.87
N GLY A 213 18.89 -3.72 -10.03
CA GLY A 213 17.68 -3.82 -9.23
C GLY A 213 18.01 -3.99 -7.75
N PHE A 214 19.00 -4.80 -7.43
CA PHE A 214 19.35 -4.99 -6.03
C PHE A 214 19.92 -3.66 -5.49
N CYS A 215 20.70 -2.97 -6.33
CA CYS A 215 21.24 -1.67 -5.94
C CYS A 215 20.12 -0.66 -5.70
N THR A 216 19.11 -0.70 -6.56
CA THR A 216 17.94 0.20 -6.47
C THR A 216 17.18 -0.01 -5.18
N THR A 217 17.06 -1.26 -4.76
CA THR A 217 16.28 -1.60 -3.57
C THR A 217 16.79 -0.88 -2.34
N VAL A 218 18.11 -0.75 -2.17
CA VAL A 218 18.61 -0.04 -0.99
C VAL A 218 18.04 1.38 -1.01
N ILE A 219 18.01 2.00 -2.19
CA ILE A 219 17.44 3.34 -2.34
C ILE A 219 15.97 3.33 -1.94
N ALA A 220 15.29 2.24 -2.33
CA ALA A 220 13.86 2.00 -2.08
C ALA A 220 13.46 1.89 -0.59
N SER A 221 14.31 1.26 0.22
CA SER A 221 14.00 0.94 1.63
C SER A 221 13.61 2.13 2.53
N PRO A 222 14.23 3.26 2.41
CA PRO A 222 13.95 4.42 3.31
C PRO A 222 12.49 4.90 3.27
N VAL A 223 11.83 4.95 2.11
CA VAL A 223 10.45 5.43 2.10
C VAL A 223 9.53 4.49 2.90
N ASP A 224 9.78 3.19 2.80
CA ASP A 224 8.98 2.20 3.55
C ASP A 224 9.16 2.31 5.07
N VAL A 225 10.41 2.54 5.49
CA VAL A 225 10.75 2.59 6.92
C VAL A 225 10.07 3.74 7.68
N VAL A 226 10.07 4.94 7.15
CA VAL A 226 9.47 6.06 7.88
C VAL A 226 7.96 5.81 8.10
N LYS A 227 7.32 5.23 7.12
CA LYS A 227 5.89 4.93 7.21
C LYS A 227 5.55 3.99 8.38
N THR A 228 6.36 2.94 8.53
CA THR A 228 6.11 1.92 9.55
C THR A 228 6.12 2.43 10.99
N ARG A 229 7.06 3.31 11.35
CA ARG A 229 7.12 3.80 12.72
C ARG A 229 5.79 4.43 13.09
N TYR A 230 5.29 4.12 14.30
CA TYR A 230 4.03 4.65 14.82
C TYR A 230 3.40 3.69 15.84
N MET A 231 3.15 2.45 15.42
CA MET A 231 2.54 1.48 16.32
C MET A 231 3.33 1.37 17.63
N ASN A 232 2.66 1.77 18.71
CA ASN A 232 3.22 1.75 20.07
C ASN A 232 2.15 2.29 21.01
N SER A 233 1.09 2.76 20.37
CA SER A 233 -0.05 3.38 21.05
C SER A 233 -1.35 2.66 20.83
N ALA A 234 -2.23 2.80 21.81
CA ALA A 234 -3.55 2.19 21.79
C ALA A 234 -4.08 2.05 23.22
N LEU A 235 -3.14 2.01 24.17
CA LEU A 235 -3.49 1.88 25.59
C LEU A 235 -2.62 2.82 26.45
N GLY A 236 -3.18 3.96 26.85
CA GLY A 236 -2.45 4.92 27.68
C GLY A 236 -2.72 6.36 27.26
N GLN A 237 -1.83 7.27 27.66
CA GLN A 237 -1.98 8.68 27.30
C GLN A 237 -1.55 8.88 25.86
N TYR A 238 -0.35 9.43 25.63
CA TYR A 238 0.10 9.60 24.26
C TYR A 238 -0.92 10.43 23.50
N HIS A 239 -0.72 11.74 23.33
CA HIS A 239 -1.75 12.46 22.62
C HIS A 239 -1.80 11.93 21.19
N SER A 240 -0.64 11.92 20.52
CA SER A 240 -0.55 11.27 19.21
C SER A 240 0.90 10.76 18.97
N ALA A 241 1.14 10.14 17.81
CA ALA A 241 2.48 9.65 17.44
C ALA A 241 3.58 10.70 17.17
N GLY A 242 3.41 11.78 16.40
CA GLY A 242 4.53 12.72 16.24
C GLY A 242 4.86 13.47 17.51
N HIS A 243 3.78 13.90 18.12
CA HIS A 243 3.92 14.72 19.32
C HIS A 243 4.55 13.93 20.44
N CYS A 244 4.30 12.63 20.50
CA CYS A 244 4.98 11.77 21.46
C CYS A 244 6.47 11.77 21.11
N ALA A 245 6.75 11.67 19.80
CA ALA A 245 8.10 11.61 19.28
C ALA A 245 8.90 12.85 19.68
N LEU A 246 8.30 14.02 19.56
CA LEU A 246 9.00 15.23 19.94
C LEU A 246 9.24 15.17 21.45
N THR A 247 8.21 14.73 22.15
CA THR A 247 8.26 14.54 23.60
C THR A 247 9.33 13.48 23.94
N MET A 248 9.34 12.39 23.18
CA MET A 248 10.26 11.29 23.39
C MET A 248 11.72 11.76 23.28
N LEU A 249 12.02 12.62 22.34
CA LEU A 249 13.40 13.06 22.14
C LEU A 249 13.92 13.74 23.40
N ARG A 250 13.15 14.63 24.02
CA ARG A 250 13.63 15.26 25.24
C ARG A 250 13.73 14.22 26.37
N LYS A 251 12.65 13.46 26.66
CA LYS A 251 12.70 12.46 27.74
C LYS A 251 13.21 11.07 27.27
N GLU A 252 12.59 10.45 26.25
CA GLU A 252 13.06 9.12 25.81
C GLU A 252 14.13 9.23 24.72
N GLY A 253 15.39 9.05 25.11
CA GLY A 253 16.52 9.14 24.16
C GLY A 253 16.14 8.55 22.79
N PRO A 254 16.85 8.91 21.74
CA PRO A 254 16.57 8.37 20.37
C PRO A 254 16.62 6.84 20.33
N ARG A 255 16.89 6.21 21.46
CA ARG A 255 16.96 4.76 21.54
C ARG A 255 15.59 4.14 21.34
N ALA A 256 14.54 4.87 21.69
CA ALA A 256 13.19 4.34 21.52
C ALA A 256 12.97 3.98 20.05
N PHE A 257 13.58 4.76 19.17
CA PHE A 257 13.47 4.53 17.74
C PHE A 257 14.05 3.17 17.35
N TYR A 258 15.20 2.87 17.95
CA TYR A 258 15.90 1.61 17.68
C TYR A 258 15.14 0.39 18.18
N LYS A 259 14.49 0.55 19.32
CA LYS A 259 13.69 -0.53 19.90
C LYS A 259 12.39 -0.67 19.10
N GLY A 260 11.59 -1.69 19.43
CA GLY A 260 10.33 -1.91 18.73
C GLY A 260 10.52 -1.83 17.21
N PHE A 261 10.56 -3.00 16.56
CA PHE A 261 10.73 -3.04 15.12
C PHE A 261 10.39 -4.42 14.56
N MET A 262 9.86 -5.29 15.42
CA MET A 262 9.50 -6.64 14.98
C MET A 262 8.39 -6.65 13.92
N PRO A 263 7.33 -5.87 14.07
CA PRO A 263 6.23 -5.87 13.06
C PRO A 263 6.69 -5.36 11.69
N SER A 264 7.41 -4.24 11.69
CA SER A 264 7.89 -3.66 10.44
C SER A 264 8.81 -4.63 9.70
N PHE A 265 9.66 -5.31 10.45
CA PHE A 265 10.58 -6.26 9.85
C PHE A 265 9.82 -7.39 9.17
N LEU A 266 8.80 -7.79 9.92
CA LEU A 266 7.83 -8.76 9.44
C LEU A 266 7.13 -8.17 8.21
N ARG A 267 6.84 -6.86 8.27
CA ARG A 267 6.18 -6.17 7.16
C ARG A 267 7.04 -6.21 5.91
N LEU A 268 8.34 -6.02 6.12
CA LEU A 268 9.33 -5.97 5.04
C LEU A 268 9.42 -7.29 4.28
N GLY A 269 9.27 -8.41 4.95
CA GLY A 269 9.39 -9.69 4.27
C GLY A 269 8.23 -9.86 3.30
N SER A 270 7.01 -9.66 3.80
CA SER A 270 5.81 -9.77 3.00
C SER A 270 5.83 -8.72 1.88
N TRP A 271 6.19 -7.50 2.23
CA TRP A 271 6.24 -6.43 1.24
C TRP A 271 7.25 -6.76 0.14
N ASN A 272 8.38 -7.35 0.51
CA ASN A 272 9.44 -7.68 -0.46
C ASN A 272 9.00 -8.69 -1.53
N VAL A 273 8.23 -9.70 -1.17
CA VAL A 273 7.78 -10.70 -2.16
C VAL A 273 6.94 -10.02 -3.25
N VAL A 274 6.14 -9.04 -2.86
CA VAL A 274 5.30 -8.35 -3.83
C VAL A 274 6.18 -7.65 -4.86
N MET A 275 7.27 -7.05 -4.40
CA MET A 275 8.21 -6.38 -5.31
C MET A 275 8.78 -7.40 -6.31
N PHE A 276 9.04 -8.60 -5.80
CA PHE A 276 9.60 -9.70 -6.59
C PHE A 276 8.69 -10.07 -7.77
N VAL A 277 7.39 -10.05 -7.55
CA VAL A 277 6.42 -10.47 -8.58
C VAL A 277 6.52 -9.60 -9.85
N THR A 278 6.74 -8.29 -9.73
CA THR A 278 6.89 -7.47 -10.93
C THR A 278 8.12 -7.96 -11.72
N TYR A 279 9.17 -8.28 -10.97
CA TYR A 279 10.40 -8.82 -11.57
C TYR A 279 10.02 -10.13 -12.26
N GLU A 280 9.14 -10.93 -11.65
CA GLU A 280 8.84 -12.22 -12.28
C GLU A 280 8.31 -11.99 -13.68
N GLN A 281 7.46 -10.99 -13.85
CA GLN A 281 6.90 -10.74 -15.19
C GLN A 281 8.00 -10.42 -16.19
N LEU A 282 8.92 -9.60 -15.71
CA LEU A 282 10.06 -9.21 -16.54
C LEU A 282 10.84 -10.47 -16.94
N LYS A 283 11.00 -11.39 -15.99
CA LYS A 283 11.70 -12.63 -16.26
C LYS A 283 10.95 -13.45 -17.31
N ARG A 284 9.63 -13.55 -17.13
CA ARG A 284 8.75 -14.30 -18.03
C ARG A 284 7.68 -13.39 -18.58
N ALA A 285 7.68 -13.18 -19.90
CA ALA A 285 6.69 -12.31 -20.56
C ALA A 285 5.84 -13.11 -21.54
N LEU A 286 6.26 -13.10 -22.80
CA LEU A 286 5.58 -13.83 -23.88
C LEU A 286 6.62 -14.54 -24.75
N MET A 287 6.21 -15.03 -25.91
CA MET A 287 7.16 -15.73 -26.79
C MET A 287 6.55 -16.01 -28.16
N ALA A 288 6.27 -14.96 -28.93
CA ALA A 288 5.66 -15.11 -30.24
C ALA A 288 5.56 -13.76 -30.94
N ALA A 289 6.50 -13.56 -31.85
CA ALA A 289 6.62 -12.29 -32.57
C ALA A 289 5.42 -11.98 -33.45
N TYR A 290 4.97 -12.97 -34.23
CA TYR A 290 3.84 -12.73 -35.13
C TYR A 290 2.63 -12.29 -34.31
N GLN A 291 2.44 -12.91 -33.16
CA GLN A 291 1.30 -12.60 -32.31
C GLN A 291 1.40 -11.16 -31.78
N SER A 292 2.58 -10.79 -31.31
CA SER A 292 2.79 -9.44 -30.80
C SER A 292 2.68 -8.40 -31.91
N ARG A 293 3.18 -8.76 -33.10
CA ARG A 293 3.18 -7.86 -34.26
C ARG A 293 1.76 -7.45 -34.70
N GLU A 294 0.84 -8.41 -34.74
CA GLU A 294 -0.53 -8.15 -35.20
C GLU A 294 -1.33 -7.18 -34.30
N ALA A 295 -1.15 -7.25 -32.99
CA ALA A 295 -1.94 -6.41 -32.07
C ALA A 295 -1.75 -4.90 -32.34
N PRO A 296 -0.54 -4.40 -32.37
CA PRO A 296 -0.29 -2.95 -32.63
C PRO A 296 -0.49 -2.58 -34.10
N PHE A 297 -0.85 -3.59 -34.91
CA PHE A 297 -1.06 -3.36 -36.34
C PHE A 297 0.09 -2.54 -36.93
N MET A 1 -3.53 -10.33 -24.15
CA MET A 1 -2.71 -11.55 -23.84
C MET A 1 -1.26 -11.16 -23.68
N THR A 2 -0.97 -9.86 -23.82
CA THR A 2 0.40 -9.37 -23.68
C THR A 2 0.44 -7.86 -23.82
N VAL A 3 -0.10 -7.16 -22.83
CA VAL A 3 -0.12 -5.70 -22.83
C VAL A 3 0.25 -5.15 -21.45
N LYS A 4 0.58 -3.87 -21.40
CA LYS A 4 0.98 -3.24 -20.16
C LYS A 4 -0.19 -3.21 -19.16
N PHE A 5 -1.39 -2.91 -19.65
CA PHE A 5 -2.56 -2.83 -18.78
C PHE A 5 -2.92 -4.16 -18.12
N LEU A 6 -2.84 -5.25 -18.88
CA LEU A 6 -3.18 -6.57 -18.34
C LEU A 6 -2.03 -7.17 -17.53
N GLY A 7 -0.82 -6.73 -17.84
CA GLY A 7 0.37 -7.18 -17.11
C GLY A 7 0.26 -6.64 -15.69
N ALA A 8 -0.19 -5.39 -15.64
CA ALA A 8 -0.47 -4.65 -14.43
C ALA A 8 -1.72 -5.25 -13.80
N GLY A 9 -2.51 -5.69 -14.78
CA GLY A 9 -3.78 -6.32 -14.46
C GLY A 9 -3.50 -7.59 -13.66
N THR A 10 -2.50 -8.35 -14.10
CA THR A 10 -2.11 -9.56 -13.39
C THR A 10 -1.45 -9.18 -12.07
N ALA A 11 -0.84 -8.00 -12.07
CA ALA A 11 -0.14 -7.49 -10.89
C ALA A 11 -1.10 -7.20 -9.75
N ALA A 12 -2.17 -6.47 -10.01
CA ALA A 12 -3.07 -6.13 -8.93
C ALA A 12 -3.68 -7.40 -8.32
N CYS A 13 -3.96 -8.39 -9.15
CA CYS A 13 -4.56 -9.63 -8.66
C CYS A 13 -3.62 -10.36 -7.69
N ILE A 14 -2.39 -10.62 -8.14
CA ILE A 14 -1.45 -11.37 -7.29
C ILE A 14 -1.04 -10.63 -6.02
N ALA A 15 -0.81 -9.32 -6.10
CA ALA A 15 -0.28 -8.61 -4.95
C ALA A 15 -1.23 -8.62 -3.75
N ASP A 16 -2.53 -8.44 -3.93
CA ASP A 16 -3.38 -8.38 -2.74
C ASP A 16 -3.63 -9.78 -2.20
N LEU A 17 -3.59 -10.82 -3.04
CA LEU A 17 -3.86 -12.15 -2.51
C LEU A 17 -2.88 -12.56 -1.40
N ILE A 18 -1.57 -12.54 -1.69
CA ILE A 18 -0.59 -12.94 -0.68
C ILE A 18 -0.38 -11.87 0.41
N THR A 19 -1.04 -10.71 0.22
CA THR A 19 -0.89 -9.63 1.22
C THR A 19 -2.19 -9.46 2.00
N PHE A 20 -3.34 -9.94 1.58
CA PHE A 20 -4.52 -9.66 2.40
C PHE A 20 -4.44 -10.42 3.75
N PRO A 21 -4.03 -11.67 3.79
CA PRO A 21 -3.90 -12.41 5.10
C PRO A 21 -2.91 -11.71 6.05
N LEU A 22 -2.11 -10.81 5.50
CA LEU A 22 -1.08 -10.13 6.31
C LEU A 22 -1.67 -9.19 7.36
N ASP A 23 -2.79 -8.56 7.03
CA ASP A 23 -3.41 -7.60 7.94
C ASP A 23 -3.88 -8.23 9.24
N THR A 24 -4.45 -9.42 9.14
CA THR A 24 -4.95 -10.09 10.34
C THR A 24 -3.84 -10.33 11.38
N ALA A 25 -2.62 -10.59 10.95
CA ALA A 25 -1.54 -10.85 11.90
C ALA A 25 -1.16 -9.61 12.74
N LYS A 26 -1.13 -8.42 12.14
CA LYS A 26 -0.69 -7.24 12.90
C LYS A 26 -1.58 -6.97 14.11
N VAL A 27 -2.89 -7.00 13.93
CA VAL A 27 -3.83 -6.73 15.01
C VAL A 27 -3.69 -7.75 16.13
N ARG A 28 -3.47 -9.01 15.79
CA ARG A 28 -3.34 -10.05 16.81
C ARG A 28 -2.18 -9.76 17.78
N LEU A 29 -1.07 -9.26 17.25
CA LEU A 29 0.11 -8.95 18.09
C LEU A 29 -0.19 -7.88 19.15
N GLN A 30 -1.36 -7.92 19.76
CA GLN A 30 -1.70 -6.95 20.80
C GLN A 30 -3.02 -7.31 21.47
N ILE A 31 -3.08 -8.55 21.98
CA ILE A 31 -4.27 -9.06 22.67
C ILE A 31 -5.56 -8.38 22.20
N GLN A 32 -6.24 -7.67 23.10
CA GLN A 32 -7.48 -6.98 22.77
C GLN A 32 -7.43 -5.53 23.25
N GLY A 33 -7.19 -4.62 22.33
CA GLY A 33 -7.12 -3.20 22.67
C GLY A 33 -8.51 -2.59 22.76
N GLU A 34 -9.22 -2.93 23.84
CA GLU A 34 -10.57 -2.40 24.05
C GLU A 34 -10.93 -2.44 25.53
N SER A 35 -11.98 -1.70 25.89
CA SER A 35 -12.42 -1.64 27.28
C SER A 35 -13.30 -2.84 27.61
N GLN A 36 -12.69 -4.03 27.62
CA GLN A 36 -13.42 -5.28 27.93
C GLN A 36 -12.82 -5.92 29.17
N GLY A 37 -11.50 -6.03 29.22
CA GLY A 37 -10.84 -6.68 30.35
C GLY A 37 -10.89 -8.20 30.16
N LEU A 38 -11.25 -8.60 28.94
CA LEU A 38 -11.33 -10.01 28.57
C LEU A 38 -9.93 -10.62 28.61
N VAL A 39 -8.95 -9.84 28.17
CA VAL A 39 -7.57 -10.30 28.13
C VAL A 39 -7.08 -10.67 29.52
N ARG A 40 -7.37 -9.84 30.52
CA ARG A 40 -6.93 -10.13 31.87
C ARG A 40 -7.62 -11.40 32.36
N THR A 41 -8.85 -11.61 31.92
CA THR A 41 -9.59 -12.82 32.30
C THR A 41 -8.94 -14.05 31.68
N ALA A 42 -8.46 -13.90 30.45
CA ALA A 42 -7.79 -14.99 29.74
C ALA A 42 -6.30 -14.96 30.03
N ALA A 43 -5.77 -16.06 30.53
CA ALA A 43 -4.35 -16.13 30.87
C ALA A 43 -3.49 -16.55 29.68
N SER A 44 -4.12 -16.94 28.56
CA SER A 44 -3.44 -17.36 27.35
C SER A 44 -4.52 -17.56 26.30
N ALA A 45 -4.59 -18.74 25.67
CA ALA A 45 -5.65 -19.02 24.70
C ALA A 45 -5.60 -18.15 23.45
N GLN A 46 -4.91 -17.01 23.51
CA GLN A 46 -4.77 -16.15 22.33
C GLN A 46 -3.29 -15.88 22.10
N TYR A 47 -2.48 -16.93 22.33
CA TYR A 47 -1.03 -16.85 22.16
C TYR A 47 -0.66 -15.97 20.98
N ARG A 48 -0.38 -16.61 19.85
CA ARG A 48 0.01 -15.90 18.64
C ARG A 48 -0.33 -16.76 17.42
N GLY A 49 -0.26 -18.09 17.61
CA GLY A 49 -0.55 -19.05 16.55
C GLY A 49 -1.56 -18.51 15.56
N VAL A 50 -1.07 -18.08 14.41
CA VAL A 50 -1.93 -17.62 13.32
C VAL A 50 -2.74 -18.79 12.79
N LEU A 51 -2.24 -20.02 12.74
CA LEU A 51 -3.09 -21.08 12.21
C LEU A 51 -4.36 -21.25 13.05
N GLY A 52 -4.23 -21.00 14.36
CA GLY A 52 -5.31 -21.19 15.32
C GLY A 52 -6.52 -20.26 15.13
N THR A 53 -6.21 -18.97 15.01
CA THR A 53 -7.27 -17.97 14.84
C THR A 53 -8.06 -18.20 13.57
N ILE A 54 -7.38 -18.45 12.46
CA ILE A 54 -8.08 -18.65 11.20
C ILE A 54 -9.02 -19.85 11.35
N LEU A 55 -8.67 -20.90 12.08
CA LEU A 55 -9.59 -22.03 12.24
C LEU A 55 -10.87 -21.62 12.96
N THR A 56 -10.67 -20.73 13.91
CA THR A 56 -11.71 -20.23 14.79
C THR A 56 -12.77 -19.49 14.02
N MET A 57 -12.36 -18.72 13.02
CA MET A 57 -13.29 -17.92 12.24
C MET A 57 -14.36 -18.75 11.51
N VAL A 58 -13.99 -19.90 10.97
CA VAL A 58 -14.96 -20.69 10.23
C VAL A 58 -16.05 -21.29 11.13
N ARG A 59 -15.66 -21.77 12.30
CA ARG A 59 -16.62 -22.39 13.21
C ARG A 59 -17.48 -21.37 13.97
N THR A 60 -17.04 -20.13 13.88
CA THR A 60 -17.72 -19.03 14.56
C THR A 60 -19.14 -18.82 14.01
N GLU A 61 -19.24 -18.65 12.69
CA GLU A 61 -20.54 -18.47 12.03
C GLU A 61 -20.88 -19.72 11.22
N GLY A 62 -20.04 -20.09 10.26
CA GLY A 62 -20.27 -21.27 9.42
C GLY A 62 -19.48 -21.16 8.12
N PRO A 63 -19.32 -22.23 7.39
CA PRO A 63 -18.55 -22.22 6.11
C PRO A 63 -19.11 -21.19 5.12
N ARG A 64 -20.43 -21.02 5.14
CA ARG A 64 -21.11 -20.01 4.32
C ARG A 64 -20.63 -18.61 4.68
N SER A 65 -19.90 -18.57 5.78
CA SER A 65 -19.41 -17.28 6.27
C SER A 65 -18.19 -16.86 5.44
N LEU A 66 -17.43 -17.84 4.97
CA LEU A 66 -16.24 -17.63 4.15
C LEU A 66 -16.61 -17.26 2.71
N TYR A 67 -17.78 -17.73 2.26
CA TYR A 67 -18.19 -17.59 0.86
C TYR A 67 -18.90 -16.27 0.58
N ASN A 68 -19.05 -15.52 1.68
CA ASN A 68 -19.64 -14.19 1.61
C ASN A 68 -18.58 -13.16 2.02
N GLY A 69 -18.52 -12.04 1.31
CA GLY A 69 -17.52 -11.01 1.59
C GLY A 69 -16.40 -11.10 0.55
N LEU A 70 -16.22 -12.31 0.05
CA LEU A 70 -15.18 -12.52 -0.95
C LEU A 70 -15.41 -11.65 -2.17
N VAL A 71 -16.68 -11.45 -2.49
CA VAL A 71 -17.04 -10.62 -3.61
C VAL A 71 -16.76 -9.16 -3.26
N ALA A 72 -16.80 -8.85 -1.96
CA ALA A 72 -16.54 -7.50 -1.50
C ALA A 72 -15.05 -7.17 -1.55
N GLY A 73 -14.16 -8.15 -1.34
CA GLY A 73 -12.74 -7.85 -1.35
C GLY A 73 -12.27 -7.45 -2.74
N LEU A 74 -12.79 -8.15 -3.72
CA LEU A 74 -12.39 -7.93 -5.11
C LEU A 74 -12.73 -6.52 -5.62
N GLN A 75 -13.92 -6.09 -5.20
CA GLN A 75 -14.38 -4.76 -5.61
C GLN A 75 -13.38 -3.69 -5.11
N ARG A 76 -12.71 -4.04 -4.02
CA ARG A 76 -11.62 -3.17 -3.55
C ARG A 76 -10.62 -3.06 -4.71
N GLN A 77 -10.23 -4.25 -5.16
CA GLN A 77 -9.24 -4.38 -6.23
C GLN A 77 -9.73 -3.88 -7.59
N MET A 78 -11.03 -3.99 -7.82
CA MET A 78 -11.62 -3.54 -9.08
C MET A 78 -11.44 -2.04 -9.29
N SER A 79 -11.59 -1.24 -8.22
CA SER A 79 -11.49 0.19 -8.40
C SER A 79 -10.05 0.63 -8.61
N PHE A 80 -9.04 -0.01 -8.00
CA PHE A 80 -7.66 0.45 -8.16
C PHE A 80 -7.22 0.48 -9.61
N ALA A 81 -7.55 -0.58 -10.35
CA ALA A 81 -7.12 -0.64 -11.74
C ALA A 81 -7.91 0.33 -12.61
N SER A 82 -9.16 0.53 -12.24
CA SER A 82 -10.03 1.43 -12.98
C SER A 82 -9.59 2.91 -12.97
N VAL A 83 -9.13 3.40 -11.81
CA VAL A 83 -8.66 4.80 -11.69
C VAL A 83 -7.37 5.05 -12.50
N ARG A 84 -6.53 4.05 -12.69
CA ARG A 84 -5.24 4.24 -13.40
C ARG A 84 -5.53 4.30 -14.89
N ILE A 85 -6.80 4.42 -15.23
CA ILE A 85 -7.22 4.52 -16.63
C ILE A 85 -7.13 5.99 -17.02
N GLY A 86 -7.04 6.83 -15.99
CA GLY A 86 -7.01 8.28 -16.18
C GLY A 86 -6.03 9.02 -15.25
N LEU A 87 -6.02 8.75 -13.95
CA LEU A 87 -5.12 9.48 -13.06
C LEU A 87 -3.64 9.09 -13.23
N TYR A 88 -3.44 7.98 -13.94
CA TYR A 88 -2.05 7.49 -14.16
C TYR A 88 -1.36 8.23 -15.32
N ASP A 89 -2.05 8.25 -16.46
CA ASP A 89 -1.52 8.90 -17.65
C ASP A 89 -1.48 10.42 -17.47
N SER A 90 -2.49 10.79 -16.72
CA SER A 90 -2.62 12.20 -16.35
C SER A 90 -1.49 12.66 -15.41
N VAL A 91 -1.18 11.97 -14.29
CA VAL A 91 -0.06 12.45 -13.46
C VAL A 91 1.32 12.18 -14.13
N LYS A 92 1.28 11.15 -14.96
CA LYS A 92 2.50 10.76 -15.71
C LYS A 92 2.85 11.82 -16.77
N GLN A 93 1.82 12.31 -17.45
CA GLN A 93 1.99 13.33 -18.48
C GLN A 93 2.24 14.69 -17.87
N PHE A 94 1.90 14.81 -16.59
CA PHE A 94 2.08 16.08 -15.87
C PHE A 94 3.55 16.29 -15.43
N TYR A 95 4.36 15.24 -15.29
CA TYR A 95 5.74 15.35 -14.77
C TYR A 95 6.81 15.13 -15.84
N THR A 96 6.52 14.33 -16.87
CA THR A 96 7.61 14.09 -17.84
C THR A 96 7.55 15.00 -19.06
N LYS A 97 6.69 16.03 -19.06
CA LYS A 97 6.65 16.99 -20.17
C LYS A 97 8.09 17.42 -20.49
N GLY A 98 8.59 17.24 -21.72
CA GLY A 98 9.98 17.65 -22.03
C GLY A 98 10.01 18.71 -23.13
N SER A 99 9.86 19.97 -22.70
CA SER A 99 9.79 21.11 -23.63
C SER A 99 11.13 21.81 -23.88
N GLU A 100 11.65 22.34 -22.77
CA GLU A 100 12.91 23.11 -22.77
C GLU A 100 13.94 22.50 -21.82
N HIS A 101 15.10 23.19 -21.71
CA HIS A 101 16.19 22.71 -20.86
C HIS A 101 16.12 23.27 -19.43
N ALA A 102 15.16 22.77 -18.65
CA ALA A 102 15.00 23.14 -17.24
C ALA A 102 13.58 22.82 -16.79
N GLY A 103 13.21 23.43 -15.65
CA GLY A 103 11.85 23.27 -15.13
C GLY A 103 11.77 22.30 -13.97
N ILE A 104 12.89 21.96 -13.37
CA ILE A 104 12.85 21.01 -12.27
C ILE A 104 12.00 21.58 -11.12
N GLY A 105 12.14 22.87 -10.86
CA GLY A 105 11.35 23.59 -9.85
C GLY A 105 9.85 23.62 -10.21
N SER A 106 9.62 23.83 -11.50
CA SER A 106 8.27 23.84 -12.05
C SER A 106 7.64 22.51 -11.69
N ARG A 107 8.39 21.43 -11.81
CA ARG A 107 7.84 20.13 -11.51
C ARG A 107 7.42 20.01 -10.04
N LEU A 108 8.18 20.62 -9.13
CA LEU A 108 7.84 20.59 -7.70
C LEU A 108 6.50 21.32 -7.46
N LEU A 109 6.38 22.50 -8.06
CA LEU A 109 5.14 23.27 -7.88
C LEU A 109 3.97 22.53 -8.50
N ALA A 110 4.12 21.97 -9.69
CA ALA A 110 3.04 21.25 -10.33
C ALA A 110 2.66 20.01 -9.50
N GLY A 111 3.63 19.27 -9.02
CA GLY A 111 3.31 18.09 -8.24
C GLY A 111 2.63 18.43 -6.92
N SER A 112 3.14 19.45 -6.23
CA SER A 112 2.54 19.84 -4.96
C SER A 112 1.12 20.34 -5.15
N THR A 113 0.91 21.20 -6.16
CA THR A 113 -0.44 21.68 -6.41
C THR A 113 -1.35 20.58 -6.96
N THR A 114 -0.93 19.83 -7.97
CA THR A 114 -1.83 18.85 -8.61
C THR A 114 -2.25 17.69 -7.71
N GLY A 115 -1.28 17.17 -6.97
CA GLY A 115 -1.48 16.02 -6.10
C GLY A 115 -2.44 16.30 -4.95
N ALA A 116 -2.21 17.47 -4.37
CA ALA A 116 -3.06 17.95 -3.29
C ALA A 116 -4.48 18.07 -3.85
N LEU A 117 -4.57 18.58 -5.06
CA LEU A 117 -5.85 18.72 -5.72
C LEU A 117 -6.50 17.34 -5.98
N ALA A 118 -5.69 16.36 -6.42
CA ALA A 118 -6.19 15.01 -6.74
C ALA A 118 -6.79 14.28 -5.54
N VAL A 119 -6.18 14.39 -4.37
CA VAL A 119 -6.70 13.74 -3.16
C VAL A 119 -8.09 14.28 -2.85
N ALA A 120 -8.28 15.50 -3.32
CA ALA A 120 -9.55 16.20 -3.13
C ALA A 120 -10.73 15.41 -3.71
N VAL A 121 -10.56 14.90 -4.93
CA VAL A 121 -11.63 14.14 -5.57
C VAL A 121 -11.73 12.71 -5.04
N ALA A 122 -10.61 12.01 -4.97
CA ALA A 122 -10.60 10.63 -4.49
C ALA A 122 -10.08 10.55 -3.06
N GLN A 123 -10.84 9.87 -2.20
CA GLN A 123 -10.44 9.70 -0.81
C GLN A 123 -11.38 8.75 -0.06
N PRO A 124 -12.68 8.79 -0.30
CA PRO A 124 -13.63 7.89 0.41
C PRO A 124 -13.21 6.41 0.33
N THR A 125 -12.62 6.05 -0.81
CA THR A 125 -12.22 4.65 -0.95
C THR A 125 -11.06 4.32 0.00
N ASP A 126 -10.08 5.21 0.10
CA ASP A 126 -8.95 4.90 0.98
C ASP A 126 -9.33 4.83 2.47
N VAL A 127 -10.13 5.80 2.91
CA VAL A 127 -10.55 5.86 4.32
C VAL A 127 -11.44 4.68 4.73
N VAL A 128 -12.40 4.34 3.89
CA VAL A 128 -13.35 3.27 4.21
C VAL A 128 -12.70 1.88 4.31
N LYS A 129 -11.74 1.58 3.43
CA LYS A 129 -11.14 0.25 3.44
C LYS A 129 -10.43 -0.09 4.76
N VAL A 130 -9.71 0.86 5.34
CA VAL A 130 -9.02 0.59 6.60
C VAL A 130 -10.03 0.45 7.73
N ARG A 131 -10.99 1.38 7.75
CA ARG A 131 -12.04 1.41 8.76
C ARG A 131 -12.94 0.17 8.67
N PHE A 132 -13.18 -0.30 7.44
CA PHE A 132 -14.06 -1.44 7.24
C PHE A 132 -13.47 -2.72 7.82
N GLN A 133 -12.16 -2.94 7.65
CA GLN A 133 -11.55 -4.14 8.21
C GLN A 133 -11.63 -4.07 9.73
N ALA A 134 -11.41 -2.88 10.28
CA ALA A 134 -11.44 -2.71 11.73
C ALA A 134 -12.82 -2.95 12.34
N GLN A 135 -13.85 -2.57 11.60
CA GLN A 135 -15.22 -2.82 12.05
C GLN A 135 -15.34 -4.34 12.19
N ALA A 136 -15.44 -4.80 13.44
CA ALA A 136 -15.49 -6.24 13.71
C ALA A 136 -16.90 -6.77 13.98
N ARG A 137 -17.67 -6.29 14.97
CA ARG A 137 -19.03 -6.84 15.18
C ARG A 137 -20.02 -5.70 15.37
N ALA A 138 -19.62 -4.50 14.96
CA ALA A 138 -20.47 -3.33 15.08
C ALA A 138 -21.04 -3.22 16.50
N GLY A 139 -22.15 -3.89 16.75
CA GLY A 139 -22.78 -3.87 18.07
C GLY A 139 -23.67 -5.08 18.27
N GLY A 140 -23.18 -6.24 17.85
CA GLY A 140 -23.94 -7.48 17.99
C GLY A 140 -25.21 -7.44 17.16
N GLY A 141 -25.20 -6.61 16.12
CA GLY A 141 -26.36 -6.48 15.25
C GLY A 141 -26.70 -7.83 14.59
N ARG A 142 -27.95 -8.26 14.76
CA ARG A 142 -28.39 -9.52 14.19
C ARG A 142 -28.28 -9.48 12.67
N ARG A 143 -28.72 -8.36 12.08
CA ARG A 143 -28.66 -8.19 10.64
C ARG A 143 -27.31 -7.65 10.22
N TYR A 144 -26.70 -8.29 9.22
CA TYR A 144 -25.38 -7.88 8.74
C TYR A 144 -25.46 -6.48 8.12
N GLN A 145 -24.52 -5.62 8.51
CA GLN A 145 -24.49 -4.26 8.00
C GLN A 145 -23.84 -4.22 6.62
N SER A 146 -23.46 -3.03 6.17
CA SER A 146 -22.83 -2.88 4.86
C SER A 146 -22.00 -1.60 4.81
N THR A 147 -21.42 -1.35 3.64
CA THR A 147 -20.55 -0.17 3.48
C THR A 147 -21.32 1.13 3.66
N VAL A 148 -22.49 1.24 3.02
CA VAL A 148 -23.25 2.48 3.15
C VAL A 148 -23.67 2.65 4.61
N GLU A 149 -24.18 1.58 5.20
CA GLU A 149 -24.61 1.62 6.60
C GLU A 149 -23.43 1.81 7.54
N ALA A 150 -22.32 1.15 7.24
CA ALA A 150 -21.14 1.20 8.10
C ALA A 150 -20.57 2.62 8.24
N TYR A 151 -20.43 3.35 7.15
CA TYR A 151 -19.87 4.70 7.22
C TYR A 151 -20.78 5.60 8.06
N LYS A 152 -22.06 5.59 7.76
CA LYS A 152 -23.01 6.49 8.42
C LYS A 152 -23.25 6.18 9.91
N THR A 153 -23.46 4.94 10.29
CA THR A 153 -23.75 4.61 11.69
C THR A 153 -22.62 4.98 12.67
N ILE A 154 -21.38 4.64 12.28
CA ILE A 154 -20.19 4.99 13.07
C ILE A 154 -20.03 6.51 13.09
N ALA A 155 -20.34 7.11 11.94
CA ALA A 155 -20.32 8.56 11.77
C ALA A 155 -21.30 9.16 12.78
N ARG A 156 -22.43 8.56 13.10
CA ARG A 156 -23.37 9.24 14.00
C ARG A 156 -22.75 9.51 15.37
N GLU A 157 -22.16 8.49 15.97
CA GLU A 157 -21.48 8.60 17.25
C GLU A 157 -20.14 9.32 17.06
N GLU A 158 -19.32 8.88 16.13
CA GLU A 158 -17.97 9.44 15.99
C GLU A 158 -17.85 10.81 15.30
N GLY A 159 -18.67 11.09 14.28
CA GLY A 159 -18.64 12.39 13.61
C GLY A 159 -17.69 12.40 12.42
N ILE A 160 -17.39 13.61 11.92
CA ILE A 160 -16.50 13.77 10.77
C ILE A 160 -15.06 13.52 11.16
N ARG A 161 -14.72 14.06 12.32
CA ARG A 161 -13.34 13.98 12.80
C ARG A 161 -12.90 12.52 12.93
N GLY A 162 -13.83 11.64 13.30
CA GLY A 162 -13.44 10.24 13.43
C GLY A 162 -12.92 9.71 12.11
N LEU A 163 -13.65 10.15 11.08
CA LEU A 163 -13.42 9.76 9.68
C LEU A 163 -12.15 10.30 9.01
N TRP A 164 -11.83 11.51 9.46
CA TRP A 164 -10.69 12.25 8.91
C TRP A 164 -9.40 11.71 9.50
N LYS A 165 -9.53 10.83 10.47
CA LYS A 165 -8.38 10.29 11.18
C LYS A 165 -7.24 9.93 10.23
N GLY A 166 -7.53 9.21 9.15
CA GLY A 166 -6.53 8.81 8.15
C GLY A 166 -6.44 9.84 7.01
N THR A 167 -7.56 10.48 6.71
CA THR A 167 -7.61 11.49 5.64
C THR A 167 -6.43 12.49 5.67
N SER A 168 -6.18 13.12 6.83
CA SER A 168 -5.13 14.14 6.91
C SER A 168 -3.72 13.59 6.60
N PRO A 169 -3.29 12.53 7.23
CA PRO A 169 -1.97 11.92 6.91
C PRO A 169 -1.91 11.38 5.48
N ASN A 170 -3.07 10.97 4.94
CA ASN A 170 -3.10 10.44 3.58
C ASN A 170 -2.70 11.51 2.58
N VAL A 171 -3.15 12.73 2.81
CA VAL A 171 -2.83 13.85 1.93
C VAL A 171 -1.32 14.10 1.93
N ALA A 172 -0.73 14.05 3.11
CA ALA A 172 0.70 14.28 3.25
C ALA A 172 1.50 13.23 2.50
N ARG A 173 1.03 11.97 2.56
CA ARG A 173 1.73 10.88 1.89
C ARG A 173 1.79 11.13 0.38
N ASN A 174 0.69 11.62 -0.19
CA ASN A 174 0.64 11.90 -1.62
C ASN A 174 1.67 12.96 -2.01
N ALA A 175 1.77 14.00 -1.18
CA ALA A 175 2.71 15.08 -1.44
C ALA A 175 4.16 14.62 -1.38
N ILE A 176 4.50 13.81 -0.38
CA ILE A 176 5.86 13.34 -0.21
C ILE A 176 6.36 12.47 -1.37
N VAL A 177 5.54 11.52 -1.84
CA VAL A 177 6.00 10.63 -2.91
C VAL A 177 6.36 11.41 -4.19
N ASN A 178 5.50 12.34 -4.60
CA ASN A 178 5.77 13.14 -5.80
C ASN A 178 7.04 13.99 -5.59
N CYS A 179 7.10 14.56 -4.39
CA CYS A 179 8.22 15.39 -3.99
C CYS A 179 9.50 14.56 -4.03
N ALA A 180 9.36 13.37 -3.46
CA ALA A 180 10.41 12.36 -3.44
C ALA A 180 10.70 11.92 -4.88
N GLU A 181 9.63 11.81 -5.67
CA GLU A 181 9.71 11.36 -7.05
C GLU A 181 10.56 12.28 -7.93
N LEU A 182 10.37 13.61 -7.88
CA LEU A 182 11.14 14.47 -8.80
C LEU A 182 12.64 14.39 -8.50
N VAL A 183 12.96 14.35 -7.22
CA VAL A 183 14.38 14.25 -6.89
C VAL A 183 14.88 12.93 -7.44
N THR A 184 14.14 11.86 -7.22
CA THR A 184 14.52 10.52 -7.66
C THR A 184 14.60 10.39 -9.19
N TYR A 185 13.56 10.91 -9.86
CA TYR A 185 13.41 10.87 -11.32
C TYR A 185 14.62 11.48 -12.05
N ASP A 186 15.17 12.56 -11.52
CA ASP A 186 16.32 13.21 -12.16
C ASP A 186 17.42 12.18 -12.36
N LEU A 187 17.65 11.39 -11.32
CA LEU A 187 18.67 10.35 -11.38
C LEU A 187 18.29 9.37 -12.50
N ILE A 188 17.00 9.07 -12.63
CA ILE A 188 16.56 8.16 -13.68
C ILE A 188 16.88 8.73 -15.07
N LYS A 189 16.65 10.03 -15.30
CA LYS A 189 16.96 10.72 -16.56
C LYS A 189 18.46 10.67 -16.88
N ASP A 190 19.25 10.82 -15.85
CA ASP A 190 20.70 10.83 -15.98
C ASP A 190 21.21 9.50 -16.50
N THR A 191 20.61 8.40 -16.04
CA THR A 191 21.06 7.07 -16.48
C THR A 191 20.15 6.48 -17.55
N LEU A 192 20.79 6.07 -18.65
CA LEU A 192 20.11 5.43 -19.78
C LEU A 192 19.18 6.40 -20.51
N LEU A 193 19.17 7.67 -20.11
CA LEU A 193 18.26 8.65 -20.72
C LEU A 193 19.00 9.88 -21.26
N LYS A 194 20.23 9.67 -21.68
CA LYS A 194 21.05 10.76 -22.21
C LYS A 194 20.54 11.18 -23.59
N ALA A 195 19.87 10.24 -24.26
CA ALA A 195 19.32 10.48 -25.58
C ALA A 195 18.31 9.38 -25.92
N ASN A 196 17.65 8.90 -24.87
CA ASN A 196 16.60 7.87 -24.99
C ASN A 196 16.93 6.75 -25.99
N LEU A 197 16.92 5.51 -25.49
CA LEU A 197 17.19 4.30 -26.30
C LEU A 197 17.46 4.62 -27.77
N MET A 198 18.73 4.52 -28.15
CA MET A 198 19.14 4.76 -29.54
C MET A 198 20.26 3.79 -29.93
N THR A 199 20.28 2.63 -29.26
CA THR A 199 21.31 1.61 -29.52
C THR A 199 20.64 0.29 -29.89
N ASP A 200 21.11 -0.80 -29.28
CA ASP A 200 20.55 -2.12 -29.57
C ASP A 200 20.87 -3.12 -28.45
N ASP A 201 21.19 -4.35 -28.82
CA ASP A 201 21.52 -5.40 -27.85
C ASP A 201 20.57 -5.33 -26.66
N LEU A 202 19.32 -5.73 -26.88
CA LEU A 202 18.31 -5.70 -25.83
C LEU A 202 18.67 -6.58 -24.63
N PRO A 203 19.16 -7.80 -24.81
CA PRO A 203 19.45 -8.68 -23.65
C PRO A 203 20.50 -8.07 -22.72
N CYS A 204 21.40 -7.34 -23.37
CA CYS A 204 22.50 -6.70 -22.66
C CYS A 204 21.97 -5.64 -21.69
N HIS A 205 20.99 -4.88 -22.15
CA HIS A 205 20.43 -3.82 -21.33
C HIS A 205 19.70 -4.36 -20.10
N PHE A 206 19.02 -5.48 -20.29
CA PHE A 206 18.24 -6.11 -19.23
C PHE A 206 19.14 -6.54 -18.06
N THR A 207 20.26 -7.22 -18.31
CA THR A 207 21.13 -7.65 -17.22
C THR A 207 21.64 -6.45 -16.43
N SER A 208 21.94 -5.35 -17.12
CA SER A 208 22.40 -4.16 -16.43
C SER A 208 21.33 -3.72 -15.45
N ALA A 209 20.08 -3.77 -15.89
CA ALA A 209 18.96 -3.34 -15.06
C ALA A 209 18.81 -4.19 -13.81
N PHE A 210 18.93 -5.50 -13.93
CA PHE A 210 18.71 -6.37 -12.78
C PHE A 210 19.70 -6.11 -11.65
N GLY A 211 20.97 -6.03 -12.01
CA GLY A 211 22.01 -5.73 -11.04
C GLY A 211 21.72 -4.35 -10.45
N ALA A 212 21.35 -3.45 -11.34
CA ALA A 212 20.98 -2.08 -10.97
C ALA A 212 19.74 -2.13 -10.09
N GLY A 213 18.83 -3.03 -10.45
CA GLY A 213 17.58 -3.19 -9.73
C GLY A 213 17.84 -3.63 -8.30
N PHE A 214 18.76 -4.56 -8.10
CA PHE A 214 19.06 -5.01 -6.74
C PHE A 214 19.70 -3.86 -5.97
N CYS A 215 20.56 -3.11 -6.64
CA CYS A 215 21.17 -1.96 -6.00
C CYS A 215 20.06 -0.96 -5.66
N THR A 216 19.13 -0.81 -6.61
CA THR A 216 17.99 0.08 -6.45
C THR A 216 17.09 -0.34 -5.29
N THR A 217 16.87 -1.65 -5.15
CA THR A 217 15.97 -2.17 -4.12
C THR A 217 16.41 -1.80 -2.71
N VAL A 218 17.71 -1.85 -2.41
CA VAL A 218 18.12 -1.49 -1.07
C VAL A 218 17.72 -0.05 -0.79
N ILE A 219 17.88 0.84 -1.78
CA ILE A 219 17.44 2.23 -1.60
C ILE A 219 15.93 2.24 -1.34
N ALA A 220 15.21 1.39 -2.08
CA ALA A 220 13.75 1.25 -2.00
C ALA A 220 13.19 0.76 -0.64
N SER A 221 13.86 -0.20 0.00
CA SER A 221 13.33 -0.83 1.23
C SER A 221 13.06 0.15 2.40
N PRO A 222 13.93 1.08 2.63
CA PRO A 222 13.74 2.09 3.72
C PRO A 222 12.45 2.90 3.58
N VAL A 223 12.06 3.31 2.37
CA VAL A 223 10.82 4.06 2.28
C VAL A 223 9.66 3.17 2.72
N ASP A 224 9.75 1.89 2.36
CA ASP A 224 8.74 0.90 2.74
C ASP A 224 8.70 0.67 4.25
N VAL A 225 9.90 0.63 4.85
CA VAL A 225 10.04 0.36 6.28
C VAL A 225 9.43 1.44 7.17
N VAL A 226 9.67 2.70 6.87
CA VAL A 226 9.13 3.75 7.74
C VAL A 226 7.60 3.75 7.73
N LYS A 227 7.00 3.49 6.57
CA LYS A 227 5.53 3.50 6.48
C LYS A 227 4.87 2.45 7.38
N THR A 228 5.39 1.23 7.39
CA THR A 228 4.81 0.16 8.20
C THR A 228 4.84 0.49 9.70
N ARG A 229 5.96 1.04 10.16
CA ARG A 229 6.12 1.36 11.58
C ARG A 229 4.81 1.78 12.24
N TYR A 230 4.62 1.32 13.48
CA TYR A 230 3.45 1.66 14.30
C TYR A 230 3.97 2.11 15.66
N MET A 231 4.34 1.14 16.50
CA MET A 231 4.84 1.42 17.86
C MET A 231 5.59 2.76 17.92
N ASN A 232 5.01 3.72 18.63
CA ASN A 232 5.61 5.04 18.76
C ASN A 232 5.24 5.70 20.09
N SER A 233 4.76 4.90 21.05
CA SER A 233 4.37 5.44 22.35
C SER A 233 3.57 6.74 22.17
N ALA A 234 2.38 6.63 21.60
CA ALA A 234 1.51 7.79 21.36
C ALA A 234 0.53 8.00 22.50
N LEU A 235 -0.71 7.55 22.28
CA LEU A 235 -1.77 7.68 23.28
C LEU A 235 -2.06 9.15 23.58
N GLY A 236 -2.82 9.79 22.69
CA GLY A 236 -3.18 11.20 22.87
C GLY A 236 -2.26 12.14 22.11
N GLN A 237 -1.19 11.58 21.52
CA GLN A 237 -0.23 12.38 20.76
C GLN A 237 0.05 11.73 19.41
N TYR A 238 -0.46 12.33 18.34
CA TYR A 238 -0.28 11.77 17.00
C TYR A 238 -0.87 12.66 15.92
N HIS A 239 -0.49 13.95 15.89
CA HIS A 239 -1.13 14.84 14.92
C HIS A 239 -0.83 14.55 13.44
N SER A 240 0.47 14.47 13.09
CA SER A 240 0.93 14.22 11.71
C SER A 240 2.25 13.43 11.76
N ALA A 241 2.91 13.23 10.61
CA ALA A 241 4.21 12.51 10.61
C ALA A 241 5.15 13.32 11.50
N GLY A 242 5.17 14.63 11.35
CA GLY A 242 6.10 15.52 12.04
C GLY A 242 5.98 15.36 13.56
N HIS A 243 4.76 15.12 14.07
CA HIS A 243 4.67 14.94 15.52
C HIS A 243 5.58 13.84 15.99
N CYS A 244 5.71 12.79 15.17
CA CYS A 244 6.57 11.67 15.52
C CYS A 244 8.03 12.10 15.66
N ALA A 245 8.51 12.89 14.71
CA ALA A 245 9.90 13.34 14.74
C ALA A 245 10.18 14.14 16.01
N LEU A 246 9.28 15.06 16.34
CA LEU A 246 9.45 15.87 17.55
C LEU A 246 9.34 14.99 18.79
N THR A 247 8.37 14.08 18.77
CA THR A 247 8.15 13.18 19.88
C THR A 247 9.35 12.26 20.12
N MET A 248 9.87 11.67 19.04
CA MET A 248 11.00 10.75 19.17
C MET A 248 12.24 11.41 19.76
N LEU A 249 12.58 12.60 19.29
CA LEU A 249 13.74 13.32 19.78
C LEU A 249 13.58 13.66 21.27
N ARG A 250 12.41 14.18 21.61
CA ARG A 250 12.13 14.57 22.99
C ARG A 250 12.05 13.36 23.90
N LYS A 251 11.21 12.38 23.55
CA LYS A 251 11.05 11.18 24.36
C LYS A 251 12.39 10.46 24.57
N GLU A 252 12.36 9.13 24.49
CA GLU A 252 13.57 8.32 24.68
C GLU A 252 14.59 8.61 23.58
N GLY A 253 15.87 8.49 23.92
CA GLY A 253 16.93 8.74 22.96
C GLY A 253 16.62 8.11 21.61
N PRO A 254 17.26 8.56 20.55
CA PRO A 254 17.06 7.98 19.18
C PRO A 254 17.19 6.46 19.16
N ARG A 255 17.46 5.84 20.30
CA ARG A 255 17.60 4.39 20.42
C ARG A 255 16.27 3.67 20.23
N ALA A 256 15.18 4.35 20.55
CA ALA A 256 13.87 3.73 20.41
C ALA A 256 13.63 3.28 18.97
N PHE A 257 14.18 4.04 18.03
CA PHE A 257 14.06 3.69 16.61
C PHE A 257 14.73 2.35 16.31
N TYR A 258 15.89 2.14 16.93
CA TYR A 258 16.66 0.92 16.70
C TYR A 258 15.94 -0.32 17.25
N LYS A 259 15.26 -0.19 18.39
CA LYS A 259 14.52 -1.29 18.98
C LYS A 259 13.17 -1.44 18.28
N GLY A 260 12.37 -2.41 18.70
CA GLY A 260 11.05 -2.64 18.10
C GLY A 260 11.13 -2.76 16.59
N PHE A 261 10.91 -3.98 16.09
CA PHE A 261 10.96 -4.22 14.64
C PHE A 261 10.64 -5.67 14.31
N MET A 262 10.21 -6.44 15.31
CA MET A 262 9.89 -7.85 15.07
C MET A 262 8.72 -8.00 14.10
N PRO A 263 7.67 -7.23 14.27
CA PRO A 263 6.48 -7.28 13.37
C PRO A 263 6.83 -6.86 11.95
N SER A 264 7.55 -5.75 11.84
CA SER A 264 7.96 -5.23 10.54
C SER A 264 8.85 -6.24 9.81
N PHE A 265 9.71 -6.89 10.56
CA PHE A 265 10.63 -7.85 9.97
C PHE A 265 9.91 -9.04 9.30
N LEU A 266 8.90 -9.48 10.02
CA LEU A 266 8.00 -10.53 9.53
C LEU A 266 7.29 -9.97 8.28
N ARG A 267 6.93 -8.69 8.33
CA ARG A 267 6.28 -8.04 7.19
C ARG A 267 7.19 -8.03 5.98
N LEU A 268 8.47 -7.79 6.24
CA LEU A 268 9.49 -7.71 5.21
C LEU A 268 9.66 -9.02 4.44
N GLY A 269 9.54 -10.17 5.11
CA GLY A 269 9.72 -11.43 4.41
C GLY A 269 8.59 -11.63 3.42
N SER A 270 7.35 -11.49 3.89
CA SER A 270 6.16 -11.65 3.06
C SER A 270 6.15 -10.57 1.97
N TRP A 271 6.46 -9.34 2.36
CA TRP A 271 6.47 -8.24 1.41
C TRP A 271 7.48 -8.54 0.30
N ASN A 272 8.59 -9.14 0.68
CA ASN A 272 9.63 -9.50 -0.28
C ASN A 272 9.09 -10.51 -1.30
N VAL A 273 8.25 -11.43 -0.83
CA VAL A 273 7.70 -12.48 -1.70
C VAL A 273 6.90 -11.87 -2.86
N VAL A 274 6.16 -10.78 -2.63
CA VAL A 274 5.37 -10.18 -3.70
C VAL A 274 6.30 -9.70 -4.83
N MET A 275 7.45 -9.14 -4.46
CA MET A 275 8.42 -8.67 -5.46
C MET A 275 8.92 -9.85 -6.31
N PHE A 276 9.10 -10.99 -5.68
CA PHE A 276 9.60 -12.21 -6.32
C PHE A 276 8.68 -12.66 -7.48
N VAL A 277 7.38 -12.55 -7.29
CA VAL A 277 6.44 -13.00 -8.33
C VAL A 277 6.66 -12.23 -9.64
N THR A 278 6.93 -10.94 -9.55
CA THR A 278 7.20 -10.15 -10.75
C THR A 278 8.49 -10.62 -11.46
N TYR A 279 9.52 -10.95 -10.68
CA TYR A 279 10.80 -11.44 -11.25
C TYR A 279 10.53 -12.75 -12.03
N GLU A 280 9.71 -13.65 -11.56
CA GLU A 280 9.58 -14.90 -12.33
C GLU A 280 9.09 -14.59 -13.74
N GLN A 281 8.17 -13.65 -13.87
CA GLN A 281 7.65 -13.35 -15.21
C GLN A 281 8.76 -12.90 -16.15
N LEU A 282 9.62 -12.05 -15.60
CA LEU A 282 10.77 -11.55 -16.38
C LEU A 282 11.62 -12.75 -16.79
N LYS A 283 11.79 -13.69 -15.85
CA LYS A 283 12.57 -14.90 -16.12
C LYS A 283 11.90 -15.73 -17.23
N ARG A 284 10.58 -15.89 -17.10
CA ARG A 284 9.78 -16.66 -18.07
C ARG A 284 8.68 -15.75 -18.61
N ALA A 285 8.73 -15.47 -19.92
CA ALA A 285 7.73 -14.60 -20.56
C ALA A 285 6.97 -15.29 -21.68
N LEU A 286 6.32 -14.48 -22.51
CA LEU A 286 5.59 -15.03 -23.65
C LEU A 286 6.60 -15.64 -24.62
N MET A 287 6.52 -16.95 -24.84
CA MET A 287 7.46 -17.64 -25.71
C MET A 287 6.91 -17.83 -27.13
N ALA A 288 6.64 -16.74 -27.83
CA ALA A 288 6.08 -16.83 -29.17
C ALA A 288 5.95 -15.44 -29.81
N ALA A 289 6.93 -15.16 -30.67
CA ALA A 289 7.03 -13.85 -31.32
C ALA A 289 5.86 -13.55 -32.24
N TYR A 290 5.48 -14.51 -33.08
CA TYR A 290 4.39 -14.28 -34.02
C TYR A 290 3.11 -13.91 -33.26
N GLN A 291 2.89 -14.57 -32.14
CA GLN A 291 1.70 -14.31 -31.34
C GLN A 291 1.71 -12.89 -30.78
N SER A 292 2.84 -12.48 -30.22
CA SER A 292 2.95 -11.13 -29.65
C SER A 292 2.85 -10.08 -30.75
N ARG A 293 3.46 -10.37 -31.90
CA ARG A 293 3.44 -9.46 -33.04
C ARG A 293 2.02 -9.22 -33.55
N GLU A 294 1.23 -10.28 -33.63
CA GLU A 294 -0.14 -10.23 -34.15
C GLU A 294 -1.11 -9.38 -33.30
N ALA A 295 -0.97 -9.42 -31.98
CA ALA A 295 -1.91 -8.68 -31.12
C ALA A 295 -1.92 -7.17 -31.38
N PRO A 296 -0.78 -6.50 -31.37
CA PRO A 296 -0.72 -5.03 -31.62
C PRO A 296 -0.89 -4.69 -33.11
N PHE A 297 -1.08 -5.72 -33.93
CA PHE A 297 -1.24 -5.51 -35.36
C PHE A 297 -2.30 -4.45 -35.63
N MET A 1 -7.01 -10.11 -26.17
CA MET A 1 -5.64 -10.60 -26.50
C MET A 1 -4.62 -9.89 -25.61
N THR A 2 -3.35 -10.19 -25.83
CA THR A 2 -2.28 -9.59 -25.04
C THR A 2 -2.22 -8.08 -25.28
N VAL A 3 -2.21 -7.31 -24.19
CA VAL A 3 -2.14 -5.86 -24.30
C VAL A 3 -1.68 -5.25 -22.97
N LYS A 4 -1.31 -3.97 -22.99
CA LYS A 4 -0.82 -3.28 -21.81
C LYS A 4 -1.89 -3.19 -20.72
N PHE A 5 -3.12 -2.88 -21.13
CA PHE A 5 -4.21 -2.74 -20.17
C PHE A 5 -4.52 -4.05 -19.45
N LEU A 6 -4.50 -5.14 -20.20
CA LEU A 6 -4.79 -6.46 -19.67
C LEU A 6 -3.61 -7.08 -18.93
N GLY A 7 -2.41 -6.65 -19.30
CA GLY A 7 -1.19 -7.11 -18.63
C GLY A 7 -1.22 -6.58 -17.20
N ALA A 8 -1.65 -5.33 -17.11
CA ALA A 8 -1.86 -4.59 -15.88
C ALA A 8 -3.08 -5.18 -15.20
N GLY A 9 -3.92 -5.60 -16.14
CA GLY A 9 -5.18 -6.21 -15.74
C GLY A 9 -4.87 -7.49 -14.98
N THR A 10 -3.89 -8.25 -15.48
CA THR A 10 -3.48 -9.48 -14.80
C THR A 10 -2.74 -9.11 -13.51
N ALA A 11 -2.12 -7.94 -13.53
CA ALA A 11 -1.36 -7.44 -12.39
C ALA A 11 -2.25 -7.17 -11.18
N ALA A 12 -3.33 -6.43 -11.39
CA ALA A 12 -4.16 -6.10 -10.25
C ALA A 12 -4.74 -7.36 -9.61
N CYS A 13 -5.07 -8.36 -10.44
CA CYS A 13 -5.65 -9.60 -9.92
C CYS A 13 -4.67 -10.34 -9.01
N ILE A 14 -3.47 -10.62 -9.50
CA ILE A 14 -2.51 -11.39 -8.71
C ILE A 14 -2.03 -10.69 -7.45
N ALA A 15 -1.79 -9.38 -7.51
CA ALA A 15 -1.20 -8.69 -6.37
C ALA A 15 -2.10 -8.70 -5.15
N ASP A 16 -3.40 -8.50 -5.27
CA ASP A 16 -4.21 -8.45 -4.06
C ASP A 16 -4.44 -9.88 -3.55
N LEU A 17 -4.45 -10.89 -4.40
CA LEU A 17 -4.70 -12.23 -3.88
C LEU A 17 -3.64 -12.65 -2.85
N ILE A 18 -2.36 -12.62 -3.23
CA ILE A 18 -1.29 -13.00 -2.29
C ILE A 18 -1.03 -11.91 -1.24
N THR A 19 -1.73 -10.78 -1.42
CA THR A 19 -1.56 -9.66 -0.47
C THR A 19 -2.81 -9.49 0.37
N PHE A 20 -3.98 -10.05 0.03
CA PHE A 20 -5.10 -9.78 0.91
C PHE A 20 -4.88 -10.47 2.27
N PRO A 21 -4.45 -11.71 2.28
CA PRO A 21 -4.16 -12.41 3.57
C PRO A 21 -3.08 -11.71 4.41
N LEU A 22 -2.31 -10.82 3.76
CA LEU A 22 -1.23 -10.12 4.46
C LEU A 22 -1.73 -9.14 5.53
N ASP A 23 -2.87 -8.52 5.24
CA ASP A 23 -3.43 -7.52 6.16
C ASP A 23 -3.84 -8.15 7.48
N THR A 24 -4.43 -9.32 7.42
CA THR A 24 -4.86 -9.99 8.63
C THR A 24 -3.71 -10.23 9.62
N ALA A 25 -2.51 -10.51 9.10
CA ALA A 25 -1.38 -10.75 10.00
C ALA A 25 -0.95 -9.50 10.78
N LYS A 26 -0.95 -8.32 10.14
CA LYS A 26 -0.49 -7.13 10.86
C LYS A 26 -1.38 -6.82 12.05
N VAL A 27 -2.69 -6.80 11.85
CA VAL A 27 -3.60 -6.44 12.92
C VAL A 27 -3.56 -7.44 14.08
N ARG A 28 -3.45 -8.73 13.80
CA ARG A 28 -3.41 -9.69 14.89
C ARG A 28 -2.18 -9.41 15.77
N LEU A 29 -1.06 -9.10 15.13
CA LEU A 29 0.18 -8.79 15.84
C LEU A 29 0.03 -7.53 16.71
N GLN A 30 -1.13 -7.36 17.36
CA GLN A 30 -1.34 -6.18 18.20
C GLN A 30 -0.86 -6.44 19.63
N ILE A 31 -1.80 -6.50 20.57
CA ILE A 31 -1.45 -6.74 21.97
C ILE A 31 -2.64 -7.36 22.70
N GLN A 32 -3.65 -7.75 21.92
CA GLN A 32 -4.85 -8.37 22.49
C GLN A 32 -5.49 -7.45 23.52
N GLY A 33 -5.25 -6.14 23.39
CA GLY A 33 -5.80 -5.16 24.33
C GLY A 33 -6.72 -4.17 23.62
N GLU A 34 -7.81 -3.82 24.29
CA GLU A 34 -8.78 -2.88 23.72
C GLU A 34 -9.44 -2.08 24.86
N SER A 35 -10.48 -2.65 25.45
CA SER A 35 -11.18 -1.99 26.54
C SER A 35 -12.19 -2.92 27.19
N GLN A 36 -11.69 -3.93 27.90
CA GLN A 36 -12.58 -4.89 28.57
C GLN A 36 -11.88 -5.56 29.76
N GLY A 37 -10.55 -5.65 29.70
CA GLY A 37 -9.80 -6.31 30.78
C GLY A 37 -9.90 -7.82 30.57
N LEU A 38 -10.26 -8.18 29.34
CA LEU A 38 -10.43 -9.57 28.93
C LEU A 38 -9.10 -10.33 29.00
N VAL A 39 -8.00 -9.66 28.68
CA VAL A 39 -6.69 -10.30 28.71
C VAL A 39 -6.40 -10.83 30.10
N ARG A 40 -6.69 -10.03 31.13
CA ARG A 40 -6.44 -10.48 32.49
C ARG A 40 -7.33 -11.69 32.79
N THR A 41 -8.53 -11.70 32.21
CA THR A 41 -9.45 -12.81 32.41
C THR A 41 -8.87 -14.05 31.71
N ALA A 42 -8.26 -13.81 30.54
CA ALA A 42 -7.65 -14.88 29.75
C ALA A 42 -6.28 -14.40 29.24
N ALA A 43 -5.24 -14.74 29.97
CA ALA A 43 -3.89 -14.31 29.62
C ALA A 43 -3.44 -14.89 28.27
N SER A 44 -4.08 -15.95 27.80
CA SER A 44 -3.75 -16.55 26.51
C SER A 44 -5.00 -16.63 25.65
N ALA A 45 -5.12 -17.75 24.90
CA ALA A 45 -6.30 -18.00 24.04
C ALA A 45 -6.04 -17.66 22.58
N GLN A 46 -4.78 -17.44 22.21
CA GLN A 46 -4.43 -17.14 20.82
C GLN A 46 -2.93 -16.89 20.67
N TYR A 47 -2.22 -17.89 20.17
CA TYR A 47 -0.78 -17.77 19.96
C TYR A 47 -0.52 -17.10 18.61
N ARG A 48 0.72 -16.68 18.40
CA ARG A 48 1.11 -16.03 17.15
C ARG A 48 0.68 -16.88 15.96
N GLY A 49 0.76 -18.21 16.13
CA GLY A 49 0.38 -19.16 15.07
C GLY A 49 -0.67 -18.59 14.13
N VAL A 50 -0.22 -18.11 12.97
CA VAL A 50 -1.10 -17.61 11.93
C VAL A 50 -1.94 -18.74 11.35
N LEU A 51 -1.45 -19.97 11.24
CA LEU A 51 -2.33 -21.01 10.68
C LEU A 51 -3.57 -21.16 11.56
N GLY A 52 -3.39 -20.93 12.85
CA GLY A 52 -4.45 -21.11 13.84
C GLY A 52 -5.63 -20.15 13.67
N THR A 53 -5.31 -18.88 13.53
CA THR A 53 -6.34 -17.84 13.38
C THR A 53 -7.19 -18.05 12.13
N ILE A 54 -6.55 -18.31 11.00
CA ILE A 54 -7.30 -18.47 9.75
C ILE A 54 -8.28 -19.65 9.91
N LEU A 55 -7.96 -20.73 10.63
CA LEU A 55 -8.93 -21.81 10.77
C LEU A 55 -10.19 -21.36 11.52
N THR A 56 -9.96 -20.48 12.48
CA THR A 56 -10.97 -19.96 13.39
C THR A 56 -12.04 -19.21 12.62
N MET A 57 -11.67 -18.45 11.60
CA MET A 57 -12.64 -17.66 10.86
C MET A 57 -13.75 -18.50 10.21
N VAL A 58 -13.43 -19.65 9.66
CA VAL A 58 -14.47 -20.45 9.00
C VAL A 58 -15.49 -21.05 9.97
N ARG A 59 -15.02 -21.56 11.10
CA ARG A 59 -15.90 -22.19 12.08
C ARG A 59 -16.67 -21.21 12.97
N THR A 60 -16.24 -19.95 12.91
CA THR A 60 -16.87 -18.91 13.70
C THR A 60 -18.34 -18.70 13.33
N GLU A 61 -18.61 -18.47 12.04
CA GLU A 61 -19.98 -18.29 11.55
C GLU A 61 -20.37 -19.55 10.76
N GLY A 62 -19.57 -19.91 9.77
CA GLY A 62 -19.86 -21.08 8.94
C GLY A 62 -19.18 -20.94 7.59
N PRO A 63 -19.09 -21.99 6.81
CA PRO A 63 -18.43 -21.92 5.48
C PRO A 63 -19.08 -20.84 4.61
N ARG A 64 -20.39 -20.69 4.74
CA ARG A 64 -21.11 -19.64 4.05
C ARG A 64 -20.62 -18.26 4.46
N SER A 65 -19.82 -18.27 5.52
CA SER A 65 -19.29 -17.01 6.04
C SER A 65 -18.13 -16.53 5.18
N LEU A 66 -17.36 -17.43 4.61
CA LEU A 66 -16.24 -17.02 3.77
C LEU A 66 -16.73 -16.55 2.40
N TYR A 67 -17.81 -17.16 1.91
CA TYR A 67 -18.36 -16.84 0.59
C TYR A 67 -19.46 -15.77 0.58
N ASN A 68 -19.83 -15.36 1.80
CA ASN A 68 -20.78 -14.25 1.93
C ASN A 68 -19.94 -12.97 2.05
N GLY A 69 -18.75 -13.07 1.47
CA GLY A 69 -17.80 -11.96 1.51
C GLY A 69 -16.75 -12.08 0.42
N LEU A 70 -16.59 -13.30 -0.06
CA LEU A 70 -15.60 -13.55 -1.10
C LEU A 70 -15.87 -12.69 -2.32
N VAL A 71 -17.14 -12.48 -2.59
CA VAL A 71 -17.55 -11.65 -3.71
C VAL A 71 -17.23 -10.19 -3.40
N ALA A 72 -17.20 -9.86 -2.11
CA ALA A 72 -16.90 -8.49 -1.68
C ALA A 72 -15.41 -8.17 -1.83
N GLY A 73 -14.51 -9.15 -1.68
CA GLY A 73 -13.10 -8.84 -1.75
C GLY A 73 -12.69 -8.41 -3.16
N LEU A 74 -13.25 -9.10 -4.14
CA LEU A 74 -12.91 -8.85 -5.53
C LEU A 74 -13.25 -7.43 -6.02
N GLN A 75 -14.40 -6.99 -5.55
CA GLN A 75 -14.89 -5.65 -5.93
C GLN A 75 -13.86 -4.58 -5.48
N ARG A 76 -13.12 -4.95 -4.44
CA ARG A 76 -12.01 -4.10 -3.97
C ARG A 76 -11.09 -3.93 -5.19
N GLN A 77 -10.75 -5.07 -5.77
CA GLN A 77 -9.85 -5.09 -6.92
C GLN A 77 -10.48 -4.47 -8.16
N MET A 78 -11.80 -4.57 -8.27
CA MET A 78 -12.51 -4.04 -9.42
C MET A 78 -12.34 -2.52 -9.57
N SER A 79 -12.40 -1.76 -8.47
CA SER A 79 -12.32 -0.31 -8.61
C SER A 79 -10.90 0.15 -8.90
N PHE A 80 -9.86 -0.48 -8.36
CA PHE A 80 -8.49 0.00 -8.56
C PHE A 80 -8.11 0.09 -10.03
N ALA A 81 -8.47 -0.93 -10.79
CA ALA A 81 -8.13 -0.94 -12.20
C ALA A 81 -8.97 0.04 -12.99
N SER A 82 -10.21 0.23 -12.56
CA SER A 82 -11.13 1.15 -13.22
C SER A 82 -10.69 2.62 -13.15
N VAL A 83 -10.18 3.03 -11.99
CA VAL A 83 -9.69 4.41 -11.83
C VAL A 83 -8.43 4.63 -12.66
N ARG A 84 -7.65 3.57 -12.89
CA ARG A 84 -6.40 3.70 -13.63
C ARG A 84 -6.74 3.82 -15.11
N ILE A 85 -8.02 3.99 -15.39
CA ILE A 85 -8.48 4.16 -16.77
C ILE A 85 -8.38 5.64 -17.12
N GLY A 86 -8.23 6.46 -16.07
CA GLY A 86 -8.15 7.91 -16.23
C GLY A 86 -7.15 8.61 -15.31
N LEU A 87 -7.16 8.34 -14.01
CA LEU A 87 -6.24 9.03 -13.10
C LEU A 87 -4.78 8.58 -13.23
N TYR A 88 -4.61 7.46 -13.91
CA TYR A 88 -3.23 6.93 -14.10
C TYR A 88 -2.50 7.62 -15.25
N ASP A 89 -3.16 7.60 -16.39
CA ASP A 89 -2.60 8.19 -17.63
C ASP A 89 -2.59 9.73 -17.63
N SER A 90 -3.61 10.20 -16.98
CA SER A 90 -3.83 11.66 -16.91
C SER A 90 -2.78 12.49 -16.12
N VAL A 91 -2.45 12.10 -14.88
CA VAL A 91 -1.38 12.83 -14.14
C VAL A 91 0.02 12.47 -14.72
N LYS A 92 -0.05 11.31 -15.35
CA LYS A 92 1.19 10.74 -15.94
C LYS A 92 1.70 11.58 -17.14
N GLN A 93 0.78 12.04 -17.98
CA GLN A 93 1.11 12.89 -19.13
C GLN A 93 1.34 14.31 -18.70
N PHE A 94 0.97 14.49 -17.43
CA PHE A 94 1.13 15.78 -16.76
C PHE A 94 2.58 15.96 -16.28
N TYR A 95 3.34 14.88 -16.12
CA TYR A 95 4.71 14.93 -15.58
C TYR A 95 5.78 14.62 -16.65
N THR A 96 5.43 13.82 -17.66
CA THR A 96 6.46 13.39 -18.63
C THR A 96 6.56 14.23 -19.92
N LYS A 97 5.91 15.41 -19.99
CA LYS A 97 5.98 16.32 -21.18
C LYS A 97 7.47 16.66 -21.55
N GLY A 98 8.35 15.80 -21.12
CA GLY A 98 9.80 15.91 -21.34
C GLY A 98 10.33 17.15 -20.61
N SER A 99 9.75 18.33 -20.93
CA SER A 99 10.10 19.60 -20.30
C SER A 99 10.92 20.56 -21.18
N GLU A 100 11.55 21.61 -20.61
CA GLU A 100 12.27 22.59 -21.46
C GLU A 100 13.77 22.72 -21.15
N HIS A 101 14.14 22.72 -19.88
CA HIS A 101 15.55 22.86 -19.50
C HIS A 101 15.63 23.19 -18.02
N ALA A 102 14.65 22.69 -17.29
CA ALA A 102 14.55 22.88 -15.85
C ALA A 102 13.11 22.62 -15.45
N GLY A 103 12.74 23.11 -14.27
CA GLY A 103 11.39 22.92 -13.79
C GLY A 103 11.32 21.84 -12.74
N ILE A 104 12.49 21.47 -12.23
CA ILE A 104 12.52 20.44 -11.21
C ILE A 104 11.70 20.95 -10.03
N GLY A 105 11.87 22.24 -9.75
CA GLY A 105 11.08 22.92 -8.73
C GLY A 105 9.62 23.00 -9.12
N SER A 106 9.40 23.25 -10.42
CA SER A 106 8.06 23.27 -10.99
C SER A 106 7.45 21.91 -10.73
N ARG A 107 8.20 20.84 -10.93
CA ARG A 107 7.64 19.51 -10.74
C ARG A 107 7.24 19.31 -9.29
N LEU A 108 8.03 19.85 -8.37
CA LEU A 108 7.71 19.75 -6.96
C LEU A 108 6.41 20.50 -6.70
N LEU A 109 6.33 21.71 -7.26
CA LEU A 109 5.11 22.49 -7.09
C LEU A 109 3.94 21.84 -7.82
N ALA A 110 4.10 21.37 -9.05
CA ALA A 110 3.02 20.70 -9.76
C ALA A 110 2.65 19.41 -9.05
N GLY A 111 3.66 18.64 -8.66
CA GLY A 111 3.37 17.39 -7.99
C GLY A 111 2.71 17.63 -6.64
N SER A 112 3.24 18.59 -5.89
CA SER A 112 2.66 18.91 -4.60
C SER A 112 1.25 19.47 -4.76
N THR A 113 1.09 20.39 -5.73
CA THR A 113 -0.24 20.93 -5.98
C THR A 113 -1.19 19.91 -6.60
N THR A 114 -0.79 19.19 -7.66
CA THR A 114 -1.71 18.27 -8.32
C THR A 114 -2.14 17.10 -7.46
N GLY A 115 -1.17 16.55 -6.75
CA GLY A 115 -1.36 15.39 -5.89
C GLY A 115 -2.31 15.69 -4.75
N ALA A 116 -2.04 16.85 -4.18
CA ALA A 116 -2.86 17.37 -3.09
C ALA A 116 -4.27 17.55 -3.64
N LEU A 117 -4.36 18.05 -4.86
CA LEU A 117 -5.65 18.25 -5.51
C LEU A 117 -6.34 16.90 -5.75
N ALA A 118 -5.58 15.90 -6.20
CA ALA A 118 -6.14 14.58 -6.51
C ALA A 118 -6.73 13.88 -5.28
N VAL A 119 -6.08 13.98 -4.14
CA VAL A 119 -6.59 13.35 -2.91
C VAL A 119 -7.96 13.92 -2.57
N ALA A 120 -8.14 15.15 -3.04
CA ALA A 120 -9.38 15.90 -2.81
C ALA A 120 -10.62 15.17 -3.33
N VAL A 121 -10.53 14.63 -4.55
CA VAL A 121 -11.67 13.93 -5.15
C VAL A 121 -11.81 12.52 -4.59
N ALA A 122 -10.70 11.77 -4.57
CA ALA A 122 -10.71 10.39 -4.08
C ALA A 122 -10.02 10.31 -2.72
N GLN A 123 -10.61 9.52 -1.82
CA GLN A 123 -10.06 9.31 -0.48
C GLN A 123 -11.00 8.52 0.45
N PRO A 124 -12.33 8.69 0.43
CA PRO A 124 -13.20 7.91 1.37
C PRO A 124 -12.94 6.40 1.29
N THR A 125 -12.62 5.91 0.10
CA THR A 125 -12.37 4.47 -0.03
C THR A 125 -11.08 4.09 0.72
N ASP A 126 -10.03 4.88 0.60
CA ASP A 126 -8.78 4.49 1.27
C ASP A 126 -8.90 4.48 2.80
N VAL A 127 -9.54 5.51 3.35
CA VAL A 127 -9.70 5.63 4.81
C VAL A 127 -10.56 4.52 5.41
N VAL A 128 -11.68 4.22 4.76
CA VAL A 128 -12.62 3.21 5.25
C VAL A 128 -12.02 1.80 5.29
N LYS A 129 -11.21 1.45 4.31
CA LYS A 129 -10.65 0.09 4.27
C LYS A 129 -9.81 -0.20 5.52
N VAL A 130 -9.03 0.77 5.96
CA VAL A 130 -8.21 0.57 7.15
C VAL A 130 -9.12 0.51 8.38
N ARG A 131 -10.06 1.46 8.42
CA ARG A 131 -11.03 1.55 9.50
C ARG A 131 -11.94 0.32 9.54
N PHE A 132 -12.29 -0.19 8.37
CA PHE A 132 -13.19 -1.33 8.26
C PHE A 132 -12.58 -2.61 8.84
N GLN A 133 -11.31 -2.84 8.61
CA GLN A 133 -10.69 -4.06 9.15
C GLN A 133 -10.70 -3.98 10.67
N ALA A 134 -10.45 -2.80 11.22
CA ALA A 134 -10.41 -2.64 12.67
C ALA A 134 -11.77 -2.87 13.36
N GLN A 135 -12.84 -2.48 12.68
CA GLN A 135 -14.18 -2.72 13.23
C GLN A 135 -14.32 -4.24 13.40
N ALA A 136 -14.36 -4.69 14.65
CA ALA A 136 -14.45 -6.12 14.95
C ALA A 136 -15.87 -6.54 15.36
N ARG A 137 -16.84 -5.64 15.22
CA ARG A 137 -18.22 -5.96 15.59
C ARG A 137 -19.20 -5.31 14.62
N ALA A 138 -20.21 -6.07 14.19
CA ALA A 138 -21.22 -5.56 13.27
C ALA A 138 -22.29 -4.78 14.02
N GLY A 139 -22.91 -5.43 15.00
CA GLY A 139 -23.96 -4.77 15.78
C GLY A 139 -24.72 -5.79 16.63
N GLY A 140 -25.20 -6.86 15.97
CA GLY A 140 -25.94 -7.89 16.67
C GLY A 140 -27.35 -7.41 17.03
N GLY A 141 -28.15 -7.17 16.02
CA GLY A 141 -29.53 -6.70 16.23
C GLY A 141 -30.40 -6.99 15.01
N ARG A 142 -30.26 -6.14 14.00
CA ARG A 142 -31.05 -6.31 12.77
C ARG A 142 -30.36 -5.59 11.61
N ARG A 143 -30.81 -5.85 10.39
CA ARG A 143 -30.22 -5.23 9.20
C ARG A 143 -28.71 -5.51 9.17
N TYR A 144 -28.30 -6.36 8.23
CA TYR A 144 -26.89 -6.71 8.10
C TYR A 144 -26.05 -5.46 7.84
N GLN A 145 -25.01 -5.27 8.65
CA GLN A 145 -24.14 -4.11 8.50
C GLN A 145 -23.56 -4.06 7.08
N SER A 146 -23.20 -2.85 6.65
CA SER A 146 -22.64 -2.67 5.31
C SER A 146 -21.81 -1.39 5.23
N THR A 147 -21.29 -1.14 4.04
CA THR A 147 -20.43 0.04 3.84
C THR A 147 -21.18 1.33 4.07
N VAL A 148 -22.38 1.46 3.50
CA VAL A 148 -23.13 2.70 3.68
C VAL A 148 -23.48 2.87 5.16
N GLU A 149 -23.95 1.80 5.78
CA GLU A 149 -24.32 1.85 7.20
C GLU A 149 -23.08 2.06 8.08
N ALA A 150 -21.98 1.41 7.69
CA ALA A 150 -20.74 1.48 8.48
C ALA A 150 -20.19 2.90 8.56
N TYR A 151 -20.15 3.62 7.43
CA TYR A 151 -19.59 4.97 7.44
C TYR A 151 -20.43 5.89 8.35
N LYS A 152 -21.73 5.88 8.13
CA LYS A 152 -22.64 6.77 8.85
C LYS A 152 -22.80 6.51 10.35
N THR A 153 -22.98 5.26 10.77
CA THR A 153 -23.20 4.95 12.19
C THR A 153 -22.02 5.33 13.10
N ILE A 154 -20.81 4.97 12.66
CA ILE A 154 -19.58 5.31 13.40
C ILE A 154 -19.41 6.83 13.44
N ALA A 155 -19.76 7.43 12.30
CA ALA A 155 -19.74 8.89 12.16
C ALA A 155 -20.68 9.49 13.21
N ARG A 156 -21.81 8.91 13.57
CA ARG A 156 -22.71 9.57 14.51
C ARG A 156 -22.06 9.78 15.89
N GLU A 157 -21.49 8.73 16.45
CA GLU A 157 -20.78 8.78 17.72
C GLU A 157 -19.43 9.44 17.54
N GLU A 158 -18.64 8.99 16.58
CA GLU A 158 -17.27 9.50 16.43
C GLU A 158 -17.14 10.87 15.77
N GLY A 159 -17.98 11.18 14.78
CA GLY A 159 -17.95 12.49 14.13
C GLY A 159 -17.03 12.50 12.92
N ILE A 160 -16.75 13.70 12.43
CA ILE A 160 -15.88 13.89 11.28
C ILE A 160 -14.43 13.61 11.64
N ARG A 161 -14.03 14.15 12.79
CA ARG A 161 -12.66 14.03 13.24
C ARG A 161 -12.26 12.57 13.40
N GLY A 162 -13.19 11.71 13.79
CA GLY A 162 -12.83 10.31 13.94
C GLY A 162 -12.38 9.77 12.61
N LEU A 163 -13.13 10.23 11.61
CA LEU A 163 -12.98 9.83 10.21
C LEU A 163 -11.72 10.34 9.48
N TRP A 164 -11.36 11.55 9.93
CA TRP A 164 -10.23 12.27 9.34
C TRP A 164 -8.91 11.70 9.88
N LYS A 165 -9.03 10.80 10.84
CA LYS A 165 -7.86 10.24 11.49
C LYS A 165 -6.76 9.86 10.49
N GLY A 166 -7.11 9.16 9.41
CA GLY A 166 -6.17 8.74 8.37
C GLY A 166 -6.07 9.77 7.22
N THR A 167 -7.13 10.53 7.00
CA THR A 167 -7.13 11.53 5.92
C THR A 167 -5.85 12.38 5.87
N SER A 168 -5.45 12.97 7.01
CA SER A 168 -4.28 13.86 7.01
C SER A 168 -2.98 13.16 6.59
N PRO A 169 -2.63 12.04 7.18
CA PRO A 169 -1.41 11.30 6.76
C PRO A 169 -1.53 10.77 5.34
N ASN A 170 -2.76 10.48 4.90
CA ASN A 170 -2.97 9.98 3.54
C ASN A 170 -2.55 11.04 2.53
N VAL A 171 -2.86 12.29 2.83
CA VAL A 171 -2.49 13.40 1.95
C VAL A 171 -0.98 13.50 1.86
N ALA A 172 -0.33 13.38 3.01
CA ALA A 172 1.12 13.45 3.07
C ALA A 172 1.77 12.35 2.26
N ARG A 173 1.19 11.15 2.31
CA ARG A 173 1.74 10.01 1.58
C ARG A 173 1.77 10.29 0.08
N ASN A 174 0.70 10.88 -0.43
CA ASN A 174 0.64 11.18 -1.86
C ASN A 174 1.74 12.16 -2.25
N ALA A 175 1.92 13.18 -1.42
CA ALA A 175 2.94 14.19 -1.68
C ALA A 175 4.35 13.60 -1.61
N ILE A 176 4.59 12.78 -0.58
CA ILE A 176 5.92 12.20 -0.38
C ILE A 176 6.34 11.26 -1.51
N VAL A 177 5.46 10.36 -1.95
CA VAL A 177 5.84 9.44 -3.00
C VAL A 177 6.24 10.17 -4.29
N ASN A 178 5.41 11.14 -4.68
CA ASN A 178 5.68 11.95 -5.88
C ASN A 178 6.98 12.74 -5.68
N CYS A 179 7.09 13.28 -4.49
CA CYS A 179 8.25 14.05 -4.11
C CYS A 179 9.52 13.18 -4.18
N ALA A 180 9.35 12.00 -3.61
CA ALA A 180 10.37 10.94 -3.61
C ALA A 180 10.63 10.47 -5.04
N GLU A 181 9.56 10.36 -5.82
CA GLU A 181 9.63 9.86 -7.20
C GLU A 181 10.52 10.75 -8.09
N LEU A 182 10.38 12.07 -8.04
CA LEU A 182 11.15 12.92 -8.97
C LEU A 182 12.66 12.80 -8.71
N VAL A 183 13.04 12.72 -7.44
CA VAL A 183 14.48 12.58 -7.18
C VAL A 183 14.94 11.23 -7.74
N THR A 184 14.20 10.17 -7.48
CA THR A 184 14.56 8.82 -7.93
C THR A 184 14.58 8.70 -9.46
N TYR A 185 13.53 9.24 -10.10
CA TYR A 185 13.35 9.18 -11.56
C TYR A 185 14.56 9.79 -12.29
N ASP A 186 15.11 10.87 -11.76
CA ASP A 186 16.27 11.51 -12.39
C ASP A 186 17.37 10.47 -12.56
N LEU A 187 17.58 9.69 -11.52
CA LEU A 187 18.61 8.65 -11.51
C LEU A 187 18.29 7.64 -12.63
N ILE A 188 17.01 7.34 -12.82
CA ILE A 188 16.60 6.39 -13.86
C ILE A 188 16.99 6.96 -15.24
N LYS A 189 16.78 8.25 -15.47
CA LYS A 189 17.12 8.95 -16.72
C LYS A 189 18.61 8.87 -17.08
N ASP A 190 19.48 8.95 -16.11
CA ASP A 190 20.92 8.95 -16.35
C ASP A 190 21.36 7.65 -16.99
N THR A 191 20.86 6.51 -16.52
CA THR A 191 21.31 5.21 -17.05
C THR A 191 20.33 4.60 -18.06
N LEU A 192 20.89 4.24 -19.21
CA LEU A 192 20.18 3.59 -20.31
C LEU A 192 19.13 4.48 -20.94
N LEU A 193 19.04 5.73 -20.51
CA LEU A 193 18.04 6.64 -21.05
C LEU A 193 18.67 8.01 -21.31
N LYS A 194 19.50 8.10 -22.34
CA LYS A 194 20.17 9.35 -22.71
C LYS A 194 19.62 9.82 -24.05
N ALA A 195 18.92 8.92 -24.72
CA ALA A 195 18.33 9.20 -26.03
C ALA A 195 17.25 8.17 -26.34
N ASN A 196 16.54 7.78 -25.29
CA ASN A 196 15.40 6.87 -25.39
C ASN A 196 15.69 5.54 -26.08
N LEU A 197 16.30 4.62 -25.33
CA LEU A 197 16.66 3.32 -25.87
C LEU A 197 17.55 3.53 -27.09
N MET A 198 18.83 3.17 -26.97
CA MET A 198 19.77 3.30 -28.10
C MET A 198 20.68 2.07 -28.13
N THR A 199 20.29 1.02 -27.42
CA THR A 199 21.06 -0.22 -27.35
C THR A 199 20.28 -1.36 -28.00
N ASP A 200 20.88 -2.56 -28.02
CA ASP A 200 20.22 -3.73 -28.64
C ASP A 200 20.28 -4.95 -27.72
N ASP A 201 21.49 -5.35 -27.33
CA ASP A 201 21.66 -6.52 -26.47
C ASP A 201 20.93 -6.33 -25.14
N LEU A 202 19.61 -6.45 -25.18
CA LEU A 202 18.80 -6.26 -23.98
C LEU A 202 19.12 -7.27 -22.86
N PRO A 203 19.34 -8.54 -23.15
CA PRO A 203 19.55 -9.55 -22.08
C PRO A 203 20.79 -9.25 -21.22
N CYS A 204 21.77 -8.68 -21.91
CA CYS A 204 23.01 -8.27 -21.26
C CYS A 204 22.70 -7.19 -20.23
N HIS A 205 21.80 -6.29 -20.62
CA HIS A 205 21.38 -5.19 -19.76
C HIS A 205 20.65 -5.72 -18.52
N PHE A 206 19.93 -6.81 -18.71
CA PHE A 206 19.14 -7.41 -17.64
C PHE A 206 20.04 -7.88 -16.49
N THR A 207 21.14 -8.57 -16.77
CA THR A 207 22.02 -9.03 -15.70
C THR A 207 22.58 -7.86 -14.90
N SER A 208 22.87 -6.75 -15.58
CA SER A 208 23.37 -5.58 -14.87
C SER A 208 22.34 -5.14 -13.85
N ALA A 209 21.06 -5.17 -14.23
CA ALA A 209 20.00 -4.72 -13.34
C ALA A 209 19.88 -5.57 -12.09
N PHE A 210 19.99 -6.89 -12.22
CA PHE A 210 19.81 -7.75 -11.06
C PHE A 210 20.82 -7.52 -9.96
N GLY A 211 22.09 -7.44 -10.37
CA GLY A 211 23.16 -7.17 -9.42
C GLY A 211 22.90 -5.79 -8.82
N ALA A 212 22.49 -4.87 -9.69
CA ALA A 212 22.13 -3.51 -9.31
C ALA A 212 20.92 -3.55 -8.40
N GLY A 213 20.01 -4.47 -8.71
CA GLY A 213 18.75 -4.62 -7.98
C GLY A 213 18.99 -4.97 -6.53
N PHE A 214 19.93 -5.87 -6.25
CA PHE A 214 20.18 -6.23 -4.86
C PHE A 214 20.76 -5.00 -4.17
N CYS A 215 21.61 -4.27 -4.87
CA CYS A 215 22.16 -3.03 -4.33
C CYS A 215 21.02 -2.04 -4.10
N THR A 216 20.09 -2.03 -5.05
CA THR A 216 18.92 -1.15 -5.04
C THR A 216 18.00 -1.44 -3.84
N THR A 217 17.84 -2.71 -3.51
CA THR A 217 16.93 -3.10 -2.45
C THR A 217 17.31 -2.45 -1.11
N VAL A 218 18.59 -2.34 -0.81
CA VAL A 218 18.97 -1.72 0.45
C VAL A 218 18.44 -0.28 0.48
N ILE A 219 18.54 0.41 -0.65
CA ILE A 219 18.01 1.79 -0.74
C ILE A 219 16.50 1.78 -0.49
N ALA A 220 15.85 0.76 -1.05
CA ALA A 220 14.39 0.55 -0.96
C ALA A 220 13.82 0.31 0.46
N SER A 221 14.56 -0.46 1.27
CA SER A 221 14.07 -0.89 2.61
C SER A 221 13.69 0.27 3.57
N PRO A 222 14.46 1.30 3.62
CA PRO A 222 14.17 2.46 4.52
C PRO A 222 12.80 3.11 4.27
N VAL A 223 12.34 3.26 3.03
CA VAL A 223 11.03 3.87 2.86
C VAL A 223 9.98 2.95 3.49
N ASP A 224 10.19 1.64 3.34
CA ASP A 224 9.28 0.63 3.89
C ASP A 224 9.25 0.60 5.43
N VAL A 225 10.43 0.74 6.05
CA VAL A 225 10.54 0.65 7.51
C VAL A 225 9.81 1.78 8.24
N VAL A 226 9.98 3.01 7.78
CA VAL A 226 9.35 4.14 8.46
C VAL A 226 7.84 4.04 8.42
N LYS A 227 7.30 3.56 7.30
CA LYS A 227 5.85 3.45 7.15
C LYS A 227 5.23 2.53 8.21
N THR A 228 5.85 1.39 8.46
CA THR A 228 5.33 0.42 9.44
C THR A 228 5.27 1.01 10.87
N ARG A 229 6.30 1.73 11.27
CA ARG A 229 6.36 2.31 12.62
C ARG A 229 5.00 2.88 13.03
N TYR A 230 4.51 2.49 14.22
CA TYR A 230 3.24 2.97 14.76
C TYR A 230 2.70 2.03 15.86
N MET A 231 2.47 0.77 15.52
CA MET A 231 1.96 -0.21 16.50
C MET A 231 2.43 0.12 17.94
N ASN A 232 1.56 0.78 18.71
CA ASN A 232 1.90 1.15 20.09
C ASN A 232 0.68 1.65 20.85
N SER A 233 -0.31 2.14 20.10
CA SER A 233 -1.60 2.62 20.66
C SER A 233 -2.20 3.74 19.80
N ALA A 234 -2.30 4.93 20.37
CA ALA A 234 -2.86 6.08 19.66
C ALA A 234 -2.84 7.32 20.53
N LEU A 235 -2.83 7.12 21.85
CA LEU A 235 -2.81 8.23 22.80
C LEU A 235 -1.40 8.80 22.90
N GLY A 236 -1.11 9.80 22.08
CA GLY A 236 0.19 10.44 22.09
C GLY A 236 0.17 11.77 21.36
N GLN A 237 -1.01 12.35 21.25
CA GLN A 237 -1.17 13.64 20.57
C GLN A 237 -0.81 13.52 19.09
N TYR A 238 -0.98 12.33 18.53
CA TYR A 238 -0.67 12.08 17.13
C TYR A 238 -1.45 13.05 16.25
N HIS A 239 -1.07 14.33 16.28
CA HIS A 239 -1.75 15.36 15.51
C HIS A 239 -1.39 15.28 14.04
N SER A 240 -0.10 15.36 13.73
CA SER A 240 0.36 15.33 12.34
C SER A 240 1.76 14.69 12.30
N ALA A 241 2.44 14.66 11.16
CA ALA A 241 3.79 14.05 11.12
C ALA A 241 4.75 14.83 12.02
N GLY A 242 4.76 16.16 11.96
CA GLY A 242 5.71 17.02 12.66
C GLY A 242 5.72 16.80 14.18
N HIS A 243 4.54 16.52 14.80
CA HIS A 243 4.53 16.30 16.24
C HIS A 243 5.53 15.24 16.63
N CYS A 244 5.61 14.19 15.82
CA CYS A 244 6.50 13.09 16.15
C CYS A 244 7.95 13.59 16.25
N ALA A 245 8.38 14.42 15.32
CA ALA A 245 9.75 14.90 15.36
C ALA A 245 10.02 15.71 16.63
N LEU A 246 9.12 16.63 16.99
CA LEU A 246 9.31 17.44 18.19
C LEU A 246 9.24 16.64 19.50
N THR A 247 8.24 15.76 19.61
CA THR A 247 8.08 14.97 20.83
C THR A 247 9.25 14.03 21.09
N MET A 248 9.68 13.33 20.04
CA MET A 248 10.77 12.37 20.16
C MET A 248 12.08 13.04 20.58
N LEU A 249 12.39 14.18 19.99
CA LEU A 249 13.64 14.88 20.30
C LEU A 249 13.64 15.33 21.76
N ARG A 250 12.55 15.94 22.21
CA ARG A 250 12.47 16.41 23.60
C ARG A 250 12.43 15.23 24.57
N LYS A 251 11.50 14.30 24.36
CA LYS A 251 11.39 13.14 25.25
C LYS A 251 12.47 12.11 24.93
N GLU A 252 12.11 10.83 24.99
CA GLU A 252 13.08 9.76 24.73
C GLU A 252 13.99 10.12 23.56
N GLY A 253 15.29 10.01 23.78
CA GLY A 253 16.28 10.35 22.75
C GLY A 253 15.89 9.75 21.40
N PRO A 254 16.53 10.19 20.33
CA PRO A 254 16.25 9.65 18.96
C PRO A 254 16.36 8.13 18.88
N ARG A 255 16.70 7.50 20.01
CA ARG A 255 16.82 6.04 20.10
C ARG A 255 15.45 5.37 20.01
N ALA A 256 14.39 6.07 20.41
CA ALA A 256 13.07 5.46 20.36
C ALA A 256 12.73 5.05 18.93
N PHE A 257 13.24 5.81 17.98
CA PHE A 257 13.05 5.49 16.57
C PHE A 257 13.68 4.14 16.23
N TYR A 258 14.87 3.92 16.80
CA TYR A 258 15.62 2.70 16.54
C TYR A 258 14.92 1.45 17.10
N LYS A 259 14.29 1.59 18.27
CA LYS A 259 13.56 0.48 18.88
C LYS A 259 12.60 -0.14 17.87
N GLY A 260 11.80 -1.12 18.30
CA GLY A 260 10.85 -1.76 17.41
C GLY A 260 11.56 -2.38 16.20
N PHE A 261 11.34 -3.67 15.96
CA PHE A 261 12.01 -4.30 14.83
C PHE A 261 11.46 -5.69 14.52
N MET A 262 10.90 -6.38 15.51
CA MET A 262 10.40 -7.73 15.25
C MET A 262 9.24 -7.68 14.26
N PRO A 263 8.31 -6.77 14.42
CA PRO A 263 7.15 -6.65 13.49
C PRO A 263 7.58 -6.24 12.09
N SER A 264 8.42 -5.20 12.04
CA SER A 264 8.93 -4.67 10.77
C SER A 264 9.73 -5.71 9.99
N PHE A 265 10.53 -6.47 10.72
CA PHE A 265 11.39 -7.46 10.10
C PHE A 265 10.62 -8.55 9.34
N LEU A 266 9.58 -8.95 10.04
CA LEU A 266 8.61 -9.91 9.49
C LEU A 266 7.93 -9.30 8.26
N ARG A 267 7.63 -8.00 8.33
CA ARG A 267 7.00 -7.29 7.22
C ARG A 267 7.89 -7.30 5.98
N LEU A 268 9.18 -7.10 6.21
CA LEU A 268 10.17 -7.01 5.14
C LEU A 268 10.29 -8.30 4.32
N GLY A 269 10.17 -9.47 4.97
CA GLY A 269 10.29 -10.71 4.22
C GLY A 269 9.11 -10.86 3.26
N SER A 270 7.90 -10.71 3.78
CA SER A 270 6.68 -10.81 3.00
C SER A 270 6.65 -9.71 1.94
N TRP A 271 7.01 -8.50 2.34
CA TRP A 271 7.03 -7.37 1.42
C TRP A 271 7.99 -7.67 0.27
N ASN A 272 9.09 -8.31 0.60
CA ASN A 272 10.08 -8.66 -0.43
C ASN A 272 9.47 -9.65 -1.44
N VAL A 273 8.65 -10.59 -0.96
CA VAL A 273 8.05 -11.61 -1.83
C VAL A 273 7.16 -11.02 -2.95
N VAL A 274 6.40 -9.97 -2.65
CA VAL A 274 5.53 -9.37 -3.68
C VAL A 274 6.39 -8.84 -4.83
N MET A 275 7.52 -8.24 -4.50
CA MET A 275 8.41 -7.70 -5.51
C MET A 275 8.90 -8.84 -6.42
N PHE A 276 9.15 -10.00 -5.83
CA PHE A 276 9.66 -11.17 -6.56
C PHE A 276 8.70 -11.62 -7.68
N VAL A 277 7.40 -11.61 -7.43
CA VAL A 277 6.45 -12.05 -8.46
C VAL A 277 6.53 -11.17 -9.70
N THR A 278 6.71 -9.86 -9.51
CA THR A 278 6.85 -8.96 -10.67
C THR A 278 8.10 -9.38 -11.45
N TYR A 279 9.15 -9.71 -10.71
CA TYR A 279 10.39 -10.18 -11.32
C TYR A 279 10.04 -11.45 -12.09
N GLU A 280 9.17 -12.28 -11.52
CA GLU A 280 8.88 -13.53 -12.21
C GLU A 280 8.35 -13.21 -13.61
N GLN A 281 7.51 -12.18 -13.75
CA GLN A 281 7.00 -11.83 -15.07
C GLN A 281 8.15 -11.46 -16.00
N LEU A 282 9.05 -10.70 -15.41
CA LEU A 282 10.25 -10.26 -16.13
C LEU A 282 11.04 -11.49 -16.58
N LYS A 283 11.11 -12.49 -15.71
CA LYS A 283 11.82 -13.72 -16.02
C LYS A 283 11.19 -14.43 -17.22
N ARG A 284 9.86 -14.50 -17.23
CA ARG A 284 9.12 -15.14 -18.33
C ARG A 284 8.15 -14.13 -18.93
N ALA A 285 8.36 -13.78 -20.19
CA ALA A 285 7.52 -12.78 -20.87
C ALA A 285 6.65 -13.38 -21.96
N LEU A 286 6.15 -12.49 -22.82
CA LEU A 286 5.25 -12.86 -23.90
C LEU A 286 5.56 -14.24 -24.48
N MET A 287 6.69 -14.30 -25.18
CA MET A 287 7.19 -15.53 -25.82
C MET A 287 6.61 -15.69 -27.22
N ALA A 288 6.35 -14.57 -27.91
CA ALA A 288 5.78 -14.62 -29.25
C ALA A 288 5.69 -13.22 -29.86
N ALA A 289 6.67 -12.96 -30.73
CA ALA A 289 6.81 -11.67 -31.39
C ALA A 289 5.65 -11.32 -32.30
N TYR A 290 5.23 -12.27 -33.13
CA TYR A 290 4.15 -12.01 -34.08
C TYR A 290 2.88 -11.60 -33.34
N GLN A 291 2.63 -12.23 -32.21
CA GLN A 291 1.45 -11.89 -31.43
C GLN A 291 1.54 -10.45 -30.93
N SER A 292 2.70 -10.08 -30.39
CA SER A 292 2.89 -8.73 -29.88
C SER A 292 2.86 -7.72 -31.04
N ARG A 293 3.44 -8.09 -32.17
CA ARG A 293 3.47 -7.23 -33.37
C ARG A 293 2.07 -6.92 -33.89
N GLU A 294 1.21 -7.94 -33.90
CA GLU A 294 -0.15 -7.82 -34.43
C GLU A 294 -1.05 -6.87 -33.63
N ALA A 295 -0.91 -6.83 -32.30
CA ALA A 295 -1.79 -5.99 -31.48
C ALA A 295 -1.70 -4.49 -31.84
N PRO A 296 -0.53 -3.91 -31.87
CA PRO A 296 -0.36 -2.46 -32.23
C PRO A 296 -0.52 -2.23 -33.73
N PHE A 297 -0.76 -3.31 -34.47
CA PHE A 297 -0.93 -3.22 -35.92
C PHE A 297 -2.29 -2.64 -36.27
N MET A 1 -2.11 -11.75 -28.81
CA MET A 1 -2.78 -11.89 -27.49
C MET A 1 -1.88 -11.30 -26.40
N THR A 2 -2.15 -11.67 -25.16
CA THR A 2 -1.37 -11.18 -24.03
C THR A 2 -1.13 -9.68 -24.16
N VAL A 3 -2.17 -8.89 -23.93
CA VAL A 3 -2.06 -7.44 -24.04
C VAL A 3 -1.52 -6.85 -22.74
N LYS A 4 -1.11 -5.58 -22.80
CA LYS A 4 -0.57 -4.91 -21.63
C LYS A 4 -1.64 -4.79 -20.55
N PHE A 5 -2.85 -4.45 -20.98
CA PHE A 5 -3.96 -4.32 -20.04
C PHE A 5 -4.30 -5.64 -19.36
N LEU A 6 -4.28 -6.70 -20.15
CA LEU A 6 -4.58 -8.05 -19.66
C LEU A 6 -3.37 -8.66 -18.95
N GLY A 7 -2.19 -8.19 -19.35
CA GLY A 7 -0.95 -8.59 -18.72
C GLY A 7 -0.98 -8.08 -17.28
N ALA A 8 -1.49 -6.86 -17.21
CA ALA A 8 -1.72 -6.13 -15.97
C ALA A 8 -2.88 -6.81 -15.24
N GLY A 9 -3.72 -7.33 -16.14
CA GLY A 9 -4.94 -8.00 -15.70
C GLY A 9 -4.60 -9.26 -14.89
N THR A 10 -3.63 -10.04 -15.35
CA THR A 10 -3.24 -11.24 -14.60
C THR A 10 -2.50 -10.82 -13.33
N ALA A 11 -1.87 -9.66 -13.41
CA ALA A 11 -1.10 -9.13 -12.29
C ALA A 11 -1.97 -8.81 -11.09
N ALA A 12 -3.05 -8.06 -11.30
CA ALA A 12 -3.87 -7.71 -10.16
C ALA A 12 -4.47 -8.95 -9.50
N CYS A 13 -4.81 -9.95 -10.32
CA CYS A 13 -5.41 -11.18 -9.78
C CYS A 13 -4.44 -11.92 -8.87
N ILE A 14 -3.23 -12.22 -9.37
CA ILE A 14 -2.27 -12.99 -8.58
C ILE A 14 -1.76 -12.26 -7.34
N ALA A 15 -1.52 -10.96 -7.44
CA ALA A 15 -0.90 -10.25 -6.32
C ALA A 15 -1.76 -10.24 -5.07
N ASP A 16 -3.06 -10.03 -5.17
CA ASP A 16 -3.84 -9.93 -3.94
C ASP A 16 -4.08 -11.32 -3.36
N LEU A 17 -4.11 -12.37 -4.17
CA LEU A 17 -4.39 -13.68 -3.62
C LEU A 17 -3.35 -14.12 -2.57
N ILE A 18 -2.05 -14.13 -2.91
CA ILE A 18 -1.03 -14.53 -1.93
C ILE A 18 -0.74 -13.44 -0.88
N THR A 19 -1.36 -12.28 -1.07
CA THR A 19 -1.14 -11.18 -0.10
C THR A 19 -2.40 -10.96 0.73
N PHE A 20 -3.58 -11.43 0.36
CA PHE A 20 -4.71 -11.11 1.21
C PHE A 20 -4.55 -11.84 2.56
N PRO A 21 -4.16 -13.10 2.57
CA PRO A 21 -3.94 -13.82 3.86
C PRO A 21 -2.85 -13.13 4.71
N LEU A 22 -2.08 -12.26 4.07
CA LEU A 22 -0.97 -11.57 4.75
C LEU A 22 -1.43 -10.60 5.83
N ASP A 23 -2.56 -9.95 5.57
CA ASP A 23 -3.08 -8.96 6.49
C ASP A 23 -3.48 -9.57 7.83
N THR A 24 -4.08 -10.74 7.80
CA THR A 24 -4.52 -11.39 9.02
C THR A 24 -3.37 -11.63 10.02
N ALA A 25 -2.17 -11.94 9.51
CA ALA A 25 -1.03 -12.19 10.41
C ALA A 25 -0.59 -10.94 11.19
N LYS A 26 -0.61 -9.77 10.54
CA LYS A 26 -0.11 -8.55 11.20
C LYS A 26 -0.89 -8.23 12.48
N VAL A 27 -2.21 -8.27 12.42
CA VAL A 27 -3.04 -7.90 13.55
C VAL A 27 -2.82 -8.81 14.76
N ARG A 28 -2.62 -10.11 14.55
CA ARG A 28 -2.42 -11.00 15.69
C ARG A 28 -1.19 -10.54 16.48
N LEU A 29 -0.15 -10.14 15.75
CA LEU A 29 1.09 -9.66 16.38
C LEU A 29 0.84 -8.41 17.24
N GLN A 30 -0.28 -8.36 17.95
CA GLN A 30 -0.61 -7.20 18.77
C GLN A 30 0.36 -7.08 19.95
N ILE A 31 -0.08 -6.36 20.99
CA ILE A 31 0.76 -6.15 22.18
C ILE A 31 -0.07 -6.42 23.45
N GLN A 32 -0.78 -7.54 23.46
CA GLN A 32 -1.59 -7.89 24.62
C GLN A 32 -2.41 -6.70 25.09
N GLY A 33 -2.76 -5.82 24.16
CA GLY A 33 -3.55 -4.64 24.51
C GLY A 33 -4.95 -5.03 24.98
N GLU A 34 -5.96 -4.62 24.23
CA GLU A 34 -7.34 -4.94 24.58
C GLU A 34 -7.70 -4.37 25.95
N SER A 35 -8.85 -3.70 26.03
CA SER A 35 -9.30 -3.10 27.30
C SER A 35 -10.60 -3.75 27.76
N GLN A 36 -11.22 -4.52 26.86
CA GLN A 36 -12.47 -5.22 27.19
C GLN A 36 -12.40 -5.82 28.59
N GLY A 37 -11.19 -6.15 29.03
CA GLY A 37 -11.01 -6.76 30.35
C GLY A 37 -11.11 -8.27 30.24
N LEU A 38 -11.55 -8.73 29.07
CA LEU A 38 -11.70 -10.15 28.80
C LEU A 38 -10.35 -10.84 28.80
N VAL A 39 -9.34 -10.17 28.27
CA VAL A 39 -7.99 -10.74 28.19
C VAL A 39 -7.43 -11.07 29.57
N ARG A 40 -7.58 -10.17 30.53
CA ARG A 40 -7.05 -10.43 31.86
C ARG A 40 -7.79 -11.62 32.50
N THR A 41 -9.08 -11.74 32.17
CA THR A 41 -9.88 -12.83 32.69
C THR A 41 -9.40 -14.17 32.11
N ALA A 42 -9.04 -14.14 30.84
CA ALA A 42 -8.56 -15.34 30.16
C ALA A 42 -7.16 -15.70 30.65
N ALA A 43 -6.38 -16.36 29.80
CA ALA A 43 -5.03 -16.74 30.18
C ALA A 43 -4.22 -17.19 28.96
N SER A 44 -4.93 -17.66 27.93
CA SER A 44 -4.35 -18.12 26.68
C SER A 44 -5.50 -18.24 25.69
N ALA A 45 -5.64 -19.40 25.04
CA ALA A 45 -6.75 -19.63 24.10
C ALA A 45 -6.38 -19.33 22.66
N GLN A 46 -5.10 -19.18 22.36
CA GLN A 46 -4.66 -18.89 21.01
C GLN A 46 -3.13 -18.88 20.94
N TYR A 47 -2.61 -18.69 19.74
CA TYR A 47 -1.17 -18.66 19.53
C TYR A 47 -0.85 -17.90 18.26
N ARG A 48 0.38 -17.41 18.14
CA ARG A 48 0.78 -16.68 16.94
C ARG A 48 0.36 -17.47 15.70
N GLY A 49 0.40 -18.80 15.85
CA GLY A 49 0.04 -19.72 14.78
C GLY A 49 -1.04 -19.15 13.87
N VAL A 50 -0.61 -18.70 12.70
CA VAL A 50 -1.52 -18.19 11.68
C VAL A 50 -2.39 -19.34 11.16
N LEU A 51 -1.92 -20.58 11.08
CA LEU A 51 -2.81 -21.62 10.58
C LEU A 51 -4.04 -21.75 11.47
N GLY A 52 -3.83 -21.49 12.76
CA GLY A 52 -4.87 -21.62 13.78
C GLY A 52 -6.04 -20.64 13.61
N THR A 53 -5.71 -19.37 13.44
CA THR A 53 -6.72 -18.31 13.31
C THR A 53 -7.61 -18.48 12.08
N ILE A 54 -7.05 -18.76 10.92
CA ILE A 54 -7.90 -18.90 9.73
C ILE A 54 -8.89 -20.03 10.00
N LEU A 55 -8.54 -21.08 10.73
CA LEU A 55 -9.50 -22.15 10.99
C LEU A 55 -10.72 -21.70 11.80
N THR A 56 -10.45 -20.77 12.72
CA THR A 56 -11.44 -20.22 13.64
C THR A 56 -12.55 -19.52 12.89
N MET A 57 -12.19 -18.77 11.87
CA MET A 57 -13.17 -18.01 11.11
C MET A 57 -14.27 -18.86 10.48
N VAL A 58 -13.93 -20.05 9.96
CA VAL A 58 -14.96 -20.85 9.31
C VAL A 58 -15.99 -21.41 10.27
N ARG A 59 -15.56 -21.87 11.44
CA ARG A 59 -16.48 -22.46 12.41
C ARG A 59 -17.27 -21.41 13.21
N THR A 60 -16.81 -20.18 13.09
CA THR A 60 -17.44 -19.07 13.79
C THR A 60 -18.89 -18.83 13.33
N GLU A 61 -19.08 -18.64 12.02
CA GLU A 61 -20.41 -18.41 11.46
C GLU A 61 -20.83 -19.64 10.63
N GLY A 62 -20.04 -20.01 9.62
CA GLY A 62 -20.36 -21.15 8.77
C GLY A 62 -19.67 -21.01 7.41
N PRO A 63 -19.57 -22.06 6.66
CA PRO A 63 -18.89 -22.03 5.33
C PRO A 63 -19.49 -20.99 4.39
N ARG A 64 -20.81 -20.79 4.48
CA ARG A 64 -21.51 -19.78 3.69
C ARG A 64 -20.99 -18.37 4.02
N SER A 65 -20.22 -18.33 5.10
CA SER A 65 -19.69 -17.05 5.53
C SER A 65 -18.49 -16.63 4.68
N LEU A 66 -17.71 -17.60 4.20
CA LEU A 66 -16.55 -17.32 3.35
C LEU A 66 -17.01 -16.97 1.94
N TYR A 67 -18.13 -17.56 1.52
CA TYR A 67 -18.66 -17.39 0.18
C TYR A 67 -19.62 -16.22 0.07
N ASN A 68 -19.82 -15.66 1.26
CA ASN A 68 -20.63 -14.45 1.45
C ASN A 68 -19.67 -13.30 1.73
N GLY A 69 -19.70 -12.27 0.88
CA GLY A 69 -18.80 -11.11 1.03
C GLY A 69 -17.69 -11.24 0.01
N LEU A 70 -17.54 -12.47 -0.49
CA LEU A 70 -16.48 -12.71 -1.46
C LEU A 70 -16.67 -11.82 -2.69
N VAL A 71 -17.93 -11.56 -3.01
CA VAL A 71 -18.26 -10.68 -4.13
C VAL A 71 -17.90 -9.24 -3.75
N ALA A 72 -17.90 -8.95 -2.45
CA ALA A 72 -17.56 -7.60 -1.99
C ALA A 72 -16.06 -7.34 -2.08
N GLY A 73 -15.20 -8.34 -1.89
CA GLY A 73 -13.76 -8.07 -1.93
C GLY A 73 -13.31 -7.69 -3.33
N LEU A 74 -13.88 -8.38 -4.29
CA LEU A 74 -13.51 -8.17 -5.68
C LEU A 74 -13.81 -6.75 -6.17
N GLN A 75 -14.96 -6.27 -5.73
CA GLN A 75 -15.38 -4.94 -6.13
C GLN A 75 -14.36 -3.89 -5.66
N ARG A 76 -13.68 -4.20 -4.55
CA ARG A 76 -12.57 -3.34 -4.09
C ARG A 76 -11.56 -3.28 -5.23
N GLN A 77 -11.18 -4.48 -5.63
CA GLN A 77 -10.17 -4.65 -6.69
C GLN A 77 -10.67 -4.15 -8.04
N MET A 78 -11.98 -4.23 -8.21
CA MET A 78 -12.63 -3.78 -9.44
C MET A 78 -12.42 -2.29 -9.66
N SER A 79 -12.49 -1.50 -8.59
CA SER A 79 -12.36 -0.06 -8.76
C SER A 79 -10.91 0.35 -9.05
N PHE A 80 -9.89 -0.31 -8.49
CA PHE A 80 -8.50 0.12 -8.70
C PHE A 80 -8.12 0.15 -10.17
N ALA A 81 -8.51 -0.88 -10.90
CA ALA A 81 -8.14 -0.93 -12.31
C ALA A 81 -8.96 0.06 -13.12
N SER A 82 -10.20 0.27 -12.69
CA SER A 82 -11.09 1.20 -13.37
C SER A 82 -10.62 2.66 -13.31
N VAL A 83 -10.11 3.08 -12.15
CA VAL A 83 -9.57 4.43 -11.99
C VAL A 83 -8.28 4.58 -12.80
N ARG A 84 -7.55 3.48 -13.00
CA ARG A 84 -6.27 3.52 -13.70
C ARG A 84 -6.57 3.64 -15.19
N ILE A 85 -7.82 3.86 -15.50
CA ILE A 85 -8.25 4.04 -16.89
C ILE A 85 -8.10 5.52 -17.25
N GLY A 86 -7.93 6.37 -16.23
CA GLY A 86 -7.82 7.81 -16.42
C GLY A 86 -6.77 8.54 -15.56
N LEU A 87 -6.72 8.31 -14.24
CA LEU A 87 -5.76 9.03 -13.39
C LEU A 87 -4.29 8.60 -13.59
N TYR A 88 -4.14 7.47 -14.27
CA TYR A 88 -2.77 6.92 -14.51
C TYR A 88 -2.06 7.61 -15.68
N ASP A 89 -2.76 7.64 -16.79
CA ASP A 89 -2.22 8.26 -18.01
C ASP A 89 -2.14 9.77 -17.87
N SER A 90 -3.12 10.18 -17.10
CA SER A 90 -3.23 11.60 -16.78
C SER A 90 -2.07 12.12 -15.89
N VAL A 91 -1.72 11.50 -14.75
CA VAL A 91 -0.57 12.01 -13.97
C VAL A 91 0.78 11.67 -14.66
N LYS A 92 0.69 10.58 -15.41
CA LYS A 92 1.89 10.10 -16.15
C LYS A 92 2.30 11.03 -17.30
N GLN A 93 1.33 11.53 -18.07
CA GLN A 93 1.58 12.43 -19.18
C GLN A 93 1.89 13.82 -18.68
N PHE A 94 1.56 13.99 -17.41
CA PHE A 94 1.80 15.26 -16.71
C PHE A 94 3.27 15.41 -16.27
N TYR A 95 4.01 14.31 -16.13
CA TYR A 95 5.39 14.30 -15.59
C TYR A 95 6.46 14.00 -16.66
N THR A 96 6.12 13.26 -17.72
CA THR A 96 7.16 12.83 -18.69
C THR A 96 7.35 13.73 -19.92
N LYS A 97 6.79 14.94 -19.96
CA LYS A 97 6.98 15.89 -21.09
C LYS A 97 8.50 16.13 -21.37
N GLY A 98 9.32 15.21 -20.88
CA GLY A 98 10.77 15.26 -21.03
C GLY A 98 11.31 16.55 -20.40
N SER A 99 10.47 17.09 -19.53
CA SER A 99 10.79 18.33 -18.82
C SER A 99 11.64 19.31 -19.65
N GLU A 100 12.28 20.30 -19.03
CA GLU A 100 13.05 21.28 -19.84
C GLU A 100 14.37 21.71 -19.18
N HIS A 101 14.85 22.89 -19.60
CA HIS A 101 16.10 23.45 -19.11
C HIS A 101 16.05 23.69 -17.61
N ALA A 102 15.00 23.20 -16.98
CA ALA A 102 14.81 23.32 -15.54
C ALA A 102 13.34 23.10 -15.19
N GLY A 103 12.95 23.56 -14.01
CA GLY A 103 11.57 23.40 -13.56
C GLY A 103 11.47 22.29 -12.54
N ILE A 104 12.62 21.89 -12.02
CA ILE A 104 12.63 20.83 -11.02
C ILE A 104 11.82 21.35 -9.84
N GLY A 105 12.00 22.63 -9.54
CA GLY A 105 11.24 23.32 -8.50
C GLY A 105 9.76 23.40 -8.88
N SER A 106 9.54 23.65 -10.18
CA SER A 106 8.18 23.69 -10.73
C SER A 106 7.56 22.32 -10.46
N ARG A 107 8.30 21.24 -10.67
CA ARG A 107 7.73 19.92 -10.47
C ARG A 107 7.35 19.71 -9.02
N LEU A 108 8.17 20.23 -8.11
CA LEU A 108 7.88 20.12 -6.69
C LEU A 108 6.59 20.87 -6.39
N LEU A 109 6.51 22.08 -6.95
CA LEU A 109 5.28 22.86 -6.76
C LEU A 109 4.10 22.19 -7.46
N ALA A 110 4.24 21.72 -8.70
CA ALA A 110 3.15 21.05 -9.39
C ALA A 110 2.78 19.74 -8.69
N GLY A 111 3.79 18.96 -8.31
CA GLY A 111 3.52 17.68 -7.68
C GLY A 111 2.85 17.86 -6.34
N SER A 112 3.38 18.79 -5.57
CA SER A 112 2.82 19.08 -4.26
C SER A 112 1.41 19.62 -4.37
N THR A 113 1.21 20.53 -5.33
CA THR A 113 -0.14 21.05 -5.54
C THR A 113 -1.11 20.00 -6.12
N THR A 114 -0.74 19.26 -7.18
CA THR A 114 -1.68 18.34 -7.81
C THR A 114 -2.10 17.15 -6.95
N GLY A 115 -1.10 16.58 -6.28
CA GLY A 115 -1.28 15.40 -5.44
C GLY A 115 -2.17 15.66 -4.25
N ALA A 116 -1.89 16.79 -3.64
CA ALA A 116 -2.67 17.21 -2.50
C ALA A 116 -4.11 17.40 -3.00
N LEU A 117 -4.24 17.99 -4.18
CA LEU A 117 -5.54 18.20 -4.80
C LEU A 117 -6.22 16.86 -5.15
N ALA A 118 -5.46 15.91 -5.69
CA ALA A 118 -6.02 14.61 -6.10
C ALA A 118 -6.57 13.83 -4.89
N VAL A 119 -5.86 13.89 -3.77
CA VAL A 119 -6.29 13.20 -2.56
C VAL A 119 -7.63 13.76 -2.12
N ALA A 120 -7.81 14.99 -2.54
CA ALA A 120 -9.02 15.75 -2.23
C ALA A 120 -10.29 15.05 -2.73
N VAL A 121 -10.25 14.57 -3.97
CA VAL A 121 -11.41 13.94 -4.57
C VAL A 121 -11.64 12.50 -4.11
N ALA A 122 -10.59 11.67 -4.16
CA ALA A 122 -10.72 10.26 -3.77
C ALA A 122 -10.07 9.96 -2.43
N GLN A 123 -9.95 8.65 -2.13
CA GLN A 123 -9.35 8.14 -0.88
C GLN A 123 -10.38 7.60 0.14
N PRO A 124 -11.65 7.99 0.14
CA PRO A 124 -12.59 7.46 1.17
C PRO A 124 -12.60 5.93 1.25
N THR A 125 -12.42 5.26 0.11
CA THR A 125 -12.39 3.80 0.15
C THR A 125 -11.15 3.37 0.92
N ASP A 126 -10.02 4.03 0.69
CA ASP A 126 -8.80 3.60 1.36
C ASP A 126 -8.89 3.75 2.89
N VAL A 127 -9.44 4.86 3.38
CA VAL A 127 -9.55 5.10 4.83
C VAL A 127 -10.44 4.07 5.55
N VAL A 128 -11.59 3.75 4.94
CA VAL A 128 -12.55 2.82 5.57
C VAL A 128 -11.99 1.41 5.73
N LYS A 129 -11.20 0.95 4.77
CA LYS A 129 -10.67 -0.42 4.85
C LYS A 129 -9.81 -0.60 6.09
N VAL A 130 -9.00 0.40 6.42
CA VAL A 130 -8.16 0.30 7.62
C VAL A 130 -9.04 0.36 8.86
N ARG A 131 -9.97 1.31 8.86
CA ARG A 131 -10.91 1.50 9.97
C ARG A 131 -11.83 0.30 10.15
N PHE A 132 -12.21 -0.32 9.04
CA PHE A 132 -13.14 -1.44 9.05
C PHE A 132 -12.54 -2.67 9.73
N GLN A 133 -11.27 -2.96 9.49
CA GLN A 133 -10.67 -4.15 10.11
C GLN A 133 -10.64 -3.99 11.63
N ALA A 134 -10.36 -2.79 12.13
CA ALA A 134 -10.30 -2.58 13.58
C ALA A 134 -11.65 -2.78 14.27
N GLN A 135 -12.71 -2.39 13.56
CA GLN A 135 -14.07 -2.58 14.09
C GLN A 135 -14.24 -4.08 14.32
N ALA A 136 -14.32 -4.45 15.60
CA ALA A 136 -14.47 -5.85 16.01
C ALA A 136 -15.50 -6.57 15.14
N ARG A 137 -15.17 -7.27 14.06
CA ARG A 137 -16.21 -7.96 13.31
C ARG A 137 -17.34 -7.01 12.93
N ALA A 138 -18.34 -6.89 13.81
CA ALA A 138 -19.48 -6.02 13.55
C ALA A 138 -20.11 -5.57 14.87
N GLY A 139 -21.42 -5.33 14.84
CA GLY A 139 -22.13 -4.90 16.04
C GLY A 139 -23.62 -5.20 15.93
N GLY A 140 -23.95 -6.27 15.23
CA GLY A 140 -25.35 -6.66 15.05
C GLY A 140 -25.45 -8.01 14.36
N GLY A 141 -25.91 -9.01 15.09
CA GLY A 141 -26.06 -10.35 14.53
C GLY A 141 -27.16 -10.39 13.47
N ARG A 142 -28.35 -9.92 13.85
CA ARG A 142 -29.47 -9.90 12.94
C ARG A 142 -29.27 -8.86 11.85
N ARG A 143 -28.84 -7.66 12.25
CA ARG A 143 -28.60 -6.57 11.30
C ARG A 143 -27.21 -6.67 10.69
N TYR A 144 -27.12 -6.42 9.39
CA TYR A 144 -25.83 -6.48 8.69
C TYR A 144 -25.28 -5.07 8.44
N GLN A 145 -24.05 -4.84 8.86
CA GLN A 145 -23.40 -3.54 8.68
C GLN A 145 -22.86 -3.41 7.26
N SER A 146 -22.51 -2.19 6.87
CA SER A 146 -21.97 -1.96 5.53
C SER A 146 -21.13 -0.68 5.47
N THR A 147 -20.63 -0.38 4.27
CA THR A 147 -19.79 0.78 4.11
C THR A 147 -20.54 2.09 4.38
N VAL A 148 -21.74 2.24 3.82
CA VAL A 148 -22.47 3.49 4.03
C VAL A 148 -22.85 3.67 5.51
N GLU A 149 -23.36 2.61 6.12
CA GLU A 149 -23.74 2.67 7.53
C GLU A 149 -22.53 2.81 8.45
N ALA A 150 -21.45 2.11 8.10
CA ALA A 150 -20.24 2.11 8.92
C ALA A 150 -19.63 3.50 9.07
N TYR A 151 -19.50 4.24 7.98
CA TYR A 151 -18.91 5.58 8.07
C TYR A 151 -19.76 6.48 8.98
N LYS A 152 -21.04 6.51 8.70
CA LYS A 152 -21.95 7.40 9.43
C LYS A 152 -22.19 7.07 10.91
N THR A 153 -22.43 5.81 11.26
CA THR A 153 -22.71 5.45 12.65
C THR A 153 -21.54 5.73 13.61
N ILE A 154 -20.33 5.34 13.19
CA ILE A 154 -19.14 5.61 14.00
C ILE A 154 -18.93 7.12 14.09
N ALA A 155 -19.19 7.76 12.96
CA ALA A 155 -19.11 9.22 12.87
C ALA A 155 -20.10 9.84 13.85
N ARG A 156 -21.31 9.33 14.11
CA ARG A 156 -22.24 10.03 14.99
C ARG A 156 -21.72 10.15 16.42
N GLU A 157 -21.31 9.04 17.01
CA GLU A 157 -20.73 8.99 18.35
C GLU A 157 -19.31 9.52 18.30
N GLU A 158 -18.46 9.02 17.42
CA GLU A 158 -17.06 9.46 17.43
C GLU A 158 -16.83 10.83 16.75
N GLY A 159 -17.56 11.12 15.67
CA GLY A 159 -17.41 12.42 14.98
C GLY A 159 -16.49 12.36 13.74
N ILE A 160 -16.18 13.54 13.19
CA ILE A 160 -15.35 13.63 11.98
C ILE A 160 -13.87 13.37 12.24
N ARG A 161 -13.42 13.86 13.39
CA ARG A 161 -11.98 13.80 13.67
C ARG A 161 -11.43 12.36 13.65
N GLY A 162 -12.23 11.40 14.08
CA GLY A 162 -11.74 10.03 14.11
C GLY A 162 -11.34 9.53 12.72
N LEU A 163 -12.21 9.98 11.81
CA LEU A 163 -12.17 9.64 10.40
C LEU A 163 -11.00 10.21 9.59
N TRP A 164 -10.63 11.42 9.99
CA TRP A 164 -9.55 12.13 9.31
C TRP A 164 -8.21 11.59 9.78
N LYS A 165 -8.24 10.73 10.78
CA LYS A 165 -7.02 10.23 11.38
C LYS A 165 -5.97 9.83 10.33
N GLY A 166 -6.36 9.06 9.32
CA GLY A 166 -5.48 8.60 8.25
C GLY A 166 -5.44 9.60 7.08
N THR A 167 -6.57 10.22 6.80
CA THR A 167 -6.66 11.19 5.69
C THR A 167 -5.49 12.18 5.66
N SER A 168 -5.19 12.85 6.78
CA SER A 168 -4.13 13.87 6.79
C SER A 168 -2.74 13.31 6.47
N PRO A 169 -2.29 12.27 7.12
CA PRO A 169 -0.98 11.64 6.80
C PRO A 169 -0.99 11.03 5.39
N ASN A 170 -2.16 10.62 4.92
CA ASN A 170 -2.27 10.03 3.60
C ASN A 170 -1.89 11.05 2.55
N VAL A 171 -2.30 12.30 2.77
CA VAL A 171 -1.97 13.37 1.83
C VAL A 171 -0.46 13.55 1.77
N ALA A 172 0.17 13.53 2.94
CA ALA A 172 1.61 13.68 3.03
C ALA A 172 2.34 12.55 2.30
N ARG A 173 1.83 11.33 2.44
CA ARG A 173 2.45 10.18 1.79
C ARG A 173 2.48 10.35 0.28
N ASN A 174 1.38 10.83 -0.29
CA ASN A 174 1.29 11.03 -1.72
C ASN A 174 2.33 12.05 -2.17
N ALA A 175 2.47 13.11 -1.40
CA ALA A 175 3.43 14.17 -1.70
C ALA A 175 4.86 13.65 -1.64
N ILE A 176 5.16 12.87 -0.60
CA ILE A 176 6.50 12.34 -0.41
C ILE A 176 6.89 11.41 -1.56
N VAL A 177 5.99 10.51 -1.95
CA VAL A 177 6.30 9.56 -3.02
C VAL A 177 6.62 10.29 -4.33
N ASN A 178 5.79 11.25 -4.71
CA ASN A 178 6.01 12.01 -5.95
C ASN A 178 7.33 12.78 -5.85
N CYS A 179 7.49 13.36 -4.68
CA CYS A 179 8.69 14.13 -4.35
C CYS A 179 9.94 13.24 -4.38
N ALA A 180 9.79 12.07 -3.76
CA ALA A 180 10.83 11.02 -3.71
C ALA A 180 11.06 10.49 -5.13
N GLU A 181 9.98 10.33 -5.85
CA GLU A 181 9.98 9.81 -7.22
C GLU A 181 10.80 10.70 -8.17
N LEU A 182 10.63 12.02 -8.13
CA LEU A 182 11.33 12.86 -9.12
C LEU A 182 12.84 12.74 -8.93
N VAL A 183 13.26 12.70 -7.67
CA VAL A 183 14.70 12.56 -7.46
C VAL A 183 15.12 11.21 -8.02
N THR A 184 14.37 10.16 -7.71
CA THR A 184 14.69 8.79 -8.14
C THR A 184 14.65 8.62 -9.67
N TYR A 185 13.58 9.16 -10.28
CA TYR A 185 13.32 9.08 -11.73
C TYR A 185 14.48 9.65 -12.55
N ASP A 186 15.09 10.72 -12.08
CA ASP A 186 16.20 11.34 -12.80
C ASP A 186 17.26 10.26 -13.03
N LEU A 187 17.50 9.48 -11.99
CA LEU A 187 18.48 8.40 -12.04
C LEU A 187 18.08 7.40 -13.14
N ILE A 188 16.78 7.11 -13.26
CA ILE A 188 16.32 6.17 -14.29
C ILE A 188 16.62 6.73 -15.70
N LYS A 189 16.41 8.02 -15.94
CA LYS A 189 16.68 8.70 -17.22
C LYS A 189 18.15 8.63 -17.64
N ASP A 190 19.05 8.73 -16.69
CA ASP A 190 20.47 8.71 -17.00
C ASP A 190 20.87 7.38 -17.60
N THR A 191 20.31 6.29 -17.06
CA THR A 191 20.68 4.95 -17.55
C THR A 191 19.64 4.38 -18.51
N LEU A 192 20.15 3.93 -19.65
CA LEU A 192 19.32 3.32 -20.71
C LEU A 192 18.40 4.36 -21.37
N LEU A 193 18.52 5.64 -20.98
CA LEU A 193 17.63 6.68 -21.53
C LEU A 193 18.39 7.90 -22.10
N LYS A 194 19.60 7.65 -22.58
CA LYS A 194 20.44 8.73 -23.12
C LYS A 194 19.94 9.21 -24.49
N ALA A 195 19.23 8.35 -25.21
CA ALA A 195 18.70 8.70 -26.54
C ALA A 195 17.23 8.33 -26.63
N ASN A 196 16.94 7.18 -26.04
CA ASN A 196 15.61 6.55 -26.00
C ASN A 196 15.84 5.05 -26.16
N LEU A 197 15.78 4.56 -27.40
CA LEU A 197 16.04 3.14 -27.69
C LEU A 197 17.46 3.02 -28.23
N MET A 198 18.33 2.36 -27.47
CA MET A 198 19.72 2.19 -27.92
C MET A 198 20.39 1.01 -27.24
N THR A 199 20.11 -0.19 -27.73
CA THR A 199 20.71 -1.40 -27.17
C THR A 199 20.65 -2.55 -28.18
N ASP A 200 21.33 -3.64 -27.85
CA ASP A 200 21.34 -4.83 -28.71
C ASP A 200 21.11 -6.08 -27.88
N ASP A 201 22.00 -6.32 -26.93
CA ASP A 201 21.88 -7.47 -26.03
C ASP A 201 20.96 -7.13 -24.87
N LEU A 202 19.69 -7.47 -25.02
CA LEU A 202 18.69 -7.17 -24.00
C LEU A 202 19.01 -7.85 -22.66
N PRO A 203 19.44 -9.10 -22.65
CA PRO A 203 19.72 -9.82 -21.36
C PRO A 203 20.80 -9.12 -20.54
N CYS A 204 21.73 -8.51 -21.27
CA CYS A 204 22.85 -7.84 -20.63
C CYS A 204 22.40 -6.67 -19.77
N HIS A 205 21.45 -5.90 -20.28
CA HIS A 205 20.96 -4.75 -19.54
C HIS A 205 20.22 -5.20 -18.28
N PHE A 206 19.50 -6.30 -18.42
CA PHE A 206 18.71 -6.86 -17.33
C PHE A 206 19.62 -7.31 -16.19
N THR A 207 20.71 -8.03 -16.47
CA THR A 207 21.62 -8.48 -15.43
C THR A 207 22.20 -7.29 -14.68
N SER A 208 22.49 -6.22 -15.41
CA SER A 208 23.02 -5.03 -14.75
C SER A 208 22.00 -4.56 -13.73
N ALA A 209 20.73 -4.60 -14.10
CA ALA A 209 19.67 -4.12 -13.21
C ALA A 209 19.56 -4.94 -11.94
N PHE A 210 19.66 -6.27 -12.03
CA PHE A 210 19.47 -7.10 -10.84
C PHE A 210 20.49 -6.82 -9.73
N GLY A 211 21.75 -6.78 -10.15
CA GLY A 211 22.82 -6.47 -9.19
C GLY A 211 22.56 -5.08 -8.63
N ALA A 212 22.19 -4.20 -9.54
CA ALA A 212 21.82 -2.81 -9.23
C ALA A 212 20.59 -2.80 -8.35
N GLY A 213 19.69 -3.73 -8.64
CA GLY A 213 18.40 -3.82 -7.97
C GLY A 213 18.53 -4.06 -6.47
N PHE A 214 19.44 -4.91 -6.03
CA PHE A 214 19.55 -5.15 -4.60
C PHE A 214 20.02 -3.88 -3.89
N CYS A 215 20.95 -3.15 -4.49
CA CYS A 215 21.40 -1.90 -3.88
C CYS A 215 20.24 -0.91 -3.80
N THR A 216 19.46 -0.84 -4.87
CA THR A 216 18.29 0.05 -4.95
C THR A 216 17.25 -0.31 -3.90
N THR A 217 17.04 -1.61 -3.71
CA THR A 217 16.03 -2.06 -2.77
C THR A 217 16.33 -1.55 -1.37
N VAL A 218 17.61 -1.54 -0.99
CA VAL A 218 17.93 -1.02 0.33
C VAL A 218 17.48 0.44 0.40
N ILE A 219 17.70 1.19 -0.67
CA ILE A 219 17.25 2.58 -0.73
C ILE A 219 15.72 2.62 -0.62
N ALA A 220 15.09 1.68 -1.32
CA ALA A 220 13.63 1.53 -1.39
C ALA A 220 12.91 1.21 -0.07
N SER A 221 13.51 0.34 0.77
CA SER A 221 12.84 -0.15 1.99
C SER A 221 12.41 0.96 2.98
N PRO A 222 13.22 1.94 3.21
CA PRO A 222 12.87 3.05 4.13
C PRO A 222 11.59 3.78 3.71
N VAL A 223 11.37 4.02 2.42
CA VAL A 223 10.14 4.68 2.05
C VAL A 223 8.95 3.78 2.39
N ASP A 224 9.17 2.47 2.20
CA ASP A 224 8.14 1.48 2.52
C ASP A 224 7.85 1.40 4.02
N VAL A 225 8.90 1.47 4.83
CA VAL A 225 8.79 1.35 6.28
C VAL A 225 8.01 2.49 6.96
N VAL A 226 8.29 3.73 6.58
CA VAL A 226 7.65 4.88 7.23
C VAL A 226 6.13 4.90 7.02
N LYS A 227 5.65 4.51 5.85
CA LYS A 227 4.21 4.54 5.61
C LYS A 227 3.44 3.66 6.60
N THR A 228 3.95 2.46 6.86
CA THR A 228 3.29 1.51 7.77
C THR A 228 3.18 2.08 9.19
N ARG A 229 4.23 2.72 9.67
CA ARG A 229 4.23 3.26 11.03
C ARG A 229 2.88 3.90 11.37
N TYR A 230 2.35 3.53 12.55
CA TYR A 230 1.05 4.04 13.03
C TYR A 230 0.41 3.04 13.99
N MET A 231 0.15 1.82 13.51
CA MET A 231 -0.44 0.77 14.34
C MET A 231 0.00 0.91 15.80
N ASN A 232 -0.90 0.60 16.73
CA ASN A 232 -0.61 0.69 18.16
C ASN A 232 -0.61 2.15 18.63
N SER A 233 -0.26 2.35 19.90
CA SER A 233 -0.21 3.70 20.48
C SER A 233 -1.36 4.56 19.97
N ALA A 234 -1.06 5.81 19.60
CA ALA A 234 -2.08 6.71 19.08
C ALA A 234 -3.10 7.07 20.16
N LEU A 235 -2.61 7.51 21.33
CA LEU A 235 -3.50 7.88 22.44
C LEU A 235 -3.16 9.26 22.98
N GLY A 236 -1.94 9.73 22.70
CA GLY A 236 -1.50 11.06 23.17
C GLY A 236 -1.84 12.16 22.17
N GLN A 237 -1.24 13.34 22.39
CA GLN A 237 -1.47 14.49 21.51
C GLN A 237 -1.36 14.07 20.04
N TYR A 238 -0.23 14.37 19.41
CA TYR A 238 0.00 14.01 18.01
C TYR A 238 -0.84 14.86 17.07
N HIS A 239 -0.63 16.17 17.11
CA HIS A 239 -1.44 17.04 16.26
C HIS A 239 -1.17 16.87 14.75
N SER A 240 0.11 16.93 14.32
CA SER A 240 0.49 16.82 12.90
C SER A 240 1.86 16.12 12.80
N ALA A 241 2.47 16.03 11.61
CA ALA A 241 3.77 15.36 11.49
C ALA A 241 4.80 16.10 12.37
N GLY A 242 4.83 17.41 12.33
CA GLY A 242 5.83 18.24 13.01
C GLY A 242 5.87 17.94 14.51
N HIS A 243 4.71 17.62 15.15
CA HIS A 243 4.80 17.34 16.57
C HIS A 243 5.80 16.23 16.84
N CYS A 244 5.88 15.26 15.92
CA CYS A 244 6.84 14.16 16.11
C CYS A 244 8.27 14.68 16.18
N ALA A 245 8.65 15.58 15.29
CA ALA A 245 10.01 16.10 15.31
C ALA A 245 10.30 16.78 16.65
N LEU A 246 9.39 17.62 17.11
CA LEU A 246 9.58 18.30 18.39
C LEU A 246 9.53 17.32 19.56
N THR A 247 8.56 16.41 19.51
CA THR A 247 8.36 15.42 20.58
C THR A 247 9.53 14.46 20.75
N MET A 248 10.04 13.91 19.66
CA MET A 248 11.12 12.93 19.75
C MET A 248 12.38 13.51 20.38
N LEU A 249 12.77 14.72 19.97
CA LEU A 249 13.96 15.35 20.52
C LEU A 249 13.80 15.61 22.01
N ARG A 250 12.66 16.19 22.39
CA ARG A 250 12.39 16.49 23.79
C ARG A 250 12.23 15.22 24.62
N LYS A 251 11.31 14.35 24.19
CA LYS A 251 11.06 13.11 24.92
C LYS A 251 12.25 12.15 24.85
N GLU A 252 11.96 10.85 24.87
CA GLU A 252 13.00 9.83 24.82
C GLU A 252 13.96 10.05 23.65
N GLY A 253 15.25 9.90 23.94
CA GLY A 253 16.29 10.10 22.93
C GLY A 253 15.90 9.50 21.59
N PRO A 254 16.62 9.85 20.56
CA PRO A 254 16.36 9.34 19.18
C PRO A 254 16.46 7.82 19.10
N ARG A 255 16.83 7.19 20.22
CA ARG A 255 16.95 5.75 20.31
C ARG A 255 15.59 5.05 20.26
N ALA A 256 14.55 5.74 20.66
CA ALA A 256 13.22 5.13 20.65
C ALA A 256 12.85 4.70 19.23
N PHE A 257 13.36 5.45 18.26
CA PHE A 257 13.13 5.13 16.85
C PHE A 257 13.75 3.78 16.49
N TYR A 258 14.94 3.55 17.03
CA TYR A 258 15.68 2.32 16.75
C TYR A 258 14.97 1.08 17.31
N LYS A 259 14.36 1.23 18.48
CA LYS A 259 13.64 0.12 19.10
C LYS A 259 12.42 -0.23 18.23
N GLY A 260 11.61 -1.18 18.68
CA GLY A 260 10.41 -1.58 17.93
C GLY A 260 10.75 -1.83 16.46
N PHE A 261 10.83 -3.10 16.07
CA PHE A 261 11.15 -3.42 14.68
C PHE A 261 10.85 -4.88 14.36
N MET A 262 10.27 -5.60 15.31
CA MET A 262 9.94 -7.01 15.08
C MET A 262 8.91 -7.11 13.96
N PRO A 263 7.89 -6.27 13.99
CA PRO A 263 6.82 -6.27 12.95
C PRO A 263 7.37 -5.89 11.58
N SER A 264 8.18 -4.83 11.56
CA SER A 264 8.76 -4.35 10.32
C SER A 264 9.63 -5.41 9.66
N PHE A 265 10.38 -6.16 10.45
CA PHE A 265 11.26 -7.18 9.91
C PHE A 265 10.48 -8.27 9.16
N LEU A 266 9.39 -8.60 9.83
CA LEU A 266 8.44 -9.56 9.27
C LEU A 266 7.84 -8.99 7.98
N ARG A 267 7.56 -7.68 7.97
CA ARG A 267 6.99 -6.99 6.80
C ARG A 267 7.89 -7.04 5.55
N LEU A 268 9.20 -6.83 5.75
CA LEU A 268 10.14 -6.80 4.62
C LEU A 268 10.23 -8.11 3.84
N GLY A 269 10.12 -9.25 4.52
CA GLY A 269 10.24 -10.53 3.81
C GLY A 269 9.06 -10.70 2.86
N SER A 270 7.86 -10.53 3.39
CA SER A 270 6.61 -10.66 2.63
C SER A 270 6.58 -9.60 1.53
N TRP A 271 6.95 -8.38 1.87
CA TRP A 271 6.96 -7.29 0.92
C TRP A 271 7.88 -7.64 -0.24
N ASN A 272 9.00 -8.27 0.06
CA ASN A 272 9.93 -8.66 -1.00
C ASN A 272 9.27 -9.65 -1.97
N VAL A 273 8.46 -10.58 -1.45
CA VAL A 273 7.83 -11.59 -2.31
C VAL A 273 6.93 -10.95 -3.40
N VAL A 274 6.16 -9.92 -3.07
CA VAL A 274 5.30 -9.29 -4.09
C VAL A 274 6.17 -8.69 -5.20
N MET A 275 7.28 -8.08 -4.82
CA MET A 275 8.20 -7.46 -5.78
C MET A 275 8.75 -8.51 -6.76
N PHE A 276 9.03 -9.70 -6.24
CA PHE A 276 9.58 -10.80 -7.03
C PHE A 276 8.69 -11.17 -8.21
N VAL A 277 7.39 -11.18 -7.99
CA VAL A 277 6.44 -11.56 -9.05
C VAL A 277 6.54 -10.64 -10.26
N THR A 278 6.75 -9.34 -10.07
CA THR A 278 6.90 -8.45 -11.22
C THR A 278 8.13 -8.87 -12.02
N TYR A 279 9.19 -9.22 -11.29
CA TYR A 279 10.42 -9.70 -11.91
C TYR A 279 10.06 -10.97 -12.67
N GLU A 280 9.18 -11.79 -12.11
CA GLU A 280 8.89 -13.05 -12.79
C GLU A 280 8.38 -12.75 -14.20
N GLN A 281 7.58 -11.71 -14.37
CA GLN A 281 7.09 -11.37 -15.69
C GLN A 281 8.26 -11.05 -16.63
N LEU A 282 9.19 -10.31 -16.05
CA LEU A 282 10.41 -9.91 -16.77
C LEU A 282 11.19 -11.16 -17.20
N LYS A 283 11.23 -12.16 -16.33
CA LYS A 283 11.94 -13.41 -16.61
C LYS A 283 11.32 -14.10 -17.81
N ARG A 284 10.00 -14.17 -17.85
CA ARG A 284 9.27 -14.81 -18.95
C ARG A 284 8.35 -13.77 -19.58
N ALA A 285 8.60 -13.44 -20.85
CA ALA A 285 7.81 -12.43 -21.57
C ALA A 285 6.97 -13.04 -22.69
N LEU A 286 6.52 -12.17 -23.58
CA LEU A 286 5.77 -12.64 -24.74
C LEU A 286 6.76 -13.26 -25.73
N MET A 287 6.70 -14.57 -25.89
CA MET A 287 7.64 -15.28 -26.78
C MET A 287 7.03 -15.49 -28.18
N ALA A 288 6.76 -14.39 -28.87
CA ALA A 288 6.17 -14.47 -30.20
C ALA A 288 6.07 -13.08 -30.83
N ALA A 289 7.04 -12.84 -31.72
CA ALA A 289 7.18 -11.55 -32.37
C ALA A 289 6.00 -11.20 -33.27
N TYR A 290 5.56 -12.14 -34.10
CA TYR A 290 4.46 -11.87 -35.02
C TYR A 290 3.23 -11.44 -34.24
N GLN A 291 2.97 -12.09 -33.11
CA GLN A 291 1.80 -11.78 -32.30
C GLN A 291 1.91 -10.36 -31.75
N SER A 292 3.07 -10.03 -31.20
CA SER A 292 3.27 -8.70 -30.65
C SER A 292 3.26 -7.64 -31.76
N ARG A 293 3.85 -7.99 -32.91
CA ARG A 293 3.94 -7.08 -34.05
C ARG A 293 2.57 -6.67 -34.62
N GLU A 294 1.67 -7.64 -34.77
CA GLU A 294 0.34 -7.37 -35.35
C GLU A 294 -0.55 -6.44 -34.53
N ALA A 295 -0.50 -6.53 -33.20
CA ALA A 295 -1.38 -5.72 -32.35
C ALA A 295 -1.18 -4.19 -32.55
N PRO A 296 0.03 -3.69 -32.44
CA PRO A 296 0.30 -2.23 -32.62
C PRO A 296 0.26 -1.78 -34.08
N PHE A 297 -0.02 -2.73 -34.99
CA PHE A 297 -0.09 -2.46 -36.44
C PHE A 297 -0.05 -0.97 -36.78
N MET A 1 -2.45 -10.69 -28.42
CA MET A 1 -2.72 -11.69 -27.34
C MET A 1 -2.25 -11.12 -26.01
N THR A 2 -0.93 -11.06 -25.82
CA THR A 2 -0.38 -10.53 -24.57
C THR A 2 -0.39 -9.01 -24.58
N VAL A 3 -1.53 -8.42 -24.23
CA VAL A 3 -1.67 -6.97 -24.20
C VAL A 3 -1.17 -6.41 -22.87
N LYS A 4 -0.78 -5.14 -22.90
CA LYS A 4 -0.27 -4.47 -21.70
C LYS A 4 -1.37 -4.38 -20.65
N PHE A 5 -2.58 -4.05 -21.10
CA PHE A 5 -3.71 -3.92 -20.20
C PHE A 5 -4.07 -5.25 -19.51
N LEU A 6 -4.04 -6.32 -20.30
CA LEU A 6 -4.37 -7.64 -19.79
C LEU A 6 -3.23 -8.28 -19.02
N GLY A 7 -2.01 -7.86 -19.35
CA GLY A 7 -0.83 -8.34 -18.65
C GLY A 7 -0.89 -7.81 -17.22
N ALA A 8 -1.31 -6.55 -17.15
CA ALA A 8 -1.54 -5.81 -15.92
C ALA A 8 -2.80 -6.39 -15.26
N GLY A 9 -3.61 -6.80 -16.22
CA GLY A 9 -4.91 -7.37 -15.85
C GLY A 9 -4.64 -8.66 -15.07
N THR A 10 -3.68 -9.45 -15.54
CA THR A 10 -3.31 -10.68 -14.85
C THR A 10 -2.60 -10.32 -13.53
N ALA A 11 -1.97 -9.16 -13.54
CA ALA A 11 -1.23 -8.67 -12.38
C ALA A 11 -2.15 -8.36 -11.20
N ALA A 12 -3.22 -7.61 -11.45
CA ALA A 12 -4.08 -7.25 -10.33
C ALA A 12 -4.70 -8.50 -9.71
N CYS A 13 -5.03 -9.50 -10.52
CA CYS A 13 -5.65 -10.72 -10.02
C CYS A 13 -4.70 -11.46 -9.07
N ILE A 14 -3.49 -11.76 -9.54
CA ILE A 14 -2.55 -12.52 -8.72
C ILE A 14 -2.08 -11.80 -7.45
N ALA A 15 -1.83 -10.51 -7.53
CA ALA A 15 -1.24 -9.80 -6.39
C ALA A 15 -2.13 -9.80 -5.15
N ASP A 16 -3.44 -9.59 -5.27
CA ASP A 16 -4.24 -9.51 -4.05
C ASP A 16 -4.49 -10.91 -3.50
N LEU A 17 -4.51 -11.95 -4.33
CA LEU A 17 -4.77 -13.27 -3.79
C LEU A 17 -3.72 -13.69 -2.74
N ILE A 18 -2.44 -13.66 -3.10
CA ILE A 18 -1.39 -14.04 -2.14
C ILE A 18 -1.12 -12.93 -1.10
N THR A 19 -1.80 -11.80 -1.31
CA THR A 19 -1.61 -10.66 -0.39
C THR A 19 -2.86 -10.47 0.44
N PHE A 20 -4.04 -10.99 0.12
CA PHE A 20 -5.16 -10.65 0.98
C PHE A 20 -5.01 -11.32 2.36
N PRO A 21 -4.63 -12.58 2.48
CA PRO A 21 -4.43 -13.20 3.82
C PRO A 21 -3.34 -12.48 4.66
N LEU A 22 -2.52 -11.68 3.97
CA LEU A 22 -1.42 -10.99 4.65
C LEU A 22 -1.87 -9.91 5.63
N ASP A 23 -2.96 -9.24 5.29
CA ASP A 23 -3.48 -8.17 6.13
C ASP A 23 -3.95 -8.70 7.47
N THR A 24 -4.56 -9.86 7.47
CA THR A 24 -5.04 -10.46 8.70
C THR A 24 -3.92 -10.68 9.72
N ALA A 25 -2.72 -10.99 9.25
CA ALA A 25 -1.61 -11.21 10.18
C ALA A 25 -1.19 -9.94 10.95
N LYS A 26 -1.17 -8.78 10.28
CA LYS A 26 -0.71 -7.57 10.98
C LYS A 26 -1.58 -7.22 12.18
N VAL A 27 -2.89 -7.22 12.02
CA VAL A 27 -3.78 -6.83 13.10
C VAL A 27 -3.68 -7.75 14.32
N ARG A 28 -3.53 -9.05 14.11
CA ARG A 28 -3.43 -9.94 15.25
C ARG A 28 -2.21 -9.57 16.09
N LEU A 29 -1.10 -9.26 15.42
CA LEU A 29 0.12 -8.83 16.11
C LEU A 29 -0.10 -7.54 16.91
N GLN A 30 -1.25 -7.40 17.54
CA GLN A 30 -1.55 -6.19 18.30
C GLN A 30 -0.46 -5.88 19.32
N ILE A 31 -0.61 -4.75 19.99
CA ILE A 31 0.35 -4.33 21.00
C ILE A 31 0.75 -5.50 21.90
N GLN A 32 -0.07 -5.74 22.93
CA GLN A 32 0.20 -6.82 23.86
C GLN A 32 -1.11 -7.36 24.45
N GLY A 33 -2.09 -6.47 24.63
CA GLY A 33 -3.38 -6.87 25.17
C GLY A 33 -4.44 -5.81 24.92
N GLU A 34 -5.70 -6.24 24.90
CA GLU A 34 -6.81 -5.31 24.67
C GLU A 34 -7.28 -4.69 25.99
N SER A 35 -8.13 -3.67 25.89
CA SER A 35 -8.65 -2.99 27.07
C SER A 35 -9.96 -3.62 27.54
N GLN A 36 -10.38 -4.66 26.84
CA GLN A 36 -11.63 -5.35 27.19
C GLN A 36 -11.51 -5.98 28.58
N GLY A 37 -10.29 -6.29 28.99
CA GLY A 37 -10.07 -6.93 30.28
C GLY A 37 -10.17 -8.44 30.10
N LEU A 38 -10.55 -8.83 28.88
CA LEU A 38 -10.71 -10.24 28.52
C LEU A 38 -9.35 -10.93 28.56
N VAL A 39 -8.32 -10.21 28.13
CA VAL A 39 -6.97 -10.75 28.10
C VAL A 39 -6.53 -11.15 29.50
N ARG A 40 -6.79 -10.30 30.49
CA ARG A 40 -6.40 -10.62 31.86
C ARG A 40 -7.17 -11.86 32.32
N THR A 41 -8.42 -11.99 31.85
CA THR A 41 -9.22 -13.14 32.19
C THR A 41 -8.62 -14.40 31.54
N ALA A 42 -8.13 -14.20 30.31
CA ALA A 42 -7.52 -15.29 29.54
C ALA A 42 -6.18 -14.80 28.98
N ALA A 43 -5.17 -14.79 29.83
CA ALA A 43 -3.84 -14.32 29.45
C ALA A 43 -3.37 -14.94 28.13
N SER A 44 -4.03 -16.01 27.67
CA SER A 44 -3.66 -16.66 26.41
C SER A 44 -4.89 -16.74 25.52
N ALA A 45 -5.02 -17.89 24.81
CA ALA A 45 -6.16 -18.13 23.92
C ALA A 45 -5.84 -17.81 22.47
N GLN A 46 -4.57 -17.63 22.15
CA GLN A 46 -4.18 -17.30 20.79
C GLN A 46 -2.66 -17.26 20.65
N TYR A 47 -2.03 -18.42 20.74
CA TYR A 47 -0.58 -18.49 20.62
C TYR A 47 -0.13 -17.78 19.34
N ARG A 48 1.10 -17.30 19.32
CA ARG A 48 1.61 -16.62 18.13
C ARG A 48 1.24 -17.40 16.88
N GLY A 49 1.28 -18.73 17.02
CA GLY A 49 0.95 -19.65 15.91
C GLY A 49 -0.07 -19.05 14.95
N VAL A 50 0.42 -18.60 13.80
CA VAL A 50 -0.43 -18.08 12.74
C VAL A 50 -1.27 -19.20 12.15
N LEU A 51 -0.81 -20.44 12.06
CA LEU A 51 -1.69 -21.46 11.49
C LEU A 51 -2.96 -21.58 12.32
N GLY A 52 -2.80 -21.35 13.63
CA GLY A 52 -3.88 -21.49 14.58
C GLY A 52 -5.04 -20.51 14.37
N THR A 53 -4.69 -19.24 14.23
CA THR A 53 -5.70 -18.18 14.05
C THR A 53 -6.52 -18.36 12.78
N ILE A 54 -5.85 -18.64 11.67
CA ILE A 54 -6.57 -18.80 10.41
C ILE A 54 -7.56 -19.95 10.56
N LEU A 55 -7.25 -21.02 11.29
CA LEU A 55 -8.22 -22.11 11.43
C LEU A 55 -9.50 -21.64 12.16
N THR A 56 -9.27 -20.76 13.12
CA THR A 56 -10.29 -20.25 14.01
C THR A 56 -11.35 -19.48 13.24
N MET A 57 -10.98 -18.70 12.24
CA MET A 57 -11.96 -17.90 11.51
C MET A 57 -13.05 -18.73 10.82
N VAL A 58 -12.70 -19.87 10.24
CA VAL A 58 -13.73 -20.66 9.55
C VAL A 58 -14.75 -21.28 10.51
N ARG A 59 -14.28 -21.80 11.64
CA ARG A 59 -15.19 -22.44 12.59
C ARG A 59 -15.97 -21.43 13.41
N THR A 60 -15.50 -20.19 13.34
CA THR A 60 -16.13 -19.08 14.04
C THR A 60 -17.56 -18.85 13.53
N GLU A 61 -17.69 -18.66 12.21
CA GLU A 61 -18.99 -18.47 11.59
C GLU A 61 -19.38 -19.73 10.82
N GLY A 62 -18.57 -20.13 9.85
CA GLY A 62 -18.82 -21.33 9.05
C GLY A 62 -18.03 -21.29 7.74
N PRO A 63 -17.91 -22.39 7.01
CA PRO A 63 -17.13 -22.41 5.73
C PRO A 63 -17.66 -21.35 4.74
N ARG A 64 -18.96 -21.14 4.76
CA ARG A 64 -19.61 -20.12 3.95
C ARG A 64 -19.10 -18.73 4.31
N SER A 65 -18.37 -18.69 5.42
CA SER A 65 -17.85 -17.40 5.89
C SER A 65 -16.63 -16.98 5.07
N LEU A 66 -15.83 -17.92 4.60
CA LEU A 66 -14.66 -17.58 3.80
C LEU A 66 -15.06 -17.19 2.38
N TYR A 67 -16.11 -17.83 1.87
CA TYR A 67 -16.58 -17.58 0.51
C TYR A 67 -17.67 -16.51 0.46
N ASN A 68 -18.04 -16.09 1.67
CA ASN A 68 -19.00 -14.99 1.81
C ASN A 68 -18.19 -13.69 1.88
N GLY A 69 -18.41 -12.80 0.91
CA GLY A 69 -17.67 -11.54 0.85
C GLY A 69 -16.55 -11.66 -0.19
N LEU A 70 -16.40 -12.88 -0.68
CA LEU A 70 -15.36 -13.14 -1.68
C LEU A 70 -15.57 -12.27 -2.91
N VAL A 71 -16.83 -12.04 -3.23
CA VAL A 71 -17.19 -11.21 -4.36
C VAL A 71 -16.84 -9.75 -4.05
N ALA A 72 -16.84 -9.41 -2.75
CA ALA A 72 -16.52 -8.05 -2.35
C ALA A 72 -15.02 -7.75 -2.46
N GLY A 73 -14.16 -8.75 -2.26
CA GLY A 73 -12.72 -8.47 -2.32
C GLY A 73 -12.28 -8.12 -3.74
N LEU A 74 -12.84 -8.83 -4.70
CA LEU A 74 -12.46 -8.63 -6.10
C LEU A 74 -12.78 -7.21 -6.58
N GLN A 75 -13.94 -6.76 -6.12
CA GLN A 75 -14.39 -5.42 -6.48
C GLN A 75 -13.37 -4.40 -5.98
N ARG A 76 -12.67 -4.80 -4.92
CA ARG A 76 -11.55 -3.99 -4.40
C ARG A 76 -10.57 -3.85 -5.57
N GLN A 77 -10.22 -5.02 -6.12
CA GLN A 77 -9.27 -5.06 -7.23
C GLN A 77 -9.84 -4.45 -8.50
N MET A 78 -11.15 -4.54 -8.64
CA MET A 78 -11.81 -4.01 -9.82
C MET A 78 -11.60 -2.51 -9.96
N SER A 79 -11.69 -1.74 -8.87
CA SER A 79 -11.55 -0.30 -8.99
C SER A 79 -10.09 0.12 -9.22
N PHE A 80 -9.07 -0.55 -8.65
CA PHE A 80 -7.69 -0.11 -8.79
C PHE A 80 -7.23 -0.05 -10.25
N ALA A 81 -7.59 -1.06 -11.03
CA ALA A 81 -7.16 -1.08 -12.42
C ALA A 81 -7.92 -0.07 -13.26
N SER A 82 -9.17 0.16 -12.88
CA SER A 82 -10.02 1.12 -13.57
C SER A 82 -9.54 2.57 -13.50
N VAL A 83 -9.06 2.97 -12.32
CA VAL A 83 -8.52 4.32 -12.13
C VAL A 83 -7.22 4.51 -12.94
N ARG A 84 -6.46 3.43 -13.18
CA ARG A 84 -5.18 3.56 -13.88
C ARG A 84 -5.46 3.70 -15.37
N ILE A 85 -6.73 3.91 -15.70
CA ILE A 85 -7.13 4.12 -17.08
C ILE A 85 -6.99 5.62 -17.36
N GLY A 86 -6.88 6.39 -16.27
CA GLY A 86 -6.78 7.85 -16.34
C GLY A 86 -5.79 8.47 -15.35
N LEU A 87 -5.83 8.09 -14.08
CA LEU A 87 -4.94 8.70 -13.08
C LEU A 87 -3.48 8.27 -13.26
N TYR A 88 -3.29 7.25 -14.07
CA TYR A 88 -1.93 6.76 -14.36
C TYR A 88 -1.25 7.60 -15.43
N ASP A 89 -1.98 7.75 -16.51
CA ASP A 89 -1.48 8.51 -17.66
C ASP A 89 -1.38 10.01 -17.34
N SER A 90 -2.31 10.38 -16.49
CA SER A 90 -2.40 11.77 -16.04
C SER A 90 -1.23 12.27 -15.16
N VAL A 91 -0.85 11.63 -14.05
CA VAL A 91 0.31 12.14 -13.27
C VAL A 91 1.65 11.84 -13.99
N LYS A 92 1.57 10.78 -14.77
CA LYS A 92 2.75 10.32 -15.53
C LYS A 92 3.15 11.29 -16.65
N GLN A 93 2.14 11.81 -17.35
CA GLN A 93 2.36 12.76 -18.44
C GLN A 93 2.66 14.14 -17.90
N PHE A 94 2.33 14.30 -16.63
CA PHE A 94 2.56 15.57 -15.93
C PHE A 94 4.03 15.75 -15.49
N TYR A 95 4.81 14.67 -15.33
CA TYR A 95 6.20 14.79 -14.81
C TYR A 95 7.27 14.48 -15.88
N THR A 96 6.95 13.61 -16.83
CA THR A 96 8.00 13.29 -17.84
C THR A 96 7.84 14.09 -19.13
N LYS A 97 6.96 15.08 -19.15
CA LYS A 97 6.78 15.91 -20.34
C LYS A 97 8.12 16.46 -20.84
N GLY A 98 8.53 16.22 -22.11
CA GLY A 98 9.83 16.75 -22.62
C GLY A 98 10.34 17.93 -21.79
N SER A 99 9.84 19.13 -22.10
CA SER A 99 10.17 20.37 -21.35
C SER A 99 11.12 21.35 -22.07
N GLU A 100 11.72 22.27 -21.30
CA GLU A 100 12.59 23.30 -21.89
C GLU A 100 14.09 23.11 -21.60
N HIS A 101 14.42 22.82 -20.35
CA HIS A 101 15.82 22.62 -19.91
C HIS A 101 15.96 23.04 -18.46
N ALA A 102 15.08 22.52 -17.62
CA ALA A 102 15.07 22.80 -16.19
C ALA A 102 13.67 22.47 -15.67
N GLY A 103 13.34 23.01 -14.50
CA GLY A 103 12.02 22.81 -13.93
C GLY A 103 12.00 21.77 -12.84
N ILE A 104 13.16 21.41 -12.32
CA ILE A 104 13.17 20.42 -11.27
C ILE A 104 12.37 20.95 -10.10
N GLY A 105 12.54 22.25 -9.82
CA GLY A 105 11.76 22.94 -8.81
C GLY A 105 10.28 23.02 -9.19
N SER A 106 10.06 23.26 -10.48
CA SER A 106 8.71 23.30 -11.04
C SER A 106 8.07 21.95 -10.78
N ARG A 107 8.79 20.85 -10.97
CA ARG A 107 8.20 19.54 -10.77
C ARG A 107 7.80 19.37 -9.31
N LEU A 108 8.60 19.89 -8.38
CA LEU A 108 8.28 19.79 -6.96
C LEU A 108 6.99 20.56 -6.68
N LEU A 109 6.94 21.77 -7.24
CA LEU A 109 5.73 22.59 -7.06
C LEU A 109 4.55 21.95 -7.79
N ALA A 110 4.72 21.48 -9.01
CA ALA A 110 3.62 20.82 -9.73
C ALA A 110 3.23 19.55 -8.99
N GLY A 111 4.23 18.78 -8.58
CA GLY A 111 3.94 17.53 -7.88
C GLY A 111 3.30 17.80 -6.53
N SER A 112 3.84 18.76 -5.80
CA SER A 112 3.29 19.11 -4.51
C SER A 112 1.88 19.64 -4.65
N THR A 113 1.68 20.53 -5.63
CA THR A 113 0.34 21.05 -5.86
C THR A 113 -0.61 19.99 -6.42
N THR A 114 -0.23 19.23 -7.44
CA THR A 114 -1.14 18.28 -8.07
C THR A 114 -1.58 17.11 -7.18
N GLY A 115 -0.61 16.58 -6.46
CA GLY A 115 -0.81 15.42 -5.58
C GLY A 115 -1.75 15.72 -4.42
N ALA A 116 -1.48 16.89 -3.86
CA ALA A 116 -2.29 17.38 -2.76
C ALA A 116 -3.72 17.51 -3.30
N LEU A 117 -3.82 18.00 -4.53
CA LEU A 117 -5.12 18.16 -5.18
C LEU A 117 -5.78 16.78 -5.40
N ALA A 118 -5.00 15.78 -5.84
CA ALA A 118 -5.53 14.45 -6.15
C ALA A 118 -6.13 13.74 -4.92
N VAL A 119 -5.48 13.86 -3.76
CA VAL A 119 -5.99 13.25 -2.53
C VAL A 119 -7.36 13.81 -2.20
N ALA A 120 -7.57 15.02 -2.72
CA ALA A 120 -8.82 15.74 -2.48
C ALA A 120 -10.04 14.92 -2.94
N VAL A 121 -9.95 14.32 -4.13
CA VAL A 121 -11.08 13.53 -4.63
C VAL A 121 -11.12 12.15 -3.97
N ALA A 122 -9.97 11.48 -3.94
CA ALA A 122 -9.89 10.14 -3.34
C ALA A 122 -9.61 10.26 -1.85
N GLN A 123 -10.45 9.61 -1.04
CA GLN A 123 -10.30 9.64 0.41
C GLN A 123 -11.25 8.66 1.10
N PRO A 124 -12.56 8.70 0.84
CA PRO A 124 -13.52 7.75 1.50
C PRO A 124 -13.07 6.30 1.33
N THR A 125 -12.43 5.99 0.22
CA THR A 125 -12.02 4.61 0.04
C THR A 125 -10.93 4.25 1.06
N ASP A 126 -9.98 5.15 1.27
CA ASP A 126 -8.90 4.84 2.21
C ASP A 126 -9.36 4.72 3.67
N VAL A 127 -10.21 5.65 4.12
CA VAL A 127 -10.68 5.63 5.50
C VAL A 127 -11.51 4.40 5.87
N VAL A 128 -12.43 4.02 4.99
CA VAL A 128 -13.31 2.88 5.27
C VAL A 128 -12.59 1.55 5.37
N LYS A 129 -11.60 1.31 4.52
CA LYS A 129 -10.91 0.01 4.55
C LYS A 129 -10.22 -0.23 5.89
N VAL A 130 -9.56 0.78 6.44
CA VAL A 130 -8.88 0.60 7.71
C VAL A 130 -9.91 0.47 8.84
N ARG A 131 -10.90 1.36 8.79
CA ARG A 131 -11.97 1.36 9.79
C ARG A 131 -12.81 0.09 9.71
N PHE A 132 -13.02 -0.41 8.50
CA PHE A 132 -13.87 -1.58 8.32
C PHE A 132 -13.26 -2.85 8.92
N GLN A 133 -11.96 -3.06 8.74
CA GLN A 133 -11.35 -4.26 9.32
C GLN A 133 -11.41 -4.20 10.85
N ALA A 134 -11.17 -3.02 11.40
CA ALA A 134 -11.15 -2.85 12.85
C ALA A 134 -12.51 -3.07 13.53
N GLN A 135 -13.59 -2.67 12.85
CA GLN A 135 -14.92 -2.90 13.41
C GLN A 135 -15.06 -4.41 13.62
N ALA A 136 -15.09 -4.83 14.89
CA ALA A 136 -15.13 -6.25 15.22
C ALA A 136 -16.53 -6.76 15.55
N ARG A 137 -17.25 -6.28 16.57
CA ARG A 137 -18.59 -6.82 16.83
C ARG A 137 -19.63 -6.02 16.06
N ALA A 138 -20.51 -6.73 15.35
CA ALA A 138 -21.55 -6.06 14.58
C ALA A 138 -22.54 -5.35 15.51
N GLY A 139 -22.46 -5.68 16.80
CA GLY A 139 -23.34 -5.07 17.78
C GLY A 139 -24.76 -5.60 17.63
N GLY A 140 -24.88 -6.79 17.06
CA GLY A 140 -26.20 -7.40 16.86
C GLY A 140 -26.88 -6.82 15.62
N GLY A 141 -27.86 -5.95 15.85
CA GLY A 141 -28.57 -5.35 14.74
C GLY A 141 -29.53 -6.34 14.08
N ARG A 142 -29.13 -7.61 14.06
CA ARG A 142 -29.94 -8.67 13.47
C ARG A 142 -30.07 -8.49 11.96
N ARG A 143 -29.99 -7.26 11.49
CA ARG A 143 -30.10 -6.98 10.05
C ARG A 143 -28.72 -6.92 9.41
N TYR A 144 -27.70 -7.30 10.17
CA TYR A 144 -26.33 -7.31 9.67
C TYR A 144 -25.91 -5.89 9.25
N GLN A 145 -24.67 -5.54 9.57
CA GLN A 145 -24.15 -4.21 9.23
C GLN A 145 -23.61 -4.19 7.79
N SER A 146 -23.26 -2.99 7.33
CA SER A 146 -22.74 -2.84 5.97
C SER A 146 -21.90 -1.57 5.84
N THR A 147 -21.40 -1.31 4.64
CA THR A 147 -20.55 -0.14 4.43
C THR A 147 -21.31 1.17 4.64
N VAL A 148 -22.51 1.29 4.07
CA VAL A 148 -23.25 2.55 4.22
C VAL A 148 -23.63 2.79 5.68
N GLU A 149 -24.14 1.77 6.36
CA GLU A 149 -24.51 1.94 7.76
C GLU A 149 -23.28 2.16 8.65
N ALA A 150 -22.20 1.45 8.33
CA ALA A 150 -20.98 1.54 9.12
C ALA A 150 -20.38 2.96 9.12
N TYR A 151 -20.31 3.58 7.95
CA TYR A 151 -19.75 4.93 7.87
C TYR A 151 -20.58 5.91 8.68
N LYS A 152 -21.88 5.90 8.45
CA LYS A 152 -22.78 6.83 9.12
C LYS A 152 -22.95 6.62 10.62
N THR A 153 -23.15 5.39 11.08
CA THR A 153 -23.38 5.13 12.50
C THR A 153 -22.20 5.50 13.41
N ILE A 154 -20.99 5.14 12.98
CA ILE A 154 -19.77 5.49 13.71
C ILE A 154 -19.58 7.00 13.72
N ALA A 155 -19.93 7.59 12.56
CA ALA A 155 -19.90 9.04 12.38
C ALA A 155 -20.86 9.65 13.40
N ARG A 156 -21.99 9.08 13.76
CA ARG A 156 -22.91 9.77 14.68
C ARG A 156 -22.27 10.01 16.04
N GLU A 157 -21.70 8.97 16.64
CA GLU A 157 -21.01 9.05 17.92
C GLU A 157 -19.65 9.73 17.73
N GLU A 158 -18.86 9.26 16.78
CA GLU A 158 -17.50 9.77 16.62
C GLU A 158 -17.35 11.13 15.94
N GLY A 159 -18.18 11.43 14.94
CA GLY A 159 -18.14 12.73 14.25
C GLY A 159 -17.21 12.72 13.04
N ILE A 160 -16.91 13.91 12.55
CA ILE A 160 -16.04 14.07 11.39
C ILE A 160 -14.59 13.78 11.76
N ARG A 161 -14.22 14.33 12.92
CA ARG A 161 -12.85 14.19 13.39
C ARG A 161 -12.47 12.72 13.54
N GLY A 162 -13.41 11.88 13.92
CA GLY A 162 -13.08 10.48 14.07
C GLY A 162 -12.61 9.92 12.73
N LEU A 163 -13.36 10.38 11.73
CA LEU A 163 -13.20 10.00 10.33
C LEU A 163 -11.95 10.50 9.61
N TRP A 164 -11.58 11.70 10.05
CA TRP A 164 -10.43 12.41 9.47
C TRP A 164 -9.13 11.84 10.02
N LYS A 165 -9.27 10.95 10.99
CA LYS A 165 -8.13 10.37 11.66
C LYS A 165 -7.01 9.97 10.70
N GLY A 166 -7.35 9.26 9.62
CA GLY A 166 -6.39 8.81 8.60
C GLY A 166 -6.25 9.84 7.47
N THR A 167 -7.34 10.51 7.13
CA THR A 167 -7.33 11.50 6.05
C THR A 167 -6.13 12.46 6.10
N SER A 168 -5.86 13.08 7.27
CA SER A 168 -4.78 14.07 7.35
C SER A 168 -3.39 13.47 7.08
N PRO A 169 -3.01 12.39 7.71
CA PRO A 169 -1.70 11.73 7.41
C PRO A 169 -1.67 11.18 5.98
N ASN A 170 -2.83 10.82 5.45
CA ASN A 170 -2.89 10.29 4.09
C ASN A 170 -2.46 11.36 3.10
N VAL A 171 -2.87 12.60 3.36
CA VAL A 171 -2.50 13.70 2.47
C VAL A 171 -0.99 13.89 2.46
N ALA A 172 -0.37 13.81 3.65
CA ALA A 172 1.06 13.97 3.74
C ALA A 172 1.78 12.86 2.98
N ARG A 173 1.26 11.64 3.08
CA ARG A 173 1.87 10.51 2.42
C ARG A 173 1.89 10.70 0.90
N ASN A 174 0.80 11.19 0.34
CA ASN A 174 0.73 11.41 -1.10
C ASN A 174 1.78 12.43 -1.54
N ALA A 175 1.91 13.50 -0.76
CA ALA A 175 2.89 14.53 -1.05
C ALA A 175 4.31 14.00 -0.95
N ILE A 176 4.56 13.23 0.10
CA ILE A 176 5.89 12.68 0.33
C ILE A 176 6.31 11.73 -0.78
N VAL A 177 5.43 10.83 -1.20
CA VAL A 177 5.80 9.88 -2.24
C VAL A 177 6.18 10.62 -3.53
N ASN A 178 5.36 11.58 -3.95
CA ASN A 178 5.64 12.37 -5.16
C ASN A 178 6.93 13.17 -4.98
N CYS A 179 7.04 13.73 -3.79
CA CYS A 179 8.20 14.51 -3.41
C CYS A 179 9.45 13.63 -3.44
N ALA A 180 9.27 12.45 -2.85
CA ALA A 180 10.25 11.38 -2.80
C ALA A 180 10.56 10.88 -4.21
N GLU A 181 9.52 10.78 -5.04
CA GLU A 181 9.60 10.26 -6.41
C GLU A 181 10.56 11.08 -7.27
N LEU A 182 10.50 12.40 -7.20
CA LEU A 182 11.36 13.20 -8.08
C LEU A 182 12.85 13.00 -7.73
N VAL A 183 13.17 12.88 -6.45
CA VAL A 183 14.58 12.67 -6.11
C VAL A 183 15.08 11.33 -6.67
N THR A 184 14.33 10.25 -6.47
CA THR A 184 14.70 8.90 -6.91
C THR A 184 14.78 8.76 -8.43
N TYR A 185 13.78 9.32 -9.12
CA TYR A 185 13.64 9.23 -10.58
C TYR A 185 14.91 9.73 -11.29
N ASP A 186 15.54 10.76 -10.78
CA ASP A 186 16.75 11.29 -11.39
C ASP A 186 17.82 10.18 -11.50
N LEU A 187 17.98 9.41 -10.42
CA LEU A 187 19.01 8.35 -10.36
C LEU A 187 18.81 7.25 -11.43
N ILE A 188 17.57 6.85 -11.66
CA ILE A 188 17.28 5.81 -12.68
C ILE A 188 17.67 6.32 -14.08
N LYS A 189 17.38 7.58 -14.40
CA LYS A 189 17.62 8.23 -15.70
C LYS A 189 19.10 8.21 -16.13
N ASP A 190 20.03 8.38 -15.22
CA ASP A 190 21.43 8.42 -15.65
C ASP A 190 21.85 7.09 -16.21
N THR A 191 21.42 5.96 -15.62
CA THR A 191 21.84 4.64 -16.12
C THR A 191 20.76 3.95 -16.95
N LEU A 192 21.20 3.51 -18.11
CA LEU A 192 20.40 2.79 -19.09
C LEU A 192 19.29 3.65 -19.68
N LEU A 193 19.21 4.94 -19.32
CA LEU A 193 18.17 5.83 -19.86
C LEU A 193 18.84 6.96 -20.64
N LYS A 194 20.04 6.72 -21.11
CA LYS A 194 20.75 7.72 -21.90
C LYS A 194 20.54 7.40 -23.37
N ALA A 195 21.03 8.33 -24.20
CA ALA A 195 20.88 8.18 -25.66
C ALA A 195 19.41 7.85 -26.03
N ASN A 196 19.05 6.64 -25.60
CA ASN A 196 17.74 5.99 -25.78
C ASN A 196 17.94 4.50 -25.46
N LEU A 197 17.33 4.22 -24.30
CA LEU A 197 17.29 2.87 -23.66
C LEU A 197 16.86 1.76 -24.65
N MET A 198 16.94 2.04 -25.93
CA MET A 198 16.59 1.06 -26.97
C MET A 198 17.79 0.78 -27.87
N THR A 199 18.04 -0.51 -28.13
CA THR A 199 19.17 -0.91 -28.97
C THR A 199 18.90 -2.27 -29.63
N ASP A 200 19.84 -3.20 -29.48
CA ASP A 200 19.72 -4.54 -30.06
C ASP A 200 20.05 -5.60 -29.02
N ASP A 201 21.02 -5.30 -28.15
CA ASP A 201 21.42 -6.25 -27.12
C ASP A 201 20.43 -6.22 -25.96
N LEU A 202 19.21 -6.69 -26.21
CA LEU A 202 18.18 -6.69 -25.19
C LEU A 202 18.54 -7.54 -23.96
N PRO A 203 19.07 -8.74 -24.10
CA PRO A 203 19.40 -9.56 -22.89
C PRO A 203 20.44 -8.85 -22.01
N CYS A 204 21.32 -8.14 -22.71
CA CYS A 204 22.39 -7.42 -22.03
C CYS A 204 21.86 -6.32 -21.12
N HIS A 205 20.88 -5.58 -21.60
CA HIS A 205 20.33 -4.47 -20.82
C HIS A 205 19.61 -4.94 -19.56
N PHE A 206 18.90 -6.06 -19.68
CA PHE A 206 18.12 -6.64 -18.60
C PHE A 206 19.02 -7.05 -17.43
N THR A 207 20.12 -7.76 -17.68
CA THR A 207 21.01 -8.19 -16.62
C THR A 207 21.57 -6.99 -15.85
N SER A 208 21.87 -5.91 -16.57
CA SER A 208 22.38 -4.72 -15.92
C SER A 208 21.34 -4.24 -14.90
N ALA A 209 20.07 -4.29 -15.29
CA ALA A 209 19.01 -3.82 -14.42
C ALA A 209 18.88 -4.63 -13.14
N PHE A 210 19.00 -5.95 -13.21
CA PHE A 210 18.81 -6.77 -12.01
C PHE A 210 19.83 -6.44 -10.91
N GLY A 211 21.08 -6.36 -11.34
CA GLY A 211 22.16 -6.00 -10.42
C GLY A 211 21.83 -4.62 -9.87
N ALA A 212 21.37 -3.77 -10.77
CA ALA A 212 20.92 -2.42 -10.44
C ALA A 212 19.73 -2.53 -9.50
N GLY A 213 18.90 -3.53 -9.78
CA GLY A 213 17.68 -3.79 -9.03
C GLY A 213 18.00 -4.11 -7.57
N PHE A 214 19.02 -4.90 -7.32
CA PHE A 214 19.37 -5.22 -5.94
C PHE A 214 19.86 -3.94 -5.26
N CYS A 215 20.60 -3.13 -6.00
CA CYS A 215 21.06 -1.84 -5.48
C CYS A 215 19.85 -0.95 -5.18
N THR A 216 18.87 -1.01 -6.08
CA THR A 216 17.65 -0.23 -5.97
C THR A 216 16.85 -0.59 -4.71
N THR A 217 16.80 -1.86 -4.37
CA THR A 217 16.02 -2.28 -3.22
C THR A 217 16.50 -1.61 -1.93
N VAL A 218 17.81 -1.45 -1.74
CA VAL A 218 18.29 -0.85 -0.50
C VAL A 218 17.75 0.58 -0.32
N ILE A 219 17.75 1.40 -1.37
CA ILE A 219 17.19 2.75 -1.26
C ILE A 219 15.70 2.63 -0.92
N ALA A 220 15.05 1.67 -1.57
CA ALA A 220 13.62 1.40 -1.38
C ALA A 220 13.23 0.98 0.05
N SER A 221 14.05 0.16 0.69
CA SER A 221 13.71 -0.37 2.02
C SER A 221 13.45 0.67 3.12
N PRO A 222 14.21 1.73 3.25
CA PRO A 222 13.96 2.75 4.32
C PRO A 222 12.58 3.42 4.22
N VAL A 223 12.11 3.76 3.02
CA VAL A 223 10.78 4.38 2.92
C VAL A 223 9.69 3.41 3.36
N ASP A 224 9.88 2.13 3.03
CA ASP A 224 8.89 1.10 3.35
C ASP A 224 8.70 0.86 4.86
N VAL A 225 9.78 0.86 5.61
CA VAL A 225 9.71 0.60 7.06
C VAL A 225 8.94 1.68 7.82
N VAL A 226 9.23 2.95 7.54
CA VAL A 226 8.59 4.03 8.29
C VAL A 226 7.07 4.07 8.09
N LYS A 227 6.61 3.79 6.88
CA LYS A 227 5.16 3.81 6.63
C LYS A 227 4.44 2.77 7.51
N THR A 228 5.03 1.58 7.60
CA THR A 228 4.41 0.50 8.38
C THR A 228 4.25 0.87 9.85
N ARG A 229 5.27 1.52 10.43
CA ARG A 229 5.19 1.91 11.84
C ARG A 229 3.85 2.56 12.12
N TYR A 230 3.24 2.22 13.27
CA TYR A 230 1.94 2.81 13.63
C TYR A 230 1.31 2.09 14.84
N MET A 231 2.05 1.20 15.49
CA MET A 231 1.55 0.50 16.68
C MET A 231 1.96 1.27 17.93
N ASN A 232 3.04 2.05 17.81
CA ASN A 232 3.55 2.83 18.93
C ASN A 232 2.45 3.20 19.90
N SER A 233 2.71 3.02 21.19
CA SER A 233 1.73 3.35 22.22
C SER A 233 1.94 4.77 22.72
N ALA A 234 1.65 5.02 24.00
CA ALA A 234 1.63 6.39 24.49
C ALA A 234 0.64 7.19 23.64
N LEU A 235 -0.32 7.85 24.27
CA LEU A 235 -1.39 8.49 23.53
C LEU A 235 -0.99 8.76 22.07
N GLY A 236 -0.08 9.71 21.85
CA GLY A 236 0.47 10.50 22.94
C GLY A 236 0.57 11.96 22.55
N GLN A 237 -0.48 12.48 21.92
CA GLN A 237 -0.50 13.87 21.48
C GLN A 237 -0.25 13.94 19.96
N TYR A 238 -1.24 14.45 19.23
CA TYR A 238 -1.12 14.54 17.78
C TYR A 238 -1.91 15.72 17.22
N HIS A 239 -1.28 16.44 16.29
CA HIS A 239 -1.93 17.56 15.61
C HIS A 239 -1.62 17.48 14.13
N SER A 240 -0.52 16.80 13.80
CA SER A 240 -0.10 16.58 12.41
C SER A 240 1.22 15.78 12.42
N ALA A 241 1.86 15.60 11.26
CA ALA A 241 3.13 14.85 11.20
C ALA A 241 4.13 15.60 12.08
N GLY A 242 4.18 16.92 12.01
CA GLY A 242 5.18 17.77 12.67
C GLY A 242 5.20 17.52 14.17
N HIS A 243 4.02 17.22 14.81
CA HIS A 243 4.14 16.96 16.24
C HIS A 243 5.12 15.86 16.52
N CYS A 244 5.23 14.89 15.60
CA CYS A 244 6.20 13.81 15.80
C CYS A 244 7.63 14.35 15.87
N ALA A 245 7.98 15.25 14.96
CA ALA A 245 9.33 15.80 14.96
C ALA A 245 9.64 16.54 16.27
N LEU A 246 8.71 17.38 16.72
CA LEU A 246 8.92 18.12 17.95
C LEU A 246 8.93 17.20 19.17
N THR A 247 7.98 16.26 19.21
CA THR A 247 7.85 15.34 20.34
C THR A 247 9.05 14.41 20.52
N MET A 248 9.53 13.80 19.44
CA MET A 248 10.64 12.85 19.55
C MET A 248 11.91 13.51 20.09
N LEU A 249 12.25 14.68 19.59
CA LEU A 249 13.45 15.40 20.01
C LEU A 249 13.35 15.75 21.49
N ARG A 250 12.21 16.29 21.91
CA ARG A 250 12.04 16.68 23.30
C ARG A 250 12.05 15.47 24.23
N LYS A 251 11.19 14.47 23.94
CA LYS A 251 11.15 13.25 24.77
C LYS A 251 11.39 12.00 23.92
N GLU A 252 11.76 10.91 24.58
CA GLU A 252 12.01 9.64 23.91
C GLU A 252 13.10 9.79 22.84
N GLY A 253 14.36 9.61 23.25
CA GLY A 253 15.48 9.71 22.33
C GLY A 253 15.15 9.15 20.95
N PRO A 254 15.98 9.46 19.98
CA PRO A 254 15.81 8.96 18.57
C PRO A 254 15.92 7.44 18.50
N ARG A 255 16.25 6.82 19.63
CA ARG A 255 16.37 5.36 19.72
C ARG A 255 15.03 4.67 19.60
N ALA A 256 13.97 5.35 19.97
CA ALA A 256 12.64 4.74 19.90
C ALA A 256 12.35 4.30 18.47
N PHE A 257 12.88 5.04 17.50
CA PHE A 257 12.72 4.69 16.09
C PHE A 257 13.37 3.35 15.79
N TYR A 258 14.55 3.14 16.37
CA TYR A 258 15.30 1.90 16.14
C TYR A 258 14.58 0.69 16.73
N LYS A 259 13.95 0.86 17.89
CA LYS A 259 13.21 -0.22 18.53
C LYS A 259 11.87 -0.39 17.84
N GLY A 260 11.02 -1.27 18.35
CA GLY A 260 9.71 -1.48 17.75
C GLY A 260 9.83 -1.59 16.24
N PHE A 261 10.15 -2.79 15.74
CA PHE A 261 10.31 -3.01 14.31
C PHE A 261 10.00 -4.45 13.95
N MET A 262 9.50 -5.22 14.92
CA MET A 262 9.18 -6.62 14.66
C MET A 262 8.04 -6.70 13.62
N PRO A 263 7.03 -5.88 13.77
CA PRO A 263 5.88 -5.87 12.82
C PRO A 263 6.32 -5.46 11.42
N SER A 264 7.10 -4.38 11.35
CA SER A 264 7.59 -3.89 10.07
C SER A 264 8.44 -4.94 9.36
N PHE A 265 9.28 -5.63 10.11
CA PHE A 265 10.17 -6.65 9.55
C PHE A 265 9.42 -7.80 8.88
N LEU A 266 8.38 -8.21 9.62
CA LEU A 266 7.47 -9.23 9.13
C LEU A 266 6.80 -8.67 7.87
N ARG A 267 6.50 -7.38 7.94
CA ARG A 267 5.90 -6.68 6.81
C ARG A 267 6.85 -6.71 5.61
N LEU A 268 8.14 -6.52 5.90
CA LEU A 268 9.17 -6.47 4.87
C LEU A 268 9.30 -7.77 4.08
N GLY A 269 9.15 -8.92 4.74
CA GLY A 269 9.31 -10.19 4.05
C GLY A 269 8.17 -10.36 3.04
N SER A 270 6.95 -10.17 3.52
CA SER A 270 5.75 -10.30 2.70
C SER A 270 5.79 -9.24 1.59
N TRP A 271 6.16 -8.02 1.95
CA TRP A 271 6.26 -6.94 0.97
C TRP A 271 7.29 -7.33 -0.09
N ASN A 272 8.36 -7.97 0.32
CA ASN A 272 9.38 -8.40 -0.63
C ASN A 272 8.82 -9.43 -1.61
N VAL A 273 7.95 -10.32 -1.13
CA VAL A 273 7.38 -11.38 -1.96
C VAL A 273 6.54 -10.84 -3.14
N VAL A 274 5.78 -9.77 -2.93
CA VAL A 274 4.95 -9.23 -4.02
C VAL A 274 5.84 -8.75 -5.17
N MET A 275 6.95 -8.11 -4.85
CA MET A 275 7.86 -7.62 -5.88
C MET A 275 8.39 -8.79 -6.73
N PHE A 276 8.68 -9.92 -6.09
CA PHE A 276 9.22 -11.10 -6.77
C PHE A 276 8.31 -11.62 -7.88
N VAL A 277 7.00 -11.66 -7.65
CA VAL A 277 6.06 -12.17 -8.65
C VAL A 277 6.11 -11.31 -9.92
N THR A 278 6.26 -10.00 -9.78
CA THR A 278 6.36 -9.14 -10.96
C THR A 278 7.60 -9.56 -11.75
N TYR A 279 8.66 -9.88 -11.02
CA TYR A 279 9.90 -10.36 -11.63
C TYR A 279 9.55 -11.63 -12.40
N GLU A 280 8.68 -12.47 -11.85
CA GLU A 280 8.42 -13.73 -12.55
C GLU A 280 7.92 -13.44 -13.97
N GLN A 281 7.07 -12.42 -14.13
CA GLN A 281 6.56 -12.10 -15.46
C GLN A 281 7.71 -11.74 -16.40
N LEU A 282 8.62 -10.96 -15.83
CA LEU A 282 9.80 -10.53 -16.59
C LEU A 282 10.59 -11.78 -17.00
N LYS A 283 10.68 -12.74 -16.10
CA LYS A 283 11.40 -13.98 -16.38
C LYS A 283 10.72 -14.73 -17.52
N ARG A 284 9.39 -14.83 -17.44
CA ARG A 284 8.58 -15.51 -18.45
C ARG A 284 7.55 -14.55 -19.02
N ALA A 285 7.65 -14.26 -20.32
CA ALA A 285 6.71 -13.33 -20.97
C ALA A 285 5.90 -14.04 -22.06
N LEU A 286 6.41 -13.97 -23.29
CA LEU A 286 5.78 -14.62 -24.45
C LEU A 286 6.84 -15.28 -25.31
N MET A 287 6.45 -15.76 -26.48
CA MET A 287 7.41 -16.42 -27.38
C MET A 287 6.83 -16.65 -28.76
N ALA A 288 6.56 -15.56 -29.48
CA ALA A 288 5.96 -15.65 -30.81
C ALA A 288 5.86 -14.27 -31.44
N ALA A 289 6.82 -14.02 -32.33
CA ALA A 289 6.93 -12.72 -32.99
C ALA A 289 5.73 -12.38 -33.87
N TYR A 290 5.30 -13.34 -34.70
CA TYR A 290 4.18 -13.09 -35.60
C TYR A 290 2.95 -12.69 -34.79
N GLN A 291 2.75 -13.35 -33.67
CA GLN A 291 1.59 -13.07 -32.82
C GLN A 291 1.67 -11.65 -32.27
N SER A 292 2.84 -11.29 -31.74
CA SER A 292 3.01 -9.95 -31.19
C SER A 292 2.94 -8.89 -32.30
N ARG A 293 3.49 -9.23 -33.46
CA ARG A 293 3.51 -8.34 -34.62
C ARG A 293 2.11 -7.97 -35.13
N GLU A 294 1.23 -8.96 -35.20
CA GLU A 294 -0.13 -8.76 -35.73
C GLU A 294 -1.00 -7.81 -34.88
N ALA A 295 -0.88 -7.86 -33.56
CA ALA A 295 -1.74 -7.05 -32.69
C ALA A 295 -1.58 -5.53 -32.96
N PRO A 296 -0.38 -5.00 -32.94
CA PRO A 296 -0.16 -3.55 -33.20
C PRO A 296 -0.30 -3.21 -34.69
N PHE A 297 -0.57 -4.22 -35.50
CA PHE A 297 -0.73 -4.03 -36.93
C PHE A 297 0.46 -3.25 -37.49
N MET A 1 -2.32 -12.37 -26.78
CA MET A 1 -2.43 -10.89 -26.81
C MET A 1 -1.29 -10.28 -25.99
N THR A 2 -1.03 -8.99 -26.21
CA THR A 2 0.04 -8.30 -25.50
C THR A 2 -0.19 -6.79 -25.52
N VAL A 3 -0.64 -6.26 -24.39
CA VAL A 3 -0.89 -4.81 -24.28
C VAL A 3 -0.39 -4.29 -22.94
N LYS A 4 0.02 -3.01 -22.93
CA LYS A 4 0.52 -2.38 -21.71
C LYS A 4 -0.57 -2.30 -20.66
N PHE A 5 -1.78 -1.95 -21.08
CA PHE A 5 -2.89 -1.83 -20.15
C PHE A 5 -3.25 -3.16 -19.49
N LEU A 6 -3.23 -4.21 -20.30
CA LEU A 6 -3.57 -5.56 -19.83
C LEU A 6 -2.42 -6.23 -19.09
N GLY A 7 -1.20 -5.80 -19.43
CA GLY A 7 -0.01 -6.32 -18.76
C GLY A 7 -0.06 -5.85 -17.30
N ALA A 8 -0.47 -4.58 -17.18
CA ALA A 8 -0.68 -3.89 -15.91
C ALA A 8 -1.93 -4.47 -15.27
N GLY A 9 -2.78 -4.84 -16.24
CA GLY A 9 -4.06 -5.42 -15.89
C GLY A 9 -3.80 -6.73 -15.16
N THR A 10 -2.85 -7.52 -15.66
CA THR A 10 -2.49 -8.78 -15.01
C THR A 10 -1.77 -8.47 -13.69
N ALA A 11 -1.12 -7.31 -13.67
CA ALA A 11 -0.37 -6.87 -12.49
C ALA A 11 -1.27 -6.60 -11.29
N ALA A 12 -2.33 -5.82 -11.50
CA ALA A 12 -3.18 -5.48 -10.37
C ALA A 12 -3.82 -6.73 -9.77
N CYS A 13 -4.17 -7.69 -10.62
CA CYS A 13 -4.81 -8.91 -10.14
C CYS A 13 -3.88 -9.69 -9.23
N ILE A 14 -2.67 -9.97 -9.70
CA ILE A 14 -1.74 -10.77 -8.92
C ILE A 14 -1.26 -10.10 -7.63
N ALA A 15 -1.00 -8.79 -7.66
CA ALA A 15 -0.42 -8.15 -6.48
C ALA A 15 -1.34 -8.17 -5.28
N ASP A 16 -2.65 -7.92 -5.42
CA ASP A 16 -3.48 -7.89 -4.22
C ASP A 16 -3.76 -9.32 -3.78
N LEU A 17 -3.79 -10.29 -4.68
CA LEU A 17 -4.10 -11.64 -4.23
C LEU A 17 -3.09 -12.13 -3.20
N ILE A 18 -1.80 -12.11 -3.54
CA ILE A 18 -0.76 -12.55 -2.60
C ILE A 18 -0.48 -11.51 -1.50
N THR A 19 -1.12 -10.35 -1.64
CA THR A 19 -0.91 -9.29 -0.62
C THR A 19 -2.17 -9.12 0.22
N PHE A 20 -3.35 -9.56 -0.20
CA PHE A 20 -4.50 -9.30 0.65
C PHE A 20 -4.45 -10.09 1.97
N PRO A 21 -4.12 -11.37 1.99
CA PRO A 21 -4.00 -12.12 3.29
C PRO A 21 -2.94 -11.47 4.19
N LEU A 22 -2.12 -10.62 3.59
CA LEU A 22 -1.02 -9.98 4.31
C LEU A 22 -1.50 -9.02 5.40
N ASP A 23 -2.61 -8.34 5.13
CA ASP A 23 -3.15 -7.38 6.08
C ASP A 23 -3.61 -8.04 7.37
N THR A 24 -4.24 -9.20 7.25
CA THR A 24 -4.74 -9.91 8.42
C THR A 24 -3.63 -10.22 9.42
N ALA A 25 -2.43 -10.51 8.93
CA ALA A 25 -1.34 -10.84 9.84
C ALA A 25 -0.90 -9.64 10.70
N LYS A 26 -0.88 -8.44 10.11
CA LYS A 26 -0.41 -7.27 10.87
C LYS A 26 -1.28 -6.99 12.09
N VAL A 27 -2.60 -6.97 11.92
CA VAL A 27 -3.47 -6.65 13.04
C VAL A 27 -3.41 -7.72 14.15
N ARG A 28 -3.35 -8.99 13.78
CA ARG A 28 -3.35 -10.05 14.79
C ARG A 28 -2.16 -9.97 15.75
N LEU A 29 -0.96 -9.70 15.23
CA LEU A 29 0.23 -9.58 16.09
C LEU A 29 0.11 -8.41 17.06
N GLN A 30 -1.09 -8.18 17.61
CA GLN A 30 -1.29 -7.05 18.52
C GLN A 30 -2.30 -7.40 19.61
N ILE A 31 -2.33 -6.57 20.66
CA ILE A 31 -3.26 -6.80 21.77
C ILE A 31 -4.68 -6.44 21.33
N GLN A 32 -5.31 -7.36 20.60
CA GLN A 32 -6.67 -7.14 20.11
C GLN A 32 -7.56 -6.57 21.21
N GLY A 33 -8.35 -5.56 20.86
CA GLY A 33 -9.26 -4.94 21.82
C GLY A 33 -8.50 -4.07 22.81
N GLU A 34 -9.02 -2.87 23.07
CA GLU A 34 -8.38 -1.95 24.00
C GLU A 34 -8.97 -2.10 25.40
N SER A 35 -8.17 -1.82 26.43
CA SER A 35 -8.61 -1.93 27.81
C SER A 35 -9.11 -3.35 28.10
N GLN A 36 -10.34 -3.63 27.69
CA GLN A 36 -10.93 -4.95 27.92
C GLN A 36 -10.88 -5.33 29.39
N GLY A 37 -11.42 -6.51 29.68
CA GLY A 37 -11.45 -7.02 31.05
C GLY A 37 -11.48 -8.54 31.07
N LEU A 38 -11.94 -9.12 29.97
CA LEU A 38 -11.99 -10.58 29.83
C LEU A 38 -10.56 -11.10 29.79
N VAL A 39 -9.71 -10.35 29.11
CA VAL A 39 -8.30 -10.69 28.95
C VAL A 39 -7.60 -10.76 30.30
N ARG A 40 -7.87 -9.78 31.17
CA ARG A 40 -7.23 -9.76 32.48
C ARG A 40 -7.66 -10.96 33.31
N THR A 41 -8.91 -11.40 33.12
CA THR A 41 -9.40 -12.55 33.85
C THR A 41 -8.66 -13.80 33.37
N ALA A 42 -8.40 -13.84 32.06
CA ALA A 42 -7.68 -14.95 31.46
C ALA A 42 -6.20 -14.59 31.35
N ALA A 43 -5.67 -14.63 30.12
CA ALA A 43 -4.26 -14.27 29.90
C ALA A 43 -3.79 -14.78 28.54
N SER A 44 -4.45 -15.80 28.01
CA SER A 44 -4.11 -16.35 26.69
C SER A 44 -5.37 -16.40 25.84
N ALA A 45 -5.52 -17.51 25.11
CA ALA A 45 -6.70 -17.72 24.25
C ALA A 45 -6.47 -17.27 22.83
N GLN A 46 -5.21 -17.05 22.47
CA GLN A 46 -4.87 -16.59 21.12
C GLN A 46 -3.46 -17.05 20.76
N TYR A 47 -3.22 -18.34 20.84
CA TYR A 47 -1.90 -18.89 20.51
C TYR A 47 -1.34 -18.20 19.27
N ARG A 48 -0.08 -17.77 19.33
CA ARG A 48 0.55 -17.12 18.19
C ARG A 48 0.15 -17.82 16.89
N GLY A 49 0.18 -19.14 16.95
CA GLY A 49 -0.17 -19.99 15.81
C GLY A 49 -1.23 -19.35 14.91
N VAL A 50 -0.76 -18.84 13.78
CA VAL A 50 -1.65 -18.26 12.77
C VAL A 50 -2.51 -19.37 12.17
N LEU A 51 -2.04 -20.60 12.02
CA LEU A 51 -2.92 -21.61 11.45
C LEU A 51 -4.17 -21.76 12.33
N GLY A 52 -3.97 -21.57 13.63
CA GLY A 52 -5.05 -21.74 14.59
C GLY A 52 -6.21 -20.75 14.45
N THR A 53 -5.85 -19.46 14.37
CA THR A 53 -6.83 -18.38 14.26
C THR A 53 -7.69 -18.46 12.98
N ILE A 54 -7.05 -18.66 11.83
CA ILE A 54 -7.79 -18.73 10.57
C ILE A 54 -8.79 -19.88 10.66
N LEU A 55 -8.49 -20.99 11.32
CA LEU A 55 -9.47 -22.08 11.39
C LEU A 55 -10.72 -21.63 12.15
N THR A 56 -10.47 -20.80 13.14
CA THR A 56 -11.49 -20.29 14.05
C THR A 56 -12.53 -19.48 13.32
N MET A 57 -12.12 -18.68 12.33
CA MET A 57 -13.06 -17.84 11.60
C MET A 57 -14.15 -18.62 10.88
N VAL A 58 -13.82 -19.76 10.29
CA VAL A 58 -14.84 -20.50 9.55
C VAL A 58 -15.90 -21.11 10.46
N ARG A 59 -15.49 -21.64 11.60
CA ARG A 59 -16.42 -22.27 12.52
C ARG A 59 -17.23 -21.26 13.34
N THR A 60 -16.75 -20.02 13.28
CA THR A 60 -17.39 -18.93 14.01
C THR A 60 -18.81 -18.67 13.52
N GLU A 61 -18.96 -18.43 12.21
CA GLU A 61 -20.28 -18.20 11.61
C GLU A 61 -20.69 -19.41 10.76
N GLY A 62 -19.88 -19.75 9.76
CA GLY A 62 -20.18 -20.88 8.88
C GLY A 62 -19.41 -20.75 7.57
N PRO A 63 -19.30 -21.80 6.80
CA PRO A 63 -18.55 -21.78 5.51
C PRO A 63 -19.11 -20.71 4.56
N ARG A 64 -20.42 -20.50 4.62
CA ARG A 64 -21.09 -19.46 3.84
C ARG A 64 -20.58 -18.08 4.21
N SER A 65 -19.82 -18.06 5.30
CA SER A 65 -19.30 -16.80 5.80
C SER A 65 -18.12 -16.33 4.97
N LEU A 66 -17.32 -17.24 4.43
CA LEU A 66 -16.18 -16.85 3.61
C LEU A 66 -16.64 -16.39 2.22
N TYR A 67 -17.70 -17.01 1.71
CA TYR A 67 -18.22 -16.68 0.38
C TYR A 67 -19.32 -15.62 0.40
N ASN A 68 -19.68 -15.26 1.63
CA ASN A 68 -20.66 -14.20 1.84
C ASN A 68 -19.90 -12.87 1.84
N GLY A 69 -18.84 -12.83 1.02
CA GLY A 69 -18.01 -11.64 0.94
C GLY A 69 -16.96 -11.73 -0.17
N LEU A 70 -16.84 -12.94 -0.72
CA LEU A 70 -15.85 -13.16 -1.77
C LEU A 70 -16.12 -12.24 -2.96
N VAL A 71 -17.39 -11.99 -3.23
CA VAL A 71 -17.78 -11.13 -4.33
C VAL A 71 -17.43 -9.68 -3.99
N ALA A 72 -17.39 -9.37 -2.68
CA ALA A 72 -17.07 -8.02 -2.25
C ALA A 72 -15.57 -7.72 -2.39
N GLY A 73 -14.69 -8.71 -2.26
CA GLY A 73 -13.27 -8.44 -2.33
C GLY A 73 -12.84 -8.02 -3.74
N LEU A 74 -13.42 -8.69 -4.72
CA LEU A 74 -13.06 -8.44 -6.11
C LEU A 74 -13.37 -7.02 -6.57
N GLN A 75 -14.53 -6.56 -6.10
CA GLN A 75 -14.97 -5.22 -6.47
C GLN A 75 -13.94 -4.19 -5.97
N ARG A 76 -13.25 -4.57 -4.91
CA ARG A 76 -12.12 -3.75 -4.42
C ARG A 76 -11.14 -3.63 -5.58
N GLN A 77 -10.79 -4.81 -6.08
CA GLN A 77 -9.81 -4.93 -7.16
C GLN A 77 -10.34 -4.35 -8.47
N MET A 78 -11.64 -4.43 -8.63
CA MET A 78 -12.31 -3.93 -9.83
C MET A 78 -12.11 -2.42 -10.01
N SER A 79 -12.17 -1.65 -8.92
CA SER A 79 -12.05 -0.22 -9.06
C SER A 79 -10.61 0.20 -9.33
N PHE A 80 -9.59 -0.48 -8.80
CA PHE A 80 -8.21 -0.04 -9.02
C PHE A 80 -7.85 0.04 -10.49
N ALA A 81 -8.24 -0.96 -11.26
CA ALA A 81 -7.91 -0.95 -12.67
C ALA A 81 -8.76 0.07 -13.42
N SER A 82 -9.99 0.25 -12.96
CA SER A 82 -10.91 1.20 -13.59
C SER A 82 -10.44 2.66 -13.50
N VAL A 83 -9.93 3.03 -12.32
CA VAL A 83 -9.40 4.38 -12.12
C VAL A 83 -8.12 4.56 -12.94
N ARG A 84 -7.43 3.46 -13.19
CA ARG A 84 -6.16 3.53 -13.91
C ARG A 84 -6.47 3.71 -15.38
N ILE A 85 -7.73 3.95 -15.69
CA ILE A 85 -8.15 4.20 -17.07
C ILE A 85 -8.02 5.71 -17.34
N GLY A 86 -7.87 6.47 -16.24
CA GLY A 86 -7.82 7.94 -16.34
C GLY A 86 -6.80 8.63 -15.42
N LEU A 87 -6.76 8.31 -14.14
CA LEU A 87 -5.83 8.99 -13.22
C LEU A 87 -4.36 8.61 -13.47
N TYR A 88 -4.20 7.55 -14.25
CA TYR A 88 -2.84 7.08 -14.57
C TYR A 88 -2.21 7.90 -15.70
N ASP A 89 -2.95 8.02 -16.78
CA ASP A 89 -2.46 8.76 -17.95
C ASP A 89 -2.38 10.25 -17.64
N SER A 90 -3.32 10.59 -16.80
CA SER A 90 -3.41 11.96 -16.32
C SER A 90 -2.24 12.36 -15.39
N VAL A 91 -1.90 11.61 -14.33
CA VAL A 91 -0.74 12.02 -13.51
C VAL A 91 0.58 11.73 -14.23
N LYS A 92 0.49 10.75 -15.11
CA LYS A 92 1.67 10.36 -15.90
C LYS A 92 2.04 11.45 -16.93
N GLN A 93 1.04 12.04 -17.58
CA GLN A 93 1.28 13.06 -18.59
C GLN A 93 1.54 14.40 -17.96
N PHE A 94 1.21 14.51 -16.67
CA PHE A 94 1.43 15.75 -15.90
C PHE A 94 2.88 15.89 -15.42
N TYR A 95 3.63 14.79 -15.31
CA TYR A 95 4.99 14.79 -14.74
C TYR A 95 6.06 14.56 -15.82
N THR A 96 5.75 13.86 -16.90
CA THR A 96 6.83 13.61 -17.88
C THR A 96 6.85 14.63 -19.05
N LYS A 97 6.08 15.72 -19.01
CA LYS A 97 6.15 16.73 -20.07
C LYS A 97 7.62 17.05 -20.37
N GLY A 98 8.09 16.94 -21.61
CA GLY A 98 9.49 17.28 -21.92
C GLY A 98 9.55 18.19 -23.15
N SER A 99 8.61 19.12 -23.18
CA SER A 99 8.43 20.05 -24.29
C SER A 99 9.56 21.08 -24.50
N GLU A 100 10.13 21.60 -23.39
CA GLU A 100 11.23 22.58 -23.48
C GLU A 100 12.45 22.13 -22.69
N HIS A 101 13.60 22.73 -22.97
CA HIS A 101 14.86 22.36 -22.30
C HIS A 101 14.96 22.94 -20.89
N ALA A 102 14.10 22.44 -20.00
CA ALA A 102 14.09 22.82 -18.58
C ALA A 102 12.70 22.47 -18.02
N GLY A 103 12.44 23.09 -16.85
CA GLY A 103 11.12 22.94 -16.23
C GLY A 103 11.12 21.94 -15.09
N ILE A 104 12.27 21.56 -14.57
CA ILE A 104 12.29 20.60 -13.49
C ILE A 104 11.53 21.15 -12.28
N GLY A 105 11.73 22.45 -11.98
CA GLY A 105 11.01 23.13 -10.89
C GLY A 105 9.52 23.23 -11.18
N SER A 106 9.24 23.50 -12.45
CA SER A 106 7.88 23.57 -12.95
C SER A 106 7.25 22.24 -12.62
N ARG A 107 7.99 21.17 -12.83
CA ARG A 107 7.44 19.84 -12.59
C ARG A 107 7.08 19.65 -11.12
N LEU A 108 7.88 20.20 -10.20
CA LEU A 108 7.60 20.09 -8.78
C LEU A 108 6.29 20.85 -8.47
N LEU A 109 6.19 22.06 -9.01
CA LEU A 109 4.98 22.85 -8.80
C LEU A 109 3.79 22.17 -9.47
N ALA A 110 3.92 21.71 -10.71
CA ALA A 110 2.80 21.05 -11.39
C ALA A 110 2.45 19.76 -10.66
N GLY A 111 3.46 18.98 -10.31
CA GLY A 111 3.23 17.72 -9.64
C GLY A 111 2.64 17.92 -8.25
N SER A 112 3.18 18.86 -7.51
CA SER A 112 2.70 19.15 -6.17
C SER A 112 1.25 19.66 -6.17
N THR A 113 0.95 20.56 -7.10
CA THR A 113 -0.43 21.05 -7.21
C THR A 113 -1.39 19.98 -7.71
N THR A 114 -1.07 19.26 -8.79
CA THR A 114 -2.03 18.32 -9.39
C THR A 114 -2.43 17.12 -8.53
N GLY A 115 -1.43 16.54 -7.88
CA GLY A 115 -1.62 15.35 -7.05
C GLY A 115 -2.50 15.57 -5.83
N ALA A 116 -2.21 16.70 -5.20
CA ALA A 116 -2.99 17.10 -4.03
C ALA A 116 -4.43 17.28 -4.48
N LEU A 117 -4.57 17.87 -5.66
CA LEU A 117 -5.89 18.11 -6.26
C LEU A 117 -6.58 16.76 -6.54
N ALA A 118 -5.81 15.79 -7.02
CA ALA A 118 -6.37 14.47 -7.35
C ALA A 118 -6.94 13.77 -6.12
N VAL A 119 -6.28 13.93 -4.98
CA VAL A 119 -6.73 13.35 -3.71
C VAL A 119 -8.10 13.91 -3.34
N ALA A 120 -8.37 15.09 -3.86
CA ALA A 120 -9.64 15.75 -3.59
C ALA A 120 -10.82 14.89 -4.04
N VAL A 121 -10.72 14.31 -5.23
CA VAL A 121 -11.79 13.47 -5.76
C VAL A 121 -11.79 12.08 -5.12
N ALA A 122 -10.61 11.43 -5.11
CA ALA A 122 -10.48 10.09 -4.53
C ALA A 122 -9.91 10.18 -3.12
N GLN A 123 -10.62 9.62 -2.15
CA GLN A 123 -10.14 9.65 -0.77
C GLN A 123 -11.06 8.87 0.20
N PRO A 124 -12.35 9.14 0.26
CA PRO A 124 -13.26 8.44 1.24
C PRO A 124 -13.16 6.91 1.18
N THR A 125 -12.94 6.34 0.00
CA THR A 125 -12.84 4.89 -0.07
C THR A 125 -11.57 4.43 0.65
N ASP A 126 -10.45 5.12 0.46
CA ASP A 126 -9.21 4.66 1.09
C ASP A 126 -9.27 4.69 2.62
N VAL A 127 -9.82 5.75 3.19
CA VAL A 127 -9.92 5.84 4.65
C VAL A 127 -10.82 4.75 5.25
N VAL A 128 -11.96 4.51 4.60
CA VAL A 128 -12.92 3.51 5.09
C VAL A 128 -12.37 2.08 5.08
N LYS A 129 -11.60 1.71 4.06
CA LYS A 129 -11.11 0.33 3.98
C LYS A 129 -10.22 -0.03 5.17
N VAL A 130 -9.37 0.88 5.62
CA VAL A 130 -8.51 0.58 6.77
C VAL A 130 -9.38 0.51 8.02
N ARG A 131 -10.29 1.47 8.15
CA ARG A 131 -11.20 1.54 9.28
C ARG A 131 -12.14 0.33 9.30
N PHE A 132 -12.54 -0.13 8.11
CA PHE A 132 -13.48 -1.25 8.00
C PHE A 132 -12.88 -2.55 8.53
N GLN A 133 -11.61 -2.81 8.25
CA GLN A 133 -11.02 -4.05 8.74
C GLN A 133 -11.01 -4.05 10.27
N ALA A 134 -10.73 -2.90 10.86
CA ALA A 134 -10.66 -2.79 12.32
C ALA A 134 -11.99 -3.05 13.03
N GLN A 135 -13.09 -2.64 12.41
CA GLN A 135 -14.41 -2.89 12.99
C GLN A 135 -14.54 -4.41 13.14
N ALA A 136 -14.54 -4.87 14.39
CA ALA A 136 -14.59 -6.30 14.69
C ALA A 136 -15.98 -6.82 15.01
N ARG A 137 -16.69 -6.37 16.06
CA ARG A 137 -18.03 -6.91 16.32
C ARG A 137 -19.09 -5.91 15.84
N ALA A 138 -20.11 -6.42 15.16
CA ALA A 138 -21.17 -5.55 14.65
C ALA A 138 -22.09 -5.12 15.79
N GLY A 139 -23.34 -5.57 15.75
CA GLY A 139 -24.31 -5.21 16.77
C GLY A 139 -25.69 -5.77 16.43
N GLY A 140 -26.32 -6.42 17.40
CA GLY A 140 -27.64 -7.00 17.19
C GLY A 140 -28.62 -5.93 16.69
N GLY A 141 -29.27 -6.21 15.57
CA GLY A 141 -30.23 -5.28 15.01
C GLY A 141 -30.77 -5.79 13.67
N ARG A 142 -30.83 -7.11 13.53
CA ARG A 142 -31.33 -7.72 12.31
C ARG A 142 -30.54 -7.22 11.10
N ARG A 143 -30.79 -7.83 9.94
CA ARG A 143 -30.09 -7.44 8.72
C ARG A 143 -28.58 -7.48 8.92
N TYR A 144 -27.83 -7.15 7.87
CA TYR A 144 -26.36 -7.16 7.92
C TYR A 144 -25.81 -5.79 7.54
N GLN A 145 -24.96 -5.24 8.40
CA GLN A 145 -24.37 -3.93 8.14
C GLN A 145 -23.79 -3.88 6.73
N SER A 146 -23.39 -2.68 6.30
CA SER A 146 -22.82 -2.50 4.97
C SER A 146 -21.95 -1.24 4.91
N THR A 147 -21.42 -0.97 3.73
CA THR A 147 -20.53 0.19 3.57
C THR A 147 -21.26 1.50 3.82
N VAL A 148 -22.45 1.66 3.23
CA VAL A 148 -23.17 2.92 3.44
C VAL A 148 -23.55 3.03 4.92
N GLU A 149 -24.05 1.94 5.48
CA GLU A 149 -24.46 1.92 6.88
C GLU A 149 -23.27 2.05 7.83
N ALA A 150 -22.17 1.41 7.46
CA ALA A 150 -20.97 1.40 8.31
C ALA A 150 -20.40 2.81 8.52
N TYR A 151 -20.28 3.60 7.46
CA TYR A 151 -19.72 4.95 7.61
C TYR A 151 -20.61 5.80 8.53
N LYS A 152 -21.91 5.84 8.25
CA LYS A 152 -22.80 6.72 9.01
C LYS A 152 -23.02 6.31 10.47
N THR A 153 -23.26 5.05 10.76
CA THR A 153 -23.51 4.62 12.14
C THR A 153 -22.31 4.85 13.07
N ILE A 154 -21.11 4.50 12.61
CA ILE A 154 -19.88 4.71 13.38
C ILE A 154 -19.66 6.22 13.56
N ALA A 155 -19.98 6.94 12.49
CA ALA A 155 -19.90 8.40 12.46
C ALA A 155 -20.84 8.96 13.53
N ARG A 156 -22.01 8.41 13.83
CA ARG A 156 -22.91 9.07 14.78
C ARG A 156 -22.31 9.18 16.19
N GLU A 157 -21.82 8.08 16.73
CA GLU A 157 -21.17 8.05 18.03
C GLU A 157 -19.78 8.65 17.90
N GLU A 158 -18.97 8.21 16.96
CA GLU A 158 -17.59 8.69 16.88
C GLU A 158 -17.41 10.07 16.24
N GLY A 159 -18.22 10.40 15.22
CA GLY A 159 -18.16 11.72 14.59
C GLY A 159 -17.29 11.73 13.34
N ILE A 160 -17.00 12.94 12.84
CA ILE A 160 -16.18 13.10 11.64
C ILE A 160 -14.72 12.80 11.95
N ARG A 161 -14.31 13.28 13.12
CA ARG A 161 -12.92 13.11 13.52
C ARG A 161 -12.53 11.65 13.57
N GLY A 162 -13.46 10.77 13.93
CA GLY A 162 -13.12 9.37 13.99
C GLY A 162 -12.69 8.87 12.62
N LEU A 163 -13.47 9.38 11.65
CA LEU A 163 -13.34 9.07 10.24
C LEU A 163 -12.11 9.61 9.51
N TRP A 164 -11.73 10.80 9.98
CA TRP A 164 -10.62 11.53 9.38
C TRP A 164 -9.30 10.95 9.86
N LYS A 165 -9.39 10.04 10.81
CA LYS A 165 -8.17 9.48 11.40
C LYS A 165 -7.12 9.16 10.35
N GLY A 166 -7.49 8.46 9.27
CA GLY A 166 -6.60 8.10 8.18
C GLY A 166 -6.36 9.27 7.21
N THR A 167 -7.17 10.32 7.31
CA THR A 167 -7.00 11.48 6.43
C THR A 167 -5.54 11.96 6.30
N SER A 168 -4.86 12.18 7.44
CA SER A 168 -3.51 12.75 7.40
C SER A 168 -2.47 11.88 6.68
N PRO A 169 -2.33 10.61 6.99
CA PRO A 169 -1.36 9.76 6.25
C PRO A 169 -1.73 9.58 4.76
N ASN A 170 -3.02 9.61 4.40
CA ASN A 170 -3.36 9.46 2.99
C ASN A 170 -2.83 10.65 2.19
N VAL A 171 -2.95 11.85 2.78
CA VAL A 171 -2.47 13.06 2.14
C VAL A 171 -0.96 13.01 1.99
N ALA A 172 -0.30 12.56 3.05
CA ALA A 172 1.15 12.45 3.05
C ALA A 172 1.63 11.48 2.00
N ARG A 173 0.92 10.37 1.83
CA ARG A 173 1.34 9.38 0.86
C ARG A 173 1.36 9.98 -0.55
N ASN A 174 0.32 10.73 -0.89
CA ASN A 174 0.27 11.34 -2.21
C ASN A 174 1.41 12.34 -2.41
N ALA A 175 1.64 13.19 -1.40
CA ALA A 175 2.69 14.20 -1.49
C ALA A 175 4.09 13.63 -1.54
N ILE A 176 4.37 12.66 -0.66
CA ILE A 176 5.72 12.09 -0.58
C ILE A 176 6.12 11.32 -1.84
N VAL A 177 5.25 10.49 -2.37
CA VAL A 177 5.64 9.71 -3.53
C VAL A 177 5.98 10.59 -4.72
N ASN A 178 5.14 11.58 -5.03
CA ASN A 178 5.42 12.47 -6.14
C ASN A 178 6.72 13.25 -5.88
N CYS A 179 6.83 13.73 -4.65
CA CYS A 179 8.02 14.48 -4.21
C CYS A 179 9.26 13.58 -4.26
N ALA A 180 9.10 12.39 -3.69
CA ALA A 180 10.11 11.33 -3.65
C ALA A 180 10.43 10.84 -5.06
N GLU A 181 9.37 10.74 -5.85
CA GLU A 181 9.40 10.23 -7.23
C GLU A 181 10.32 11.05 -8.11
N LEU A 182 10.24 12.37 -8.05
CA LEU A 182 11.06 13.16 -8.98
C LEU A 182 12.55 12.98 -8.70
N VAL A 183 12.92 12.87 -7.43
CA VAL A 183 14.35 12.69 -7.15
C VAL A 183 14.82 11.36 -7.73
N THR A 184 14.08 10.29 -7.50
CA THR A 184 14.45 8.96 -7.99
C THR A 184 14.42 8.87 -9.53
N TYR A 185 13.31 9.42 -10.07
CA TYR A 185 13.03 9.43 -11.52
C TYR A 185 14.11 10.12 -12.34
N ASP A 186 14.66 11.23 -11.83
CA ASP A 186 15.69 11.95 -12.57
C ASP A 186 16.82 10.98 -12.87
N LEU A 187 17.18 10.23 -11.85
CA LEU A 187 18.24 9.24 -11.99
C LEU A 187 17.83 8.20 -13.03
N ILE A 188 16.54 7.81 -13.02
CA ILE A 188 16.05 6.82 -13.99
C ILE A 188 16.16 7.35 -15.43
N LYS A 189 15.82 8.61 -15.70
CA LYS A 189 15.91 9.30 -17.00
C LYS A 189 17.36 9.34 -17.53
N ASP A 190 18.24 9.52 -16.61
CA ASP A 190 19.65 9.69 -16.96
C ASP A 190 20.18 8.48 -17.70
N THR A 191 19.68 7.30 -17.34
CA THR A 191 20.15 6.06 -17.95
C THR A 191 19.19 5.59 -19.07
N LEU A 192 19.82 5.29 -20.22
CA LEU A 192 19.14 4.82 -21.47
C LEU A 192 18.30 5.89 -22.20
N LEU A 193 18.32 7.17 -21.79
CA LEU A 193 17.52 8.20 -22.50
C LEU A 193 18.39 9.20 -23.29
N LYS A 194 19.63 8.85 -23.64
CA LYS A 194 20.48 9.77 -24.40
C LYS A 194 19.89 10.14 -25.75
N ALA A 195 19.17 9.20 -26.35
CA ALA A 195 18.55 9.41 -27.66
C ALA A 195 17.53 8.31 -27.93
N ASN A 196 16.88 7.83 -26.86
CA ASN A 196 15.86 6.78 -26.94
C ASN A 196 16.52 5.40 -26.71
N LEU A 197 16.29 4.48 -27.63
CA LEU A 197 16.84 3.13 -27.55
C LEU A 197 16.48 2.37 -28.81
N MET A 198 16.77 3.00 -29.95
CA MET A 198 16.48 2.40 -31.24
C MET A 198 17.34 1.15 -31.46
N THR A 199 18.45 1.07 -30.72
CA THR A 199 19.35 -0.07 -30.84
C THR A 199 18.65 -1.36 -30.43
N ASP A 200 19.42 -2.27 -29.83
CA ASP A 200 18.87 -3.56 -29.38
C ASP A 200 19.64 -4.08 -28.17
N ASP A 201 20.27 -5.24 -28.31
CA ASP A 201 21.02 -5.82 -27.20
C ASP A 201 20.17 -5.83 -25.95
N LEU A 202 18.91 -6.21 -26.11
CA LEU A 202 17.96 -6.23 -25.01
C LEU A 202 18.40 -7.18 -23.88
N PRO A 203 18.87 -8.37 -24.19
CA PRO A 203 19.26 -9.33 -23.11
C PRO A 203 20.37 -8.78 -22.23
N CYS A 204 21.22 -7.99 -22.87
CA CYS A 204 22.36 -7.40 -22.18
C CYS A 204 21.93 -6.43 -21.11
N HIS A 205 20.93 -5.62 -21.44
CA HIS A 205 20.44 -4.62 -20.51
C HIS A 205 19.80 -5.23 -19.28
N PHE A 206 19.08 -6.33 -19.48
CA PHE A 206 18.40 -7.02 -18.40
C PHE A 206 19.39 -7.52 -17.34
N THR A 207 20.48 -8.20 -17.71
CA THR A 207 21.44 -8.67 -16.71
C THR A 207 22.02 -7.49 -15.95
N SER A 208 22.28 -6.40 -16.68
CA SER A 208 22.82 -5.20 -16.05
C SER A 208 21.83 -4.77 -14.99
N ALA A 209 20.55 -4.85 -15.33
CA ALA A 209 19.51 -4.39 -14.42
C ALA A 209 19.48 -5.18 -13.12
N PHE A 210 19.65 -6.50 -13.17
CA PHE A 210 19.54 -7.30 -11.96
C PHE A 210 20.58 -6.88 -10.91
N GLY A 211 21.80 -6.74 -11.43
CA GLY A 211 22.92 -6.27 -10.61
C GLY A 211 22.58 -4.87 -10.11
N ALA A 212 22.01 -4.10 -11.01
CA ALA A 212 21.54 -2.74 -10.74
C ALA A 212 20.44 -2.81 -9.69
N GLY A 213 19.63 -3.86 -9.81
CA GLY A 213 18.50 -4.06 -8.93
C GLY A 213 18.97 -4.19 -7.49
N PHE A 214 20.05 -4.93 -7.26
CA PHE A 214 20.54 -5.05 -5.89
C PHE A 214 21.06 -3.69 -5.42
N CYS A 215 21.70 -2.94 -6.33
CA CYS A 215 22.19 -1.60 -6.01
C CYS A 215 21.01 -0.66 -5.69
N THR A 216 19.95 -0.82 -6.47
CA THR A 216 18.72 -0.03 -6.34
C THR A 216 18.05 -0.19 -4.99
N THR A 217 18.05 -1.40 -4.44
CA THR A 217 17.34 -1.66 -3.20
C THR A 217 17.80 -0.72 -2.09
N VAL A 218 19.08 -0.42 -1.99
CA VAL A 218 19.49 0.50 -0.93
C VAL A 218 18.76 1.84 -1.15
N ILE A 219 18.65 2.26 -2.41
CA ILE A 219 17.92 3.49 -2.73
C ILE A 219 16.47 3.32 -2.32
N ALA A 220 15.96 2.12 -2.58
CA ALA A 220 14.58 1.74 -2.27
C ALA A 220 14.25 1.78 -0.76
N SER A 221 15.18 1.34 0.08
CA SER A 221 14.90 1.24 1.52
C SER A 221 14.48 2.55 2.20
N PRO A 222 15.09 3.69 1.97
CA PRO A 222 14.64 4.94 2.64
C PRO A 222 13.18 5.29 2.31
N VAL A 223 12.74 5.15 1.07
CA VAL A 223 11.35 5.44 0.80
C VAL A 223 10.47 4.41 1.54
N ASP A 224 10.95 3.16 1.56
CA ASP A 224 10.23 2.06 2.21
C ASP A 224 10.11 2.16 3.73
N VAL A 225 11.19 2.58 4.41
CA VAL A 225 11.17 2.64 5.88
C VAL A 225 10.20 3.68 6.43
N VAL A 226 10.19 4.88 5.87
CA VAL A 226 9.31 5.92 6.39
C VAL A 226 7.84 5.53 6.24
N LYS A 227 7.48 4.89 5.13
CA LYS A 227 6.08 4.51 4.92
C LYS A 227 5.56 3.55 5.99
N THR A 228 6.34 2.52 6.31
CA THR A 228 5.94 1.54 7.33
C THR A 228 5.77 2.20 8.69
N ARG A 229 6.69 3.08 9.04
CA ARG A 229 6.66 3.77 10.33
C ARG A 229 5.31 4.46 10.52
N TYR A 230 4.62 4.11 11.60
CA TYR A 230 3.32 4.69 11.92
C TYR A 230 2.61 3.92 13.05
N MET A 231 3.29 2.96 13.66
CA MET A 231 2.73 2.19 14.76
C MET A 231 3.44 2.57 16.06
N ASN A 232 2.68 2.99 17.07
CA ASN A 232 3.29 3.38 18.33
C ASN A 232 2.22 3.79 19.34
N SER A 233 2.45 3.42 20.59
CA SER A 233 1.51 3.77 21.66
C SER A 233 1.50 5.28 21.85
N ALA A 234 0.98 6.00 20.86
CA ALA A 234 0.91 7.46 20.90
C ALA A 234 -0.52 7.94 20.68
N LEU A 235 -0.88 8.11 19.40
CA LEU A 235 -2.22 8.56 19.05
C LEU A 235 -2.39 10.06 19.30
N GLY A 236 -1.92 10.86 18.35
CA GLY A 236 -2.03 12.31 18.47
C GLY A 236 -1.14 12.87 19.58
N GLN A 237 -1.18 12.25 20.76
CA GLN A 237 -0.39 12.74 21.88
C GLN A 237 -0.63 14.23 22.06
N TYR A 238 0.19 15.04 21.39
CA TYR A 238 0.04 16.49 21.47
C TYR A 238 -0.63 17.05 20.21
N HIS A 239 -0.12 18.19 19.74
CA HIS A 239 -0.72 18.87 18.61
C HIS A 239 -0.71 18.22 17.21
N SER A 240 0.54 17.84 16.82
CA SER A 240 0.89 17.33 15.47
C SER A 240 2.04 16.29 15.52
N ALA A 241 2.57 15.93 14.33
CA ALA A 241 3.69 14.97 14.17
C ALA A 241 4.84 15.52 14.99
N GLY A 242 4.98 16.82 14.94
CA GLY A 242 6.09 17.55 15.53
C GLY A 242 6.21 17.18 17.01
N HIS A 243 5.08 16.91 17.68
CA HIS A 243 5.20 16.51 19.09
C HIS A 243 6.11 15.32 19.23
N CYS A 244 6.05 14.41 18.27
CA CYS A 244 6.86 13.20 18.34
C CYS A 244 8.34 13.55 18.39
N ALA A 245 8.77 14.48 17.55
CA ALA A 245 10.17 14.86 17.52
C ALA A 245 10.60 15.41 18.89
N LEU A 246 9.79 16.27 19.49
CA LEU A 246 10.14 16.80 20.80
C LEU A 246 10.07 15.67 21.86
N THR A 247 9.01 14.87 21.77
CA THR A 247 8.77 13.78 22.72
C THR A 247 9.86 12.70 22.72
N MET A 248 10.27 12.23 21.55
CA MET A 248 11.29 11.17 21.50
C MET A 248 12.60 11.63 22.14
N LEU A 249 13.00 12.86 21.83
CA LEU A 249 14.24 13.40 22.39
C LEU A 249 14.10 13.51 23.91
N ARG A 250 12.98 14.09 24.36
CA ARG A 250 12.74 14.27 25.79
C ARG A 250 12.52 12.92 26.50
N LYS A 251 11.58 12.13 25.98
CA LYS A 251 11.25 10.84 26.59
C LYS A 251 12.48 9.94 26.69
N GLU A 252 12.38 8.72 26.15
CA GLU A 252 13.49 7.77 26.22
C GLU A 252 14.45 7.97 25.06
N GLY A 253 15.74 7.79 25.36
CA GLY A 253 16.78 7.96 24.34
C GLY A 253 16.36 7.34 23.00
N PRO A 254 17.00 7.75 21.94
CA PRO A 254 16.69 7.22 20.58
C PRO A 254 16.79 5.69 20.52
N ARG A 255 17.13 5.07 21.66
CA ARG A 255 17.25 3.61 21.78
C ARG A 255 15.90 2.92 21.72
N ALA A 256 14.85 3.63 22.10
CA ALA A 256 13.52 3.01 22.10
C ALA A 256 13.17 2.50 20.71
N PHE A 257 13.68 3.21 19.71
CA PHE A 257 13.48 2.81 18.32
C PHE A 257 14.11 1.43 18.05
N TYR A 258 15.29 1.22 18.62
CA TYR A 258 16.01 -0.02 18.39
C TYR A 258 15.28 -1.24 18.97
N LYS A 259 14.66 -1.09 20.14
CA LYS A 259 13.91 -2.18 20.75
C LYS A 259 12.69 -2.49 19.89
N GLY A 260 11.84 -3.42 20.33
CA GLY A 260 10.63 -3.77 19.58
C GLY A 260 10.88 -3.76 18.07
N PHE A 261 11.10 -4.93 17.49
CA PHE A 261 11.35 -5.01 16.06
C PHE A 261 11.02 -6.40 15.52
N MET A 262 10.58 -7.29 16.40
CA MET A 262 10.25 -8.65 15.98
C MET A 262 9.06 -8.59 15.00
N PRO A 263 8.06 -7.82 15.32
CA PRO A 263 6.86 -7.69 14.43
C PRO A 263 7.21 -7.04 13.10
N SER A 264 7.96 -5.95 13.15
CA SER A 264 8.39 -5.24 11.94
C SER A 264 9.23 -6.16 11.07
N PHE A 265 10.08 -6.93 11.71
CA PHE A 265 10.96 -7.84 11.01
C PHE A 265 10.19 -8.90 10.23
N LEU A 266 9.16 -9.36 10.95
CA LEU A 266 8.19 -10.30 10.39
C LEU A 266 7.48 -9.63 9.22
N ARG A 267 7.19 -8.33 9.37
CA ARG A 267 6.53 -7.58 8.28
C ARG A 267 7.42 -7.54 7.06
N LEU A 268 8.71 -7.36 7.31
CA LEU A 268 9.72 -7.28 6.26
C LEU A 268 9.83 -8.58 5.47
N GLY A 269 9.69 -9.73 6.14
CA GLY A 269 9.85 -11.00 5.45
C GLY A 269 8.70 -11.20 4.47
N SER A 270 7.49 -11.02 4.97
CA SER A 270 6.27 -11.19 4.18
C SER A 270 6.30 -10.16 3.05
N TRP A 271 6.67 -8.94 3.36
CA TRP A 271 6.73 -7.90 2.35
C TRP A 271 7.77 -8.27 1.26
N ASN A 272 8.90 -8.85 1.67
CA ASN A 272 9.94 -9.21 0.70
C ASN A 272 9.50 -10.29 -0.31
N VAL A 273 8.77 -11.32 0.14
CA VAL A 273 8.34 -12.41 -0.74
C VAL A 273 7.41 -11.92 -1.87
N VAL A 274 6.53 -10.98 -1.58
CA VAL A 274 5.58 -10.50 -2.57
C VAL A 274 6.31 -9.84 -3.75
N MET A 275 7.38 -9.12 -3.48
CA MET A 275 8.15 -8.47 -4.54
C MET A 275 8.68 -9.53 -5.52
N PHE A 276 9.06 -10.68 -4.98
CA PHE A 276 9.59 -11.79 -5.77
C PHE A 276 8.61 -12.26 -6.86
N VAL A 277 7.33 -12.31 -6.55
CA VAL A 277 6.34 -12.79 -7.53
C VAL A 277 6.33 -11.90 -8.78
N THR A 278 6.48 -10.59 -8.60
CA THR A 278 6.54 -9.68 -9.75
C THR A 278 7.76 -10.07 -10.60
N TYR A 279 8.84 -10.42 -9.90
CA TYR A 279 10.06 -10.88 -10.56
C TYR A 279 9.69 -12.12 -11.34
N GLU A 280 8.83 -12.97 -10.80
CA GLU A 280 8.53 -14.20 -11.51
C GLU A 280 7.97 -13.88 -12.89
N GLN A 281 7.12 -12.86 -12.99
CA GLN A 281 6.55 -12.49 -14.28
C GLN A 281 7.67 -12.09 -15.25
N LEU A 282 8.58 -11.31 -14.68
CA LEU A 282 9.73 -10.85 -15.45
C LEU A 282 10.53 -12.06 -15.95
N LYS A 283 10.65 -13.06 -15.07
CA LYS A 283 11.37 -14.28 -15.42
C LYS A 283 10.67 -15.01 -16.57
N ARG A 284 9.34 -15.11 -16.45
CA ARG A 284 8.51 -15.79 -17.46
C ARG A 284 7.46 -14.81 -17.97
N ALA A 285 7.52 -14.47 -19.26
CA ALA A 285 6.57 -13.55 -19.88
C ALA A 285 5.72 -14.27 -20.92
N LEU A 286 6.12 -14.16 -22.20
CA LEU A 286 5.41 -14.80 -23.29
C LEU A 286 6.41 -15.35 -24.31
N MET A 287 6.38 -16.66 -24.56
CA MET A 287 7.32 -17.28 -25.50
C MET A 287 6.72 -17.42 -26.90
N ALA A 288 6.46 -16.29 -27.56
CA ALA A 288 5.88 -16.31 -28.89
C ALA A 288 5.79 -14.90 -29.47
N ALA A 289 6.75 -14.63 -30.34
CA ALA A 289 6.90 -13.30 -30.95
C ALA A 289 5.73 -12.91 -31.84
N TYR A 290 5.29 -13.82 -32.70
CA TYR A 290 4.19 -13.51 -33.61
C TYR A 290 2.96 -13.12 -32.83
N GLN A 291 2.70 -13.81 -31.72
CA GLN A 291 1.54 -13.52 -30.90
C GLN A 291 1.65 -12.12 -30.30
N SER A 292 2.81 -11.80 -29.76
CA SER A 292 3.04 -10.49 -29.17
C SER A 292 3.00 -9.41 -30.25
N ARG A 293 3.55 -9.74 -31.42
CA ARG A 293 3.61 -8.80 -32.55
C ARG A 293 2.24 -8.33 -33.05
N GLU A 294 1.30 -9.26 -33.16
CA GLU A 294 -0.04 -8.94 -33.68
C GLU A 294 -0.86 -7.99 -32.79
N ALA A 295 -0.74 -8.12 -31.47
CA ALA A 295 -1.55 -7.29 -30.57
C ALA A 295 -1.30 -5.77 -30.76
N PRO A 296 -0.08 -5.31 -30.72
CA PRO A 296 0.22 -3.86 -30.90
C PRO A 296 0.11 -3.43 -32.36
N PHE A 297 -0.24 -4.38 -33.22
CA PHE A 297 -0.39 -4.09 -34.64
C PHE A 297 -1.10 -5.25 -35.35
#